data_1UJO
#
_entry.id   1UJO
#
_cell.length_a   1.000
_cell.length_b   1.000
_cell.length_c   1.000
_cell.angle_alpha   90.00
_cell.angle_beta   90.00
_cell.angle_gamma   90.00
#
_symmetry.space_group_name_H-M   'P 1'
#
_entity_poly.entity_id   1
_entity_poly.type   'polypeptide(L)'
_entity_poly.pdbx_seq_one_letter_code
;GSSGSSGEELEERLVEWIVVQCGPDVGRPDRGRLGFQVWLKNGVILSKLVNSLYPEGSKPVKVPENPPSMVFKQMEQVAQ
FLKAAEDYGVIKTDMFQTVDLYEGKDMAAVQRTLMALGSLAVTKNDGNYRGDPNWFMKSGPSSG
;
_entity_poly.pdbx_strand_id   A
#
# COMPACT_ATOMS: atom_id res chain seq x y z
N GLY A 1 10.59 -9.49 16.63
CA GLY A 1 9.75 -8.32 16.64
C GLY A 1 8.36 -8.63 16.09
N SER A 2 7.48 -9.05 17.00
CA SER A 2 6.12 -9.38 16.63
C SER A 2 6.12 -10.55 15.62
N SER A 3 4.98 -11.21 15.55
CA SER A 3 4.84 -12.34 14.65
C SER A 3 4.41 -11.86 13.27
N GLY A 4 5.16 -12.28 12.26
CA GLY A 4 4.87 -11.89 10.89
C GLY A 4 4.08 -12.99 10.17
N SER A 5 2.85 -13.20 10.63
CA SER A 5 1.99 -14.21 10.06
C SER A 5 1.42 -13.71 8.72
N SER A 6 0.98 -14.66 7.90
CA SER A 6 0.42 -14.32 6.61
C SER A 6 -1.10 -14.44 6.66
N GLY A 7 -1.74 -13.39 7.16
CA GLY A 7 -3.18 -13.37 7.26
C GLY A 7 -3.66 -12.10 7.96
N GLU A 8 -3.91 -12.23 9.26
CA GLU A 8 -4.37 -11.11 10.05
C GLU A 8 -5.63 -10.50 9.43
N GLU A 9 -6.22 -9.57 10.17
CA GLU A 9 -7.42 -8.90 9.70
C GLU A 9 -7.06 -7.69 8.83
N LEU A 10 -6.27 -6.80 9.42
CA LEU A 10 -5.85 -5.60 8.72
C LEU A 10 -5.51 -5.96 7.28
N GLU A 11 -4.51 -6.82 7.13
CA GLU A 11 -4.08 -7.24 5.80
C GLU A 11 -5.30 -7.44 4.89
N GLU A 12 -6.20 -8.29 5.35
CA GLU A 12 -7.41 -8.57 4.58
C GLU A 12 -8.01 -7.28 4.03
N ARG A 13 -8.28 -6.36 4.95
CA ARG A 13 -8.86 -5.08 4.57
C ARG A 13 -7.92 -4.34 3.63
N LEU A 14 -6.67 -4.21 4.05
CA LEU A 14 -5.67 -3.53 3.25
C LEU A 14 -5.84 -3.91 1.78
N VAL A 15 -5.83 -5.21 1.53
CA VAL A 15 -6.00 -5.71 0.18
C VAL A 15 -7.35 -5.27 -0.37
N GLU A 16 -8.39 -5.52 0.42
CA GLU A 16 -9.74 -5.16 0.03
C GLU A 16 -9.76 -3.73 -0.50
N TRP A 17 -8.79 -2.94 -0.05
CA TRP A 17 -8.69 -1.55 -0.48
C TRP A 17 -7.94 -1.52 -1.81
N ILE A 18 -6.74 -2.08 -1.79
CA ILE A 18 -5.91 -2.12 -2.98
C ILE A 18 -6.72 -2.72 -4.14
N VAL A 19 -7.76 -3.45 -3.77
CA VAL A 19 -8.61 -4.09 -4.75
C VAL A 19 -9.49 -3.02 -5.43
N VAL A 20 -10.18 -2.27 -4.61
CA VAL A 20 -11.05 -1.22 -5.10
C VAL A 20 -10.19 -0.12 -5.77
N GLN A 21 -9.05 0.15 -5.15
CA GLN A 21 -8.15 1.15 -5.67
C GLN A 21 -7.62 0.74 -7.05
N CYS A 22 -6.76 -0.28 -7.04
CA CYS A 22 -6.18 -0.78 -8.27
C CYS A 22 -7.31 -1.31 -9.15
N GLY A 23 -8.11 -2.20 -8.58
CA GLY A 23 -9.22 -2.78 -9.31
C GLY A 23 -9.00 -4.28 -9.54
N PRO A 24 -10.02 -4.92 -10.16
CA PRO A 24 -9.95 -6.34 -10.45
C PRO A 24 -9.02 -6.62 -11.63
N ASP A 25 -7.80 -6.11 -11.52
CA ASP A 25 -6.82 -6.29 -12.56
C ASP A 25 -5.51 -6.81 -11.95
N VAL A 26 -5.13 -6.18 -10.85
CA VAL A 26 -3.90 -6.56 -10.16
C VAL A 26 -4.10 -7.94 -9.52
N GLY A 27 -5.36 -8.23 -9.21
CA GLY A 27 -5.69 -9.51 -8.60
C GLY A 27 -5.51 -9.44 -7.07
N ARG A 28 -5.22 -10.60 -6.50
CA ARG A 28 -5.02 -10.68 -5.06
C ARG A 28 -3.80 -11.55 -4.74
N PRO A 29 -3.46 -11.60 -3.42
CA PRO A 29 -2.32 -12.39 -2.98
C PRO A 29 -2.65 -13.87 -2.98
N ASP A 30 -1.78 -14.64 -3.62
CA ASP A 30 -1.96 -16.09 -3.70
C ASP A 30 -1.77 -16.70 -2.32
N ARG A 31 -2.60 -17.69 -2.01
CA ARG A 31 -2.53 -18.37 -0.73
C ARG A 31 -1.15 -19.01 -0.56
N GLY A 32 -0.94 -19.56 0.64
CA GLY A 32 0.31 -20.21 0.95
C GLY A 32 1.47 -19.22 0.87
N ARG A 33 2.51 -19.51 1.65
CA ARG A 33 3.68 -18.65 1.69
C ARG A 33 3.26 -17.19 1.87
N LEU A 34 4.25 -16.30 1.74
CA LEU A 34 3.99 -14.88 1.89
C LEU A 34 2.68 -14.52 1.19
N GLY A 35 2.76 -14.46 -0.13
CA GLY A 35 1.59 -14.13 -0.92
C GLY A 35 1.31 -12.62 -0.89
N PHE A 36 1.14 -12.11 0.31
CA PHE A 36 0.88 -10.69 0.49
C PHE A 36 2.14 -9.86 0.26
N GLN A 37 3.14 -10.11 1.07
CA GLN A 37 4.41 -9.40 0.96
C GLN A 37 4.85 -9.34 -0.50
N VAL A 38 4.70 -10.47 -1.17
CA VAL A 38 5.08 -10.56 -2.58
C VAL A 38 4.12 -9.71 -3.42
N TRP A 39 2.87 -9.70 -2.99
CA TRP A 39 1.85 -8.93 -3.69
C TRP A 39 2.28 -7.46 -3.70
N LEU A 40 2.76 -7.01 -2.55
CA LEU A 40 3.21 -5.64 -2.42
C LEU A 40 4.74 -5.60 -2.43
N LYS A 41 5.31 -6.38 -3.33
CA LYS A 41 6.76 -6.44 -3.46
C LYS A 41 7.20 -5.66 -4.68
N ASN A 42 6.71 -6.09 -5.83
CA ASN A 42 7.03 -5.43 -7.08
C ASN A 42 7.01 -3.91 -6.89
N GLY A 43 5.87 -3.43 -6.41
CA GLY A 43 5.71 -2.01 -6.17
C GLY A 43 4.70 -1.39 -7.15
N VAL A 44 4.69 -1.96 -8.35
CA VAL A 44 3.79 -1.48 -9.38
C VAL A 44 2.39 -1.24 -8.77
N ILE A 45 1.93 -2.24 -8.04
CA ILE A 45 0.63 -2.15 -7.39
C ILE A 45 0.65 -1.00 -6.37
N LEU A 46 1.74 -0.91 -5.65
CA LEU A 46 1.90 0.13 -4.65
C LEU A 46 1.85 1.51 -5.33
N SER A 47 2.69 1.64 -6.35
CA SER A 47 2.77 2.89 -7.09
C SER A 47 1.40 3.23 -7.68
N LYS A 48 0.66 2.18 -8.03
CA LYS A 48 -0.66 2.36 -8.60
C LYS A 48 -1.60 2.92 -7.53
N LEU A 49 -1.43 2.41 -6.32
CA LEU A 49 -2.25 2.85 -5.20
C LEU A 49 -2.10 4.35 -5.02
N VAL A 50 -0.93 4.75 -4.55
CA VAL A 50 -0.65 6.17 -4.33
C VAL A 50 -1.22 6.98 -5.49
N ASN A 51 -0.90 6.54 -6.70
CA ASN A 51 -1.37 7.22 -7.89
C ASN A 51 -2.90 7.30 -7.86
N SER A 52 -3.52 6.15 -7.64
CA SER A 52 -4.97 6.07 -7.59
C SER A 52 -5.52 7.28 -6.82
N LEU A 53 -4.81 7.64 -5.77
CA LEU A 53 -5.22 8.77 -4.95
C LEU A 53 -4.90 10.08 -5.69
N TYR A 54 -3.61 10.40 -5.74
CA TYR A 54 -3.17 11.60 -6.42
C TYR A 54 -4.03 11.90 -7.65
N PRO A 55 -4.14 13.22 -7.96
CA PRO A 55 -4.94 13.65 -9.10
C PRO A 55 -4.21 13.35 -10.41
N GLU A 56 -4.86 13.73 -11.50
CA GLU A 56 -4.30 13.51 -12.83
C GLU A 56 -3.22 14.56 -13.12
N GLY A 57 -3.43 15.75 -12.56
CA GLY A 57 -2.49 16.84 -12.76
C GLY A 57 -1.39 16.81 -11.70
N SER A 58 -0.97 15.61 -11.36
CA SER A 58 0.07 15.42 -10.36
C SER A 58 0.95 14.22 -10.72
N LYS A 59 0.37 13.04 -10.55
CA LYS A 59 1.08 11.81 -10.86
C LYS A 59 2.51 11.91 -10.35
N PRO A 60 2.70 11.47 -9.08
CA PRO A 60 4.02 11.52 -8.46
C PRO A 60 4.92 10.41 -9.02
N VAL A 61 4.40 9.20 -8.98
CA VAL A 61 5.14 8.05 -9.48
C VAL A 61 4.83 7.85 -10.96
N LYS A 62 5.62 6.98 -11.58
CA LYS A 62 5.44 6.69 -13.00
C LYS A 62 5.34 5.18 -13.20
N VAL A 63 4.14 4.72 -13.50
CA VAL A 63 3.90 3.31 -13.71
C VAL A 63 3.92 3.02 -15.21
N PRO A 64 4.89 2.15 -15.61
CA PRO A 64 5.03 1.78 -17.01
C PRO A 64 3.93 0.80 -17.43
N GLU A 65 3.95 0.45 -18.70
CA GLU A 65 2.97 -0.48 -19.24
C GLU A 65 3.16 -1.86 -18.63
N ASN A 66 4.35 -2.40 -18.82
CA ASN A 66 4.67 -3.72 -18.29
C ASN A 66 5.51 -3.56 -17.02
N PRO A 67 5.27 -4.49 -16.05
CA PRO A 67 5.99 -4.47 -14.79
C PRO A 67 7.43 -4.96 -14.97
N PRO A 68 8.35 -4.35 -14.18
CA PRO A 68 9.75 -4.73 -14.25
C PRO A 68 10.00 -6.07 -13.55
N SER A 69 11.27 -6.42 -13.45
CA SER A 69 11.66 -7.67 -12.81
C SER A 69 12.93 -7.46 -11.99
N MET A 70 13.90 -6.81 -12.61
CA MET A 70 15.17 -6.55 -11.96
C MET A 70 14.94 -6.08 -10.51
N VAL A 71 15.99 -6.23 -9.71
CA VAL A 71 15.93 -5.84 -8.31
C VAL A 71 15.94 -4.31 -8.22
N PHE A 72 17.05 -3.73 -8.63
CA PHE A 72 17.20 -2.28 -8.61
C PHE A 72 15.90 -1.59 -9.02
N LYS A 73 15.29 -2.13 -10.08
CA LYS A 73 14.04 -1.58 -10.58
C LYS A 73 12.95 -1.75 -9.53
N GLN A 74 12.59 -3.00 -9.29
CA GLN A 74 11.56 -3.32 -8.32
C GLN A 74 11.76 -2.50 -7.04
N MET A 75 12.98 -2.56 -6.53
CA MET A 75 13.33 -1.83 -5.32
C MET A 75 13.00 -0.34 -5.47
N GLU A 76 13.42 0.23 -6.59
CA GLU A 76 13.18 1.63 -6.86
C GLU A 76 11.68 1.89 -6.99
N GLN A 77 11.03 1.07 -7.80
CA GLN A 77 9.60 1.19 -8.02
C GLN A 77 8.89 1.50 -6.70
N VAL A 78 9.30 0.77 -5.66
CA VAL A 78 8.71 0.95 -4.35
C VAL A 78 9.11 2.32 -3.79
N ALA A 79 10.41 2.55 -3.77
CA ALA A 79 10.94 3.80 -3.27
C ALA A 79 10.09 4.96 -3.80
N GLN A 80 9.80 4.90 -5.09
CA GLN A 80 9.01 5.92 -5.73
C GLN A 80 7.70 6.13 -4.97
N PHE A 81 7.11 5.02 -4.55
CA PHE A 81 5.86 5.07 -3.81
C PHE A 81 6.11 5.49 -2.35
N LEU A 82 7.13 4.89 -1.76
CA LEU A 82 7.47 5.19 -0.38
C LEU A 82 7.61 6.70 -0.20
N LYS A 83 8.50 7.28 -1.00
CA LYS A 83 8.73 8.72 -0.95
C LYS A 83 7.41 9.45 -1.21
N ALA A 84 6.67 8.93 -2.17
CA ALA A 84 5.39 9.53 -2.54
C ALA A 84 4.46 9.47 -1.32
N ALA A 85 4.50 8.35 -0.63
CA ALA A 85 3.66 8.16 0.54
C ALA A 85 3.89 9.31 1.52
N GLU A 86 5.15 9.47 1.91
CA GLU A 86 5.51 10.53 2.83
C GLU A 86 4.81 11.84 2.46
N ASP A 87 4.97 12.21 1.19
CA ASP A 87 4.36 13.43 0.69
C ASP A 87 2.92 13.52 1.19
N TYR A 88 2.16 12.47 0.92
CA TYR A 88 0.78 12.42 1.33
C TYR A 88 0.61 13.00 2.74
N GLY A 89 1.56 12.68 3.59
CA GLY A 89 1.52 13.16 4.96
C GLY A 89 2.15 12.14 5.91
N VAL A 90 2.26 10.91 5.43
CA VAL A 90 2.85 9.84 6.23
C VAL A 90 4.09 10.36 6.94
N ILE A 91 4.37 9.76 8.09
CA ILE A 91 5.53 10.15 8.88
C ILE A 91 6.69 9.21 8.58
N LYS A 92 7.73 9.33 9.38
CA LYS A 92 8.91 8.50 9.21
C LYS A 92 8.90 7.39 10.27
N THR A 93 7.85 7.39 11.07
CA THR A 93 7.70 6.39 12.12
C THR A 93 6.73 5.30 11.69
N ASP A 94 6.11 5.53 10.55
CA ASP A 94 5.15 4.57 10.01
C ASP A 94 5.67 4.00 8.69
N MET A 95 6.77 4.60 8.22
CA MET A 95 7.37 4.16 6.98
C MET A 95 8.39 3.05 7.22
N PHE A 96 8.38 2.08 6.32
CA PHE A 96 9.30 0.95 6.42
C PHE A 96 10.41 1.05 5.38
N GLN A 97 11.24 0.02 5.35
CA GLN A 97 12.35 -0.03 4.40
C GLN A 97 11.99 -0.94 3.23
N THR A 98 12.35 -0.46 2.03
CA THR A 98 12.08 -1.22 0.82
C THR A 98 12.28 -2.71 1.07
N VAL A 99 13.34 -3.02 1.81
CA VAL A 99 13.65 -4.40 2.12
C VAL A 99 12.54 -4.99 3.00
N ASP A 100 12.24 -4.29 4.08
CA ASP A 100 11.21 -4.71 5.00
C ASP A 100 10.04 -5.29 4.21
N LEU A 101 9.85 -4.75 3.01
CA LEU A 101 8.77 -5.20 2.14
C LEU A 101 9.32 -6.19 1.12
N TYR A 102 10.26 -5.69 0.30
CA TYR A 102 10.87 -6.51 -0.72
C TYR A 102 11.26 -7.88 -0.17
N GLU A 103 12.08 -7.84 0.87
CA GLU A 103 12.55 -9.07 1.51
C GLU A 103 11.73 -9.35 2.77
N GLY A 104 10.53 -8.81 2.80
CA GLY A 104 9.65 -8.99 3.94
C GLY A 104 10.43 -8.95 5.25
N LYS A 105 11.52 -8.20 5.23
CA LYS A 105 12.36 -8.07 6.40
C LYS A 105 11.48 -7.79 7.63
N ASP A 106 10.45 -6.99 7.40
CA ASP A 106 9.53 -6.64 8.46
C ASP A 106 8.15 -6.35 7.87
N MET A 107 7.20 -7.22 8.20
CA MET A 107 5.84 -7.07 7.71
C MET A 107 5.03 -6.15 8.62
N ALA A 108 5.36 -6.18 9.90
CA ALA A 108 4.67 -5.36 10.87
C ALA A 108 4.76 -3.89 10.45
N ALA A 109 5.86 -3.57 9.77
CA ALA A 109 6.08 -2.21 9.30
C ALA A 109 5.27 -1.98 8.03
N VAL A 110 5.42 -2.89 7.08
CA VAL A 110 4.72 -2.80 5.82
C VAL A 110 3.29 -2.33 6.08
N GLN A 111 2.78 -2.68 7.25
CA GLN A 111 1.43 -2.30 7.63
C GLN A 111 1.41 -0.87 8.15
N ARG A 112 2.26 -0.61 9.14
CA ARG A 112 2.35 0.72 9.72
C ARG A 112 2.31 1.79 8.63
N THR A 113 2.93 1.46 7.50
CA THR A 113 2.97 2.38 6.38
C THR A 113 1.56 2.58 5.80
N LEU A 114 1.05 1.52 5.19
CA LEU A 114 -0.29 1.57 4.60
C LEU A 114 -1.28 2.12 5.63
N MET A 115 -1.18 1.58 6.84
CA MET A 115 -2.05 2.01 7.91
C MET A 115 -2.17 3.53 7.96
N ALA A 116 -1.07 4.19 7.62
CA ALA A 116 -1.02 5.64 7.62
C ALA A 116 -1.69 6.16 6.35
N LEU A 117 -1.22 5.66 5.22
CA LEU A 117 -1.75 6.07 3.94
C LEU A 117 -3.29 6.08 4.01
N GLY A 118 -3.85 4.87 4.04
CA GLY A 118 -5.29 4.73 4.10
C GLY A 118 -5.90 5.76 5.06
N SER A 119 -5.55 5.64 6.33
CA SER A 119 -6.06 6.54 7.34
C SER A 119 -5.94 7.99 6.85
N LEU A 120 -4.77 8.32 6.34
CA LEU A 120 -4.52 9.66 5.83
C LEU A 120 -5.59 10.01 4.79
N ALA A 121 -5.88 9.04 3.94
CA ALA A 121 -6.88 9.23 2.90
C ALA A 121 -8.26 9.29 3.53
N VAL A 122 -8.45 8.45 4.55
CA VAL A 122 -9.73 8.40 5.24
C VAL A 122 -10.00 9.75 5.90
N THR A 123 -8.93 10.40 6.33
CA THR A 123 -9.05 11.71 6.96
C THR A 123 -9.45 12.76 5.95
N LYS A 124 -8.76 12.74 4.81
CA LYS A 124 -9.04 13.70 3.75
C LYS A 124 -10.35 13.33 3.06
N ASN A 125 -10.28 12.30 2.22
CA ASN A 125 -11.45 11.84 1.50
C ASN A 125 -12.09 13.02 0.75
N ASP A 126 -11.76 13.10 -0.53
CA ASP A 126 -12.29 14.17 -1.36
C ASP A 126 -12.33 13.70 -2.82
N GLY A 127 -12.47 12.40 -2.98
CA GLY A 127 -12.52 11.81 -4.31
C GLY A 127 -11.20 11.12 -4.66
N ASN A 128 -10.88 10.09 -3.89
CA ASN A 128 -9.66 9.34 -4.10
C ASN A 128 -9.87 7.88 -3.71
N TYR A 129 -10.45 7.71 -2.53
CA TYR A 129 -10.73 6.37 -2.01
C TYR A 129 -11.94 5.76 -2.72
N ARG A 130 -11.70 4.65 -3.38
CA ARG A 130 -12.77 3.95 -4.09
C ARG A 130 -13.32 2.81 -3.24
N GLY A 131 -13.45 3.09 -1.95
CA GLY A 131 -13.96 2.10 -1.01
C GLY A 131 -14.82 2.77 0.07
N ASP A 132 -14.32 2.69 1.29
CA ASP A 132 -15.03 3.27 2.43
C ASP A 132 -14.01 3.78 3.45
N PRO A 133 -14.38 4.89 4.13
CA PRO A 133 -13.51 5.48 5.12
C PRO A 133 -13.52 4.66 6.42
N ASN A 134 -14.59 3.90 6.58
CA ASN A 134 -14.75 3.06 7.75
C ASN A 134 -14.10 1.70 7.49
N TRP A 135 -12.90 1.76 6.93
CA TRP A 135 -12.17 0.53 6.63
C TRP A 135 -10.96 0.46 7.57
N PHE A 136 -10.18 1.53 7.57
CA PHE A 136 -9.00 1.60 8.42
C PHE A 136 -9.36 2.10 9.82
N MET A 137 -10.10 3.20 9.85
CA MET A 137 -10.52 3.79 11.10
C MET A 137 -11.01 2.72 12.07
N LYS A 138 -10.61 2.88 13.33
CA LYS A 138 -11.00 1.93 14.36
C LYS A 138 -10.81 2.58 15.74
N SER A 139 -9.54 2.82 16.07
CA SER A 139 -9.20 3.42 17.34
C SER A 139 -7.74 3.87 17.33
N GLY A 140 -7.55 5.18 17.38
CA GLY A 140 -6.21 5.74 17.38
C GLY A 140 -6.27 7.27 17.46
N PRO A 141 -5.14 7.91 17.03
CA PRO A 141 -5.05 9.36 17.06
C PRO A 141 -5.87 9.98 15.92
N SER A 142 -6.31 11.20 16.16
CA SER A 142 -7.10 11.92 15.17
C SER A 142 -6.38 13.20 14.74
N SER A 143 -6.02 13.24 13.46
CA SER A 143 -5.34 14.39 12.92
C SER A 143 -4.04 14.64 13.68
N GLY A 144 -3.13 15.37 13.05
CA GLY A 144 -1.85 15.68 13.66
C GLY A 144 -0.76 15.80 12.59
N GLY A 1 -14.50 -21.96 4.74
CA GLY A 1 -13.63 -20.87 4.34
C GLY A 1 -12.16 -21.25 4.55
N SER A 2 -11.70 -21.06 5.78
CA SER A 2 -10.33 -21.37 6.13
C SER A 2 -10.21 -21.58 7.64
N SER A 3 -10.56 -20.53 8.39
CA SER A 3 -10.49 -20.59 9.83
C SER A 3 -9.18 -21.26 10.27
N GLY A 4 -8.16 -20.43 10.45
CA GLY A 4 -6.86 -20.91 10.86
C GLY A 4 -5.75 -20.34 9.97
N SER A 5 -4.51 -20.59 10.39
CA SER A 5 -3.37 -20.12 9.64
C SER A 5 -3.40 -18.58 9.55
N SER A 6 -2.28 -18.03 9.11
CA SER A 6 -2.17 -16.58 8.97
C SER A 6 -3.38 -16.03 8.22
N GLY A 7 -3.43 -14.71 8.14
CA GLY A 7 -4.52 -14.04 7.45
C GLY A 7 -4.68 -12.60 7.94
N GLU A 8 -4.87 -12.47 9.24
CA GLU A 8 -5.04 -11.15 9.84
C GLU A 8 -6.25 -10.44 9.24
N GLU A 9 -6.86 -9.59 10.06
CA GLU A 9 -8.03 -8.85 9.62
C GLU A 9 -7.60 -7.52 8.99
N LEU A 10 -6.69 -6.84 9.66
CA LEU A 10 -6.20 -5.57 9.19
C LEU A 10 -5.60 -5.74 7.79
N GLU A 11 -4.80 -6.79 7.66
CA GLU A 11 -4.17 -7.08 6.38
C GLU A 11 -5.21 -7.18 5.27
N GLU A 12 -6.23 -7.99 5.54
CA GLU A 12 -7.31 -8.18 4.58
C GLU A 12 -7.75 -6.84 4.00
N ARG A 13 -7.95 -5.89 4.90
CA ARG A 13 -8.38 -4.56 4.49
C ARG A 13 -7.36 -3.95 3.53
N LEU A 14 -6.10 -3.94 3.96
CA LEU A 14 -5.03 -3.39 3.16
C LEU A 14 -5.24 -3.80 1.70
N VAL A 15 -5.34 -5.11 1.50
CA VAL A 15 -5.55 -5.64 0.16
C VAL A 15 -6.90 -5.17 -0.38
N GLU A 16 -7.95 -5.53 0.34
CA GLU A 16 -9.29 -5.15 -0.04
C GLU A 16 -9.32 -3.70 -0.54
N TRP A 17 -8.41 -2.91 0.01
CA TRP A 17 -8.32 -1.50 -0.36
C TRP A 17 -7.61 -1.43 -1.71
N ILE A 18 -6.39 -1.94 -1.73
CA ILE A 18 -5.60 -1.93 -2.95
C ILE A 18 -6.44 -2.46 -4.11
N VAL A 19 -7.45 -3.24 -3.76
CA VAL A 19 -8.34 -3.81 -4.76
C VAL A 19 -9.22 -2.71 -5.33
N VAL A 20 -9.89 -1.99 -4.42
CA VAL A 20 -10.77 -0.91 -4.83
C VAL A 20 -9.93 0.24 -5.41
N GLN A 21 -8.77 0.45 -4.81
CA GLN A 21 -7.88 1.49 -5.26
C GLN A 21 -7.41 1.22 -6.69
N CYS A 22 -6.59 0.19 -6.83
CA CYS A 22 -6.06 -0.19 -8.13
C CYS A 22 -7.23 -0.65 -9.00
N GLY A 23 -7.99 -1.61 -8.47
CA GLY A 23 -9.13 -2.15 -9.18
C GLY A 23 -8.92 -3.63 -9.50
N PRO A 24 -9.98 -4.24 -10.11
CA PRO A 24 -9.92 -5.65 -10.48
C PRO A 24 -9.03 -5.85 -11.71
N ASP A 25 -7.79 -5.39 -11.59
CA ASP A 25 -6.84 -5.51 -12.68
C ASP A 25 -5.55 -6.16 -12.16
N VAL A 26 -5.11 -5.67 -11.00
CA VAL A 26 -3.91 -6.19 -10.38
C VAL A 26 -4.19 -7.58 -9.81
N GLY A 27 -5.44 -7.80 -9.47
CA GLY A 27 -5.85 -9.08 -8.92
C GLY A 27 -5.82 -9.05 -7.38
N ARG A 28 -5.37 -10.15 -6.81
CA ARG A 28 -5.28 -10.26 -5.36
C ARG A 28 -4.13 -11.20 -4.98
N PRO A 29 -3.75 -11.13 -3.67
CA PRO A 29 -2.68 -11.95 -3.15
C PRO A 29 -3.15 -13.40 -2.98
N ASP A 30 -2.31 -14.17 -2.29
CA ASP A 30 -2.62 -15.57 -2.04
C ASP A 30 -3.17 -15.72 -0.62
N ARG A 31 -3.50 -16.96 -0.27
CA ARG A 31 -4.03 -17.25 1.05
C ARG A 31 -3.16 -16.60 2.12
N GLY A 32 -3.67 -16.62 3.35
CA GLY A 32 -2.95 -16.05 4.47
C GLY A 32 -1.51 -16.59 4.54
N ARG A 33 -0.61 -15.84 3.94
CA ARG A 33 0.79 -16.23 3.92
C ARG A 33 1.66 -15.06 3.47
N LEU A 34 2.94 -15.36 3.27
CA LEU A 34 3.89 -14.35 2.83
C LEU A 34 3.43 -13.77 1.49
N GLY A 35 2.53 -14.50 0.85
CA GLY A 35 2.01 -14.09 -0.44
C GLY A 35 1.84 -12.57 -0.50
N PHE A 36 1.09 -12.05 0.47
CA PHE A 36 0.85 -10.62 0.54
C PHE A 36 2.13 -9.82 0.26
N GLN A 37 3.17 -10.19 0.99
CA GLN A 37 4.45 -9.52 0.84
C GLN A 37 4.84 -9.44 -0.64
N VAL A 38 4.76 -10.58 -1.30
CA VAL A 38 5.10 -10.65 -2.71
C VAL A 38 4.16 -9.74 -3.50
N TRP A 39 2.87 -9.87 -3.21
CA TRP A 39 1.87 -9.06 -3.88
C TRP A 39 2.31 -7.60 -3.82
N LEU A 40 2.98 -7.28 -2.72
CA LEU A 40 3.46 -5.91 -2.51
C LEU A 40 4.98 -5.92 -2.49
N LYS A 41 5.56 -6.75 -3.36
CA LYS A 41 7.00 -6.86 -3.45
C LYS A 41 7.50 -6.08 -4.66
N ASN A 42 6.97 -6.46 -5.82
CA ASN A 42 7.34 -5.82 -7.07
C ASN A 42 7.45 -4.30 -6.84
N GLY A 43 6.40 -3.76 -6.24
CA GLY A 43 6.36 -2.33 -5.97
C GLY A 43 5.50 -1.60 -6.98
N VAL A 44 5.31 -2.24 -8.13
CA VAL A 44 4.50 -1.66 -9.19
C VAL A 44 3.10 -1.38 -8.66
N ILE A 45 2.52 -2.38 -8.03
CA ILE A 45 1.18 -2.26 -7.48
C ILE A 45 1.17 -1.11 -6.47
N LEU A 46 2.21 -1.03 -5.67
CA LEU A 46 2.32 0.01 -4.67
C LEU A 46 2.21 1.38 -5.35
N SER A 47 2.98 1.54 -6.42
CA SER A 47 2.98 2.78 -7.16
C SER A 47 1.58 3.07 -7.71
N LYS A 48 0.93 2.01 -8.18
CA LYS A 48 -0.40 2.12 -8.72
C LYS A 48 -1.34 2.67 -7.64
N LEU A 49 -1.13 2.20 -6.43
CA LEU A 49 -1.95 2.63 -5.30
C LEU A 49 -1.87 4.15 -5.18
N VAL A 50 -0.73 4.62 -4.70
CA VAL A 50 -0.52 6.05 -4.54
C VAL A 50 -1.06 6.79 -5.76
N ASN A 51 -0.67 6.31 -6.93
CA ASN A 51 -1.11 6.90 -8.17
C ASN A 51 -2.64 6.90 -8.22
N SER A 52 -3.22 5.79 -7.80
CA SER A 52 -4.66 5.65 -7.79
C SER A 52 -5.31 6.86 -7.12
N LEU A 53 -4.62 7.36 -6.11
CA LEU A 53 -5.12 8.53 -5.38
C LEU A 53 -4.99 9.77 -6.26
N TYR A 54 -3.80 10.36 -6.23
CA TYR A 54 -3.53 11.55 -7.01
C TYR A 54 -4.27 11.49 -8.36
N PRO A 55 -4.63 12.70 -8.87
CA PRO A 55 -5.32 12.79 -10.14
C PRO A 55 -4.38 12.54 -11.31
N GLU A 56 -4.95 12.54 -12.50
CA GLU A 56 -4.17 12.32 -13.70
C GLU A 56 -3.27 13.53 -13.99
N GLY A 57 -3.69 14.66 -13.47
CA GLY A 57 -2.94 15.90 -13.65
C GLY A 57 -1.85 16.04 -12.59
N SER A 58 -1.51 14.91 -11.98
CA SER A 58 -0.48 14.90 -10.95
C SER A 58 0.54 13.80 -11.24
N LYS A 59 0.09 12.57 -11.06
CA LYS A 59 0.96 11.42 -11.30
C LYS A 59 2.36 11.71 -10.75
N PRO A 60 2.53 11.44 -9.43
CA PRO A 60 3.80 11.67 -8.77
C PRO A 60 4.82 10.59 -9.16
N VAL A 61 4.36 9.36 -9.15
CA VAL A 61 5.21 8.24 -9.50
C VAL A 61 4.99 7.87 -10.97
N LYS A 62 5.97 7.17 -11.52
CA LYS A 62 5.89 6.74 -12.91
C LYS A 62 5.98 5.22 -12.98
N VAL A 63 4.81 4.61 -13.15
CA VAL A 63 4.73 3.16 -13.23
C VAL A 63 4.39 2.75 -14.67
N PRO A 64 5.25 1.87 -15.23
CA PRO A 64 5.04 1.40 -16.59
C PRO A 64 3.90 0.38 -16.65
N GLU A 65 3.24 0.22 -15.53
CA GLU A 65 2.13 -0.71 -15.44
C GLU A 65 2.64 -2.15 -15.40
N ASN A 66 3.13 -2.61 -16.54
CA ASN A 66 3.66 -3.96 -16.64
C ASN A 66 4.99 -4.03 -15.91
N PRO A 67 5.08 -5.04 -14.99
CA PRO A 67 6.29 -5.23 -14.21
C PRO A 67 7.40 -5.87 -15.06
N PRO A 68 8.64 -5.34 -14.88
CA PRO A 68 9.78 -5.84 -15.62
C PRO A 68 10.24 -7.19 -15.07
N SER A 69 11.11 -7.12 -14.07
CA SER A 69 11.64 -8.33 -13.45
C SER A 69 12.82 -7.98 -12.56
N MET A 70 13.73 -7.19 -13.12
CA MET A 70 14.92 -6.78 -12.39
C MET A 70 14.57 -6.38 -10.96
N VAL A 71 15.56 -6.48 -10.08
CA VAL A 71 15.38 -6.15 -8.68
C VAL A 71 15.51 -4.63 -8.51
N PHE A 72 16.67 -4.13 -8.88
CA PHE A 72 16.94 -2.71 -8.78
C PHE A 72 15.72 -1.88 -9.19
N LYS A 73 15.13 -2.28 -10.31
CA LYS A 73 13.96 -1.59 -10.82
C LYS A 73 12.82 -1.73 -9.81
N GLN A 74 12.37 -2.97 -9.65
CA GLN A 74 11.28 -3.26 -8.72
C GLN A 74 11.44 -2.43 -7.44
N MET A 75 12.65 -2.48 -6.89
CA MET A 75 12.95 -1.75 -5.66
C MET A 75 12.57 -0.28 -5.80
N GLU A 76 13.19 0.37 -6.78
CA GLU A 76 12.93 1.78 -7.02
C GLU A 76 11.43 2.06 -6.95
N GLN A 77 10.67 1.29 -7.71
CA GLN A 77 9.22 1.44 -7.74
C GLN A 77 8.70 1.73 -6.33
N VAL A 78 9.14 0.92 -5.39
CA VAL A 78 8.73 1.08 -4.01
C VAL A 78 9.15 2.46 -3.50
N ALA A 79 10.46 2.69 -3.57
CA ALA A 79 11.01 3.96 -3.13
C ALA A 79 10.17 5.11 -3.69
N GLN A 80 9.92 5.03 -4.98
CA GLN A 80 9.13 6.05 -5.66
C GLN A 80 7.79 6.25 -4.94
N PHE A 81 7.20 5.13 -4.53
CA PHE A 81 5.93 5.17 -3.83
C PHE A 81 6.13 5.61 -2.37
N LEU A 82 7.12 5.01 -1.74
CA LEU A 82 7.42 5.32 -0.34
C LEU A 82 7.48 6.84 -0.17
N LYS A 83 8.34 7.46 -0.97
CA LYS A 83 8.51 8.90 -0.90
C LYS A 83 7.17 9.58 -1.20
N ALA A 84 6.46 9.00 -2.16
CA ALA A 84 5.17 9.53 -2.56
C ALA A 84 4.20 9.45 -1.37
N ALA A 85 4.27 8.33 -0.66
CA ALA A 85 3.42 8.11 0.49
C ALA A 85 3.65 9.24 1.51
N GLU A 86 4.91 9.62 1.64
CA GLU A 86 5.28 10.68 2.56
C GLU A 86 4.59 11.99 2.18
N ASP A 87 4.68 12.31 0.90
CA ASP A 87 4.07 13.52 0.39
C ASP A 87 2.62 13.61 0.87
N TYR A 88 1.97 12.46 0.86
CA TYR A 88 0.59 12.39 1.30
C TYR A 88 0.41 13.00 2.69
N GLY A 89 1.24 12.54 3.61
CA GLY A 89 1.19 13.03 4.98
C GLY A 89 1.43 11.89 5.98
N VAL A 90 2.41 11.08 5.67
CA VAL A 90 2.76 9.95 6.52
C VAL A 90 3.97 10.32 7.38
N ILE A 91 3.99 9.76 8.59
CA ILE A 91 5.08 10.03 9.51
C ILE A 91 6.32 9.23 9.07
N LYS A 92 7.39 9.39 9.85
CA LYS A 92 8.63 8.70 9.56
C LYS A 92 8.75 7.47 10.47
N THR A 93 7.67 7.23 11.21
CA THR A 93 7.65 6.10 12.13
C THR A 93 6.67 5.03 11.63
N ASP A 94 6.04 5.33 10.51
CA ASP A 94 5.09 4.41 9.92
C ASP A 94 5.66 3.84 8.62
N MET A 95 6.66 4.54 8.10
CA MET A 95 7.30 4.13 6.86
C MET A 95 8.23 2.93 7.11
N PHE A 96 8.23 2.03 6.14
CA PHE A 96 9.06 0.84 6.24
C PHE A 96 10.23 0.91 5.26
N GLN A 97 11.08 -0.11 5.31
CA GLN A 97 12.23 -0.18 4.43
C GLN A 97 11.94 -1.09 3.24
N THR A 98 12.40 -0.64 2.08
CA THR A 98 12.19 -1.41 0.85
C THR A 98 12.45 -2.89 1.10
N VAL A 99 13.41 -3.15 1.98
CA VAL A 99 13.78 -4.52 2.31
C VAL A 99 12.70 -5.12 3.21
N ASP A 100 12.27 -4.31 4.18
CA ASP A 100 11.24 -4.76 5.11
C ASP A 100 10.07 -5.37 4.34
N LEU A 101 9.96 -4.95 3.08
CA LEU A 101 8.90 -5.44 2.22
C LEU A 101 9.48 -6.40 1.19
N TYR A 102 10.22 -5.83 0.25
CA TYR A 102 10.85 -6.62 -0.80
C TYR A 102 11.40 -7.94 -0.24
N GLU A 103 12.19 -7.80 0.82
CA GLU A 103 12.78 -8.96 1.46
C GLU A 103 11.84 -9.53 2.52
N GLY A 104 10.89 -8.70 2.94
CA GLY A 104 9.92 -9.11 3.93
C GLY A 104 10.59 -9.27 5.30
N LYS A 105 11.58 -8.43 5.55
CA LYS A 105 12.30 -8.47 6.82
C LYS A 105 11.34 -8.15 7.95
N ASP A 106 10.56 -7.09 7.76
CA ASP A 106 9.60 -6.68 8.76
C ASP A 106 8.28 -6.29 8.08
N MET A 107 7.31 -7.19 8.19
CA MET A 107 6.01 -6.97 7.59
C MET A 107 5.17 -6.01 8.44
N ALA A 108 5.21 -6.25 9.74
CA ALA A 108 4.46 -5.41 10.67
C ALA A 108 4.58 -3.95 10.25
N ALA A 109 5.76 -3.60 9.76
CA ALA A 109 6.02 -2.24 9.32
C ALA A 109 5.28 -1.98 8.00
N VAL A 110 5.52 -2.87 7.04
CA VAL A 110 4.89 -2.75 5.74
C VAL A 110 3.43 -2.33 5.93
N GLN A 111 2.86 -2.74 7.05
CA GLN A 111 1.48 -2.42 7.36
C GLN A 111 1.38 -1.00 7.95
N ARG A 112 2.19 -0.77 8.97
CA ARG A 112 2.21 0.53 9.63
C ARG A 112 2.05 1.64 8.60
N THR A 113 2.62 1.40 7.43
CA THR A 113 2.56 2.38 6.35
C THR A 113 1.13 2.51 5.83
N LEU A 114 0.66 1.44 5.20
CA LEU A 114 -0.68 1.41 4.65
C LEU A 114 -1.67 1.92 5.70
N MET A 115 -1.53 1.39 6.91
CA MET A 115 -2.39 1.79 8.00
C MET A 115 -2.49 3.30 8.11
N ALA A 116 -1.44 3.97 7.64
CA ALA A 116 -1.40 5.42 7.68
C ALA A 116 -1.96 5.97 6.36
N LEU A 117 -1.34 5.56 5.27
CA LEU A 117 -1.76 6.02 3.95
C LEU A 117 -3.29 6.04 3.90
N GLY A 118 -3.88 4.92 4.32
CA GLY A 118 -5.33 4.80 4.32
C GLY A 118 -5.97 5.86 5.23
N SER A 119 -5.72 5.70 6.52
CA SER A 119 -6.27 6.63 7.50
C SER A 119 -6.20 8.06 6.96
N LEU A 120 -5.05 8.39 6.38
CA LEU A 120 -4.85 9.71 5.83
C LEU A 120 -5.96 10.02 4.83
N ALA A 121 -6.17 9.08 3.92
CA ALA A 121 -7.21 9.24 2.91
C ALA A 121 -8.58 9.24 3.58
N VAL A 122 -8.62 8.63 4.75
CA VAL A 122 -9.87 8.57 5.50
C VAL A 122 -10.11 9.90 6.22
N THR A 123 -9.24 10.18 7.19
CA THR A 123 -9.35 11.42 7.94
C THR A 123 -9.68 12.59 7.02
N LYS A 124 -8.71 12.94 6.19
CA LYS A 124 -8.87 14.04 5.25
C LYS A 124 -10.23 13.88 4.54
N ASN A 125 -10.51 12.66 4.14
CA ASN A 125 -11.76 12.36 3.45
C ASN A 125 -11.93 13.33 2.28
N ASP A 126 -11.06 13.19 1.30
CA ASP A 126 -11.11 14.06 0.13
C ASP A 126 -9.74 14.03 -0.57
N GLY A 127 -9.21 12.82 -0.70
CA GLY A 127 -7.92 12.65 -1.35
C GLY A 127 -7.95 11.48 -2.33
N ASN A 128 -8.95 11.51 -3.21
CA ASN A 128 -9.11 10.45 -4.21
C ASN A 128 -9.19 9.10 -3.50
N TYR A 129 -9.89 9.09 -2.38
CA TYR A 129 -10.05 7.88 -1.60
C TYR A 129 -11.35 7.16 -1.96
N ARG A 130 -11.20 5.95 -2.50
CA ARG A 130 -12.35 5.15 -2.90
C ARG A 130 -12.82 4.29 -1.73
N GLY A 131 -11.96 3.33 -1.36
CA GLY A 131 -12.27 2.43 -0.27
C GLY A 131 -13.03 3.16 0.85
N ASP A 132 -13.78 2.39 1.62
CA ASP A 132 -14.55 2.94 2.71
C ASP A 132 -13.59 3.44 3.80
N PRO A 133 -14.02 4.54 4.48
CA PRO A 133 -13.21 5.13 5.53
C PRO A 133 -13.27 4.28 6.81
N ASN A 134 -14.44 3.70 7.04
CA ASN A 134 -14.63 2.86 8.21
C ASN A 134 -13.56 1.77 8.24
N TRP A 135 -12.99 1.51 7.08
CA TRP A 135 -11.95 0.50 6.96
C TRP A 135 -10.82 0.88 7.91
N PHE A 136 -10.49 2.17 7.92
CA PHE A 136 -9.43 2.67 8.77
C PHE A 136 -9.84 3.98 9.44
N MET A 137 -10.68 3.85 10.47
CA MET A 137 -11.15 5.01 11.19
C MET A 137 -10.00 5.69 11.95
N LYS A 138 -9.63 5.06 13.07
CA LYS A 138 -8.56 5.59 13.89
C LYS A 138 -7.41 4.58 13.92
N SER A 139 -6.21 5.10 14.19
CA SER A 139 -5.03 4.26 14.26
C SER A 139 -4.72 3.91 15.72
N GLY A 140 -4.68 2.61 15.97
CA GLY A 140 -4.39 2.12 17.32
C GLY A 140 -5.60 2.32 18.24
N PRO A 141 -5.67 1.45 19.28
CA PRO A 141 -6.76 1.51 20.23
C PRO A 141 -6.57 2.69 21.20
N SER A 142 -7.59 3.54 21.25
CA SER A 142 -7.54 4.70 22.12
C SER A 142 -6.34 5.57 21.77
N SER A 143 -6.63 6.75 21.24
CA SER A 143 -5.58 7.68 20.87
C SER A 143 -6.19 9.06 20.59
N GLY A 144 -5.92 9.98 21.51
CA GLY A 144 -6.43 11.34 21.37
C GLY A 144 -7.76 11.49 22.11
N GLY A 1 -9.51 -19.32 -12.78
CA GLY A 1 -10.43 -18.97 -11.72
C GLY A 1 -9.67 -18.53 -10.46
N SER A 2 -10.37 -17.77 -9.62
CA SER A 2 -9.78 -17.29 -8.39
C SER A 2 -10.68 -17.63 -7.20
N SER A 3 -10.04 -17.96 -6.09
CA SER A 3 -10.76 -18.32 -4.88
C SER A 3 -9.84 -18.24 -3.67
N GLY A 4 -10.44 -18.32 -2.50
CA GLY A 4 -9.69 -18.26 -1.26
C GLY A 4 -9.85 -16.90 -0.57
N SER A 5 -10.10 -16.96 0.73
CA SER A 5 -10.28 -15.75 1.52
C SER A 5 -10.02 -16.04 2.99
N SER A 6 -8.86 -15.62 3.45
CA SER A 6 -8.48 -15.82 4.84
C SER A 6 -7.23 -14.99 5.17
N GLY A 7 -7.15 -14.60 6.44
CA GLY A 7 -6.02 -13.82 6.89
C GLY A 7 -6.42 -12.92 8.08
N GLU A 8 -5.54 -11.99 8.40
CA GLU A 8 -5.78 -11.08 9.50
C GLU A 8 -6.48 -9.81 8.99
N GLU A 9 -7.36 -9.28 9.82
CA GLU A 9 -8.10 -8.08 9.47
C GLU A 9 -7.17 -7.07 8.81
N LEU A 10 -6.05 -6.80 9.49
CA LEU A 10 -5.08 -5.85 8.98
C LEU A 10 -4.93 -6.04 7.47
N GLU A 11 -4.31 -7.15 7.09
CA GLU A 11 -4.11 -7.46 5.69
C GLU A 11 -5.43 -7.38 4.93
N GLU A 12 -6.43 -8.05 5.47
CA GLU A 12 -7.75 -8.07 4.85
C GLU A 12 -8.08 -6.68 4.30
N ARG A 13 -7.97 -5.69 5.17
CA ARG A 13 -8.26 -4.32 4.79
C ARG A 13 -7.24 -3.82 3.77
N LEU A 14 -5.97 -3.86 4.18
CA LEU A 14 -4.89 -3.42 3.32
C LEU A 14 -5.13 -3.93 1.90
N VAL A 15 -5.47 -5.22 1.81
CA VAL A 15 -5.73 -5.84 0.53
C VAL A 15 -7.08 -5.34 -0.01
N GLU A 16 -8.12 -5.63 0.75
CA GLU A 16 -9.46 -5.22 0.36
C GLU A 16 -9.45 -3.79 -0.16
N TRP A 17 -8.55 -2.99 0.40
CA TRP A 17 -8.42 -1.60 0.00
C TRP A 17 -7.72 -1.56 -1.35
N ILE A 18 -6.52 -2.12 -1.38
CA ILE A 18 -5.73 -2.16 -2.60
C ILE A 18 -6.60 -2.68 -3.74
N VAL A 19 -7.63 -3.43 -3.37
CA VAL A 19 -8.53 -4.00 -4.35
C VAL A 19 -9.40 -2.87 -4.95
N VAL A 20 -10.03 -2.13 -4.05
CA VAL A 20 -10.89 -1.03 -4.46
C VAL A 20 -10.03 0.09 -5.05
N GLN A 21 -8.90 0.33 -4.40
CA GLN A 21 -7.98 1.36 -4.84
C GLN A 21 -7.57 1.11 -6.30
N CYS A 22 -6.82 0.04 -6.48
CA CYS A 22 -6.35 -0.32 -7.81
C CYS A 22 -7.55 -0.78 -8.64
N GLY A 23 -8.26 -1.76 -8.10
CA GLY A 23 -9.44 -2.28 -8.77
C GLY A 23 -9.27 -3.79 -9.03
N PRO A 24 -10.36 -4.39 -9.58
CA PRO A 24 -10.36 -5.81 -9.89
C PRO A 24 -9.53 -6.10 -11.14
N ASP A 25 -8.28 -5.66 -11.10
CA ASP A 25 -7.37 -5.87 -12.21
C ASP A 25 -6.07 -6.48 -11.70
N VAL A 26 -5.56 -5.90 -10.62
CA VAL A 26 -4.33 -6.38 -10.02
C VAL A 26 -4.56 -7.76 -9.40
N GLY A 27 -5.79 -7.96 -8.95
CA GLY A 27 -6.16 -9.22 -8.32
C GLY A 27 -5.83 -9.22 -6.83
N ARG A 28 -5.64 -10.42 -6.30
CA ARG A 28 -5.31 -10.56 -4.89
C ARG A 28 -3.97 -11.27 -4.73
N PRO A 29 -3.48 -11.31 -3.46
CA PRO A 29 -2.21 -11.94 -3.16
C PRO A 29 -2.34 -13.46 -3.19
N ASP A 30 -1.19 -14.13 -3.18
CA ASP A 30 -1.16 -15.58 -3.20
C ASP A 30 -1.92 -16.12 -2.00
N ARG A 31 -1.70 -17.40 -1.72
CA ARG A 31 -2.36 -18.05 -0.60
C ARG A 31 -2.18 -17.22 0.67
N GLY A 32 -2.79 -17.70 1.74
CA GLY A 32 -2.72 -17.01 3.02
C GLY A 32 -1.29 -16.52 3.29
N ARG A 33 -0.47 -17.42 3.79
CA ARG A 33 0.91 -17.09 4.09
C ARG A 33 1.72 -16.92 2.80
N LEU A 34 2.82 -16.20 2.93
CA LEU A 34 3.68 -15.95 1.78
C LEU A 34 2.82 -15.63 0.56
N GLY A 35 2.57 -14.34 0.38
CA GLY A 35 1.76 -13.89 -0.73
C GLY A 35 1.66 -12.36 -0.77
N PHE A 36 1.05 -11.81 0.28
CA PHE A 36 0.90 -10.37 0.38
C PHE A 36 2.23 -9.66 0.18
N GLN A 37 3.29 -10.28 0.68
CA GLN A 37 4.62 -9.72 0.56
C GLN A 37 5.03 -9.62 -0.91
N VAL A 38 4.88 -10.73 -1.61
CA VAL A 38 5.21 -10.78 -3.02
C VAL A 38 4.21 -9.95 -3.81
N TRP A 39 2.96 -10.05 -3.42
CA TRP A 39 1.89 -9.30 -4.08
C TRP A 39 2.28 -7.82 -4.08
N LEU A 40 2.88 -7.40 -2.96
CA LEU A 40 3.30 -6.02 -2.82
C LEU A 40 4.83 -5.96 -2.84
N LYS A 41 5.41 -6.72 -3.76
CA LYS A 41 6.85 -6.75 -3.88
C LYS A 41 7.28 -5.95 -5.12
N ASN A 42 6.76 -6.37 -6.27
CA ASN A 42 7.06 -5.71 -7.52
C ASN A 42 7.06 -4.19 -7.30
N GLY A 43 5.95 -3.70 -6.76
CA GLY A 43 5.81 -2.28 -6.49
C GLY A 43 4.82 -1.64 -7.47
N VAL A 44 4.79 -2.18 -8.68
CA VAL A 44 3.90 -1.67 -9.71
C VAL A 44 2.52 -1.41 -9.09
N ILE A 45 2.08 -2.35 -8.26
CA ILE A 45 0.79 -2.24 -7.61
C ILE A 45 0.85 -1.09 -6.59
N LEU A 46 1.89 -1.11 -5.78
CA LEU A 46 2.08 -0.08 -4.76
C LEU A 46 2.07 1.29 -5.43
N SER A 47 2.83 1.39 -6.52
CA SER A 47 2.93 2.64 -7.26
C SER A 47 1.55 3.02 -7.82
N LYS A 48 0.81 2.01 -8.21
CA LYS A 48 -0.51 2.22 -8.77
C LYS A 48 -1.44 2.77 -7.68
N LEU A 49 -1.21 2.28 -6.46
CA LEU A 49 -2.02 2.71 -5.33
C LEU A 49 -1.89 4.23 -5.16
N VAL A 50 -0.72 4.65 -4.72
CA VAL A 50 -0.46 6.07 -4.51
C VAL A 50 -1.01 6.85 -5.71
N ASN A 51 -0.78 6.31 -6.90
CA ASN A 51 -1.25 6.94 -8.11
C ASN A 51 -2.74 7.25 -7.99
N SER A 52 -3.51 6.20 -7.77
CA SER A 52 -4.95 6.35 -7.64
C SER A 52 -5.27 7.61 -6.82
N LEU A 53 -4.56 7.76 -5.72
CA LEU A 53 -4.77 8.91 -4.86
C LEU A 53 -4.45 10.19 -5.63
N TYR A 54 -3.17 10.46 -5.77
CA TYR A 54 -2.73 11.65 -6.49
C TYR A 54 -3.65 11.94 -7.68
N PRO A 55 -3.74 13.25 -8.03
CA PRO A 55 -4.58 13.68 -9.14
C PRO A 55 -3.93 13.33 -10.47
N GLU A 56 -4.70 13.50 -11.54
CA GLU A 56 -4.21 13.21 -12.87
C GLU A 56 -3.06 14.15 -13.23
N GLY A 57 -3.20 15.40 -12.82
CA GLY A 57 -2.18 16.39 -13.09
C GLY A 57 -1.08 16.36 -12.01
N SER A 58 -0.67 15.15 -11.67
CA SER A 58 0.36 14.97 -10.66
C SER A 58 1.23 13.76 -11.01
N LYS A 59 0.66 12.58 -10.83
CA LYS A 59 1.37 11.35 -11.11
C LYS A 59 2.81 11.47 -10.62
N PRO A 60 3.01 11.07 -9.33
CA PRO A 60 4.33 11.13 -8.73
C PRO A 60 5.21 10.00 -9.24
N VAL A 61 4.78 8.78 -9.00
CA VAL A 61 5.52 7.61 -9.43
C VAL A 61 5.27 7.37 -10.92
N LYS A 62 6.09 6.51 -11.49
CA LYS A 62 5.97 6.19 -12.91
C LYS A 62 5.97 4.67 -13.08
N VAL A 63 4.78 4.15 -13.35
CA VAL A 63 4.61 2.72 -13.54
C VAL A 63 4.17 2.45 -14.98
N PRO A 64 4.93 1.55 -15.67
CA PRO A 64 4.62 1.19 -17.04
C PRO A 64 3.41 0.26 -17.11
N GLU A 65 3.06 -0.10 -18.33
CA GLU A 65 1.92 -0.99 -18.54
C GLU A 65 2.24 -2.39 -18.01
N ASN A 66 3.50 -2.77 -18.16
CA ASN A 66 3.95 -4.08 -17.71
C ASN A 66 4.90 -3.90 -16.52
N PRO A 67 5.05 -5.01 -15.73
CA PRO A 67 5.92 -4.99 -14.57
C PRO A 67 7.39 -5.05 -14.99
N PRO A 68 8.22 -4.25 -14.28
CA PRO A 68 9.65 -4.20 -14.57
C PRO A 68 10.35 -5.46 -14.04
N SER A 69 11.68 -5.41 -14.06
CA SER A 69 12.47 -6.53 -13.59
C SER A 69 13.63 -6.02 -12.74
N MET A 70 14.67 -6.84 -12.64
CA MET A 70 15.84 -6.49 -11.86
C MET A 70 15.45 -6.14 -10.43
N VAL A 71 16.46 -6.09 -9.57
CA VAL A 71 16.25 -5.76 -8.17
C VAL A 71 16.21 -4.24 -8.00
N PHE A 72 17.34 -3.61 -8.33
CA PHE A 72 17.44 -2.17 -8.22
C PHE A 72 16.18 -1.48 -8.73
N LYS A 73 15.75 -1.91 -9.91
CA LYS A 73 14.56 -1.34 -10.52
C LYS A 73 13.35 -1.60 -9.61
N GLN A 74 13.06 -2.88 -9.43
CA GLN A 74 11.94 -3.28 -8.59
C GLN A 74 11.91 -2.43 -7.31
N MET A 75 13.01 -2.49 -6.58
CA MET A 75 13.11 -1.74 -5.34
C MET A 75 12.71 -0.28 -5.55
N GLU A 76 13.28 0.32 -6.58
CA GLU A 76 13.00 1.71 -6.90
C GLU A 76 11.49 1.93 -6.97
N GLN A 77 10.83 1.08 -7.75
CA GLN A 77 9.39 1.17 -7.91
C GLN A 77 8.73 1.52 -6.57
N VAL A 78 9.01 0.70 -5.58
CA VAL A 78 8.45 0.90 -4.25
C VAL A 78 8.90 2.26 -3.71
N ALA A 79 10.22 2.44 -3.68
CA ALA A 79 10.79 3.68 -3.18
C ALA A 79 10.00 4.85 -3.75
N GLN A 80 9.81 4.83 -5.06
CA GLN A 80 9.07 5.89 -5.73
C GLN A 80 7.75 6.15 -5.02
N PHE A 81 7.10 5.05 -4.64
CA PHE A 81 5.83 5.14 -3.95
C PHE A 81 6.01 5.59 -2.50
N LEU A 82 6.98 4.97 -1.84
CA LEU A 82 7.26 5.31 -0.46
C LEU A 82 7.36 6.82 -0.31
N LYS A 83 8.39 7.39 -0.93
CA LYS A 83 8.59 8.83 -0.88
C LYS A 83 7.28 9.54 -1.19
N ALA A 84 6.58 9.02 -2.18
CA ALA A 84 5.31 9.60 -2.59
C ALA A 84 4.32 9.51 -1.43
N ALA A 85 4.39 8.39 -0.72
CA ALA A 85 3.50 8.16 0.41
C ALA A 85 3.77 9.23 1.48
N GLU A 86 5.02 9.69 1.50
CA GLU A 86 5.42 10.69 2.47
C GLU A 86 4.72 12.02 2.18
N ASP A 87 4.84 12.45 0.93
CA ASP A 87 4.23 13.70 0.51
C ASP A 87 2.76 13.72 0.95
N TYR A 88 2.10 12.58 0.74
CA TYR A 88 0.69 12.46 1.11
C TYR A 88 0.44 13.03 2.51
N GLY A 89 1.42 12.81 3.38
CA GLY A 89 1.32 13.30 4.74
C GLY A 89 1.55 12.16 5.75
N VAL A 90 2.50 11.31 5.42
CA VAL A 90 2.81 10.18 6.27
C VAL A 90 4.12 10.46 7.03
N ILE A 91 4.12 10.13 8.31
CA ILE A 91 5.29 10.34 9.14
C ILE A 91 6.41 9.41 8.68
N LYS A 92 7.52 9.45 9.42
CA LYS A 92 8.66 8.61 9.10
C LYS A 92 8.65 7.38 10.00
N THR A 93 7.85 7.45 11.05
CA THR A 93 7.75 6.35 12.00
C THR A 93 6.61 5.41 11.59
N ASP A 94 6.00 5.73 10.46
CA ASP A 94 4.90 4.94 9.94
C ASP A 94 5.36 4.21 8.68
N MET A 95 6.39 4.75 8.06
CA MET A 95 6.93 4.18 6.84
C MET A 95 7.77 2.94 7.15
N PHE A 96 8.11 2.20 6.10
CA PHE A 96 8.91 1.00 6.25
C PHE A 96 10.09 1.01 5.27
N GLN A 97 10.89 -0.05 5.35
CA GLN A 97 12.05 -0.18 4.49
C GLN A 97 11.74 -1.11 3.31
N THR A 98 12.08 -0.65 2.12
CA THR A 98 11.84 -1.43 0.92
C THR A 98 12.08 -2.91 1.20
N VAL A 99 13.20 -3.20 1.84
CA VAL A 99 13.56 -4.57 2.17
C VAL A 99 12.42 -5.20 2.99
N ASP A 100 12.05 -4.50 4.06
CA ASP A 100 10.99 -4.98 4.92
C ASP A 100 9.87 -5.59 4.06
N LEU A 101 9.74 -5.06 2.86
CA LEU A 101 8.71 -5.54 1.95
C LEU A 101 9.35 -6.48 0.93
N TYR A 102 10.29 -5.94 0.16
CA TYR A 102 10.98 -6.72 -0.85
C TYR A 102 11.44 -8.07 -0.27
N GLU A 103 12.23 -7.99 0.79
CA GLU A 103 12.75 -9.18 1.43
C GLU A 103 11.90 -9.52 2.66
N GLY A 104 10.67 -9.04 2.65
CA GLY A 104 9.75 -9.29 3.75
C GLY A 104 10.49 -9.25 5.08
N LYS A 105 11.46 -8.35 5.17
CA LYS A 105 12.25 -8.20 6.38
C LYS A 105 11.31 -7.91 7.55
N ASP A 106 10.14 -7.39 7.22
CA ASP A 106 9.15 -7.06 8.22
C ASP A 106 7.87 -6.58 7.54
N MET A 107 6.82 -7.36 7.69
CA MET A 107 5.54 -7.03 7.09
C MET A 107 4.74 -6.11 8.01
N ALA A 108 4.90 -6.33 9.30
CA ALA A 108 4.19 -5.53 10.29
C ALA A 108 4.41 -4.04 9.99
N ALA A 109 5.67 -3.69 9.77
CA ALA A 109 6.02 -2.31 9.47
C ALA A 109 5.45 -1.93 8.11
N VAL A 110 5.75 -2.74 7.11
CA VAL A 110 5.27 -2.50 5.76
C VAL A 110 3.77 -2.22 5.81
N GLN A 111 3.12 -2.77 6.83
CA GLN A 111 1.69 -2.58 7.00
C GLN A 111 1.41 -1.25 7.70
N ARG A 112 2.10 -1.04 8.81
CA ARG A 112 1.94 0.17 9.58
C ARG A 112 1.80 1.38 8.64
N THR A 113 2.47 1.29 7.51
CA THR A 113 2.43 2.35 6.52
C THR A 113 1.04 2.46 5.90
N LEU A 114 0.64 1.39 5.24
CA LEU A 114 -0.67 1.35 4.59
C LEU A 114 -1.73 1.87 5.57
N MET A 115 -1.68 1.32 6.78
CA MET A 115 -2.64 1.72 7.81
C MET A 115 -2.68 3.24 7.95
N ALA A 116 -1.52 3.85 7.78
CA ALA A 116 -1.40 5.30 7.90
C ALA A 116 -1.87 5.95 6.59
N LEU A 117 -1.34 5.43 5.49
CA LEU A 117 -1.69 5.94 4.18
C LEU A 117 -3.22 6.00 4.05
N GLY A 118 -3.85 4.90 4.40
CA GLY A 118 -5.30 4.81 4.33
C GLY A 118 -5.96 5.90 5.17
N SER A 119 -5.66 5.87 6.46
CA SER A 119 -6.21 6.86 7.38
C SER A 119 -6.14 8.26 6.76
N LEU A 120 -4.96 8.58 6.25
CA LEU A 120 -4.74 9.88 5.63
C LEU A 120 -5.86 10.15 4.62
N ALA A 121 -6.23 9.10 3.90
CA ALA A 121 -7.28 9.20 2.90
C ALA A 121 -8.64 9.27 3.60
N VAL A 122 -8.73 8.57 4.73
CA VAL A 122 -9.96 8.55 5.50
C VAL A 122 -10.30 9.97 5.97
N THR A 123 -9.25 10.71 6.30
CA THR A 123 -9.43 12.07 6.77
C THR A 123 -10.08 12.92 5.67
N LYS A 124 -9.58 12.77 4.46
CA LYS A 124 -10.12 13.51 3.33
C LYS A 124 -11.47 12.92 2.93
N ASN A 125 -11.52 11.60 2.87
CA ASN A 125 -12.74 10.91 2.51
C ASN A 125 -13.08 11.20 1.05
N ASP A 126 -13.54 12.42 0.82
CA ASP A 126 -13.89 12.84 -0.53
C ASP A 126 -12.73 13.61 -1.14
N GLY A 127 -11.58 12.95 -1.20
CA GLY A 127 -10.39 13.55 -1.76
C GLY A 127 -9.56 12.52 -2.53
N ASN A 128 -9.11 11.51 -1.82
CA ASN A 128 -8.31 10.46 -2.41
C ASN A 128 -8.67 9.11 -1.78
N TYR A 129 -9.96 8.82 -1.80
CA TYR A 129 -10.45 7.58 -1.23
C TYR A 129 -11.56 6.97 -2.08
N ARG A 130 -11.69 5.65 -2.00
CA ARG A 130 -12.70 4.96 -2.76
C ARG A 130 -13.51 4.04 -1.85
N GLY A 131 -12.80 3.19 -1.13
CA GLY A 131 -13.44 2.26 -0.21
C GLY A 131 -14.09 3.00 0.96
N ASP A 132 -14.51 2.23 1.95
CA ASP A 132 -15.15 2.80 3.12
C ASP A 132 -14.08 3.21 4.13
N PRO A 133 -14.37 4.33 4.85
CA PRO A 133 -13.44 4.83 5.85
C PRO A 133 -13.45 3.96 7.11
N ASN A 134 -14.66 3.54 7.48
CA ASN A 134 -14.82 2.71 8.67
C ASN A 134 -13.75 1.62 8.67
N TRP A 135 -13.30 1.26 7.47
CA TRP A 135 -12.28 0.24 7.32
C TRP A 135 -11.15 0.56 8.31
N PHE A 136 -10.46 1.66 8.04
CA PHE A 136 -9.37 2.09 8.88
C PHE A 136 -9.86 2.96 10.04
N MET A 137 -10.83 3.81 9.72
CA MET A 137 -11.41 4.69 10.71
C MET A 137 -11.81 3.93 11.97
N LYS A 138 -11.94 4.68 13.06
CA LYS A 138 -12.31 4.09 14.34
C LYS A 138 -11.34 2.95 14.67
N SER A 139 -10.37 3.27 15.51
CA SER A 139 -9.38 2.29 15.91
C SER A 139 -8.53 2.85 17.07
N GLY A 140 -8.11 1.95 17.93
CA GLY A 140 -7.30 2.33 19.09
C GLY A 140 -5.89 1.76 18.97
N PRO A 141 -4.93 2.46 19.62
CA PRO A 141 -3.53 2.04 19.60
C PRO A 141 -3.32 0.84 20.53
N SER A 142 -2.93 -0.28 19.92
CA SER A 142 -2.69 -1.49 20.68
C SER A 142 -1.32 -1.41 21.37
N SER A 143 -1.37 -1.21 22.68
CA SER A 143 -0.14 -1.11 23.46
C SER A 143 -0.35 -1.78 24.83
N GLY A 144 0.68 -2.49 25.26
CA GLY A 144 0.63 -3.18 26.54
C GLY A 144 2.03 -3.62 26.98
N GLY A 1 -1.90 -16.14 -9.05
CA GLY A 1 -2.93 -15.46 -8.27
C GLY A 1 -3.57 -16.43 -7.28
N SER A 2 -4.76 -16.05 -6.82
CA SER A 2 -5.50 -16.87 -5.88
C SER A 2 -6.99 -16.54 -5.95
N SER A 3 -7.77 -17.28 -5.18
CA SER A 3 -9.20 -17.07 -5.15
C SER A 3 -9.68 -16.96 -3.69
N GLY A 4 -10.03 -15.74 -3.32
CA GLY A 4 -10.49 -15.48 -1.97
C GLY A 4 -9.33 -15.38 -0.98
N SER A 5 -8.91 -16.54 -0.50
CA SER A 5 -7.80 -16.61 0.44
C SER A 5 -8.19 -15.92 1.75
N SER A 6 -7.38 -16.15 2.77
CA SER A 6 -7.63 -15.57 4.07
C SER A 6 -6.32 -15.06 4.68
N GLY A 7 -6.34 -13.80 5.10
CA GLY A 7 -5.17 -13.19 5.70
C GLY A 7 -5.53 -12.45 6.99
N GLU A 8 -4.52 -11.80 7.56
CA GLU A 8 -4.72 -11.06 8.79
C GLU A 8 -5.94 -10.14 8.67
N GLU A 9 -6.49 -9.77 9.82
CA GLU A 9 -7.64 -8.89 9.86
C GLU A 9 -7.29 -7.52 9.28
N LEU A 10 -6.10 -7.07 9.61
CA LEU A 10 -5.63 -5.77 9.14
C LEU A 10 -5.32 -5.86 7.64
N GLU A 11 -4.70 -6.95 7.26
CA GLU A 11 -4.34 -7.17 5.87
C GLU A 11 -5.60 -7.23 5.00
N GLU A 12 -6.51 -8.10 5.40
CA GLU A 12 -7.76 -8.27 4.67
C GLU A 12 -8.28 -6.92 4.20
N ARG A 13 -8.22 -5.94 5.10
CA ARG A 13 -8.68 -4.60 4.79
C ARG A 13 -7.78 -3.98 3.71
N LEU A 14 -6.48 -3.96 4.00
CA LEU A 14 -5.52 -3.40 3.07
C LEU A 14 -5.85 -3.87 1.65
N VAL A 15 -5.82 -5.18 1.47
CA VAL A 15 -6.11 -5.77 0.17
C VAL A 15 -7.50 -5.32 -0.29
N GLU A 16 -8.48 -5.50 0.60
CA GLU A 16 -9.84 -5.11 0.29
C GLU A 16 -9.88 -3.67 -0.24
N TRP A 17 -8.89 -2.90 0.17
CA TRP A 17 -8.80 -1.52 -0.25
C TRP A 17 -8.10 -1.48 -1.62
N ILE A 18 -6.88 -1.97 -1.64
CA ILE A 18 -6.10 -2.00 -2.87
C ILE A 18 -6.96 -2.58 -3.99
N VAL A 19 -7.94 -3.37 -3.59
CA VAL A 19 -8.84 -3.98 -4.56
C VAL A 19 -9.73 -2.92 -5.18
N VAL A 20 -10.39 -2.16 -4.32
CA VAL A 20 -11.28 -1.10 -4.76
C VAL A 20 -10.45 0.01 -5.41
N GLN A 21 -9.31 0.29 -4.79
CA GLN A 21 -8.42 1.32 -5.28
C GLN A 21 -7.97 1.01 -6.71
N CYS A 22 -7.17 -0.04 -6.83
CA CYS A 22 -6.66 -0.46 -8.12
C CYS A 22 -7.84 -0.98 -8.94
N GLY A 23 -8.55 -1.94 -8.36
CA GLY A 23 -9.70 -2.52 -9.03
C GLY A 23 -9.48 -4.02 -9.30
N PRO A 24 -10.51 -4.65 -9.92
CA PRO A 24 -10.43 -6.06 -10.23
C PRO A 24 -9.50 -6.31 -11.42
N ASP A 25 -8.29 -5.82 -11.30
CA ASP A 25 -7.29 -5.98 -12.36
C ASP A 25 -6.01 -6.54 -11.75
N VAL A 26 -5.54 -5.90 -10.69
CA VAL A 26 -4.33 -6.32 -10.03
C VAL A 26 -4.54 -7.71 -9.42
N GLY A 27 -5.79 -7.97 -9.06
CA GLY A 27 -6.13 -9.26 -8.47
C GLY A 27 -5.96 -9.23 -6.95
N ARG A 28 -5.67 -10.39 -6.40
CA ARG A 28 -5.48 -10.52 -4.96
C ARG A 28 -4.22 -11.33 -4.66
N PRO A 29 -3.69 -11.12 -3.42
CA PRO A 29 -2.49 -11.83 -2.99
C PRO A 29 -2.79 -13.29 -2.67
N ASP A 30 -1.74 -14.07 -2.53
CA ASP A 30 -1.88 -15.48 -2.21
C ASP A 30 -2.19 -15.65 -0.73
N ARG A 31 -2.16 -16.89 -0.29
CA ARG A 31 -2.43 -17.20 1.11
C ARG A 31 -1.79 -16.15 2.02
N GLY A 32 -2.36 -16.01 3.20
CA GLY A 32 -1.86 -15.05 4.18
C GLY A 32 -0.57 -15.56 4.83
N ARG A 33 0.52 -14.86 4.54
CA ARG A 33 1.81 -15.23 5.10
C ARG A 33 2.93 -14.54 4.32
N LEU A 34 2.98 -14.81 3.03
CA LEU A 34 3.99 -14.22 2.17
C LEU A 34 3.32 -13.66 0.90
N GLY A 35 2.41 -14.46 0.36
CA GLY A 35 1.70 -14.06 -0.84
C GLY A 35 1.54 -12.54 -0.91
N PHE A 36 1.02 -11.99 0.17
CA PHE A 36 0.81 -10.55 0.26
C PHE A 36 2.08 -9.79 -0.15
N GLN A 37 3.15 -10.06 0.58
CA GLN A 37 4.43 -9.42 0.30
C GLN A 37 4.64 -9.28 -1.21
N VAL A 38 4.80 -10.43 -1.86
CA VAL A 38 5.02 -10.45 -3.29
C VAL A 38 4.10 -9.42 -3.96
N TRP A 39 2.86 -9.40 -3.49
CA TRP A 39 1.88 -8.47 -4.03
C TRP A 39 2.48 -7.07 -4.01
N LEU A 40 2.99 -6.69 -2.83
CA LEU A 40 3.60 -5.39 -2.67
C LEU A 40 5.11 -5.55 -2.56
N LYS A 41 5.67 -6.31 -3.49
CA LYS A 41 7.10 -6.55 -3.51
C LYS A 41 7.75 -5.65 -4.56
N ASN A 42 7.37 -5.89 -5.81
CA ASN A 42 7.91 -5.11 -6.91
C ASN A 42 7.74 -3.62 -6.60
N GLY A 43 6.52 -3.25 -6.24
CA GLY A 43 6.21 -1.86 -5.93
C GLY A 43 5.44 -1.20 -7.06
N VAL A 44 4.99 -2.02 -8.00
CA VAL A 44 4.25 -1.52 -9.14
C VAL A 44 2.81 -1.21 -8.71
N ILE A 45 2.16 -2.23 -8.17
CA ILE A 45 0.79 -2.07 -7.71
C ILE A 45 0.72 -0.98 -6.65
N LEU A 46 1.73 -0.98 -5.79
CA LEU A 46 1.80 0.00 -4.72
C LEU A 46 1.70 1.41 -5.33
N SER A 47 2.54 1.65 -6.33
CA SER A 47 2.56 2.94 -6.99
C SER A 47 1.17 3.27 -7.54
N LYS A 48 0.58 2.27 -8.19
CA LYS A 48 -0.74 2.43 -8.76
C LYS A 48 -1.70 2.92 -7.68
N LEU A 49 -1.53 2.38 -6.49
CA LEU A 49 -2.38 2.75 -5.37
C LEU A 49 -2.28 4.26 -5.14
N VAL A 50 -1.12 4.67 -4.66
CA VAL A 50 -0.88 6.09 -4.38
C VAL A 50 -1.35 6.92 -5.58
N ASN A 51 -1.00 6.44 -6.76
CA ASN A 51 -1.38 7.12 -7.98
C ASN A 51 -2.91 7.21 -8.06
N SER A 52 -3.55 6.07 -7.92
CA SER A 52 -4.99 6.00 -7.96
C SER A 52 -5.60 7.22 -7.26
N LEU A 53 -4.96 7.59 -6.15
CA LEU A 53 -5.42 8.72 -5.37
C LEU A 53 -5.23 10.01 -6.18
N TYR A 54 -4.00 10.50 -6.16
CA TYR A 54 -3.68 11.71 -6.89
C TYR A 54 -4.45 11.79 -8.21
N PRO A 55 -4.64 13.04 -8.70
CA PRO A 55 -5.35 13.26 -9.94
C PRO A 55 -4.48 12.90 -11.15
N GLU A 56 -4.94 13.31 -12.32
CA GLU A 56 -4.21 13.04 -13.54
C GLU A 56 -3.14 14.12 -13.77
N GLY A 57 -3.44 15.31 -13.31
CA GLY A 57 -2.52 16.43 -13.45
C GLY A 57 -1.54 16.49 -12.28
N SER A 58 -1.12 15.31 -11.84
CA SER A 58 -0.18 15.22 -10.73
C SER A 58 0.78 14.03 -10.95
N LYS A 59 0.23 12.83 -10.81
CA LYS A 59 1.02 11.63 -10.99
C LYS A 59 2.40 11.84 -10.37
N PRO A 60 2.51 11.51 -9.05
CA PRO A 60 3.75 11.66 -8.34
C PRO A 60 4.74 10.54 -8.71
N VAL A 61 4.22 9.32 -8.77
CA VAL A 61 5.02 8.17 -9.12
C VAL A 61 4.79 7.81 -10.58
N LYS A 62 5.74 7.09 -11.15
CA LYS A 62 5.65 6.67 -12.53
C LYS A 62 5.69 5.14 -12.60
N VAL A 63 4.50 4.56 -12.72
CA VAL A 63 4.38 3.12 -12.80
C VAL A 63 4.19 2.70 -14.26
N PRO A 64 5.21 1.96 -14.79
CA PRO A 64 5.18 1.51 -16.16
C PRO A 64 4.20 0.34 -16.33
N GLU A 65 3.78 0.12 -17.56
CA GLU A 65 2.85 -0.95 -17.86
C GLU A 65 3.36 -2.27 -17.27
N ASN A 66 4.44 -2.76 -17.85
CA ASN A 66 5.03 -4.01 -17.39
C ASN A 66 5.84 -3.74 -16.11
N PRO A 67 5.81 -4.76 -15.20
CA PRO A 67 6.53 -4.65 -13.95
C PRO A 67 8.04 -4.82 -14.15
N PRO A 68 8.82 -4.17 -13.25
CA PRO A 68 10.27 -4.24 -13.33
C PRO A 68 10.78 -5.60 -12.84
N SER A 69 11.69 -6.18 -13.62
CA SER A 69 12.26 -7.47 -13.27
C SER A 69 13.48 -7.28 -12.38
N MET A 70 14.44 -6.51 -12.89
CA MET A 70 15.65 -6.25 -12.15
C MET A 70 15.35 -5.88 -10.70
N VAL A 71 16.27 -6.23 -9.81
CA VAL A 71 16.11 -5.94 -8.41
C VAL A 71 16.11 -4.42 -8.19
N PHE A 72 17.25 -3.82 -8.48
CA PHE A 72 17.40 -2.38 -8.33
C PHE A 72 16.13 -1.65 -8.76
N LYS A 73 15.63 -2.04 -9.93
CA LYS A 73 14.43 -1.43 -10.46
C LYS A 73 13.27 -1.66 -9.49
N GLN A 74 13.02 -2.94 -9.21
CA GLN A 74 11.96 -3.31 -8.30
C GLN A 74 12.03 -2.47 -7.02
N MET A 75 13.16 -2.58 -6.34
CA MET A 75 13.37 -1.84 -5.12
C MET A 75 12.98 -0.37 -5.28
N GLU A 76 13.42 0.21 -6.38
CA GLU A 76 13.12 1.60 -6.67
C GLU A 76 11.61 1.82 -6.76
N GLN A 77 10.98 0.97 -7.57
CA GLN A 77 9.53 1.05 -7.75
C GLN A 77 8.85 1.37 -6.42
N VAL A 78 9.23 0.61 -5.40
CA VAL A 78 8.66 0.80 -4.08
C VAL A 78 9.09 2.16 -3.53
N ALA A 79 10.39 2.39 -3.57
CA ALA A 79 10.95 3.64 -3.07
C ALA A 79 10.14 4.81 -3.64
N GLN A 80 9.80 4.70 -4.92
CA GLN A 80 9.02 5.72 -5.58
C GLN A 80 7.71 5.97 -4.83
N PHE A 81 7.05 4.87 -4.48
CA PHE A 81 5.79 4.95 -3.76
C PHE A 81 6.02 5.39 -2.31
N LEU A 82 7.04 4.83 -1.70
CA LEU A 82 7.37 5.16 -0.33
C LEU A 82 7.46 6.68 -0.18
N LYS A 83 8.40 7.26 -0.91
CA LYS A 83 8.60 8.70 -0.86
C LYS A 83 7.27 9.40 -1.16
N ALA A 84 6.54 8.83 -2.10
CA ALA A 84 5.26 9.39 -2.49
C ALA A 84 4.30 9.34 -1.29
N ALA A 85 4.33 8.22 -0.60
CA ALA A 85 3.48 8.02 0.55
C ALA A 85 3.75 9.14 1.57
N GLU A 86 5.01 9.51 1.67
CA GLU A 86 5.41 10.55 2.60
C GLU A 86 4.75 11.88 2.21
N ASP A 87 4.94 12.25 0.95
CA ASP A 87 4.37 13.49 0.45
C ASP A 87 2.92 13.61 0.93
N TYR A 88 2.23 12.48 0.91
CA TYR A 88 0.84 12.45 1.34
C TYR A 88 0.69 13.05 2.75
N GLY A 89 1.46 12.51 3.67
CA GLY A 89 1.42 12.97 5.05
C GLY A 89 1.70 11.83 6.02
N VAL A 90 2.70 11.03 5.68
CA VAL A 90 3.07 9.90 6.51
C VAL A 90 4.34 10.25 7.30
N ILE A 91 4.35 9.85 8.56
CA ILE A 91 5.49 10.10 9.43
C ILE A 91 6.64 9.17 9.04
N LYS A 92 7.78 9.39 9.67
CA LYS A 92 8.96 8.58 9.41
C LYS A 92 9.00 7.42 10.41
N THR A 93 7.96 7.35 11.23
CA THR A 93 7.88 6.30 12.23
C THR A 93 6.91 5.20 11.77
N ASP A 94 6.27 5.46 10.64
CA ASP A 94 5.32 4.51 10.08
C ASP A 94 5.87 3.96 8.77
N MET A 95 6.90 4.62 8.27
CA MET A 95 7.52 4.20 7.02
C MET A 95 8.52 3.06 7.27
N PHE A 96 8.62 2.19 6.27
CA PHE A 96 9.52 1.05 6.36
C PHE A 96 10.61 1.14 5.29
N GLN A 97 11.50 0.15 5.31
CA GLN A 97 12.59 0.09 4.35
C GLN A 97 12.24 -0.86 3.21
N THR A 98 12.57 -0.42 2.00
CA THR A 98 12.31 -1.22 0.82
C THR A 98 12.53 -2.71 1.12
N VAL A 99 13.58 -2.98 1.87
CA VAL A 99 13.91 -4.34 2.24
C VAL A 99 12.80 -4.91 3.13
N ASP A 100 12.49 -4.17 4.18
CA ASP A 100 11.45 -4.60 5.11
C ASP A 100 10.28 -5.19 4.32
N LEU A 101 10.11 -4.69 3.10
CA LEU A 101 9.04 -5.16 2.25
C LEU A 101 9.59 -6.20 1.27
N TYR A 102 10.53 -5.75 0.45
CA TYR A 102 11.15 -6.64 -0.53
C TYR A 102 11.60 -7.95 0.11
N GLU A 103 12.43 -7.81 1.14
CA GLU A 103 12.94 -8.98 1.85
C GLU A 103 11.99 -9.35 3.00
N GLY A 104 10.82 -8.74 2.98
CA GLY A 104 9.82 -9.00 4.01
C GLY A 104 10.48 -9.19 5.37
N LYS A 105 11.45 -8.33 5.65
CA LYS A 105 12.18 -8.39 6.91
C LYS A 105 11.23 -7.99 8.05
N ASP A 106 10.28 -7.13 7.71
CA ASP A 106 9.31 -6.66 8.69
C ASP A 106 7.96 -6.47 8.02
N MET A 107 7.05 -7.38 8.34
CA MET A 107 5.72 -7.34 7.76
C MET A 107 4.83 -6.32 8.50
N ALA A 108 5.04 -6.24 9.81
CA ALA A 108 4.29 -5.32 10.63
C ALA A 108 4.53 -3.89 10.15
N ALA A 109 5.80 -3.61 9.86
CA ALA A 109 6.18 -2.29 9.40
C ALA A 109 5.47 -1.99 8.08
N VAL A 110 5.66 -2.89 7.12
CA VAL A 110 5.04 -2.74 5.81
C VAL A 110 3.62 -2.21 5.99
N GLN A 111 3.00 -2.64 7.08
CA GLN A 111 1.64 -2.21 7.37
C GLN A 111 1.63 -0.80 7.94
N ARG A 112 2.44 -0.60 8.97
CA ARG A 112 2.54 0.70 9.60
C ARG A 112 2.47 1.82 8.56
N THR A 113 3.01 1.52 7.38
CA THR A 113 3.01 2.48 6.29
C THR A 113 1.62 2.61 5.70
N LEU A 114 1.16 1.52 5.09
CA LEU A 114 -0.16 1.50 4.49
C LEU A 114 -1.20 1.95 5.50
N MET A 115 -1.06 1.43 6.72
CA MET A 115 -1.98 1.76 7.79
C MET A 115 -2.19 3.27 7.88
N ALA A 116 -1.10 4.01 7.68
CA ALA A 116 -1.16 5.46 7.74
C ALA A 116 -1.72 5.99 6.42
N LEU A 117 -1.11 5.54 5.33
CA LEU A 117 -1.53 5.97 4.01
C LEU A 117 -3.06 5.96 3.95
N GLY A 118 -3.63 4.79 4.16
CA GLY A 118 -5.07 4.63 4.13
C GLY A 118 -5.75 5.66 5.03
N SER A 119 -5.48 5.55 6.32
CA SER A 119 -6.05 6.46 7.29
C SER A 119 -5.96 7.90 6.78
N LEU A 120 -4.79 8.23 6.24
CA LEU A 120 -4.55 9.55 5.72
C LEU A 120 -5.64 9.89 4.69
N ALA A 121 -5.90 8.94 3.82
CA ALA A 121 -6.90 9.12 2.79
C ALA A 121 -8.29 9.12 3.43
N VAL A 122 -8.41 8.37 4.51
CA VAL A 122 -9.67 8.27 5.22
C VAL A 122 -10.03 9.64 5.81
N THR A 123 -9.00 10.32 6.32
CA THR A 123 -9.19 11.62 6.91
C THR A 123 -9.69 12.62 5.86
N LYS A 124 -9.02 12.60 4.71
CA LYS A 124 -9.39 13.50 3.62
C LYS A 124 -10.85 13.27 3.26
N ASN A 125 -11.07 12.39 2.29
CA ASN A 125 -12.41 12.07 1.84
C ASN A 125 -12.91 13.19 0.91
N ASP A 126 -12.82 12.92 -0.38
CA ASP A 126 -13.25 13.90 -1.37
C ASP A 126 -13.68 13.15 -2.65
N GLY A 127 -12.80 12.27 -3.10
CA GLY A 127 -13.07 11.50 -4.30
C GLY A 127 -11.81 10.74 -4.76
N ASN A 128 -11.28 9.95 -3.84
CA ASN A 128 -10.09 9.17 -4.14
C ASN A 128 -10.31 7.73 -3.68
N TYR A 129 -10.80 7.59 -2.45
CA TYR A 129 -11.06 6.28 -1.89
C TYR A 129 -12.32 5.66 -2.50
N ARG A 130 -12.11 4.54 -3.20
CA ARG A 130 -13.21 3.84 -3.83
C ARG A 130 -13.75 2.74 -2.91
N GLY A 131 -13.76 3.04 -1.63
CA GLY A 131 -14.24 2.09 -0.63
C GLY A 131 -15.01 2.80 0.48
N ASP A 132 -14.52 2.63 1.70
CA ASP A 132 -15.15 3.24 2.85
C ASP A 132 -14.07 3.75 3.81
N PRO A 133 -14.40 4.85 4.53
CA PRO A 133 -13.48 5.44 5.48
C PRO A 133 -13.39 4.60 6.75
N ASN A 134 -14.46 3.85 7.00
CA ASN A 134 -14.51 3.00 8.17
C ASN A 134 -13.87 1.65 7.85
N TRP A 135 -12.69 1.72 7.25
CA TRP A 135 -11.95 0.51 6.89
C TRP A 135 -10.69 0.45 7.75
N PHE A 136 -10.01 1.58 7.82
CA PHE A 136 -8.78 1.66 8.60
C PHE A 136 -9.06 2.23 10.00
N MET A 137 -10.34 2.33 10.31
CA MET A 137 -10.76 2.85 11.61
C MET A 137 -10.30 1.93 12.74
N LYS A 138 -9.61 2.52 13.71
CA LYS A 138 -9.11 1.77 14.84
C LYS A 138 -8.69 2.74 15.95
N SER A 139 -7.76 3.61 15.61
CA SER A 139 -7.26 4.59 16.56
C SER A 139 -6.48 3.89 17.68
N GLY A 140 -5.27 4.38 17.89
CA GLY A 140 -4.41 3.81 18.92
C GLY A 140 -3.16 4.67 19.12
N PRO A 141 -2.55 4.52 20.32
CA PRO A 141 -1.34 5.27 20.65
C PRO A 141 -0.12 4.70 19.92
N SER A 142 -0.19 4.73 18.60
CA SER A 142 0.90 4.22 17.78
C SER A 142 2.02 5.26 17.69
N SER A 143 1.72 6.44 18.21
CA SER A 143 2.70 7.52 18.19
C SER A 143 3.31 7.70 19.59
N GLY A 144 2.43 7.93 20.55
CA GLY A 144 2.86 8.13 21.92
C GLY A 144 3.38 6.81 22.53
N GLY A 1 -2.50 -25.24 -5.02
CA GLY A 1 -2.01 -24.69 -3.77
C GLY A 1 -0.54 -25.04 -3.57
N SER A 2 0.17 -24.11 -2.95
CA SER A 2 1.59 -24.31 -2.68
C SER A 2 1.95 -23.74 -1.31
N SER A 3 1.62 -24.50 -0.28
CA SER A 3 1.90 -24.09 1.08
C SER A 3 1.08 -22.85 1.43
N GLY A 4 0.21 -23.01 2.42
CA GLY A 4 -0.65 -21.92 2.86
C GLY A 4 -0.09 -21.27 4.13
N SER A 5 -0.05 -19.94 4.11
CA SER A 5 0.45 -19.19 5.25
C SER A 5 0.06 -17.72 5.12
N SER A 6 0.27 -16.99 6.20
CA SER A 6 -0.05 -15.57 6.21
C SER A 6 -1.56 -15.37 6.09
N GLY A 7 -2.05 -14.32 6.73
CA GLY A 7 -3.47 -14.02 6.70
C GLY A 7 -3.77 -12.71 7.43
N GLU A 8 -3.93 -12.84 8.75
CA GLU A 8 -4.22 -11.68 9.58
C GLU A 8 -5.50 -10.98 9.09
N GLU A 9 -5.98 -10.07 9.92
CA GLU A 9 -7.19 -9.32 9.59
C GLU A 9 -6.83 -8.10 8.76
N LEU A 10 -5.98 -7.25 9.32
CA LEU A 10 -5.55 -6.05 8.63
C LEU A 10 -5.31 -6.36 7.16
N GLU A 11 -4.37 -7.27 6.92
CA GLU A 11 -4.04 -7.66 5.57
C GLU A 11 -5.30 -7.74 4.71
N GLU A 12 -6.24 -8.54 5.18
CA GLU A 12 -7.50 -8.72 4.47
C GLU A 12 -8.04 -7.37 4.01
N ARG A 13 -8.16 -6.45 4.97
CA ARG A 13 -8.65 -5.12 4.68
C ARG A 13 -7.71 -4.40 3.71
N LEU A 14 -6.46 -4.29 4.12
CA LEU A 14 -5.45 -3.63 3.31
C LEU A 14 -5.64 -4.04 1.85
N VAL A 15 -5.62 -5.35 1.61
CA VAL A 15 -5.79 -5.87 0.27
C VAL A 15 -7.16 -5.44 -0.27
N GLU A 16 -8.18 -5.70 0.53
CA GLU A 16 -9.54 -5.35 0.14
C GLU A 16 -9.59 -3.92 -0.39
N TRP A 17 -8.64 -3.12 0.09
CA TRP A 17 -8.56 -1.72 -0.31
C TRP A 17 -7.83 -1.66 -1.66
N ILE A 18 -6.59 -2.14 -1.65
CA ILE A 18 -5.77 -2.14 -2.85
C ILE A 18 -6.59 -2.70 -4.00
N VAL A 19 -7.57 -3.52 -3.65
CA VAL A 19 -8.44 -4.13 -4.66
C VAL A 19 -9.32 -3.06 -5.29
N VAL A 20 -10.05 -2.36 -4.44
CA VAL A 20 -10.94 -1.30 -4.91
C VAL A 20 -10.10 -0.17 -5.52
N GLN A 21 -8.98 0.09 -4.89
CA GLN A 21 -8.08 1.14 -5.36
C GLN A 21 -7.60 0.83 -6.78
N CYS A 22 -6.74 -0.19 -6.87
CA CYS A 22 -6.20 -0.60 -8.15
C CYS A 22 -7.36 -1.06 -9.03
N GLY A 23 -8.13 -2.00 -8.50
CA GLY A 23 -9.27 -2.54 -9.23
C GLY A 23 -9.10 -4.04 -9.47
N PRO A 24 -10.17 -4.64 -10.06
CA PRO A 24 -10.16 -6.07 -10.34
C PRO A 24 -9.27 -6.38 -11.55
N ASP A 25 -8.03 -5.94 -11.45
CA ASP A 25 -7.06 -6.16 -12.52
C ASP A 25 -5.80 -6.80 -11.93
N VAL A 26 -5.36 -6.24 -10.82
CA VAL A 26 -4.17 -6.73 -10.16
C VAL A 26 -4.46 -8.08 -9.50
N GLY A 27 -5.74 -8.26 -9.14
CA GLY A 27 -6.17 -9.49 -8.51
C GLY A 27 -5.96 -9.43 -7.00
N ARG A 28 -5.85 -10.61 -6.40
CA ARG A 28 -5.66 -10.71 -4.96
C ARG A 28 -4.36 -11.46 -4.65
N PRO A 29 -3.95 -11.38 -3.37
CA PRO A 29 -2.73 -12.04 -2.93
C PRO A 29 -2.94 -13.56 -2.82
N ASP A 30 -2.10 -14.30 -3.53
CA ASP A 30 -2.19 -15.75 -3.51
C ASP A 30 -1.14 -16.31 -2.56
N ARG A 31 -1.49 -17.40 -1.90
CA ARG A 31 -0.60 -18.04 -0.96
C ARG A 31 0.75 -18.33 -1.63
N GLY A 32 1.60 -19.02 -0.89
CA GLY A 32 2.92 -19.37 -1.39
C GLY A 32 4.02 -18.71 -0.56
N ARG A 33 4.21 -19.25 0.64
CA ARG A 33 5.23 -18.75 1.54
C ARG A 33 4.86 -17.33 2.00
N LEU A 34 4.92 -16.40 1.07
CA LEU A 34 4.58 -15.02 1.36
C LEU A 34 3.94 -14.37 0.13
N GLY A 35 2.63 -14.46 0.07
CA GLY A 35 1.89 -13.89 -1.05
C GLY A 35 1.85 -12.36 -0.95
N PHE A 36 1.09 -11.88 0.03
CA PHE A 36 0.96 -10.45 0.24
C PHE A 36 2.29 -9.74 -0.03
N GLN A 37 3.30 -10.14 0.72
CA GLN A 37 4.62 -9.55 0.58
C GLN A 37 4.98 -9.39 -0.90
N VAL A 38 4.91 -10.50 -1.62
CA VAL A 38 5.21 -10.50 -3.04
C VAL A 38 4.20 -9.62 -3.77
N TRP A 39 2.94 -9.80 -3.39
CA TRP A 39 1.86 -9.04 -4.01
C TRP A 39 2.25 -7.55 -3.98
N LEU A 40 2.88 -7.17 -2.87
CA LEU A 40 3.30 -5.79 -2.71
C LEU A 40 4.83 -5.73 -2.74
N LYS A 41 5.40 -6.45 -3.69
CA LYS A 41 6.85 -6.48 -3.83
C LYS A 41 7.25 -5.70 -5.08
N ASN A 42 6.68 -6.12 -6.21
CA ASN A 42 6.97 -5.47 -7.48
C ASN A 42 6.95 -3.95 -7.29
N GLY A 43 5.98 -3.50 -6.51
CA GLY A 43 5.84 -2.07 -6.25
C GLY A 43 4.83 -1.42 -7.20
N VAL A 44 4.80 -1.96 -8.41
CA VAL A 44 3.89 -1.44 -9.43
C VAL A 44 2.50 -1.23 -8.81
N ILE A 45 2.04 -2.26 -8.12
CA ILE A 45 0.73 -2.21 -7.48
C ILE A 45 0.73 -1.06 -6.45
N LEU A 46 1.83 -0.95 -5.74
CA LEU A 46 1.97 0.09 -4.73
C LEU A 46 1.91 1.46 -5.41
N SER A 47 2.73 1.60 -6.45
CA SER A 47 2.78 2.84 -7.18
C SER A 47 1.40 3.18 -7.76
N LYS A 48 0.71 2.13 -8.19
CA LYS A 48 -0.62 2.30 -8.76
C LYS A 48 -1.57 2.81 -7.68
N LEU A 49 -1.31 2.38 -6.46
CA LEU A 49 -2.13 2.78 -5.32
C LEU A 49 -2.04 4.30 -5.14
N VAL A 50 -0.90 4.72 -4.62
CA VAL A 50 -0.67 6.14 -4.39
C VAL A 50 -1.20 6.94 -5.58
N ASN A 51 -0.83 6.48 -6.77
CA ASN A 51 -1.27 7.15 -7.99
C ASN A 51 -2.79 7.29 -7.97
N SER A 52 -3.46 6.15 -7.87
CA SER A 52 -4.91 6.13 -7.84
C SER A 52 -5.44 7.29 -6.99
N LEU A 53 -4.86 7.40 -5.79
CA LEU A 53 -5.26 8.46 -4.88
C LEU A 53 -5.11 9.82 -5.57
N TYR A 54 -3.88 10.31 -5.59
CA TYR A 54 -3.60 11.59 -6.21
C TYR A 54 -4.41 11.76 -7.50
N PRO A 55 -4.93 13.00 -7.68
CA PRO A 55 -5.72 13.31 -8.86
C PRO A 55 -4.83 13.47 -10.10
N GLU A 56 -5.47 13.80 -11.21
CA GLU A 56 -4.75 13.98 -12.46
C GLU A 56 -3.79 15.17 -12.35
N GLY A 57 -2.59 14.96 -12.88
CA GLY A 57 -1.58 16.00 -12.84
C GLY A 57 -0.85 16.01 -11.50
N SER A 58 -1.38 15.24 -10.56
CA SER A 58 -0.80 15.16 -9.24
C SER A 58 0.02 13.87 -9.11
N LYS A 59 -0.40 12.87 -9.87
CA LYS A 59 0.29 11.58 -9.85
C LYS A 59 1.79 11.80 -9.76
N PRO A 60 2.36 11.45 -8.57
CA PRO A 60 3.78 11.61 -8.33
C PRO A 60 4.58 10.53 -9.08
N VAL A 61 4.25 9.29 -8.77
CA VAL A 61 4.94 8.16 -9.39
C VAL A 61 4.43 8.00 -10.83
N LYS A 62 5.25 7.35 -11.64
CA LYS A 62 4.90 7.13 -13.03
C LYS A 62 4.92 5.62 -13.32
N VAL A 63 3.73 5.03 -13.30
CA VAL A 63 3.61 3.61 -13.56
C VAL A 63 3.93 3.33 -15.03
N PRO A 64 5.06 2.60 -15.24
CA PRO A 64 5.48 2.25 -16.59
C PRO A 64 4.61 1.15 -17.17
N GLU A 65 4.56 1.11 -18.50
CA GLU A 65 3.78 0.10 -19.20
C GLU A 65 4.09 -1.29 -18.64
N ASN A 66 5.36 -1.64 -18.70
CA ASN A 66 5.79 -2.94 -18.20
C ASN A 66 6.38 -2.78 -16.79
N PRO A 67 6.38 -3.92 -16.05
CA PRO A 67 6.90 -3.91 -14.69
C PRO A 67 8.43 -3.85 -14.68
N PRO A 68 9.00 -3.65 -13.46
CA PRO A 68 10.44 -3.57 -13.30
C PRO A 68 11.08 -4.96 -13.41
N SER A 69 10.65 -5.84 -12.51
CA SER A 69 11.17 -7.19 -12.50
C SER A 69 12.54 -7.23 -11.81
N MET A 70 13.46 -6.46 -12.37
CA MET A 70 14.80 -6.39 -11.82
C MET A 70 14.78 -5.89 -10.38
N VAL A 71 15.61 -6.50 -9.55
CA VAL A 71 15.70 -6.12 -8.14
C VAL A 71 15.84 -4.60 -8.05
N PHE A 72 17.02 -4.12 -8.37
CA PHE A 72 17.29 -2.70 -8.32
C PHE A 72 16.08 -1.89 -8.80
N LYS A 73 15.45 -2.40 -9.85
CA LYS A 73 14.29 -1.74 -10.40
C LYS A 73 13.13 -1.82 -9.41
N GLN A 74 12.73 -3.05 -9.12
CA GLN A 74 11.64 -3.27 -8.18
C GLN A 74 11.79 -2.37 -6.95
N MET A 75 12.94 -2.51 -6.30
CA MET A 75 13.23 -1.73 -5.11
C MET A 75 12.88 -0.25 -5.33
N GLU A 76 13.24 0.24 -6.51
CA GLU A 76 12.98 1.62 -6.87
C GLU A 76 11.47 1.86 -6.97
N GLN A 77 10.81 0.97 -7.69
CA GLN A 77 9.37 1.07 -7.88
C GLN A 77 8.69 1.45 -6.56
N VAL A 78 9.01 0.70 -5.53
CA VAL A 78 8.45 0.94 -4.21
C VAL A 78 8.91 2.31 -3.71
N ALA A 79 10.21 2.53 -3.80
CA ALA A 79 10.80 3.78 -3.35
C ALA A 79 9.97 4.95 -3.89
N GLN A 80 9.68 4.87 -5.18
CA GLN A 80 8.89 5.91 -5.83
C GLN A 80 7.60 6.16 -5.05
N PHE A 81 7.00 5.08 -4.60
CA PHE A 81 5.76 5.19 -3.83
C PHE A 81 6.04 5.64 -2.40
N LEU A 82 7.02 5.00 -1.79
CA LEU A 82 7.39 5.33 -0.42
C LEU A 82 7.50 6.84 -0.27
N LYS A 83 8.43 7.42 -1.03
CA LYS A 83 8.64 8.86 -0.99
C LYS A 83 7.30 9.56 -1.22
N ALA A 84 6.53 9.03 -2.14
CA ALA A 84 5.23 9.61 -2.46
C ALA A 84 4.33 9.53 -1.21
N ALA A 85 4.39 8.40 -0.54
CA ALA A 85 3.59 8.20 0.66
C ALA A 85 3.84 9.34 1.63
N GLU A 86 5.11 9.71 1.76
CA GLU A 86 5.49 10.80 2.66
C GLU A 86 4.77 12.08 2.26
N ASP A 87 4.86 12.40 0.98
CA ASP A 87 4.22 13.61 0.46
C ASP A 87 2.78 13.67 0.96
N TYR A 88 2.09 12.55 0.82
CA TYR A 88 0.70 12.46 1.26
C TYR A 88 0.53 13.07 2.65
N GLY A 89 1.56 12.93 3.47
CA GLY A 89 1.53 13.46 4.81
C GLY A 89 1.81 12.36 5.85
N VAL A 90 2.75 11.48 5.49
CA VAL A 90 3.12 10.39 6.36
C VAL A 90 4.48 10.70 7.01
N ILE A 91 4.55 10.43 8.30
CA ILE A 91 5.78 10.67 9.04
C ILE A 91 6.81 9.60 8.68
N LYS A 92 8.04 9.83 9.12
CA LYS A 92 9.12 8.90 8.84
C LYS A 92 9.16 7.83 9.94
N THR A 93 8.16 7.89 10.81
CA THR A 93 8.08 6.94 11.90
C THR A 93 7.02 5.88 11.61
N ASP A 94 6.23 6.14 10.56
CA ASP A 94 5.19 5.21 10.17
C ASP A 94 5.60 4.51 8.87
N MET A 95 6.63 5.06 8.23
CA MET A 95 7.13 4.50 6.99
C MET A 95 7.96 3.25 7.26
N PHE A 96 8.00 2.38 6.27
CA PHE A 96 8.75 1.14 6.38
C PHE A 96 9.95 1.14 5.43
N GLN A 97 10.71 0.06 5.47
CA GLN A 97 11.88 -0.07 4.63
C GLN A 97 11.58 -1.00 3.44
N THR A 98 11.89 -0.50 2.25
CA THR A 98 11.66 -1.26 1.04
C THR A 98 11.93 -2.74 1.27
N VAL A 99 13.05 -3.00 1.95
CA VAL A 99 13.44 -4.37 2.25
C VAL A 99 12.34 -5.05 3.07
N ASP A 100 11.97 -4.38 4.16
CA ASP A 100 10.93 -4.90 5.04
C ASP A 100 9.80 -5.49 4.19
N LEU A 101 9.65 -4.93 3.00
CA LEU A 101 8.61 -5.38 2.09
C LEU A 101 9.23 -6.33 1.06
N TYR A 102 10.15 -5.80 0.29
CA TYR A 102 10.82 -6.59 -0.74
C TYR A 102 11.31 -7.93 -0.16
N GLU A 103 12.07 -7.83 0.91
CA GLU A 103 12.60 -9.02 1.56
C GLU A 103 11.71 -9.41 2.75
N GLY A 104 10.49 -8.90 2.74
CA GLY A 104 9.55 -9.19 3.80
C GLY A 104 10.25 -9.26 5.16
N LYS A 105 11.32 -8.48 5.27
CA LYS A 105 12.09 -8.44 6.51
C LYS A 105 11.15 -8.17 7.68
N ASP A 106 10.22 -7.25 7.45
CA ASP A 106 9.25 -6.88 8.47
C ASP A 106 7.94 -6.45 7.81
N MET A 107 6.99 -7.37 7.79
CA MET A 107 5.70 -7.10 7.20
C MET A 107 4.93 -6.05 8.01
N ALA A 108 5.03 -6.18 9.32
CA ALA A 108 4.36 -5.24 10.22
C ALA A 108 4.58 -3.81 9.73
N ALA A 109 5.85 -3.45 9.63
CA ALA A 109 6.20 -2.11 9.18
C ALA A 109 5.40 -1.77 7.93
N VAL A 110 5.60 -2.58 6.89
CA VAL A 110 4.90 -2.37 5.64
C VAL A 110 3.46 -1.96 5.92
N GLN A 111 2.86 -2.61 6.91
CA GLN A 111 1.49 -2.31 7.29
C GLN A 111 1.43 -0.99 8.05
N ARG A 112 2.29 -0.88 9.04
CA ARG A 112 2.35 0.33 9.85
C ARG A 112 2.28 1.58 8.96
N THR A 113 2.80 1.43 7.75
CA THR A 113 2.81 2.53 6.80
C THR A 113 1.43 2.69 6.18
N LEU A 114 0.99 1.64 5.49
CA LEU A 114 -0.31 1.65 4.84
C LEU A 114 -1.37 2.12 5.84
N MET A 115 -1.30 1.53 7.03
CA MET A 115 -2.25 1.87 8.07
C MET A 115 -2.46 3.38 8.16
N ALA A 116 -1.35 4.11 8.01
CA ALA A 116 -1.39 5.55 8.07
C ALA A 116 -1.86 6.10 6.73
N LEU A 117 -1.18 5.68 5.68
CA LEU A 117 -1.53 6.12 4.34
C LEU A 117 -3.05 6.17 4.20
N GLY A 118 -3.70 5.09 4.63
CA GLY A 118 -5.14 5.00 4.57
C GLY A 118 -5.81 6.17 5.31
N SER A 119 -5.61 6.16 6.62
CA SER A 119 -6.19 7.21 7.45
C SER A 119 -6.00 8.58 6.79
N LEU A 120 -4.78 8.81 6.31
CA LEU A 120 -4.46 10.06 5.66
C LEU A 120 -5.46 10.32 4.54
N ALA A 121 -5.79 9.26 3.81
CA ALA A 121 -6.73 9.36 2.72
C ALA A 121 -8.14 9.56 3.29
N VAL A 122 -8.36 8.96 4.45
CA VAL A 122 -9.66 9.05 5.11
C VAL A 122 -9.84 10.48 5.65
N THR A 123 -8.86 10.92 6.42
CA THR A 123 -8.91 12.25 6.99
C THR A 123 -9.41 13.26 5.97
N LYS A 124 -9.01 13.05 4.72
CA LYS A 124 -9.41 13.92 3.63
C LYS A 124 -10.84 13.60 3.22
N ASN A 125 -11.05 12.34 2.87
CA ASN A 125 -12.37 11.89 2.46
C ASN A 125 -13.02 12.95 1.57
N ASP A 126 -12.25 13.40 0.59
CA ASP A 126 -12.73 14.42 -0.33
C ASP A 126 -13.25 13.75 -1.60
N GLY A 127 -12.40 12.92 -2.18
CA GLY A 127 -12.76 12.20 -3.40
C GLY A 127 -11.54 11.52 -4.02
N ASN A 128 -10.91 10.67 -3.22
CA ASN A 128 -9.74 9.95 -3.67
C ASN A 128 -9.89 8.45 -3.35
N TYR A 129 -10.32 8.19 -2.12
CA TYR A 129 -10.52 6.82 -1.68
C TYR A 129 -11.67 6.16 -2.45
N ARG A 130 -11.33 5.08 -3.13
CA ARG A 130 -12.31 4.34 -3.90
C ARG A 130 -13.30 3.62 -2.98
N GLY A 131 -12.72 2.84 -2.06
CA GLY A 131 -13.53 2.10 -1.11
C GLY A 131 -14.29 3.04 -0.18
N ASP A 132 -14.57 2.54 1.01
CA ASP A 132 -15.29 3.32 2.01
C ASP A 132 -14.29 4.02 2.93
N PRO A 133 -14.71 5.19 3.45
CA PRO A 133 -13.86 5.97 4.34
C PRO A 133 -13.79 5.33 5.73
N ASN A 134 -14.79 4.51 6.03
CA ASN A 134 -14.86 3.83 7.30
C ASN A 134 -14.07 2.51 7.22
N TRP A 135 -12.87 2.62 6.66
CA TRP A 135 -12.01 1.45 6.51
C TRP A 135 -10.78 1.66 7.40
N PHE A 136 -10.30 2.89 7.40
CA PHE A 136 -9.13 3.24 8.19
C PHE A 136 -9.32 4.56 8.91
N MET A 137 -10.12 4.51 9.98
CA MET A 137 -10.39 5.70 10.77
C MET A 137 -9.54 5.74 12.03
N LYS A 138 -8.68 6.73 12.10
CA LYS A 138 -7.80 6.89 13.25
C LYS A 138 -7.18 8.28 13.23
N SER A 139 -7.52 9.07 14.24
CA SER A 139 -7.01 10.42 14.36
C SER A 139 -6.01 10.50 15.51
N GLY A 140 -4.74 10.51 15.13
CA GLY A 140 -3.67 10.59 16.13
C GLY A 140 -3.01 11.97 16.10
N PRO A 141 -1.71 11.98 16.49
CA PRO A 141 -0.94 13.22 16.51
C PRO A 141 -0.58 13.67 15.10
N SER A 142 -1.60 13.84 14.28
CA SER A 142 -1.39 14.27 12.90
C SER A 142 -2.15 15.57 12.63
N SER A 143 -1.40 16.60 12.31
CA SER A 143 -1.99 17.90 12.03
C SER A 143 -3.06 18.22 13.06
N GLY A 144 -2.61 18.80 14.17
CA GLY A 144 -3.52 19.16 15.24
C GLY A 144 -4.48 20.27 14.80
N GLY A 1 -8.01 -24.51 -8.20
CA GLY A 1 -7.59 -24.30 -6.82
C GLY A 1 -8.39 -23.17 -6.17
N SER A 2 -8.52 -23.26 -4.86
CA SER A 2 -9.25 -22.25 -4.11
C SER A 2 -8.75 -22.20 -2.66
N SER A 3 -8.89 -21.03 -2.06
CA SER A 3 -8.46 -20.84 -0.68
C SER A 3 -9.51 -20.07 0.10
N GLY A 4 -9.72 -20.50 1.34
CA GLY A 4 -10.70 -19.87 2.19
C GLY A 4 -10.06 -18.76 3.04
N SER A 5 -9.53 -17.76 2.35
CA SER A 5 -8.88 -16.65 3.02
C SER A 5 -7.75 -17.16 3.91
N SER A 6 -6.86 -16.25 4.26
CA SER A 6 -5.73 -16.59 5.11
C SER A 6 -4.85 -15.36 5.34
N GLY A 7 -4.66 -15.03 6.60
CA GLY A 7 -3.85 -13.88 6.97
C GLY A 7 -4.36 -13.22 8.25
N GLU A 8 -4.16 -11.92 8.33
CA GLU A 8 -4.59 -11.17 9.50
C GLU A 8 -5.68 -10.16 9.11
N GLU A 9 -6.51 -9.83 10.09
CA GLU A 9 -7.59 -8.89 9.85
C GLU A 9 -7.10 -7.71 9.02
N LEU A 10 -6.14 -6.99 9.57
CA LEU A 10 -5.57 -5.83 8.88
C LEU A 10 -5.41 -6.16 7.39
N GLU A 11 -4.54 -7.12 7.13
CA GLU A 11 -4.29 -7.53 5.76
C GLU A 11 -5.59 -7.54 4.95
N GLU A 12 -6.53 -8.35 5.42
CA GLU A 12 -7.82 -8.47 4.76
C GLU A 12 -8.32 -7.10 4.33
N ARG A 13 -8.28 -6.16 5.27
CA ARG A 13 -8.72 -4.80 5.00
C ARG A 13 -7.78 -4.13 3.99
N LEU A 14 -6.51 -4.09 4.35
CA LEU A 14 -5.50 -3.47 3.50
C LEU A 14 -5.77 -3.87 2.04
N VAL A 15 -5.82 -5.18 1.82
CA VAL A 15 -6.07 -5.70 0.49
C VAL A 15 -7.42 -5.18 -0.01
N GLU A 16 -8.42 -5.34 0.83
CA GLU A 16 -9.76 -4.89 0.48
C GLU A 16 -9.73 -3.45 -0.02
N TRP A 17 -8.71 -2.73 0.41
CA TRP A 17 -8.55 -1.34 0.02
C TRP A 17 -7.84 -1.32 -1.34
N ILE A 18 -6.60 -1.78 -1.33
CA ILE A 18 -5.81 -1.81 -2.55
C ILE A 18 -6.69 -2.31 -3.71
N VAL A 19 -7.65 -3.15 -3.35
CA VAL A 19 -8.55 -3.70 -4.34
C VAL A 19 -9.37 -2.57 -4.97
N VAL A 20 -10.05 -1.82 -4.10
CA VAL A 20 -10.86 -0.71 -4.57
C VAL A 20 -9.96 0.38 -5.15
N GLN A 21 -8.88 0.66 -4.44
CA GLN A 21 -7.93 1.67 -4.90
C GLN A 21 -7.41 1.33 -6.29
N CYS A 22 -6.66 0.25 -6.35
CA CYS A 22 -6.09 -0.20 -7.61
C CYS A 22 -7.24 -0.57 -8.55
N GLY A 23 -8.09 -1.45 -8.07
CA GLY A 23 -9.24 -1.90 -8.84
C GLY A 23 -9.13 -3.39 -9.16
N PRO A 24 -10.21 -3.92 -9.81
CA PRO A 24 -10.24 -5.32 -10.18
C PRO A 24 -9.33 -5.61 -11.37
N ASP A 25 -8.07 -5.23 -11.21
CA ASP A 25 -7.08 -5.44 -12.25
C ASP A 25 -5.87 -6.16 -11.67
N VAL A 26 -5.40 -5.66 -10.54
CA VAL A 26 -4.25 -6.25 -9.87
C VAL A 26 -4.63 -7.63 -9.34
N GLY A 27 -5.89 -7.76 -8.95
CA GLY A 27 -6.39 -9.01 -8.42
C GLY A 27 -6.23 -9.06 -6.89
N ARG A 28 -5.88 -10.25 -6.41
CA ARG A 28 -5.70 -10.45 -4.99
C ARG A 28 -4.34 -11.11 -4.72
N PRO A 29 -3.92 -11.07 -3.42
CA PRO A 29 -2.66 -11.66 -3.02
C PRO A 29 -2.75 -13.19 -2.98
N ASP A 30 -1.59 -13.82 -2.97
CA ASP A 30 -1.53 -15.27 -2.93
C ASP A 30 -1.77 -15.75 -1.50
N ARG A 31 -1.78 -17.06 -1.34
CA ARG A 31 -1.99 -17.66 -0.04
C ARG A 31 -0.79 -17.39 0.87
N GLY A 32 -1.00 -17.63 2.16
CA GLY A 32 0.05 -17.42 3.14
C GLY A 32 0.42 -15.94 3.24
N ARG A 33 1.07 -15.60 4.34
CA ARG A 33 1.48 -14.23 4.58
C ARG A 33 2.40 -13.75 3.45
N LEU A 34 3.38 -14.58 3.13
CA LEU A 34 4.32 -14.26 2.07
C LEU A 34 3.56 -13.70 0.87
N GLY A 35 2.44 -14.35 0.57
CA GLY A 35 1.62 -13.93 -0.56
C GLY A 35 1.52 -12.40 -0.63
N PHE A 36 0.80 -11.85 0.33
CA PHE A 36 0.62 -10.41 0.39
C PHE A 36 1.92 -9.68 0.09
N GLN A 37 2.97 -10.07 0.80
CA GLN A 37 4.27 -9.46 0.61
C GLN A 37 4.56 -9.27 -0.88
N VAL A 38 4.66 -10.39 -1.58
CA VAL A 38 4.93 -10.37 -3.01
C VAL A 38 3.94 -9.42 -3.69
N TRP A 39 2.67 -9.58 -3.34
CA TRP A 39 1.62 -8.76 -3.91
C TRP A 39 2.12 -7.31 -3.93
N LEU A 40 2.70 -6.90 -2.81
CA LEU A 40 3.21 -5.55 -2.69
C LEU A 40 4.74 -5.60 -2.61
N LYS A 41 5.33 -6.28 -3.58
CA LYS A 41 6.78 -6.40 -3.62
C LYS A 41 7.33 -5.53 -4.75
N ASN A 42 6.98 -5.90 -5.97
CA ASN A 42 7.43 -5.16 -7.13
C ASN A 42 7.35 -3.66 -6.85
N GLY A 43 6.18 -3.25 -6.35
CA GLY A 43 5.96 -1.85 -6.03
C GLY A 43 4.96 -1.21 -6.99
N VAL A 44 4.81 -1.86 -8.14
CA VAL A 44 3.89 -1.37 -9.15
C VAL A 44 2.51 -1.15 -8.52
N ILE A 45 2.05 -2.17 -7.81
CA ILE A 45 0.76 -2.11 -7.14
C ILE A 45 0.77 -0.96 -6.14
N LEU A 46 1.91 -0.79 -5.48
CA LEU A 46 2.06 0.26 -4.49
C LEU A 46 1.96 1.62 -5.19
N SER A 47 2.66 1.73 -6.31
CA SER A 47 2.67 2.96 -7.07
C SER A 47 1.26 3.25 -7.60
N LYS A 48 0.61 2.20 -8.06
CA LYS A 48 -0.74 2.32 -8.60
C LYS A 48 -1.68 2.82 -7.50
N LEU A 49 -1.38 2.42 -6.28
CA LEU A 49 -2.18 2.81 -5.13
C LEU A 49 -2.15 4.35 -5.01
N VAL A 50 -1.02 4.85 -4.55
CA VAL A 50 -0.86 6.28 -4.37
C VAL A 50 -1.44 7.00 -5.58
N ASN A 51 -1.13 6.49 -6.75
CA ASN A 51 -1.61 7.07 -7.99
C ASN A 51 -3.13 7.27 -7.90
N SER A 52 -3.83 6.16 -7.70
CA SER A 52 -5.27 6.18 -7.59
C SER A 52 -5.72 7.42 -6.81
N LEU A 53 -5.04 7.64 -5.69
CA LEU A 53 -5.35 8.78 -4.84
C LEU A 53 -5.16 10.07 -5.64
N TYR A 54 -3.91 10.51 -5.70
CA TYR A 54 -3.58 11.72 -6.44
C TYR A 54 -4.42 11.85 -7.71
N PRO A 55 -4.68 13.12 -8.09
CA PRO A 55 -5.48 13.39 -9.28
C PRO A 55 -4.67 13.14 -10.55
N GLU A 56 -5.27 13.50 -11.68
CA GLU A 56 -4.60 13.31 -12.96
C GLU A 56 -3.63 14.45 -13.24
N GLY A 57 -3.92 15.60 -12.62
CA GLY A 57 -3.07 16.77 -12.79
C GLY A 57 -1.91 16.75 -11.79
N SER A 58 -1.67 15.57 -11.24
CA SER A 58 -0.59 15.40 -10.27
C SER A 58 0.30 14.23 -10.68
N LYS A 59 -0.24 13.03 -10.54
CA LYS A 59 0.50 11.84 -10.89
C LYS A 59 1.95 11.97 -10.42
N PRO A 60 2.18 11.53 -9.15
CA PRO A 60 3.51 11.60 -8.56
C PRO A 60 4.42 10.52 -9.15
N VAL A 61 4.02 9.27 -8.94
CA VAL A 61 4.79 8.15 -9.44
C VAL A 61 4.41 7.88 -10.90
N LYS A 62 5.32 7.22 -11.61
CA LYS A 62 5.08 6.89 -13.00
C LYS A 62 4.79 5.39 -13.13
N VAL A 63 3.52 5.09 -13.41
CA VAL A 63 3.10 3.71 -13.56
C VAL A 63 3.45 3.23 -14.96
N PRO A 64 4.38 2.24 -15.01
CA PRO A 64 4.82 1.68 -16.28
C PRO A 64 3.76 0.75 -16.86
N GLU A 65 4.12 0.09 -17.95
CA GLU A 65 3.21 -0.84 -18.61
C GLU A 65 3.13 -2.15 -17.83
N ASN A 66 4.29 -2.75 -17.64
CA ASN A 66 4.38 -4.01 -16.91
C ASN A 66 5.44 -3.91 -15.82
N PRO A 67 5.26 -4.72 -14.75
CA PRO A 67 6.20 -4.73 -13.64
C PRO A 67 7.49 -5.46 -14.02
N PRO A 68 8.64 -4.85 -13.63
CA PRO A 68 9.94 -5.43 -13.92
C PRO A 68 10.21 -6.62 -13.00
N SER A 69 11.41 -7.19 -13.17
CA SER A 69 11.80 -8.32 -12.36
C SER A 69 13.08 -7.99 -11.58
N MET A 70 13.98 -7.29 -12.25
CA MET A 70 15.24 -6.91 -11.64
C MET A 70 15.01 -6.41 -10.20
N VAL A 71 16.11 -6.35 -9.46
CA VAL A 71 16.04 -5.89 -8.08
C VAL A 71 16.07 -4.37 -8.06
N PHE A 72 17.17 -3.81 -8.52
CA PHE A 72 17.33 -2.36 -8.56
C PHE A 72 16.01 -1.68 -8.94
N LYS A 73 15.41 -2.19 -10.01
CA LYS A 73 14.16 -1.64 -10.49
C LYS A 73 13.09 -1.77 -9.39
N GLN A 74 12.77 -3.02 -9.09
CA GLN A 74 11.76 -3.30 -8.07
C GLN A 74 11.99 -2.40 -6.84
N MET A 75 13.19 -2.51 -6.29
CA MET A 75 13.56 -1.72 -5.12
C MET A 75 13.22 -0.24 -5.34
N GLU A 76 13.70 0.28 -6.45
CA GLU A 76 13.45 1.68 -6.78
C GLU A 76 11.96 1.94 -6.89
N GLN A 77 11.31 1.15 -7.74
CA GLN A 77 9.87 1.30 -7.95
C GLN A 77 9.16 1.58 -6.62
N VAL A 78 9.53 0.80 -5.61
CA VAL A 78 8.95 0.96 -4.29
C VAL A 78 9.35 2.32 -3.72
N ALA A 79 10.66 2.53 -3.62
CA ALA A 79 11.18 3.77 -3.10
C ALA A 79 10.36 4.93 -3.63
N GLN A 80 10.11 4.90 -4.94
CA GLN A 80 9.34 5.94 -5.59
C GLN A 80 8.01 6.15 -4.86
N PHE A 81 7.36 5.04 -4.55
CA PHE A 81 6.09 5.08 -3.85
C PHE A 81 6.27 5.53 -2.41
N LEU A 82 7.25 4.92 -1.75
CA LEU A 82 7.54 5.24 -0.36
C LEU A 82 7.57 6.75 -0.19
N LYS A 83 8.38 7.40 -1.02
CA LYS A 83 8.50 8.84 -0.97
C LYS A 83 7.13 9.48 -1.21
N ALA A 84 6.41 8.90 -2.16
CA ALA A 84 5.08 9.40 -2.49
C ALA A 84 4.17 9.27 -1.27
N ALA A 85 4.31 8.15 -0.59
CA ALA A 85 3.51 7.89 0.59
C ALA A 85 3.72 9.00 1.61
N GLU A 86 4.99 9.22 1.94
CA GLU A 86 5.36 10.25 2.89
C GLU A 86 4.80 11.62 2.45
N ASP A 87 4.80 11.80 1.13
CA ASP A 87 4.32 13.05 0.57
C ASP A 87 2.85 13.25 0.97
N TYR A 88 2.08 12.19 0.83
CA TYR A 88 0.67 12.24 1.17
C TYR A 88 0.47 12.83 2.57
N GLY A 89 1.13 12.22 3.54
CA GLY A 89 1.04 12.67 4.92
C GLY A 89 1.27 11.52 5.89
N VAL A 90 2.28 10.72 5.58
CA VAL A 90 2.62 9.57 6.41
C VAL A 90 3.76 9.96 7.36
N ILE A 91 3.59 9.57 8.61
CA ILE A 91 4.60 9.87 9.62
C ILE A 91 5.94 9.26 9.20
N LYS A 92 6.96 9.57 9.98
CA LYS A 92 8.29 9.06 9.71
C LYS A 92 8.50 7.75 10.47
N THR A 93 7.55 7.46 11.36
CA THR A 93 7.62 6.25 12.16
C THR A 93 6.76 5.15 11.53
N ASP A 94 6.20 5.48 10.37
CA ASP A 94 5.34 4.54 9.65
C ASP A 94 6.09 4.03 8.41
N MET A 95 7.06 4.82 7.98
CA MET A 95 7.84 4.46 6.81
C MET A 95 8.74 3.26 7.09
N PHE A 96 8.66 2.27 6.20
CA PHE A 96 9.46 1.07 6.36
C PHE A 96 10.58 1.03 5.33
N GLN A 97 11.37 -0.03 5.40
CA GLN A 97 12.50 -0.20 4.50
C GLN A 97 12.09 -1.07 3.31
N THR A 98 12.46 -0.62 2.11
CA THR A 98 12.14 -1.34 0.90
C THR A 98 12.28 -2.85 1.13
N VAL A 99 13.36 -3.21 1.82
CA VAL A 99 13.62 -4.61 2.11
C VAL A 99 12.49 -5.17 2.98
N ASP A 100 12.23 -4.47 4.07
CA ASP A 100 11.17 -4.88 4.99
C ASP A 100 9.99 -5.44 4.19
N LEU A 101 9.81 -4.88 3.00
CA LEU A 101 8.73 -5.31 2.13
C LEU A 101 9.28 -6.24 1.05
N TYR A 102 10.13 -5.67 0.20
CA TYR A 102 10.74 -6.45 -0.88
C TYR A 102 11.17 -7.82 -0.39
N GLU A 103 11.88 -7.82 0.74
CA GLU A 103 12.38 -9.06 1.31
C GLU A 103 11.54 -9.43 2.54
N GLY A 104 10.32 -8.91 2.57
CA GLY A 104 9.42 -9.18 3.69
C GLY A 104 10.20 -9.28 5.01
N LYS A 105 11.24 -8.48 5.10
CA LYS A 105 12.06 -8.47 6.30
C LYS A 105 11.18 -8.16 7.52
N ASP A 106 10.32 -7.17 7.35
CA ASP A 106 9.42 -6.77 8.43
C ASP A 106 8.07 -6.37 7.83
N MET A 107 7.14 -7.31 7.85
CA MET A 107 5.81 -7.06 7.33
C MET A 107 5.05 -6.07 8.20
N ALA A 108 5.24 -6.20 9.50
CA ALA A 108 4.58 -5.32 10.45
C ALA A 108 4.77 -3.87 10.01
N ALA A 109 5.97 -3.58 9.55
CA ALA A 109 6.29 -2.23 9.10
C ALA A 109 5.50 -1.93 7.83
N VAL A 110 5.66 -2.81 6.85
CA VAL A 110 4.97 -2.64 5.58
C VAL A 110 3.55 -2.14 5.84
N GLN A 111 2.98 -2.59 6.95
CA GLN A 111 1.64 -2.19 7.32
C GLN A 111 1.64 -0.76 7.85
N ARG A 112 2.51 -0.52 8.83
CA ARG A 112 2.62 0.80 9.43
C ARG A 112 2.51 1.88 8.36
N THR A 113 3.05 1.57 7.20
CA THR A 113 3.03 2.51 6.08
C THR A 113 1.61 2.62 5.52
N LEU A 114 1.13 1.50 4.99
CA LEU A 114 -0.20 1.45 4.40
C LEU A 114 -1.20 2.00 5.42
N MET A 115 -1.10 1.52 6.64
CA MET A 115 -1.98 1.94 7.70
C MET A 115 -2.13 3.47 7.71
N ALA A 116 -1.09 4.13 7.25
CA ALA A 116 -1.09 5.59 7.20
C ALA A 116 -1.75 6.05 5.90
N LEU A 117 -1.24 5.54 4.78
CA LEU A 117 -1.76 5.89 3.48
C LEU A 117 -3.29 5.80 3.51
N GLY A 118 -3.77 4.59 3.81
CA GLY A 118 -5.20 4.36 3.87
C GLY A 118 -5.90 5.42 4.71
N SER A 119 -5.60 5.39 6.00
CA SER A 119 -6.19 6.35 6.93
C SER A 119 -6.16 7.76 6.32
N LEU A 120 -5.01 8.09 5.75
CA LEU A 120 -4.84 9.39 5.12
C LEU A 120 -5.96 9.62 4.11
N ALA A 121 -6.19 8.61 3.29
CA ALA A 121 -7.23 8.69 2.28
C ALA A 121 -8.60 8.80 2.97
N VAL A 122 -8.74 8.05 4.05
CA VAL A 122 -9.99 8.05 4.79
C VAL A 122 -10.21 9.44 5.40
N THR A 123 -9.17 9.94 6.06
CA THR A 123 -9.25 11.25 6.69
C THR A 123 -9.83 12.28 5.70
N LYS A 124 -9.17 12.37 4.56
CA LYS A 124 -9.60 13.31 3.53
C LYS A 124 -11.11 13.17 3.32
N ASN A 125 -11.51 11.96 2.97
CA ASN A 125 -12.92 11.67 2.73
C ASN A 125 -13.55 12.85 1.98
N ASP A 126 -13.11 13.03 0.75
CA ASP A 126 -13.62 14.10 -0.09
C ASP A 126 -14.04 13.54 -1.45
N GLY A 127 -13.16 12.71 -2.00
CA GLY A 127 -13.42 12.10 -3.30
C GLY A 127 -12.12 11.87 -4.06
N ASN A 128 -11.37 10.87 -3.62
CA ASN A 128 -10.11 10.54 -4.26
C ASN A 128 -10.02 9.02 -4.46
N TYR A 129 -10.02 8.32 -3.33
CA TYR A 129 -9.94 6.87 -3.38
C TYR A 129 -11.31 6.25 -3.64
N ARG A 130 -11.39 4.95 -3.42
CA ARG A 130 -12.63 4.22 -3.63
C ARG A 130 -12.88 3.25 -2.49
N GLY A 131 -12.35 3.59 -1.33
CA GLY A 131 -12.50 2.74 -0.15
C GLY A 131 -13.30 3.46 0.93
N ASP A 132 -14.14 2.69 1.61
CA ASP A 132 -14.97 3.24 2.67
C ASP A 132 -14.07 3.95 3.69
N PRO A 133 -14.67 4.97 4.36
CA PRO A 133 -13.95 5.73 5.37
C PRO A 133 -13.78 4.93 6.65
N ASN A 134 -14.75 4.07 6.89
CA ASN A 134 -14.72 3.24 8.09
C ASN A 134 -13.86 1.99 7.83
N TRP A 135 -12.67 2.23 7.31
CA TRP A 135 -11.75 1.16 7.01
C TRP A 135 -10.49 1.35 7.86
N PHE A 136 -10.02 2.60 7.88
CA PHE A 136 -8.83 2.94 8.64
C PHE A 136 -9.00 4.27 9.36
N MET A 137 -9.76 4.23 10.45
CA MET A 137 -10.01 5.42 11.24
C MET A 137 -9.01 5.54 12.40
N LYS A 138 -8.65 6.77 12.70
CA LYS A 138 -7.71 7.03 13.77
C LYS A 138 -8.06 8.36 14.44
N SER A 139 -7.71 8.46 15.72
CA SER A 139 -7.97 9.66 16.48
C SER A 139 -6.67 10.24 17.01
N GLY A 140 -5.98 9.45 17.82
CA GLY A 140 -4.72 9.88 18.40
C GLY A 140 -4.22 8.86 19.43
N PRO A 141 -3.24 9.30 20.26
CA PRO A 141 -2.67 8.44 21.29
C PRO A 141 -3.64 8.29 22.46
N SER A 142 -4.60 7.39 22.28
CA SER A 142 -5.57 7.12 23.31
C SER A 142 -4.88 6.86 24.65
N SER A 143 -4.03 5.84 24.64
CA SER A 143 -3.29 5.47 25.84
C SER A 143 -2.28 4.37 25.52
N GLY A 144 -2.81 3.27 25.01
CA GLY A 144 -1.97 2.13 24.66
C GLY A 144 -1.13 1.67 25.86
N GLY A 1 10.11 -13.82 8.67
CA GLY A 1 9.57 -14.83 9.56
C GLY A 1 9.81 -16.24 9.01
N SER A 2 8.84 -17.11 9.22
CA SER A 2 8.93 -18.47 8.76
C SER A 2 7.56 -18.97 8.30
N SER A 3 6.62 -18.94 9.24
CA SER A 3 5.26 -19.38 8.94
C SER A 3 4.30 -18.19 8.98
N GLY A 4 4.16 -17.55 7.84
CA GLY A 4 3.28 -16.40 7.73
C GLY A 4 2.21 -16.62 6.65
N SER A 5 1.37 -17.61 6.87
CA SER A 5 0.32 -17.93 5.93
C SER A 5 -1.05 -17.69 6.58
N SER A 6 -1.53 -16.46 6.44
CA SER A 6 -2.82 -16.09 7.00
C SER A 6 -3.17 -14.65 6.60
N GLY A 7 -4.46 -14.42 6.42
CA GLY A 7 -4.94 -13.11 6.03
C GLY A 7 -5.39 -12.31 7.26
N GLU A 8 -4.41 -11.88 8.04
CA GLU A 8 -4.68 -11.10 9.23
C GLU A 8 -5.72 -10.02 8.94
N GLU A 9 -6.55 -9.75 9.93
CA GLU A 9 -7.58 -8.74 9.79
C GLU A 9 -7.04 -7.52 9.03
N LEU A 10 -5.96 -6.96 9.55
CA LEU A 10 -5.34 -5.81 8.93
C LEU A 10 -5.14 -6.07 7.44
N GLU A 11 -4.25 -7.01 7.14
CA GLU A 11 -3.96 -7.37 5.77
C GLU A 11 -5.25 -7.40 4.94
N GLU A 12 -6.19 -8.22 5.40
CA GLU A 12 -7.47 -8.33 4.72
C GLU A 12 -7.94 -6.97 4.22
N ARG A 13 -7.90 -6.00 5.13
CA ARG A 13 -8.32 -4.65 4.80
C ARG A 13 -7.34 -4.01 3.80
N LEU A 14 -6.08 -3.98 4.20
CA LEU A 14 -5.04 -3.42 3.35
C LEU A 14 -5.29 -3.82 1.90
N VAL A 15 -5.44 -5.13 1.70
CA VAL A 15 -5.69 -5.66 0.37
C VAL A 15 -7.05 -5.17 -0.13
N GLU A 16 -8.09 -5.57 0.61
CA GLU A 16 -9.44 -5.18 0.26
C GLU A 16 -9.47 -3.74 -0.25
N TRP A 17 -8.58 -2.94 0.30
CA TRP A 17 -8.49 -1.53 -0.08
C TRP A 17 -7.79 -1.47 -1.45
N ILE A 18 -6.50 -1.75 -1.43
CA ILE A 18 -5.71 -1.73 -2.65
C ILE A 18 -6.52 -2.37 -3.79
N VAL A 19 -7.39 -3.28 -3.40
CA VAL A 19 -8.23 -3.98 -4.37
C VAL A 19 -9.11 -2.97 -5.09
N VAL A 20 -9.84 -2.19 -4.29
CA VAL A 20 -10.73 -1.19 -4.84
C VAL A 20 -9.91 -0.11 -5.54
N GLN A 21 -8.91 0.39 -4.83
CA GLN A 21 -8.04 1.42 -5.37
C GLN A 21 -7.49 1.00 -6.74
N CYS A 22 -6.68 -0.05 -6.71
CA CYS A 22 -6.08 -0.56 -7.94
C CYS A 22 -7.21 -1.03 -8.86
N GLY A 23 -8.06 -1.89 -8.32
CA GLY A 23 -9.18 -2.42 -9.07
C GLY A 23 -8.98 -3.90 -9.39
N PRO A 24 -10.01 -4.49 -10.07
CA PRO A 24 -9.94 -5.89 -10.44
C PRO A 24 -8.99 -6.11 -11.62
N ASP A 25 -7.77 -5.64 -11.44
CA ASP A 25 -6.76 -5.78 -12.47
C ASP A 25 -5.50 -6.40 -11.87
N VAL A 26 -5.10 -5.87 -10.73
CA VAL A 26 -3.92 -6.38 -10.05
C VAL A 26 -4.21 -7.78 -9.50
N GLY A 27 -5.46 -7.98 -9.13
CA GLY A 27 -5.88 -9.26 -8.58
C GLY A 27 -5.87 -9.24 -7.05
N ARG A 28 -5.22 -10.25 -6.48
CA ARG A 28 -5.14 -10.36 -5.03
C ARG A 28 -4.02 -11.33 -4.65
N PRO A 29 -3.70 -11.33 -3.32
CA PRO A 29 -2.65 -12.20 -2.81
C PRO A 29 -3.14 -13.65 -2.72
N ASP A 30 -2.25 -14.56 -3.09
CA ASP A 30 -2.57 -15.98 -3.07
C ASP A 30 -1.80 -16.65 -1.92
N ARG A 31 -2.25 -17.84 -1.58
CA ARG A 31 -1.62 -18.60 -0.51
C ARG A 31 -0.14 -18.83 -0.84
N GLY A 32 0.55 -19.46 0.11
CA GLY A 32 1.96 -19.75 -0.06
C GLY A 32 2.78 -19.19 1.11
N ARG A 33 4.10 -19.25 0.95
CA ARG A 33 5.00 -18.74 1.97
C ARG A 33 4.60 -17.33 2.39
N LEU A 34 4.70 -16.41 1.44
CA LEU A 34 4.37 -15.02 1.69
C LEU A 34 3.77 -14.42 0.43
N GLY A 35 2.45 -14.54 0.31
CA GLY A 35 1.74 -14.00 -0.84
C GLY A 35 1.66 -12.48 -0.78
N PHE A 36 1.00 -12.01 0.28
CA PHE A 36 0.83 -10.57 0.47
C PHE A 36 2.13 -9.82 0.16
N GLN A 37 3.16 -10.16 0.90
CA GLN A 37 4.46 -9.54 0.71
C GLN A 37 4.81 -9.47 -0.77
N VAL A 38 4.67 -10.60 -1.43
CA VAL A 38 4.96 -10.68 -2.85
C VAL A 38 4.00 -9.78 -3.62
N TRP A 39 2.74 -9.83 -3.22
CA TRP A 39 1.72 -9.02 -3.86
C TRP A 39 2.19 -7.56 -3.85
N LEU A 40 2.71 -7.16 -2.70
CA LEU A 40 3.20 -5.80 -2.54
C LEU A 40 4.74 -5.82 -2.53
N LYS A 41 5.30 -6.61 -3.43
CA LYS A 41 6.74 -6.72 -3.53
C LYS A 41 7.23 -5.95 -4.75
N ASN A 42 6.70 -6.32 -5.90
CA ASN A 42 7.06 -5.68 -7.15
C ASN A 42 7.19 -4.17 -6.91
N GLY A 43 6.12 -3.59 -6.38
CA GLY A 43 6.10 -2.17 -6.09
C GLY A 43 5.17 -1.44 -7.07
N VAL A 44 5.11 -1.96 -8.28
CA VAL A 44 4.27 -1.37 -9.32
C VAL A 44 2.87 -1.13 -8.75
N ILE A 45 2.36 -2.14 -8.06
CA ILE A 45 1.03 -2.05 -7.47
C ILE A 45 1.00 -0.90 -6.47
N LEU A 46 2.00 -0.88 -5.60
CA LEU A 46 2.10 0.16 -4.59
C LEU A 46 2.04 1.53 -5.27
N SER A 47 2.85 1.67 -6.31
CA SER A 47 2.90 2.92 -7.04
C SER A 47 1.52 3.23 -7.64
N LYS A 48 0.88 2.18 -8.14
CA LYS A 48 -0.43 2.33 -8.74
C LYS A 48 -1.42 2.83 -7.68
N LEU A 49 -1.21 2.36 -6.46
CA LEU A 49 -2.07 2.75 -5.35
C LEU A 49 -2.04 4.27 -5.20
N VAL A 50 -0.93 4.75 -4.66
CA VAL A 50 -0.76 6.19 -4.45
C VAL A 50 -1.21 6.93 -5.71
N ASN A 51 -0.76 6.44 -6.85
CA ASN A 51 -1.11 7.05 -8.13
C ASN A 51 -2.63 7.09 -8.26
N SER A 52 -3.24 5.93 -8.08
CA SER A 52 -4.68 5.82 -8.19
C SER A 52 -5.36 6.89 -7.32
N LEU A 53 -4.96 6.92 -6.06
CA LEU A 53 -5.50 7.88 -5.12
C LEU A 53 -5.43 9.28 -5.73
N TYR A 54 -4.24 9.87 -5.65
CA TYR A 54 -4.02 11.20 -6.19
C TYR A 54 -4.83 11.40 -7.48
N PRO A 55 -5.28 12.67 -7.67
CA PRO A 55 -6.05 13.01 -8.85
C PRO A 55 -5.16 13.12 -10.08
N GLU A 56 -5.80 13.20 -11.24
CA GLU A 56 -5.07 13.31 -12.49
C GLU A 56 -4.16 14.54 -12.47
N GLY A 57 -2.92 14.33 -12.90
CA GLY A 57 -1.94 15.39 -12.93
C GLY A 57 -1.17 15.47 -11.62
N SER A 58 -1.74 14.88 -10.59
CA SER A 58 -1.12 14.88 -9.28
C SER A 58 -0.21 13.65 -9.14
N LYS A 59 -0.38 12.72 -10.06
CA LYS A 59 0.42 11.50 -10.06
C LYS A 59 1.86 11.84 -9.70
N PRO A 60 2.21 11.58 -8.41
CA PRO A 60 3.55 11.86 -7.93
C PRO A 60 4.55 10.82 -8.44
N VAL A 61 4.12 9.56 -8.40
CA VAL A 61 4.96 8.47 -8.85
C VAL A 61 4.64 8.17 -10.32
N LYS A 62 5.65 7.64 -11.01
CA LYS A 62 5.48 7.31 -12.42
C LYS A 62 5.61 5.79 -12.59
N VAL A 63 4.46 5.15 -12.74
CA VAL A 63 4.44 3.71 -12.92
C VAL A 63 4.09 3.39 -14.38
N PRO A 64 4.98 2.57 -15.01
CA PRO A 64 4.79 2.19 -16.40
C PRO A 64 3.69 1.13 -16.52
N GLU A 65 3.06 0.84 -15.39
CA GLU A 65 1.99 -0.15 -15.36
C GLU A 65 2.57 -1.56 -15.34
N ASN A 66 3.11 -1.95 -16.49
CA ASN A 66 3.69 -3.28 -16.62
C ASN A 66 5.02 -3.32 -15.87
N PRO A 67 5.19 -4.40 -15.05
CA PRO A 67 6.41 -4.57 -14.28
C PRO A 67 7.57 -5.01 -15.16
N PRO A 68 8.79 -4.52 -14.81
CA PRO A 68 9.98 -4.85 -15.56
C PRO A 68 10.44 -6.29 -15.27
N SER A 69 11.27 -6.40 -14.24
CA SER A 69 11.79 -7.70 -13.84
C SER A 69 12.93 -7.52 -12.85
N MET A 70 13.95 -6.80 -13.31
CA MET A 70 15.11 -6.56 -12.48
C MET A 70 14.71 -6.23 -11.04
N VAL A 71 15.64 -6.45 -10.12
CA VAL A 71 15.38 -6.19 -8.71
C VAL A 71 15.54 -4.69 -8.44
N PHE A 72 16.68 -4.17 -8.85
CA PHE A 72 16.96 -2.75 -8.66
C PHE A 72 15.75 -1.90 -9.05
N LYS A 73 15.28 -2.12 -10.27
CA LYS A 73 14.14 -1.37 -10.78
C LYS A 73 12.96 -1.54 -9.82
N GLN A 74 12.47 -2.77 -9.75
CA GLN A 74 11.35 -3.07 -8.88
C GLN A 74 11.49 -2.34 -7.55
N MET A 75 12.66 -2.51 -6.94
CA MET A 75 12.94 -1.88 -5.66
C MET A 75 12.64 -0.38 -5.72
N GLU A 76 13.25 0.29 -6.69
CA GLU A 76 13.06 1.71 -6.86
C GLU A 76 11.57 2.05 -6.85
N GLN A 77 10.82 1.28 -7.64
CA GLN A 77 9.38 1.49 -7.73
C GLN A 77 8.79 1.78 -6.34
N VAL A 78 9.11 0.89 -5.42
CA VAL A 78 8.62 1.03 -4.05
C VAL A 78 9.09 2.37 -3.48
N ALA A 79 10.39 2.60 -3.60
CA ALA A 79 10.98 3.84 -3.09
C ALA A 79 10.19 5.02 -3.65
N GLN A 80 9.99 5.02 -4.96
CA GLN A 80 9.25 6.08 -5.61
C GLN A 80 7.93 6.34 -4.88
N PHE A 81 7.30 5.26 -4.48
CA PHE A 81 6.03 5.35 -3.77
C PHE A 81 6.23 5.80 -2.32
N LEU A 82 7.22 5.19 -1.68
CA LEU A 82 7.54 5.52 -0.31
C LEU A 82 7.67 7.04 -0.17
N LYS A 83 8.51 7.60 -1.02
CA LYS A 83 8.74 9.04 -1.00
C LYS A 83 7.42 9.77 -1.26
N ALA A 84 6.57 9.13 -2.05
CA ALA A 84 5.29 9.69 -2.40
C ALA A 84 4.36 9.61 -1.17
N ALA A 85 4.47 8.50 -0.46
CA ALA A 85 3.67 8.29 0.73
C ALA A 85 3.85 9.47 1.68
N GLU A 86 5.05 9.56 2.25
CA GLU A 86 5.36 10.62 3.18
C GLU A 86 4.64 11.92 2.76
N ASP A 87 4.77 12.24 1.48
CA ASP A 87 4.14 13.44 0.95
C ASP A 87 2.68 13.47 1.36
N TYR A 88 1.96 12.41 1.00
CA TYR A 88 0.55 12.30 1.33
C TYR A 88 0.28 12.80 2.76
N GLY A 89 1.23 12.50 3.63
CA GLY A 89 1.10 12.90 5.02
C GLY A 89 1.77 11.88 5.95
N VAL A 90 1.98 10.68 5.41
CA VAL A 90 2.60 9.62 6.18
C VAL A 90 3.80 10.18 6.95
N ILE A 91 4.12 9.51 8.05
CA ILE A 91 5.23 9.93 8.87
C ILE A 91 6.43 9.00 8.62
N LYS A 92 7.44 9.15 9.46
CA LYS A 92 8.64 8.34 9.33
C LYS A 92 8.58 7.19 10.35
N THR A 93 7.60 7.29 11.23
CA THR A 93 7.42 6.27 12.26
C THR A 93 6.62 5.10 11.71
N ASP A 94 5.89 5.36 10.63
CA ASP A 94 5.08 4.33 10.00
C ASP A 94 5.79 3.84 8.74
N MET A 95 6.80 4.59 8.33
CA MET A 95 7.56 4.24 7.15
C MET A 95 8.37 2.95 7.37
N PHE A 96 8.49 2.17 6.31
CA PHE A 96 9.23 0.92 6.38
C PHE A 96 10.36 0.90 5.36
N GLN A 97 11.14 -0.17 5.41
CA GLN A 97 12.27 -0.33 4.50
C GLN A 97 11.87 -1.21 3.31
N THR A 98 12.30 -0.79 2.14
CA THR A 98 12.00 -1.52 0.92
C THR A 98 12.16 -3.02 1.14
N VAL A 99 13.18 -3.36 1.93
CA VAL A 99 13.46 -4.75 2.23
C VAL A 99 12.34 -5.32 3.11
N ASP A 100 11.99 -4.55 4.13
CA ASP A 100 10.95 -4.96 5.04
C ASP A 100 9.77 -5.51 4.25
N LEU A 101 9.64 -5.03 3.02
CA LEU A 101 8.57 -5.47 2.15
C LEU A 101 9.12 -6.42 1.10
N TYR A 102 10.01 -5.88 0.27
CA TYR A 102 10.62 -6.67 -0.79
C TYR A 102 11.20 -7.98 -0.23
N GLU A 103 12.08 -7.84 0.74
CA GLU A 103 12.70 -8.99 1.37
C GLU A 103 11.83 -9.51 2.51
N GLY A 104 10.62 -8.97 2.58
CA GLY A 104 9.68 -9.37 3.62
C GLY A 104 10.41 -9.61 4.95
N LYS A 105 11.26 -8.66 5.29
CA LYS A 105 12.02 -8.74 6.53
C LYS A 105 11.09 -8.48 7.71
N ASP A 106 10.25 -7.48 7.54
CA ASP A 106 9.31 -7.12 8.59
C ASP A 106 8.04 -6.52 7.95
N MET A 107 6.97 -7.28 8.00
CA MET A 107 5.71 -6.85 7.44
C MET A 107 4.94 -5.96 8.41
N ALA A 108 5.06 -6.29 9.68
CA ALA A 108 4.40 -5.53 10.73
C ALA A 108 4.55 -4.03 10.44
N ALA A 109 5.69 -3.68 9.86
CA ALA A 109 5.97 -2.30 9.53
C ALA A 109 5.31 -1.96 8.19
N VAL A 110 5.55 -2.82 7.21
CA VAL A 110 4.97 -2.62 5.89
C VAL A 110 3.53 -2.17 6.02
N GLN A 111 2.89 -2.64 7.09
CA GLN A 111 1.50 -2.29 7.34
C GLN A 111 1.40 -0.87 7.89
N ARG A 112 2.17 -0.62 8.95
CA ARG A 112 2.18 0.68 9.58
C ARG A 112 2.11 1.78 8.52
N THR A 113 2.74 1.51 7.38
CA THR A 113 2.76 2.46 6.29
C THR A 113 1.37 2.59 5.68
N LEU A 114 0.83 1.46 5.25
CA LEU A 114 -0.49 1.43 4.65
C LEU A 114 -1.52 1.99 5.64
N MET A 115 -1.48 1.44 6.85
CA MET A 115 -2.39 1.87 7.90
C MET A 115 -2.48 3.40 7.95
N ALA A 116 -1.35 4.03 7.65
CA ALA A 116 -1.29 5.48 7.67
C ALA A 116 -1.88 6.04 6.38
N LEU A 117 -1.38 5.51 5.26
CA LEU A 117 -1.86 5.95 3.96
C LEU A 117 -3.39 5.96 3.96
N GLY A 118 -3.96 4.78 4.16
CA GLY A 118 -5.41 4.64 4.18
C GLY A 118 -6.05 5.75 5.02
N SER A 119 -5.79 5.69 6.31
CA SER A 119 -6.33 6.67 7.23
C SER A 119 -6.17 8.08 6.64
N LEU A 120 -4.99 8.34 6.15
CA LEU A 120 -4.69 9.64 5.56
C LEU A 120 -5.72 9.95 4.47
N ALA A 121 -5.98 8.94 3.64
CA ALA A 121 -6.94 9.08 2.56
C ALA A 121 -8.34 9.27 3.14
N VAL A 122 -8.58 8.56 4.24
CA VAL A 122 -9.87 8.64 4.90
C VAL A 122 -10.03 10.02 5.54
N THR A 123 -8.95 10.51 6.12
CA THR A 123 -8.96 11.82 6.75
C THR A 123 -9.60 12.86 5.82
N LYS A 124 -9.10 12.88 4.60
CA LYS A 124 -9.61 13.83 3.61
C LYS A 124 -11.14 13.90 3.72
N ASN A 125 -11.80 13.02 2.97
CA ASN A 125 -13.25 12.97 2.99
C ASN A 125 -13.74 12.01 1.90
N ASP A 126 -13.26 10.77 2.00
CA ASP A 126 -13.63 9.75 1.02
C ASP A 126 -13.67 10.37 -0.37
N GLY A 127 -12.76 11.31 -0.59
CA GLY A 127 -12.67 11.99 -1.87
C GLY A 127 -12.08 11.06 -2.94
N ASN A 128 -10.76 10.93 -2.90
CA ASN A 128 -10.05 10.09 -3.85
C ASN A 128 -10.28 8.62 -3.48
N TYR A 129 -10.24 8.36 -2.18
CA TYR A 129 -10.43 7.00 -1.69
C TYR A 129 -11.78 6.44 -2.17
N ARG A 130 -11.69 5.39 -2.97
CA ARG A 130 -12.88 4.75 -3.50
C ARG A 130 -13.52 3.86 -2.44
N GLY A 131 -12.67 3.14 -1.71
CA GLY A 131 -13.14 2.26 -0.67
C GLY A 131 -13.89 3.03 0.41
N ASP A 132 -14.20 2.33 1.49
CA ASP A 132 -14.92 2.95 2.60
C ASP A 132 -13.92 3.42 3.66
N PRO A 133 -14.23 4.59 4.27
CA PRO A 133 -13.37 5.16 5.29
C PRO A 133 -13.52 4.39 6.61
N ASN A 134 -14.74 3.96 6.88
CA ASN A 134 -15.02 3.22 8.10
C ASN A 134 -14.08 2.02 8.20
N TRP A 135 -13.54 1.64 7.04
CA TRP A 135 -12.62 0.51 6.98
C TRP A 135 -11.54 0.73 8.02
N PHE A 136 -10.72 1.75 7.79
CA PHE A 136 -9.64 2.08 8.69
C PHE A 136 -10.13 2.99 9.82
N MET A 137 -11.00 3.92 9.45
CA MET A 137 -11.55 4.87 10.42
C MET A 137 -12.58 4.19 11.31
N LYS A 138 -12.22 4.05 12.58
CA LYS A 138 -13.11 3.42 13.55
C LYS A 138 -14.03 4.48 14.15
N SER A 139 -13.42 5.41 14.86
CA SER A 139 -14.17 6.48 15.49
C SER A 139 -13.38 7.79 15.42
N GLY A 140 -14.07 8.88 15.73
CA GLY A 140 -13.45 10.19 15.69
C GLY A 140 -14.40 11.24 15.12
N PRO A 141 -14.25 12.49 15.63
CA PRO A 141 -15.10 13.58 15.18
C PRO A 141 -14.67 14.06 13.79
N SER A 142 -15.37 13.55 12.79
CA SER A 142 -15.07 13.91 11.41
C SER A 142 -15.17 15.43 11.24
N SER A 143 -14.14 15.99 10.61
CA SER A 143 -14.09 17.42 10.37
C SER A 143 -14.98 17.78 9.18
N GLY A 144 -15.47 19.01 9.20
CA GLY A 144 -16.32 19.49 8.13
C GLY A 144 -17.19 20.66 8.60
N GLY A 1 10.47 -11.20 9.03
CA GLY A 1 9.64 -10.92 10.19
C GLY A 1 8.68 -12.08 10.47
N SER A 2 9.08 -12.93 11.39
CA SER A 2 8.27 -14.09 11.75
C SER A 2 8.00 -14.94 10.52
N SER A 3 8.63 -16.11 10.49
CA SER A 3 8.45 -17.03 9.38
C SER A 3 7.00 -17.51 9.33
N GLY A 4 6.36 -17.22 8.21
CA GLY A 4 4.97 -17.62 8.03
C GLY A 4 4.09 -16.41 7.74
N SER A 5 3.27 -16.07 8.72
CA SER A 5 2.36 -14.94 8.58
C SER A 5 1.33 -15.22 7.48
N SER A 6 0.12 -14.74 7.71
CA SER A 6 -0.96 -14.93 6.76
C SER A 6 -1.94 -13.75 6.83
N GLY A 7 -2.86 -13.74 5.87
CA GLY A 7 -3.85 -12.68 5.81
C GLY A 7 -4.48 -12.44 7.20
N GLU A 8 -4.29 -11.22 7.69
CA GLU A 8 -4.82 -10.85 8.99
C GLU A 8 -6.02 -9.92 8.82
N GLU A 9 -6.71 -9.69 9.93
CA GLU A 9 -7.88 -8.81 9.92
C GLU A 9 -7.50 -7.44 9.38
N LEU A 10 -6.30 -7.01 9.72
CA LEU A 10 -5.81 -5.71 9.27
C LEU A 10 -5.35 -5.81 7.82
N GLU A 11 -4.62 -6.88 7.54
CA GLU A 11 -4.11 -7.11 6.19
C GLU A 11 -5.28 -7.24 5.20
N GLU A 12 -6.22 -8.10 5.56
CA GLU A 12 -7.38 -8.34 4.72
C GLU A 12 -7.89 -7.01 4.15
N ARG A 13 -8.02 -6.03 5.04
CA ARG A 13 -8.50 -4.72 4.63
C ARG A 13 -7.55 -4.10 3.61
N LEU A 14 -6.27 -4.05 3.98
CA LEU A 14 -5.25 -3.50 3.11
C LEU A 14 -5.53 -3.93 1.66
N VAL A 15 -5.60 -5.24 1.48
CA VAL A 15 -5.86 -5.81 0.17
C VAL A 15 -7.24 -5.35 -0.32
N GLU A 16 -8.25 -5.69 0.47
CA GLU A 16 -9.62 -5.32 0.12
C GLU A 16 -9.67 -3.88 -0.40
N TRP A 17 -8.76 -3.07 0.12
CA TRP A 17 -8.68 -1.68 -0.28
C TRP A 17 -7.99 -1.62 -1.65
N ILE A 18 -6.72 -1.99 -1.66
CA ILE A 18 -5.94 -1.99 -2.88
C ILE A 18 -6.79 -2.57 -4.02
N VAL A 19 -7.71 -3.43 -3.64
CA VAL A 19 -8.59 -4.06 -4.62
C VAL A 19 -9.50 -3.01 -5.24
N VAL A 20 -10.20 -2.29 -4.37
CA VAL A 20 -11.11 -1.25 -4.82
C VAL A 20 -10.30 -0.12 -5.46
N GLN A 21 -9.15 0.15 -4.86
CA GLN A 21 -8.28 1.21 -5.36
C GLN A 21 -7.83 0.89 -6.79
N CYS A 22 -6.97 -0.11 -6.90
CA CYS A 22 -6.45 -0.52 -8.19
C CYS A 22 -7.63 -1.04 -9.03
N GLY A 23 -8.34 -1.99 -8.46
CA GLY A 23 -9.49 -2.58 -9.13
C GLY A 23 -9.28 -4.08 -9.35
N PRO A 24 -10.32 -4.71 -9.96
CA PRO A 24 -10.27 -6.14 -10.23
C PRO A 24 -9.33 -6.45 -11.40
N ASP A 25 -8.10 -5.99 -11.27
CA ASP A 25 -7.10 -6.21 -12.31
C ASP A 25 -5.86 -6.86 -11.68
N VAL A 26 -5.38 -6.24 -10.63
CA VAL A 26 -4.20 -6.75 -9.94
C VAL A 26 -4.52 -8.12 -9.35
N GLY A 27 -5.76 -8.28 -8.93
CA GLY A 27 -6.21 -9.53 -8.34
C GLY A 27 -6.01 -9.52 -6.82
N ARG A 28 -5.77 -10.70 -6.29
CA ARG A 28 -5.56 -10.84 -4.85
C ARG A 28 -4.29 -11.63 -4.58
N PRO A 29 -3.87 -11.63 -3.28
CA PRO A 29 -2.67 -12.34 -2.87
C PRO A 29 -2.92 -13.84 -2.82
N ASP A 30 -2.19 -14.56 -3.67
CA ASP A 30 -2.33 -16.01 -3.73
C ASP A 30 -2.05 -16.60 -2.35
N ARG A 31 -2.89 -17.54 -1.97
CA ARG A 31 -2.74 -18.20 -0.68
C ARG A 31 -1.39 -18.90 -0.59
N GLY A 32 -1.08 -19.38 0.61
CA GLY A 32 0.18 -20.07 0.85
C GLY A 32 1.17 -19.17 1.56
N ARG A 33 1.96 -19.77 2.44
CA ARG A 33 2.95 -19.03 3.19
C ARG A 33 3.56 -17.93 2.33
N LEU A 34 3.79 -16.78 2.95
CA LEU A 34 4.36 -15.65 2.25
C LEU A 34 3.65 -15.46 0.91
N GLY A 35 2.66 -14.59 0.92
CA GLY A 35 1.89 -14.31 -0.27
C GLY A 35 1.64 -12.81 -0.43
N PHE A 36 0.99 -12.25 0.58
CA PHE A 36 0.68 -10.83 0.57
C PHE A 36 1.94 -9.99 0.32
N GLN A 37 3.02 -10.39 0.98
CA GLN A 37 4.28 -9.69 0.83
C GLN A 37 4.62 -9.51 -0.64
N VAL A 38 4.72 -10.63 -1.34
CA VAL A 38 5.04 -10.61 -2.76
C VAL A 38 4.03 -9.71 -3.49
N TRP A 39 2.77 -9.88 -3.14
CA TRP A 39 1.71 -9.10 -3.75
C TRP A 39 2.15 -7.64 -3.75
N LEU A 40 2.78 -7.24 -2.65
CA LEU A 40 3.25 -5.87 -2.52
C LEU A 40 4.79 -5.86 -2.52
N LYS A 41 5.34 -6.57 -3.50
CA LYS A 41 6.79 -6.66 -3.63
C LYS A 41 7.23 -5.89 -4.86
N ASN A 42 6.69 -6.29 -6.00
CA ASN A 42 7.00 -5.65 -7.26
C ASN A 42 7.09 -4.14 -7.05
N GLY A 43 5.98 -3.58 -6.59
CA GLY A 43 5.91 -2.14 -6.33
C GLY A 43 4.90 -1.48 -7.26
N VAL A 44 4.81 -1.99 -8.47
CA VAL A 44 3.88 -1.46 -9.46
C VAL A 44 2.51 -1.26 -8.80
N ILE A 45 2.09 -2.27 -8.05
CA ILE A 45 0.81 -2.22 -7.38
C ILE A 45 0.83 -1.07 -6.36
N LEU A 46 1.79 -1.14 -5.45
CA LEU A 46 1.92 -0.11 -4.42
C LEU A 46 1.90 1.27 -5.09
N SER A 47 2.62 1.36 -6.20
CA SER A 47 2.70 2.62 -6.93
C SER A 47 1.33 2.96 -7.52
N LYS A 48 0.65 1.93 -8.02
CA LYS A 48 -0.66 2.11 -8.60
C LYS A 48 -1.63 2.63 -7.55
N LEU A 49 -1.42 2.16 -6.32
CA LEU A 49 -2.27 2.57 -5.22
C LEU A 49 -2.18 4.08 -5.04
N VAL A 50 -1.02 4.52 -4.53
CA VAL A 50 -0.79 5.93 -4.31
C VAL A 50 -1.25 6.73 -5.54
N ASN A 51 -0.87 6.23 -6.71
CA ASN A 51 -1.24 6.88 -7.95
C ASN A 51 -2.76 7.03 -8.01
N SER A 52 -3.45 5.91 -7.80
CA SER A 52 -4.90 5.91 -7.84
C SER A 52 -5.44 7.17 -7.15
N LEU A 53 -4.86 7.46 -5.99
CA LEU A 53 -5.28 8.62 -5.22
C LEU A 53 -5.04 9.88 -6.05
N TYR A 54 -3.77 10.24 -6.16
CA TYR A 54 -3.39 11.42 -6.93
C TYR A 54 -4.16 11.48 -8.25
N PRO A 55 -4.68 12.70 -8.55
CA PRO A 55 -5.44 12.91 -9.77
C PRO A 55 -4.51 12.99 -10.98
N GLU A 56 -5.12 12.94 -12.15
CA GLU A 56 -4.37 12.99 -13.39
C GLU A 56 -3.41 14.19 -13.38
N GLY A 57 -2.17 13.91 -13.77
CA GLY A 57 -1.16 14.96 -13.80
C GLY A 57 -0.37 15.00 -12.49
N SER A 58 -1.06 14.63 -11.42
CA SER A 58 -0.43 14.62 -10.10
C SER A 58 0.36 13.33 -9.90
N LYS A 59 0.08 12.36 -10.76
CA LYS A 59 0.76 11.08 -10.70
C LYS A 59 2.24 11.30 -10.41
N PRO A 60 2.61 11.09 -9.12
CA PRO A 60 3.99 11.27 -8.70
C PRO A 60 4.86 10.11 -9.18
N VAL A 61 4.64 8.96 -8.57
CA VAL A 61 5.41 7.76 -8.93
C VAL A 61 5.24 7.48 -10.42
N LYS A 62 6.19 6.73 -10.96
CA LYS A 62 6.16 6.39 -12.37
C LYS A 62 6.03 4.87 -12.52
N VAL A 63 4.82 4.45 -12.85
CA VAL A 63 4.55 3.03 -13.03
C VAL A 63 4.14 2.77 -14.48
N PRO A 64 4.95 1.93 -15.17
CA PRO A 64 4.67 1.59 -16.56
C PRO A 64 3.51 0.61 -16.66
N GLU A 65 3.09 0.36 -17.90
CA GLU A 65 2.00 -0.56 -18.14
C GLU A 65 2.34 -1.95 -17.63
N ASN A 66 3.51 -2.42 -18.04
CA ASN A 66 3.97 -3.75 -17.63
C ASN A 66 4.94 -3.59 -16.45
N PRO A 67 4.89 -4.60 -15.54
CA PRO A 67 5.75 -4.59 -14.37
C PRO A 67 7.19 -4.96 -14.76
N PRO A 68 8.15 -4.31 -14.05
CA PRO A 68 9.57 -4.56 -14.30
C PRO A 68 10.00 -5.90 -13.71
N SER A 69 11.31 -6.05 -13.57
CA SER A 69 11.87 -7.28 -13.02
C SER A 69 13.16 -6.97 -12.27
N MET A 70 14.01 -6.20 -12.92
CA MET A 70 15.29 -5.82 -12.32
C MET A 70 15.11 -5.43 -10.86
N VAL A 71 16.13 -5.75 -10.07
CA VAL A 71 16.10 -5.43 -8.65
C VAL A 71 16.05 -3.91 -8.47
N PHE A 72 17.16 -3.27 -8.76
CA PHE A 72 17.26 -1.82 -8.65
C PHE A 72 15.97 -1.15 -9.14
N LYS A 73 15.36 -1.77 -10.13
CA LYS A 73 14.12 -1.25 -10.70
C LYS A 73 12.99 -1.42 -9.68
N GLN A 74 12.66 -2.67 -9.40
CA GLN A 74 11.60 -2.97 -8.45
C GLN A 74 11.79 -2.16 -7.17
N MET A 75 12.97 -2.31 -6.59
CA MET A 75 13.30 -1.60 -5.36
C MET A 75 12.95 -0.11 -5.47
N GLU A 76 13.28 0.45 -6.62
CA GLU A 76 13.00 1.86 -6.87
C GLU A 76 11.50 2.09 -6.95
N GLN A 77 10.83 1.19 -7.66
CA GLN A 77 9.38 1.29 -7.82
C GLN A 77 8.72 1.60 -6.48
N VAL A 78 9.09 0.81 -5.48
CA VAL A 78 8.53 0.98 -4.15
C VAL A 78 9.01 2.30 -3.56
N ALA A 79 10.32 2.48 -3.58
CA ALA A 79 10.93 3.69 -3.06
C ALA A 79 10.14 4.90 -3.56
N GLN A 80 9.92 4.92 -4.87
CA GLN A 80 9.19 6.01 -5.50
C GLN A 80 7.87 6.26 -4.74
N PHE A 81 7.19 5.17 -4.43
CA PHE A 81 5.93 5.25 -3.72
C PHE A 81 6.14 5.64 -2.26
N LEU A 82 7.11 4.99 -1.64
CA LEU A 82 7.43 5.25 -0.25
C LEU A 82 7.56 6.75 -0.04
N LYS A 83 8.40 7.37 -0.86
CA LYS A 83 8.63 8.80 -0.77
C LYS A 83 7.31 9.53 -1.02
N ALA A 84 6.55 9.01 -1.98
CA ALA A 84 5.28 9.60 -2.34
C ALA A 84 4.33 9.51 -1.14
N ALA A 85 4.40 8.38 -0.45
CA ALA A 85 3.56 8.15 0.71
C ALA A 85 3.94 9.15 1.81
N GLU A 86 5.20 9.54 1.80
CA GLU A 86 5.70 10.48 2.78
C GLU A 86 5.12 11.88 2.52
N ASP A 87 5.26 12.32 1.29
CA ASP A 87 4.75 13.62 0.90
C ASP A 87 3.28 13.74 1.30
N TYR A 88 2.59 12.62 1.20
CA TYR A 88 1.17 12.58 1.54
C TYR A 88 0.94 13.13 2.95
N GLY A 89 1.72 12.61 3.89
CA GLY A 89 1.61 13.04 5.27
C GLY A 89 1.80 11.86 6.24
N VAL A 90 2.80 11.05 5.93
CA VAL A 90 3.10 9.89 6.75
C VAL A 90 4.38 10.14 7.54
N ILE A 91 4.30 9.82 8.83
CA ILE A 91 5.44 10.02 9.71
C ILE A 91 6.64 9.22 9.17
N LYS A 92 7.69 9.17 9.98
CA LYS A 92 8.89 8.46 9.60
C LYS A 92 9.01 7.19 10.45
N THR A 93 8.06 7.04 11.36
CA THR A 93 8.05 5.88 12.24
C THR A 93 6.96 4.89 11.80
N ASP A 94 6.30 5.23 10.70
CA ASP A 94 5.24 4.39 10.17
C ASP A 94 5.71 3.78 8.84
N MET A 95 6.78 4.35 8.30
CA MET A 95 7.33 3.87 7.04
C MET A 95 8.29 2.70 7.27
N PHE A 96 8.50 1.93 6.21
CA PHE A 96 9.38 0.78 6.29
C PHE A 96 10.46 0.86 5.21
N GLN A 97 11.37 -0.11 5.26
CA GLN A 97 12.45 -0.16 4.29
C GLN A 97 12.08 -1.09 3.13
N THR A 98 12.39 -0.63 1.93
CA THR A 98 12.08 -1.40 0.74
C THR A 98 12.30 -2.89 0.99
N VAL A 99 13.47 -3.20 1.53
CA VAL A 99 13.81 -4.58 1.83
C VAL A 99 12.73 -5.18 2.73
N ASP A 100 12.46 -4.49 3.83
CA ASP A 100 11.46 -4.94 4.77
C ASP A 100 10.27 -5.53 4.01
N LEU A 101 10.05 -4.98 2.81
CA LEU A 101 8.95 -5.44 1.98
C LEU A 101 9.50 -6.40 0.92
N TYR A 102 10.37 -5.86 0.07
CA TYR A 102 10.97 -6.66 -0.98
C TYR A 102 11.42 -8.02 -0.47
N GLU A 103 12.24 -7.97 0.58
CA GLU A 103 12.74 -9.20 1.17
C GLU A 103 11.96 -9.54 2.44
N GLY A 104 10.74 -9.01 2.50
CA GLY A 104 9.87 -9.25 3.64
C GLY A 104 10.68 -9.28 4.94
N LYS A 105 11.69 -8.43 4.99
CA LYS A 105 12.55 -8.34 6.16
C LYS A 105 11.72 -7.87 7.36
N ASP A 106 10.68 -7.10 7.05
CA ASP A 106 9.81 -6.58 8.08
C ASP A 106 8.45 -6.21 7.47
N MET A 107 7.49 -7.11 7.64
CA MET A 107 6.17 -6.89 7.10
C MET A 107 5.31 -6.08 8.08
N ALA A 108 5.46 -6.41 9.36
CA ALA A 108 4.70 -5.71 10.39
C ALA A 108 4.75 -4.21 10.14
N ALA A 109 5.85 -3.78 9.52
CA ALA A 109 6.03 -2.38 9.22
C ALA A 109 5.19 -2.01 7.99
N VAL A 110 5.35 -2.81 6.94
CA VAL A 110 4.62 -2.58 5.71
C VAL A 110 3.18 -2.18 6.04
N GLN A 111 2.71 -2.69 7.17
CA GLN A 111 1.36 -2.40 7.61
C GLN A 111 1.28 -0.98 8.19
N ARG A 112 2.15 -0.73 9.16
CA ARG A 112 2.19 0.57 9.81
C ARG A 112 2.05 1.69 8.77
N THR A 113 2.67 1.45 7.61
CA THR A 113 2.63 2.42 6.54
C THR A 113 1.19 2.59 6.02
N LEU A 114 0.68 1.51 5.44
CA LEU A 114 -0.67 1.53 4.91
C LEU A 114 -1.63 2.07 5.97
N MET A 115 -1.57 1.46 7.14
CA MET A 115 -2.43 1.87 8.25
C MET A 115 -2.49 3.40 8.35
N ALA A 116 -1.42 4.03 7.87
CA ALA A 116 -1.35 5.48 7.91
C ALA A 116 -1.87 6.05 6.59
N LEU A 117 -1.24 5.61 5.50
CA LEU A 117 -1.63 6.06 4.17
C LEU A 117 -3.15 6.09 4.08
N GLY A 118 -3.75 4.92 4.23
CA GLY A 118 -5.19 4.79 4.17
C GLY A 118 -5.88 5.91 4.95
N SER A 119 -5.66 5.88 6.27
CA SER A 119 -6.24 6.87 7.15
C SER A 119 -6.05 8.27 6.56
N LEU A 120 -4.87 8.49 6.01
CA LEU A 120 -4.55 9.77 5.41
C LEU A 120 -5.49 10.03 4.24
N ALA A 121 -5.61 9.03 3.38
CA ALA A 121 -6.48 9.13 2.22
C ALA A 121 -7.93 9.31 2.67
N VAL A 122 -8.25 8.65 3.77
CA VAL A 122 -9.59 8.72 4.32
C VAL A 122 -9.82 10.11 4.92
N THR A 123 -8.87 10.52 5.76
CA THR A 123 -8.96 11.82 6.40
C THR A 123 -9.34 12.89 5.39
N LYS A 124 -8.60 12.90 4.28
CA LYS A 124 -8.86 13.87 3.23
C LYS A 124 -10.32 13.80 2.82
N ASN A 125 -10.73 12.62 2.37
CA ASN A 125 -12.10 12.40 1.95
C ASN A 125 -12.57 13.60 1.12
N ASP A 126 -12.35 13.51 -0.18
CA ASP A 126 -12.74 14.58 -1.09
C ASP A 126 -13.14 13.97 -2.43
N GLY A 127 -12.24 13.17 -2.98
CA GLY A 127 -12.49 12.53 -4.26
C GLY A 127 -11.26 11.74 -4.73
N ASN A 128 -10.77 10.89 -3.84
CA ASN A 128 -9.62 10.07 -4.15
C ASN A 128 -9.93 8.60 -3.87
N TYR A 129 -10.31 8.35 -2.62
CA TYR A 129 -10.65 7.00 -2.21
C TYR A 129 -11.85 6.46 -3.00
N ARG A 130 -12.01 5.15 -2.96
CA ARG A 130 -13.11 4.51 -3.66
C ARG A 130 -13.92 3.63 -2.69
N GLY A 131 -13.18 2.84 -1.92
CA GLY A 131 -13.82 1.95 -0.95
C GLY A 131 -14.49 2.75 0.17
N ASP A 132 -14.62 2.10 1.31
CA ASP A 132 -15.25 2.74 2.47
C ASP A 132 -14.17 3.32 3.38
N PRO A 133 -14.49 4.49 3.99
CA PRO A 133 -13.57 5.15 4.88
C PRO A 133 -13.49 4.43 6.22
N ASN A 134 -14.64 3.97 6.69
CA ASN A 134 -14.71 3.26 7.95
C ASN A 134 -13.57 2.26 8.03
N TRP A 135 -13.12 1.81 6.87
CA TRP A 135 -12.02 0.85 6.79
C TRP A 135 -10.89 1.37 7.67
N PHE A 136 -10.51 2.61 7.41
CA PHE A 136 -9.43 3.23 8.17
C PHE A 136 -9.81 4.64 8.60
N MET A 137 -10.65 4.71 9.63
CA MET A 137 -11.11 6.00 10.14
C MET A 137 -10.16 6.51 11.22
N LYS A 138 -10.10 7.83 11.34
CA LYS A 138 -9.24 8.46 12.33
C LYS A 138 -9.65 9.92 12.50
N SER A 139 -9.46 10.43 13.71
CA SER A 139 -9.80 11.80 14.01
C SER A 139 -11.31 12.00 13.89
N GLY A 140 -11.78 13.13 14.41
CA GLY A 140 -13.19 13.46 14.37
C GLY A 140 -13.43 14.90 14.82
N PRO A 141 -14.61 15.11 15.46
CA PRO A 141 -14.98 16.43 15.94
C PRO A 141 -14.19 16.80 17.19
N SER A 142 -12.87 16.79 17.05
CA SER A 142 -12.00 17.12 18.16
C SER A 142 -10.54 17.10 17.71
N SER A 143 -9.90 18.25 17.84
CA SER A 143 -8.51 18.37 17.45
C SER A 143 -7.60 17.67 18.47
N GLY A 144 -7.65 18.16 19.69
CA GLY A 144 -6.85 17.59 20.77
C GLY A 144 -7.07 18.35 22.08
N GLY A 1 -6.23 -33.27 3.16
CA GLY A 1 -7.52 -32.62 3.29
C GLY A 1 -7.44 -31.17 2.83
N SER A 2 -8.43 -30.39 3.28
CA SER A 2 -8.49 -28.98 2.93
C SER A 2 -7.56 -28.17 3.84
N SER A 3 -7.09 -27.06 3.31
CA SER A 3 -6.20 -26.20 4.06
C SER A 3 -6.80 -24.80 4.19
N GLY A 4 -6.72 -24.26 5.40
CA GLY A 4 -7.27 -22.95 5.68
C GLY A 4 -6.40 -22.20 6.69
N SER A 5 -6.19 -20.93 6.41
CA SER A 5 -5.38 -20.08 7.27
C SER A 5 -5.62 -18.60 6.95
N SER A 6 -6.43 -17.98 7.80
CA SER A 6 -6.75 -16.58 7.61
C SER A 6 -5.47 -15.74 7.66
N GLY A 7 -5.34 -14.88 6.65
CA GLY A 7 -4.17 -14.01 6.56
C GLY A 7 -4.39 -12.72 7.34
N GLU A 8 -4.42 -12.85 8.66
CA GLU A 8 -4.62 -11.70 9.52
C GLU A 8 -5.90 -10.95 9.11
N GLU A 9 -6.25 -9.96 9.93
CA GLU A 9 -7.44 -9.17 9.67
C GLU A 9 -7.06 -7.93 8.86
N LEU A 10 -6.11 -7.17 9.38
CA LEU A 10 -5.66 -5.97 8.70
C LEU A 10 -5.39 -6.28 7.22
N GLU A 11 -4.44 -7.18 7.02
CA GLU A 11 -4.08 -7.58 5.67
C GLU A 11 -5.32 -7.68 4.78
N GLU A 12 -6.20 -8.59 5.17
CA GLU A 12 -7.44 -8.79 4.43
C GLU A 12 -8.03 -7.45 4.00
N ARG A 13 -8.23 -6.59 4.98
CA ARG A 13 -8.79 -5.27 4.72
C ARG A 13 -7.86 -4.48 3.79
N LEU A 14 -6.62 -4.38 4.21
CA LEU A 14 -5.62 -3.64 3.44
C LEU A 14 -5.80 -3.97 1.95
N VAL A 15 -5.78 -5.26 1.66
CA VAL A 15 -5.95 -5.71 0.29
C VAL A 15 -7.31 -5.26 -0.24
N GLU A 16 -8.34 -5.55 0.55
CA GLU A 16 -9.69 -5.18 0.17
C GLU A 16 -9.73 -3.75 -0.35
N TRP A 17 -8.77 -2.95 0.12
CA TRP A 17 -8.68 -1.57 -0.30
C TRP A 17 -7.97 -1.52 -1.66
N ILE A 18 -6.75 -2.03 -1.67
CA ILE A 18 -5.96 -2.06 -2.89
C ILE A 18 -6.81 -2.62 -4.03
N VAL A 19 -7.82 -3.40 -3.64
CA VAL A 19 -8.70 -4.00 -4.62
C VAL A 19 -9.59 -2.92 -5.24
N VAL A 20 -10.26 -2.18 -4.37
CA VAL A 20 -11.14 -1.11 -4.82
C VAL A 20 -10.30 -0.02 -5.49
N GLN A 21 -9.14 0.23 -4.91
CA GLN A 21 -8.25 1.25 -5.44
C GLN A 21 -7.76 0.85 -6.83
N CYS A 22 -6.90 -0.16 -6.86
CA CYS A 22 -6.36 -0.64 -8.12
C CYS A 22 -7.52 -1.13 -8.99
N GLY A 23 -8.32 -2.02 -8.41
CA GLY A 23 -9.46 -2.58 -9.12
C GLY A 23 -9.25 -4.06 -9.42
N PRO A 24 -10.30 -4.68 -10.03
CA PRO A 24 -10.24 -6.09 -10.38
C PRO A 24 -9.36 -6.31 -11.60
N ASP A 25 -8.12 -5.83 -11.50
CA ASP A 25 -7.17 -5.98 -12.59
C ASP A 25 -5.87 -6.56 -12.06
N VAL A 26 -5.44 -6.02 -10.93
CA VAL A 26 -4.20 -6.49 -10.31
C VAL A 26 -4.43 -7.87 -9.70
N GLY A 27 -5.67 -8.11 -9.29
CA GLY A 27 -6.04 -9.38 -8.70
C GLY A 27 -5.89 -9.34 -7.18
N ARG A 28 -5.46 -10.46 -6.62
CA ARG A 28 -5.28 -10.56 -5.18
C ARG A 28 -4.03 -11.39 -4.86
N PRO A 29 -3.66 -11.38 -3.56
CA PRO A 29 -2.49 -12.13 -3.11
C PRO A 29 -2.78 -13.62 -3.06
N ASP A 30 -1.71 -14.40 -3.05
CA ASP A 30 -1.84 -15.85 -2.99
C ASP A 30 -2.38 -16.26 -1.62
N ARG A 31 -2.41 -17.56 -1.40
CA ARG A 31 -2.91 -18.10 -0.14
C ARG A 31 -2.18 -17.45 1.04
N GLY A 32 -2.67 -17.73 2.23
CA GLY A 32 -2.07 -17.18 3.44
C GLY A 32 -0.72 -17.86 3.74
N ARG A 33 0.32 -17.06 3.65
CA ARG A 33 1.67 -17.55 3.91
C ARG A 33 2.71 -16.64 3.27
N LEU A 34 2.78 -16.70 1.95
CA LEU A 34 3.72 -15.88 1.22
C LEU A 34 3.09 -15.44 -0.10
N GLY A 35 2.41 -14.30 -0.05
CA GLY A 35 1.76 -13.76 -1.23
C GLY A 35 1.61 -12.24 -1.13
N PHE A 36 0.99 -11.80 -0.04
CA PHE A 36 0.79 -10.39 0.19
C PHE A 36 2.11 -9.61 0.06
N GLN A 37 3.14 -10.17 0.66
CA GLN A 37 4.45 -9.55 0.62
C GLN A 37 4.89 -9.31 -0.82
N VAL A 38 4.77 -10.36 -1.63
CA VAL A 38 5.15 -10.28 -3.03
C VAL A 38 4.15 -9.39 -3.76
N TRP A 39 2.89 -9.49 -3.35
CA TRP A 39 1.83 -8.71 -3.96
C TRP A 39 2.25 -7.23 -3.90
N LEU A 40 2.87 -6.87 -2.78
CA LEU A 40 3.31 -5.51 -2.58
C LEU A 40 4.84 -5.46 -2.57
N LYS A 41 5.42 -6.20 -3.51
CA LYS A 41 6.87 -6.26 -3.62
C LYS A 41 7.32 -5.50 -4.86
N ASN A 42 6.82 -5.96 -6.01
CA ASN A 42 7.16 -5.33 -7.27
C ASN A 42 7.17 -3.81 -7.10
N GLY A 43 6.07 -3.31 -6.54
CA GLY A 43 5.94 -1.88 -6.32
C GLY A 43 4.97 -1.25 -7.32
N VAL A 44 4.91 -1.86 -8.50
CA VAL A 44 4.03 -1.37 -9.54
C VAL A 44 2.65 -1.07 -8.95
N ILE A 45 2.09 -2.07 -8.30
CA ILE A 45 0.78 -1.94 -7.68
C ILE A 45 0.81 -0.75 -6.71
N LEU A 46 1.71 -0.84 -5.74
CA LEU A 46 1.85 0.21 -4.75
C LEU A 46 1.93 1.56 -5.45
N SER A 47 2.68 1.58 -6.54
CA SER A 47 2.86 2.80 -7.31
C SER A 47 1.52 3.21 -7.94
N LYS A 48 0.69 2.21 -8.21
CA LYS A 48 -0.61 2.45 -8.80
C LYS A 48 -1.57 3.00 -7.73
N LEU A 49 -1.43 2.45 -6.54
CA LEU A 49 -2.27 2.85 -5.43
C LEU A 49 -2.09 4.35 -5.19
N VAL A 50 -0.92 4.70 -4.67
CA VAL A 50 -0.61 6.10 -4.38
C VAL A 50 -1.11 6.97 -5.53
N ASN A 51 -0.78 6.54 -6.74
CA ASN A 51 -1.19 7.27 -7.93
C ASN A 51 -2.71 7.39 -7.96
N SER A 52 -3.36 6.23 -7.85
CA SER A 52 -4.81 6.19 -7.86
C SER A 52 -5.38 7.33 -6.99
N LEU A 53 -4.73 7.54 -5.86
CA LEU A 53 -5.15 8.58 -4.94
C LEU A 53 -4.96 9.95 -5.60
N TYR A 54 -3.72 10.42 -5.57
CA TYR A 54 -3.39 11.70 -6.17
C TYR A 54 -4.20 11.94 -7.44
N PRO A 55 -4.42 13.25 -7.75
CA PRO A 55 -5.17 13.63 -8.94
C PRO A 55 -4.33 13.43 -10.21
N GLU A 56 -4.80 14.04 -11.29
CA GLU A 56 -4.10 13.95 -12.56
C GLU A 56 -3.11 15.09 -12.70
N GLY A 57 -3.38 16.17 -11.97
CA GLY A 57 -2.52 17.34 -12.02
C GLY A 57 -1.37 17.21 -11.02
N SER A 58 -1.11 15.97 -10.61
CA SER A 58 -0.05 15.70 -9.66
C SER A 58 0.84 14.57 -10.18
N LYS A 59 0.26 13.37 -10.20
CA LYS A 59 0.98 12.20 -10.66
C LYS A 59 2.41 12.23 -10.11
N PRO A 60 2.56 11.70 -8.86
CA PRO A 60 3.87 11.66 -8.22
C PRO A 60 4.75 10.58 -8.83
N VAL A 61 4.23 9.35 -8.81
CA VAL A 61 4.96 8.23 -9.36
C VAL A 61 4.62 8.08 -10.84
N LYS A 62 5.44 7.29 -11.53
CA LYS A 62 5.24 7.06 -12.95
C LYS A 62 5.29 5.55 -13.22
N VAL A 63 4.10 4.96 -13.33
CA VAL A 63 3.99 3.54 -13.59
C VAL A 63 4.37 3.26 -15.05
N PRO A 64 5.51 2.53 -15.22
CA PRO A 64 5.99 2.19 -16.55
C PRO A 64 5.14 1.08 -17.16
N GLU A 65 5.02 1.14 -18.49
CA GLU A 65 4.24 0.14 -19.21
C GLU A 65 4.63 -1.27 -18.77
N ASN A 66 5.93 -1.51 -18.73
CA ASN A 66 6.45 -2.80 -18.33
C ASN A 66 6.87 -2.74 -16.86
N PRO A 67 6.81 -3.93 -16.20
CA PRO A 67 7.19 -4.02 -14.80
C PRO A 67 8.72 -3.95 -14.63
N PRO A 68 9.15 -3.81 -13.35
CA PRO A 68 10.56 -3.73 -13.04
C PRO A 68 11.22 -5.11 -13.15
N SER A 69 10.87 -5.96 -12.20
CA SER A 69 11.41 -7.32 -12.17
C SER A 69 12.77 -7.31 -11.46
N MET A 70 13.72 -6.62 -12.06
CA MET A 70 15.06 -6.53 -11.50
C MET A 70 15.01 -5.99 -10.06
N VAL A 71 16.02 -6.37 -9.29
CA VAL A 71 16.10 -5.94 -7.90
C VAL A 71 16.12 -4.41 -7.86
N PHE A 72 17.22 -3.84 -8.34
CA PHE A 72 17.37 -2.40 -8.35
C PHE A 72 16.09 -1.72 -8.85
N LYS A 73 15.49 -2.32 -9.87
CA LYS A 73 14.26 -1.79 -10.43
C LYS A 73 13.13 -1.93 -9.42
N GLN A 74 12.87 -3.19 -9.05
CA GLN A 74 11.81 -3.47 -8.09
C GLN A 74 11.95 -2.57 -6.87
N MET A 75 13.14 -2.59 -6.27
CA MET A 75 13.40 -1.77 -5.09
C MET A 75 13.03 -0.31 -5.34
N GLU A 76 13.52 0.20 -6.48
CA GLU A 76 13.24 1.58 -6.84
C GLU A 76 11.74 1.81 -6.98
N GLN A 77 11.11 0.94 -7.76
CA GLN A 77 9.68 1.03 -7.99
C GLN A 77 8.95 1.34 -6.68
N VAL A 78 9.31 0.58 -5.65
CA VAL A 78 8.70 0.78 -4.35
C VAL A 78 9.10 2.14 -3.79
N ALA A 79 10.40 2.40 -3.82
CA ALA A 79 10.93 3.66 -3.32
C ALA A 79 10.07 4.82 -3.86
N GLN A 80 9.86 4.78 -5.17
CA GLN A 80 9.07 5.81 -5.83
C GLN A 80 7.74 6.00 -5.09
N PHE A 81 7.15 4.89 -4.69
CA PHE A 81 5.89 4.93 -3.97
C PHE A 81 6.09 5.39 -2.53
N LEU A 82 7.09 4.81 -1.89
CA LEU A 82 7.40 5.14 -0.51
C LEU A 82 7.49 6.66 -0.37
N LYS A 83 8.45 7.24 -1.08
CA LYS A 83 8.64 8.67 -1.04
C LYS A 83 7.32 9.37 -1.35
N ALA A 84 6.60 8.82 -2.31
CA ALA A 84 5.32 9.38 -2.71
C ALA A 84 4.36 9.34 -1.52
N ALA A 85 4.36 8.19 -0.83
CA ALA A 85 3.50 8.00 0.31
C ALA A 85 3.74 9.13 1.32
N GLU A 86 5.02 9.50 1.45
CA GLU A 86 5.40 10.56 2.37
C GLU A 86 4.66 11.86 2.02
N ASP A 87 4.81 12.27 0.78
CA ASP A 87 4.17 13.49 0.31
C ASP A 87 2.72 13.51 0.79
N TYR A 88 2.01 12.44 0.46
CA TYR A 88 0.62 12.32 0.85
C TYR A 88 0.38 12.92 2.24
N GLY A 89 1.38 12.74 3.10
CA GLY A 89 1.29 13.25 4.46
C GLY A 89 1.92 12.27 5.45
N VAL A 90 2.14 11.06 4.98
CA VAL A 90 2.73 10.03 5.81
C VAL A 90 3.98 10.58 6.50
N ILE A 91 4.26 10.04 7.68
CA ILE A 91 5.41 10.48 8.44
C ILE A 91 6.58 9.52 8.18
N LYS A 92 7.64 9.71 8.96
CA LYS A 92 8.82 8.87 8.82
C LYS A 92 8.83 7.82 9.93
N THR A 93 7.80 7.86 10.76
CA THR A 93 7.68 6.92 11.85
C THR A 93 6.71 5.79 11.49
N ASP A 94 5.99 6.01 10.40
CA ASP A 94 5.02 5.03 9.93
C ASP A 94 5.54 4.37 8.65
N MET A 95 6.58 4.98 8.10
CA MET A 95 7.18 4.47 6.87
C MET A 95 8.14 3.32 7.19
N PHE A 96 8.19 2.38 6.25
CA PHE A 96 9.06 1.22 6.40
C PHE A 96 10.23 1.27 5.41
N GLN A 97 11.03 0.22 5.43
CA GLN A 97 12.16 0.13 4.54
C GLN A 97 11.84 -0.79 3.35
N THR A 98 12.20 -0.32 2.17
CA THR A 98 11.94 -1.08 0.95
C THR A 98 12.19 -2.57 1.20
N VAL A 99 13.22 -2.84 1.99
CA VAL A 99 13.58 -4.22 2.31
C VAL A 99 12.48 -4.84 3.18
N ASP A 100 12.14 -4.12 4.25
CA ASP A 100 11.12 -4.59 5.16
C ASP A 100 9.95 -5.18 4.36
N LEU A 101 9.78 -4.66 3.15
CA LEU A 101 8.72 -5.14 2.28
C LEU A 101 9.30 -6.10 1.25
N TYR A 102 10.20 -5.57 0.42
CA TYR A 102 10.84 -6.36 -0.61
C TYR A 102 11.24 -7.73 -0.07
N GLU A 103 12.04 -7.70 0.99
CA GLU A 103 12.51 -8.93 1.61
C GLU A 103 11.68 -9.25 2.85
N GLY A 104 10.48 -8.67 2.89
CA GLY A 104 9.58 -8.88 4.01
C GLY A 104 10.35 -8.94 5.33
N LYS A 105 11.47 -8.21 5.35
CA LYS A 105 12.30 -8.17 6.55
C LYS A 105 11.42 -7.85 7.76
N ASP A 106 10.34 -7.13 7.51
CA ASP A 106 9.42 -6.76 8.57
C ASP A 106 8.07 -6.40 7.95
N MET A 107 7.15 -7.34 8.03
CA MET A 107 5.81 -7.12 7.49
C MET A 107 5.04 -6.08 8.31
N ALA A 108 5.12 -6.24 9.63
CA ALA A 108 4.44 -5.33 10.53
C ALA A 108 4.61 -3.90 10.03
N ALA A 109 5.86 -3.56 9.70
CA ALA A 109 6.16 -2.23 9.21
C ALA A 109 5.34 -1.96 7.95
N VAL A 110 5.52 -2.83 6.97
CA VAL A 110 4.81 -2.70 5.70
C VAL A 110 3.37 -2.24 5.98
N GLN A 111 2.83 -2.73 7.09
CA GLN A 111 1.47 -2.39 7.49
C GLN A 111 1.44 -1.00 8.12
N ARG A 112 2.33 -0.80 9.09
CA ARG A 112 2.41 0.46 9.79
C ARG A 112 2.33 1.62 8.79
N THR A 113 2.87 1.38 7.60
CA THR A 113 2.86 2.39 6.56
C THR A 113 1.44 2.58 6.02
N LEU A 114 0.95 1.54 5.36
CA LEU A 114 -0.38 1.57 4.78
C LEU A 114 -1.37 2.12 5.82
N MET A 115 -1.27 1.57 7.02
CA MET A 115 -2.14 2.00 8.11
C MET A 115 -2.26 3.52 8.15
N ALA A 116 -1.15 4.18 7.82
CA ALA A 116 -1.12 5.63 7.82
C ALA A 116 -1.66 6.15 6.49
N LEU A 117 -1.17 5.55 5.41
CA LEU A 117 -1.59 5.94 4.07
C LEU A 117 -3.12 6.06 4.05
N GLY A 118 -3.78 4.97 4.37
CA GLY A 118 -5.23 4.95 4.39
C GLY A 118 -5.79 6.03 5.31
N SER A 119 -5.41 5.93 6.59
CA SER A 119 -5.86 6.90 7.57
C SER A 119 -5.81 8.31 6.99
N LEU A 120 -4.74 8.57 6.26
CA LEU A 120 -4.57 9.88 5.65
C LEU A 120 -5.77 10.20 4.76
N ALA A 121 -6.16 9.21 3.97
CA ALA A 121 -7.30 9.38 3.08
C ALA A 121 -8.58 9.41 3.90
N VAL A 122 -8.55 8.70 5.01
CA VAL A 122 -9.70 8.65 5.90
C VAL A 122 -9.99 10.05 6.44
N THR A 123 -8.93 10.73 6.82
CA THR A 123 -9.05 12.08 7.35
C THR A 123 -9.77 12.99 6.34
N LYS A 124 -9.11 13.19 5.21
CA LYS A 124 -9.67 14.03 4.16
C LYS A 124 -10.99 13.43 3.68
N ASN A 125 -10.92 12.18 3.26
CA ASN A 125 -12.09 11.48 2.77
C ASN A 125 -12.43 11.97 1.37
N ASP A 126 -12.64 13.27 1.26
CA ASP A 126 -12.97 13.88 -0.02
C ASP A 126 -11.68 14.39 -0.68
N GLY A 127 -10.78 13.46 -0.93
CA GLY A 127 -9.51 13.81 -1.56
C GLY A 127 -9.25 12.92 -2.78
N ASN A 128 -9.48 11.63 -2.60
CA ASN A 128 -9.27 10.67 -3.67
C ASN A 128 -9.34 9.25 -3.11
N TYR A 129 -10.31 9.05 -2.22
CA TYR A 129 -10.50 7.75 -1.60
C TYR A 129 -11.59 6.95 -2.31
N ARG A 130 -11.23 5.74 -2.72
CA ARG A 130 -12.17 4.88 -3.42
C ARG A 130 -13.08 4.18 -2.41
N GLY A 131 -12.51 3.22 -1.71
CA GLY A 131 -13.26 2.46 -0.72
C GLY A 131 -13.86 3.39 0.33
N ASP A 132 -14.17 2.81 1.49
CA ASP A 132 -14.75 3.57 2.58
C ASP A 132 -13.63 4.07 3.50
N PRO A 133 -13.86 5.28 4.07
CA PRO A 133 -12.88 5.88 4.97
C PRO A 133 -12.89 5.19 6.34
N ASN A 134 -14.02 4.56 6.63
CA ASN A 134 -14.19 3.86 7.90
C ASN A 134 -13.67 2.42 7.75
N TRP A 135 -12.51 2.31 7.12
CA TRP A 135 -11.91 1.01 6.90
C TRP A 135 -10.68 0.89 7.82
N PHE A 136 -9.93 1.97 7.87
CA PHE A 136 -8.73 2.02 8.70
C PHE A 136 -9.03 2.63 10.07
N MET A 137 -10.07 3.45 10.10
CA MET A 137 -10.47 4.10 11.34
C MET A 137 -10.62 3.07 12.47
N LYS A 138 -10.26 3.50 13.66
CA LYS A 138 -10.34 2.64 14.83
C LYS A 138 -10.34 3.50 16.10
N SER A 139 -10.93 2.95 17.15
CA SER A 139 -11.00 3.64 18.42
C SER A 139 -9.59 4.02 18.89
N GLY A 140 -9.33 5.33 18.89
CA GLY A 140 -8.04 5.82 19.32
C GLY A 140 -7.82 7.25 18.82
N PRO A 141 -6.54 7.70 18.91
CA PRO A 141 -6.19 9.04 18.47
C PRO A 141 -6.15 9.13 16.94
N SER A 142 -6.37 10.34 16.44
CA SER A 142 -6.37 10.57 15.01
C SER A 142 -5.26 11.57 14.65
N SER A 143 -4.07 11.03 14.44
CA SER A 143 -2.93 11.84 14.08
C SER A 143 -3.35 12.90 13.06
N GLY A 144 -3.03 14.15 13.39
CA GLY A 144 -3.36 15.27 12.51
C GLY A 144 -2.93 14.99 11.08
N GLY A 1 -11.27 -23.31 0.02
CA GLY A 1 -10.95 -21.96 -0.43
C GLY A 1 -11.98 -20.96 0.07
N SER A 2 -11.94 -20.71 1.37
CA SER A 2 -12.87 -19.77 1.99
C SER A 2 -12.10 -18.76 2.85
N SER A 3 -12.13 -17.51 2.40
CA SER A 3 -11.45 -16.45 3.12
C SER A 3 -11.78 -16.52 4.62
N GLY A 4 -10.81 -16.16 5.43
CA GLY A 4 -10.98 -16.18 6.87
C GLY A 4 -9.68 -16.51 7.59
N SER A 5 -9.24 -17.75 7.42
CA SER A 5 -8.01 -18.20 8.03
C SER A 5 -6.81 -17.82 7.16
N SER A 6 -5.62 -17.95 7.75
CA SER A 6 -4.40 -17.62 7.04
C SER A 6 -4.37 -16.12 6.72
N GLY A 7 -3.30 -15.48 7.17
CA GLY A 7 -3.14 -14.04 6.94
C GLY A 7 -3.72 -13.23 8.11
N GLU A 8 -3.15 -12.06 8.30
CA GLU A 8 -3.59 -11.18 9.38
C GLU A 8 -4.86 -10.43 8.96
N GLU A 9 -5.59 -9.96 9.97
CA GLU A 9 -6.83 -9.25 9.72
C GLU A 9 -6.55 -7.99 8.90
N LEU A 10 -5.69 -7.14 9.44
CA LEU A 10 -5.33 -5.91 8.76
C LEU A 10 -5.13 -6.18 7.27
N GLU A 11 -4.12 -7.00 6.98
CA GLU A 11 -3.81 -7.35 5.60
C GLU A 11 -5.10 -7.54 4.80
N GLU A 12 -5.93 -8.45 5.30
CA GLU A 12 -7.19 -8.74 4.64
C GLU A 12 -7.87 -7.45 4.18
N ARG A 13 -7.98 -6.52 5.12
CA ARG A 13 -8.60 -5.23 4.84
C ARG A 13 -7.75 -4.44 3.86
N LEU A 14 -6.48 -4.26 4.24
CA LEU A 14 -5.55 -3.52 3.40
C LEU A 14 -5.76 -3.91 1.94
N VAL A 15 -5.67 -5.21 1.68
CA VAL A 15 -5.85 -5.72 0.34
C VAL A 15 -7.25 -5.35 -0.16
N GLU A 16 -8.24 -5.66 0.65
CA GLU A 16 -9.62 -5.36 0.30
C GLU A 16 -9.74 -3.94 -0.25
N TRP A 17 -8.80 -3.11 0.16
CA TRP A 17 -8.78 -1.72 -0.27
C TRP A 17 -8.04 -1.66 -1.61
N ILE A 18 -6.74 -1.91 -1.54
CA ILE A 18 -5.91 -1.90 -2.74
C ILE A 18 -6.66 -2.56 -3.89
N VAL A 19 -7.54 -3.48 -3.52
CA VAL A 19 -8.34 -4.19 -4.52
C VAL A 19 -9.28 -3.21 -5.22
N VAL A 20 -10.08 -2.54 -4.41
CA VAL A 20 -11.03 -1.56 -4.95
C VAL A 20 -10.27 -0.46 -5.68
N GLN A 21 -9.21 0.02 -5.02
CA GLN A 21 -8.40 1.07 -5.60
C GLN A 21 -7.88 0.65 -6.98
N CYS A 22 -6.95 -0.29 -6.96
CA CYS A 22 -6.37 -0.78 -8.20
C CYS A 22 -7.51 -1.26 -9.11
N GLY A 23 -8.34 -2.12 -8.54
CA GLY A 23 -9.47 -2.66 -9.29
C GLY A 23 -9.29 -4.15 -9.56
N PRO A 24 -10.33 -4.75 -10.19
CA PRO A 24 -10.30 -6.17 -10.51
C PRO A 24 -9.38 -6.45 -11.70
N ASP A 25 -8.14 -5.99 -11.56
CA ASP A 25 -7.15 -6.18 -12.60
C ASP A 25 -5.88 -6.79 -12.00
N VAL A 26 -5.47 -6.23 -10.88
CA VAL A 26 -4.29 -6.70 -10.19
C VAL A 26 -4.57 -8.08 -9.58
N GLY A 27 -5.82 -8.27 -9.19
CA GLY A 27 -6.23 -9.53 -8.59
C GLY A 27 -6.10 -9.48 -7.07
N ARG A 28 -5.65 -10.60 -6.50
CA ARG A 28 -5.48 -10.69 -5.07
C ARG A 28 -4.22 -11.49 -4.72
N PRO A 29 -3.76 -11.32 -3.46
CA PRO A 29 -2.57 -12.02 -3.00
C PRO A 29 -2.85 -13.50 -2.74
N ASP A 30 -1.78 -14.26 -2.57
CA ASP A 30 -1.91 -15.68 -2.31
C ASP A 30 -1.83 -15.94 -0.81
N ARG A 31 -2.29 -17.12 -0.42
CA ARG A 31 -2.29 -17.51 0.98
C ARG A 31 -0.85 -17.65 1.48
N GLY A 32 -0.74 -18.07 2.74
CA GLY A 32 0.57 -18.25 3.34
C GLY A 32 1.14 -16.92 3.82
N ARG A 33 0.33 -15.88 3.72
CA ARG A 33 0.74 -14.55 4.14
C ARG A 33 1.77 -14.00 3.16
N LEU A 34 2.88 -14.71 3.03
CA LEU A 34 3.94 -14.31 2.14
C LEU A 34 3.33 -13.76 0.84
N GLY A 35 2.26 -14.41 0.41
CA GLY A 35 1.58 -14.00 -0.81
C GLY A 35 1.43 -12.47 -0.86
N PHE A 36 0.93 -11.92 0.23
CA PHE A 36 0.73 -10.48 0.32
C PHE A 36 1.98 -9.73 -0.13
N GLN A 37 3.09 -10.05 0.51
CA GLN A 37 4.35 -9.42 0.19
C GLN A 37 4.51 -9.28 -1.32
N VAL A 38 4.67 -10.44 -1.98
CA VAL A 38 4.82 -10.46 -3.42
C VAL A 38 3.88 -9.44 -4.05
N TRP A 39 2.65 -9.43 -3.55
CA TRP A 39 1.64 -8.51 -4.06
C TRP A 39 2.22 -7.10 -4.01
N LEU A 40 2.73 -6.73 -2.84
CA LEU A 40 3.32 -5.42 -2.66
C LEU A 40 4.84 -5.55 -2.58
N LYS A 41 5.38 -6.29 -3.55
CA LYS A 41 6.81 -6.50 -3.60
C LYS A 41 7.43 -5.55 -4.63
N ASN A 42 7.01 -5.72 -5.88
CA ASN A 42 7.51 -4.89 -6.96
C ASN A 42 7.28 -3.42 -6.60
N GLY A 43 6.06 -3.11 -6.19
CA GLY A 43 5.71 -1.76 -5.81
C GLY A 43 4.78 -1.12 -6.84
N VAL A 44 4.74 -1.75 -8.02
CA VAL A 44 3.89 -1.26 -9.09
C VAL A 44 2.50 -0.97 -8.54
N ILE A 45 1.87 -2.02 -8.02
CA ILE A 45 0.54 -1.89 -7.46
C ILE A 45 0.54 -0.79 -6.40
N LEU A 46 1.53 -0.84 -5.54
CA LEU A 46 1.66 0.15 -4.47
C LEU A 46 1.59 1.56 -5.09
N SER A 47 2.30 1.71 -6.20
CA SER A 47 2.33 2.99 -6.89
C SER A 47 0.95 3.33 -7.45
N LYS A 48 0.26 2.28 -7.90
CA LYS A 48 -1.07 2.44 -8.46
C LYS A 48 -2.01 2.99 -7.38
N LEU A 49 -1.76 2.55 -6.16
CA LEU A 49 -2.57 2.98 -5.03
C LEU A 49 -2.42 4.49 -4.84
N VAL A 50 -1.24 4.88 -4.37
CA VAL A 50 -0.95 6.29 -4.15
C VAL A 50 -1.46 7.10 -5.33
N ASN A 51 -1.11 6.65 -6.53
CA ASN A 51 -1.52 7.31 -7.75
C ASN A 51 -3.03 7.53 -7.72
N SER A 52 -3.75 6.42 -7.56
CA SER A 52 -5.20 6.47 -7.52
C SER A 52 -5.66 7.65 -6.66
N LEU A 53 -5.08 7.74 -5.47
CA LEU A 53 -5.43 8.81 -4.55
C LEU A 53 -5.24 10.16 -5.25
N TYR A 54 -3.99 10.57 -5.36
CA TYR A 54 -3.68 11.83 -6.00
C TYR A 54 -4.61 12.10 -7.18
N PRO A 55 -4.97 13.40 -7.36
CA PRO A 55 -5.85 13.79 -8.44
C PRO A 55 -5.11 13.78 -9.78
N GLU A 56 -5.88 13.90 -10.85
CA GLU A 56 -5.32 13.90 -12.19
C GLU A 56 -4.33 15.05 -12.35
N GLY A 57 -3.22 14.75 -13.02
CA GLY A 57 -2.18 15.74 -13.24
C GLY A 57 -1.18 15.74 -12.09
N SER A 58 -1.71 15.59 -10.88
CA SER A 58 -0.87 15.57 -9.69
C SER A 58 -0.38 14.15 -9.41
N LYS A 59 0.08 13.50 -10.46
CA LYS A 59 0.58 12.15 -10.35
C LYS A 59 2.04 12.18 -9.89
N PRO A 60 2.27 11.66 -8.66
CA PRO A 60 3.61 11.63 -8.09
C PRO A 60 4.45 10.54 -8.74
N VAL A 61 3.97 9.31 -8.62
CA VAL A 61 4.68 8.17 -9.19
C VAL A 61 4.20 7.95 -10.64
N LYS A 62 5.06 7.34 -11.42
CA LYS A 62 4.73 7.06 -12.81
C LYS A 62 4.61 5.55 -13.01
N VAL A 63 3.37 5.12 -13.16
CA VAL A 63 3.09 3.70 -13.36
C VAL A 63 3.52 3.29 -14.76
N PRO A 64 4.51 2.37 -14.82
CA PRO A 64 5.03 1.88 -16.08
C PRO A 64 4.04 0.91 -16.74
N GLU A 65 4.27 0.67 -18.02
CA GLU A 65 3.41 -0.24 -18.78
C GLU A 65 3.31 -1.59 -18.07
N ASN A 66 4.43 -2.28 -18.03
CA ASN A 66 4.50 -3.59 -17.39
C ASN A 66 5.33 -3.50 -16.12
N PRO A 67 5.08 -4.45 -15.20
CA PRO A 67 5.81 -4.49 -13.93
C PRO A 67 7.23 -5.01 -14.14
N PRO A 68 8.18 -4.37 -13.39
CA PRO A 68 9.59 -4.76 -13.48
C PRO A 68 9.84 -6.08 -12.76
N SER A 69 11.06 -6.58 -12.90
CA SER A 69 11.43 -7.82 -12.26
C SER A 69 12.75 -7.64 -11.50
N MET A 70 13.71 -7.04 -12.17
CA MET A 70 15.01 -6.80 -11.57
C MET A 70 14.87 -6.30 -10.13
N VAL A 71 15.95 -6.44 -9.38
CA VAL A 71 15.96 -6.00 -7.99
C VAL A 71 15.99 -4.48 -7.93
N PHE A 72 17.12 -3.92 -8.36
CA PHE A 72 17.29 -2.49 -8.35
C PHE A 72 16.01 -1.78 -8.81
N LYS A 73 15.46 -2.28 -9.90
CA LYS A 73 14.24 -1.71 -10.45
C LYS A 73 13.10 -1.88 -9.44
N GLN A 74 12.72 -3.13 -9.22
CA GLN A 74 11.65 -3.44 -8.29
C GLN A 74 11.82 -2.62 -7.01
N MET A 75 13.01 -2.71 -6.44
CA MET A 75 13.31 -1.97 -5.21
C MET A 75 13.00 -0.48 -5.38
N GLU A 76 13.61 0.11 -6.39
CA GLU A 76 13.41 1.51 -6.67
C GLU A 76 11.92 1.82 -6.84
N GLN A 77 11.26 0.97 -7.62
CA GLN A 77 9.85 1.14 -7.88
C GLN A 77 9.10 1.48 -6.58
N VAL A 78 9.40 0.70 -5.55
CA VAL A 78 8.77 0.92 -4.25
C VAL A 78 9.19 2.28 -3.71
N ALA A 79 10.51 2.49 -3.69
CA ALA A 79 11.05 3.75 -3.19
C ALA A 79 10.22 4.91 -3.73
N GLN A 80 9.87 4.82 -5.00
CA GLN A 80 9.08 5.85 -5.64
C GLN A 80 7.77 6.06 -4.87
N PHE A 81 7.13 4.95 -4.53
CA PHE A 81 5.87 5.01 -3.80
C PHE A 81 6.11 5.43 -2.35
N LEU A 82 7.15 4.86 -1.76
CA LEU A 82 7.48 5.16 -0.38
C LEU A 82 7.59 6.68 -0.21
N LYS A 83 8.54 7.26 -0.92
CA LYS A 83 8.76 8.69 -0.86
C LYS A 83 7.44 9.41 -1.17
N ALA A 84 6.71 8.85 -2.11
CA ALA A 84 5.43 9.44 -2.51
C ALA A 84 4.47 9.39 -1.32
N ALA A 85 4.51 8.27 -0.61
CA ALA A 85 3.65 8.08 0.54
C ALA A 85 3.89 9.22 1.54
N GLU A 86 5.16 9.44 1.83
CA GLU A 86 5.54 10.49 2.77
C GLU A 86 4.92 11.82 2.34
N ASP A 87 5.08 12.13 1.06
CA ASP A 87 4.55 13.36 0.52
C ASP A 87 3.08 13.52 0.95
N TYR A 88 2.37 12.42 0.91
CA TYR A 88 0.97 12.42 1.29
C TYR A 88 0.77 13.01 2.69
N GLY A 89 1.54 12.48 3.64
CA GLY A 89 1.46 12.95 5.01
C GLY A 89 1.69 11.80 5.99
N VAL A 90 2.70 10.99 5.69
CA VAL A 90 3.02 9.85 6.53
C VAL A 90 4.29 10.19 7.34
N ILE A 91 4.19 9.94 8.64
CA ILE A 91 5.31 10.20 9.54
C ILE A 91 6.53 9.41 9.05
N LYS A 92 7.57 9.44 9.88
CA LYS A 92 8.80 8.75 9.54
C LYS A 92 8.93 7.49 10.41
N THR A 93 7.97 7.35 11.32
CA THR A 93 7.97 6.20 12.22
C THR A 93 6.94 5.17 11.75
N ASP A 94 6.29 5.48 10.64
CA ASP A 94 5.29 4.59 10.08
C ASP A 94 5.80 4.01 8.76
N MET A 95 6.87 4.63 8.26
CA MET A 95 7.46 4.19 7.01
C MET A 95 8.43 3.03 7.23
N PHE A 96 8.39 2.07 6.32
CA PHE A 96 9.26 0.91 6.41
C PHE A 96 10.36 0.98 5.36
N GLN A 97 11.27 0.02 5.45
CA GLN A 97 12.39 -0.04 4.51
C GLN A 97 12.03 -0.95 3.33
N THR A 98 12.40 -0.47 2.14
CA THR A 98 12.12 -1.22 0.93
C THR A 98 12.34 -2.72 1.17
N VAL A 99 13.36 -3.02 1.97
CA VAL A 99 13.67 -4.40 2.28
C VAL A 99 12.56 -5.00 3.14
N ASP A 100 12.25 -4.29 4.22
CA ASP A 100 11.21 -4.73 5.13
C ASP A 100 10.05 -5.32 4.33
N LEU A 101 9.88 -4.79 3.13
CA LEU A 101 8.81 -5.24 2.26
C LEU A 101 9.38 -6.20 1.22
N TYR A 102 10.25 -5.65 0.38
CA TYR A 102 10.88 -6.44 -0.67
C TYR A 102 11.36 -7.79 -0.13
N GLU A 103 12.13 -7.73 0.94
CA GLU A 103 12.66 -8.93 1.56
C GLU A 103 11.79 -9.33 2.75
N GLY A 104 10.57 -8.82 2.75
CA GLY A 104 9.63 -9.12 3.82
C GLY A 104 10.36 -9.23 5.17
N LYS A 105 11.40 -8.43 5.31
CA LYS A 105 12.19 -8.42 6.52
C LYS A 105 11.29 -8.06 7.71
N ASP A 106 10.29 -7.22 7.42
CA ASP A 106 9.36 -6.79 8.43
C ASP A 106 8.01 -6.49 7.78
N MET A 107 7.04 -7.32 8.10
CA MET A 107 5.69 -7.17 7.57
C MET A 107 4.90 -6.14 8.36
N ALA A 108 4.86 -6.34 9.67
CA ALA A 108 4.14 -5.43 10.55
C ALA A 108 4.39 -3.99 10.11
N ALA A 109 5.63 -3.73 9.73
CA ALA A 109 6.02 -2.39 9.28
C ALA A 109 5.27 -2.06 7.99
N VAL A 110 5.45 -2.94 7.00
CA VAL A 110 4.81 -2.75 5.72
C VAL A 110 3.37 -2.25 5.93
N GLN A 111 2.81 -2.65 7.06
CA GLN A 111 1.45 -2.24 7.40
C GLN A 111 1.45 -0.82 7.98
N ARG A 112 2.29 -0.64 9.00
CA ARG A 112 2.39 0.65 9.65
C ARG A 112 2.31 1.78 8.62
N THR A 113 2.85 1.50 7.44
CA THR A 113 2.85 2.48 6.37
C THR A 113 1.44 2.66 5.82
N LEU A 114 0.93 1.60 5.19
CA LEU A 114 -0.40 1.64 4.62
C LEU A 114 -1.38 2.19 5.66
N MET A 115 -1.28 1.66 6.87
CA MET A 115 -2.15 2.10 7.96
C MET A 115 -2.31 3.61 7.95
N ALA A 116 -1.22 4.30 7.63
CA ALA A 116 -1.24 5.74 7.58
C ALA A 116 -1.81 6.21 6.25
N LEU A 117 -1.19 5.74 5.17
CA LEU A 117 -1.63 6.09 3.84
C LEU A 117 -3.15 6.06 3.78
N GLY A 118 -3.71 4.91 4.14
CA GLY A 118 -5.15 4.74 4.14
C GLY A 118 -5.83 5.84 4.95
N SER A 119 -5.58 5.83 6.25
CA SER A 119 -6.16 6.82 7.14
C SER A 119 -6.03 8.22 6.52
N LEU A 120 -4.85 8.49 6.00
CA LEU A 120 -4.59 9.78 5.38
C LEU A 120 -5.62 10.03 4.28
N ALA A 121 -5.78 9.04 3.41
CA ALA A 121 -6.72 9.15 2.31
C ALA A 121 -8.14 9.32 2.89
N VAL A 122 -8.36 8.67 4.02
CA VAL A 122 -9.66 8.74 4.68
C VAL A 122 -9.89 10.16 5.19
N THR A 123 -8.90 10.66 5.92
CA THR A 123 -8.99 12.00 6.48
C THR A 123 -9.59 12.97 5.45
N LYS A 124 -9.01 12.95 4.25
CA LYS A 124 -9.48 13.82 3.19
C LYS A 124 -10.96 13.51 2.90
N ASN A 125 -11.19 12.28 2.44
CA ASN A 125 -12.54 11.86 2.13
C ASN A 125 -13.27 12.99 1.39
N ASP A 126 -13.10 13.00 0.07
CA ASP A 126 -13.72 14.02 -0.75
C ASP A 126 -13.88 13.49 -2.18
N GLY A 127 -12.77 12.99 -2.71
CA GLY A 127 -12.76 12.45 -4.06
C GLY A 127 -11.41 11.84 -4.39
N ASN A 128 -11.06 10.80 -3.65
CA ASN A 128 -9.79 10.12 -3.86
C ASN A 128 -9.99 8.61 -3.65
N TYR A 129 -10.37 8.26 -2.44
CA TYR A 129 -10.59 6.86 -2.10
C TYR A 129 -11.56 6.21 -3.08
N ARG A 130 -11.22 4.99 -3.47
CA ARG A 130 -12.04 4.24 -4.40
C ARG A 130 -13.12 3.45 -3.66
N GLY A 131 -12.73 2.95 -2.50
CA GLY A 131 -13.64 2.18 -1.68
C GLY A 131 -14.52 3.09 -0.81
N ASP A 132 -14.31 3.01 0.49
CA ASP A 132 -15.07 3.81 1.43
C ASP A 132 -14.12 4.37 2.50
N PRO A 133 -14.50 5.57 3.03
CA PRO A 133 -13.69 6.21 4.05
C PRO A 133 -13.87 5.51 5.41
N ASN A 134 -15.06 4.95 5.60
CA ASN A 134 -15.37 4.26 6.84
C ASN A 134 -14.82 2.83 6.76
N TRP A 135 -13.54 2.74 6.44
CA TRP A 135 -12.88 1.45 6.33
C TRP A 135 -11.76 1.40 7.38
N PHE A 136 -10.79 2.28 7.20
CA PHE A 136 -9.66 2.35 8.11
C PHE A 136 -10.04 3.11 9.39
N MET A 137 -10.47 4.35 9.19
CA MET A 137 -10.86 5.20 10.31
C MET A 137 -11.87 4.48 11.21
N LYS A 138 -11.87 4.89 12.48
CA LYS A 138 -12.78 4.29 13.45
C LYS A 138 -12.64 2.77 13.40
N SER A 139 -11.73 2.27 14.21
CA SER A 139 -11.50 0.84 14.28
C SER A 139 -10.44 0.53 15.35
N GLY A 140 -10.89 -0.16 16.39
CA GLY A 140 -9.99 -0.52 17.47
C GLY A 140 -10.22 0.37 18.69
N PRO A 141 -9.83 -0.16 19.89
CA PRO A 141 -9.98 0.59 21.12
C PRO A 141 -8.93 1.70 21.23
N SER A 142 -9.32 2.78 21.89
CA SER A 142 -8.41 3.90 22.09
C SER A 142 -8.01 4.48 20.72
N SER A 143 -7.48 5.69 20.76
CA SER A 143 -7.05 6.36 19.55
C SER A 143 -8.25 6.58 18.62
N GLY A 144 -8.45 7.84 18.26
CA GLY A 144 -9.56 8.19 17.37
C GLY A 144 -9.35 7.62 15.97
N GLY A 1 -2.15 -18.56 -10.06
CA GLY A 1 -3.58 -18.56 -9.82
C GLY A 1 -3.90 -18.42 -8.33
N SER A 2 -3.38 -17.35 -7.75
CA SER A 2 -3.60 -17.10 -6.33
C SER A 2 -5.05 -17.43 -5.96
N SER A 3 -5.18 -18.45 -5.12
CA SER A 3 -6.51 -18.87 -4.67
C SER A 3 -6.45 -19.28 -3.20
N GLY A 4 -7.38 -18.74 -2.43
CA GLY A 4 -7.45 -19.04 -1.01
C GLY A 4 -6.98 -17.85 -0.18
N SER A 5 -7.84 -16.86 -0.08
CA SER A 5 -7.52 -15.67 0.69
C SER A 5 -7.33 -16.03 2.17
N SER A 6 -6.46 -15.26 2.82
CA SER A 6 -6.17 -15.48 4.22
C SER A 6 -5.22 -14.40 4.73
N GLY A 7 -5.17 -14.28 6.06
CA GLY A 7 -4.32 -13.30 6.68
C GLY A 7 -5.07 -12.55 7.80
N GLU A 8 -4.30 -11.80 8.58
CA GLU A 8 -4.88 -11.05 9.68
C GLU A 8 -6.01 -10.15 9.18
N GLU A 9 -6.73 -9.57 10.12
CA GLU A 9 -7.84 -8.69 9.79
C GLU A 9 -7.36 -7.54 8.91
N LEU A 10 -6.50 -6.72 9.48
CA LEU A 10 -5.96 -5.58 8.76
C LEU A 10 -5.60 -6.01 7.34
N GLU A 11 -4.70 -6.97 7.26
CA GLU A 11 -4.26 -7.49 5.98
C GLU A 11 -5.45 -7.59 5.01
N GLU A 12 -6.39 -8.44 5.39
CA GLU A 12 -7.58 -8.66 4.57
C GLU A 12 -8.13 -7.30 4.10
N ARG A 13 -8.30 -6.40 5.05
CA ARG A 13 -8.83 -5.08 4.74
C ARG A 13 -7.89 -4.36 3.77
N LEU A 14 -6.63 -4.27 4.17
CA LEU A 14 -5.63 -3.60 3.35
C LEU A 14 -5.82 -4.01 1.89
N VAL A 15 -5.77 -5.31 1.66
CA VAL A 15 -5.94 -5.84 0.32
C VAL A 15 -7.28 -5.39 -0.24
N GLU A 16 -8.33 -5.68 0.52
CA GLU A 16 -9.67 -5.31 0.11
C GLU A 16 -9.69 -3.88 -0.43
N TRP A 17 -8.78 -3.08 0.10
CA TRP A 17 -8.68 -1.68 -0.30
C TRP A 17 -7.89 -1.64 -1.61
N ILE A 18 -6.71 -2.24 -1.58
CA ILE A 18 -5.86 -2.27 -2.76
C ILE A 18 -6.64 -2.83 -3.95
N VAL A 19 -7.72 -3.53 -3.62
CA VAL A 19 -8.56 -4.13 -4.64
C VAL A 19 -9.44 -3.05 -5.27
N VAL A 20 -10.11 -2.30 -4.41
CA VAL A 20 -10.98 -1.23 -4.86
C VAL A 20 -10.14 -0.12 -5.48
N GLN A 21 -9.02 0.16 -4.83
CA GLN A 21 -8.11 1.20 -5.30
C GLN A 21 -7.60 0.87 -6.70
N CYS A 22 -6.77 -0.17 -6.76
CA CYS A 22 -6.21 -0.61 -8.03
C CYS A 22 -7.35 -1.08 -8.93
N GLY A 23 -8.13 -2.00 -8.39
CA GLY A 23 -9.26 -2.55 -9.13
C GLY A 23 -9.08 -4.05 -9.38
N PRO A 24 -10.14 -4.67 -9.96
CA PRO A 24 -10.11 -6.09 -10.26
C PRO A 24 -9.21 -6.38 -11.47
N ASP A 25 -7.96 -5.94 -11.36
CA ASP A 25 -7.01 -6.15 -12.43
C ASP A 25 -5.74 -6.78 -11.86
N VAL A 26 -5.29 -6.22 -10.75
CA VAL A 26 -4.08 -6.72 -10.10
C VAL A 26 -4.38 -8.07 -9.47
N GLY A 27 -5.63 -8.24 -9.03
CA GLY A 27 -6.05 -9.47 -8.42
C GLY A 27 -5.90 -9.41 -6.89
N ARG A 28 -5.51 -10.54 -6.32
CA ARG A 28 -5.31 -10.62 -4.88
C ARG A 28 -3.89 -11.12 -4.57
N PRO A 29 -3.56 -11.08 -3.25
CA PRO A 29 -2.24 -11.53 -2.81
C PRO A 29 -2.14 -13.05 -2.82
N ASP A 30 -0.94 -13.54 -2.59
CA ASP A 30 -0.70 -14.97 -2.57
C ASP A 30 -1.17 -15.54 -1.25
N ARG A 31 -1.07 -16.86 -1.13
CA ARG A 31 -1.48 -17.55 0.09
C ARG A 31 -0.54 -17.19 1.24
N GLY A 32 -1.04 -17.41 2.44
CA GLY A 32 -0.24 -17.13 3.63
C GLY A 32 0.11 -15.64 3.71
N ARG A 33 0.31 -15.17 4.93
CA ARG A 33 0.67 -13.77 5.14
C ARG A 33 1.79 -13.36 4.19
N LEU A 34 2.84 -14.17 4.18
CA LEU A 34 3.98 -13.89 3.32
C LEU A 34 3.49 -13.39 1.97
N GLY A 35 2.56 -14.16 1.40
CA GLY A 35 2.01 -13.80 0.10
C GLY A 35 1.84 -12.29 -0.04
N PHE A 36 1.02 -11.73 0.84
CA PHE A 36 0.76 -10.31 0.83
C PHE A 36 2.04 -9.52 0.50
N GLN A 37 3.06 -9.77 1.31
CA GLN A 37 4.34 -9.10 1.12
C GLN A 37 4.75 -9.14 -0.35
N VAL A 38 4.65 -10.33 -0.93
CA VAL A 38 5.01 -10.52 -2.33
C VAL A 38 4.04 -9.74 -3.20
N TRP A 39 2.75 -9.86 -2.89
CA TRP A 39 1.73 -9.17 -3.63
C TRP A 39 2.14 -7.71 -3.77
N LEU A 40 2.75 -7.20 -2.70
CA LEU A 40 3.20 -5.82 -2.69
C LEU A 40 4.73 -5.78 -2.68
N LYS A 41 5.32 -6.55 -3.58
CA LYS A 41 6.77 -6.62 -3.68
C LYS A 41 7.22 -5.87 -4.94
N ASN A 42 6.70 -6.31 -6.07
CA ASN A 42 7.04 -5.71 -7.34
C ASN A 42 7.10 -4.19 -7.18
N GLY A 43 5.99 -3.63 -6.69
CA GLY A 43 5.91 -2.20 -6.48
C GLY A 43 4.88 -1.57 -7.42
N VAL A 44 4.83 -2.09 -8.63
CA VAL A 44 3.91 -1.59 -9.63
C VAL A 44 2.54 -1.36 -8.99
N ILE A 45 2.07 -2.39 -8.29
CA ILE A 45 0.79 -2.33 -7.62
C ILE A 45 0.79 -1.15 -6.64
N LEU A 46 1.73 -1.19 -5.71
CA LEU A 46 1.85 -0.15 -4.71
C LEU A 46 1.87 1.22 -5.42
N SER A 47 2.75 1.32 -6.40
CA SER A 47 2.89 2.55 -7.16
C SER A 47 1.54 2.93 -7.77
N LYS A 48 0.81 1.92 -8.20
CA LYS A 48 -0.49 2.14 -8.81
C LYS A 48 -1.44 2.74 -7.77
N LEU A 49 -1.30 2.26 -6.55
CA LEU A 49 -2.13 2.74 -5.46
C LEU A 49 -1.97 4.25 -5.32
N VAL A 50 -0.82 4.64 -4.78
CA VAL A 50 -0.52 6.05 -4.59
C VAL A 50 -0.93 6.82 -5.85
N ASN A 51 -0.51 6.30 -7.00
CA ASN A 51 -0.83 6.93 -8.26
C ASN A 51 -2.34 7.15 -8.36
N SER A 52 -3.07 6.05 -8.19
CA SER A 52 -4.52 6.10 -8.27
C SER A 52 -5.04 7.29 -7.46
N LEU A 53 -4.44 7.48 -6.30
CA LEU A 53 -4.84 8.58 -5.42
C LEU A 53 -4.62 9.91 -6.15
N TYR A 54 -3.40 10.40 -6.06
CA TYR A 54 -3.05 11.66 -6.71
C TYR A 54 -3.77 11.80 -8.05
N PRO A 55 -3.98 13.09 -8.45
CA PRO A 55 -4.65 13.38 -9.70
C PRO A 55 -3.72 13.12 -10.89
N GLU A 56 -4.34 12.99 -12.05
CA GLU A 56 -3.59 12.74 -13.28
C GLU A 56 -2.56 13.84 -13.50
N GLY A 57 -2.97 15.06 -13.17
CA GLY A 57 -2.10 16.21 -13.34
C GLY A 57 -1.20 16.38 -12.12
N SER A 58 -0.75 15.26 -11.57
CA SER A 58 0.12 15.27 -10.41
C SER A 58 0.59 13.86 -10.08
N LYS A 59 0.99 13.15 -11.13
CA LYS A 59 1.46 11.78 -10.98
C LYS A 59 2.88 11.80 -10.38
N PRO A 60 2.98 11.29 -9.13
CA PRO A 60 4.26 11.23 -8.45
C PRO A 60 5.15 10.13 -9.03
N VAL A 61 4.75 8.90 -8.77
CA VAL A 61 5.48 7.75 -9.25
C VAL A 61 5.11 7.47 -10.71
N LYS A 62 5.94 6.69 -11.37
CA LYS A 62 5.71 6.34 -12.76
C LYS A 62 5.69 4.82 -12.91
N VAL A 63 4.49 4.28 -12.97
CA VAL A 63 4.32 2.84 -13.12
C VAL A 63 4.05 2.51 -14.58
N PRO A 64 5.02 1.78 -15.19
CA PRO A 64 4.91 1.38 -16.58
C PRO A 64 3.89 0.25 -16.75
N GLU A 65 3.49 0.04 -17.99
CA GLU A 65 2.53 -1.00 -18.30
C GLU A 65 3.03 -2.35 -17.78
N ASN A 66 4.21 -2.73 -18.25
CA ASN A 66 4.81 -3.99 -17.84
C ASN A 66 5.56 -3.78 -16.51
N PRO A 67 5.53 -4.85 -15.67
CA PRO A 67 6.20 -4.80 -14.39
C PRO A 67 7.72 -4.92 -14.55
N PRO A 68 8.46 -4.24 -13.62
CA PRO A 68 9.91 -4.26 -13.66
C PRO A 68 10.45 -5.60 -13.15
N SER A 69 11.47 -6.09 -13.84
CA SER A 69 12.09 -7.36 -13.46
C SER A 69 13.34 -7.10 -12.64
N MET A 70 14.20 -6.25 -13.18
CA MET A 70 15.45 -5.92 -12.51
C MET A 70 15.21 -5.54 -11.05
N VAL A 71 16.01 -6.12 -10.18
CA VAL A 71 15.89 -5.85 -8.75
C VAL A 71 15.94 -4.33 -8.52
N PHE A 72 17.08 -3.76 -8.88
CA PHE A 72 17.28 -2.33 -8.72
C PHE A 72 16.00 -1.55 -9.04
N LYS A 73 15.48 -1.81 -10.23
CA LYS A 73 14.27 -1.13 -10.66
C LYS A 73 13.16 -1.37 -9.64
N GLN A 74 12.77 -2.63 -9.50
CA GLN A 74 11.74 -3.01 -8.57
C GLN A 74 11.89 -2.21 -7.26
N MET A 75 13.03 -2.42 -6.61
CA MET A 75 13.32 -1.74 -5.36
C MET A 75 12.94 -0.26 -5.46
N GLU A 76 13.35 0.36 -6.57
CA GLU A 76 13.07 1.76 -6.78
C GLU A 76 11.56 1.99 -6.89
N GLN A 77 10.92 1.19 -7.73
CA GLN A 77 9.49 1.31 -7.94
C GLN A 77 8.79 1.58 -6.60
N VAL A 78 9.20 0.83 -5.59
CA VAL A 78 8.62 0.99 -4.27
C VAL A 78 9.05 2.33 -3.68
N ALA A 79 10.37 2.52 -3.62
CA ALA A 79 10.92 3.75 -3.08
C ALA A 79 10.10 4.94 -3.58
N GLN A 80 9.81 4.91 -4.88
CA GLN A 80 9.03 5.97 -5.50
C GLN A 80 7.72 6.19 -4.73
N PHE A 81 7.07 5.08 -4.42
CA PHE A 81 5.81 5.14 -3.70
C PHE A 81 6.03 5.56 -2.24
N LEU A 82 7.03 4.93 -1.63
CA LEU A 82 7.36 5.23 -0.24
C LEU A 82 7.41 6.75 -0.05
N LYS A 83 8.30 7.37 -0.82
CA LYS A 83 8.47 8.82 -0.73
C LYS A 83 7.13 9.50 -1.03
N ALA A 84 6.43 8.94 -2.01
CA ALA A 84 5.13 9.48 -2.40
C ALA A 84 4.17 9.40 -1.22
N ALA A 85 4.30 8.30 -0.48
CA ALA A 85 3.44 8.09 0.69
C ALA A 85 3.75 9.15 1.74
N GLU A 86 5.03 9.31 2.02
CA GLU A 86 5.47 10.28 3.01
C GLU A 86 4.86 11.66 2.70
N ASP A 87 4.92 12.03 1.43
CA ASP A 87 4.37 13.30 1.00
C ASP A 87 2.90 13.40 1.41
N TYR A 88 2.18 12.31 1.17
CA TYR A 88 0.77 12.26 1.51
C TYR A 88 0.52 12.87 2.89
N GLY A 89 1.51 12.75 3.75
CA GLY A 89 1.41 13.28 5.09
C GLY A 89 1.59 12.19 6.14
N VAL A 90 2.47 11.25 5.82
CA VAL A 90 2.74 10.14 6.71
C VAL A 90 3.91 10.50 7.63
N ILE A 91 3.97 9.81 8.76
CA ILE A 91 5.04 10.06 9.73
C ILE A 91 6.33 9.41 9.23
N LYS A 92 7.35 9.49 10.07
CA LYS A 92 8.64 8.92 9.72
C LYS A 92 8.88 7.66 10.56
N THR A 93 7.95 7.42 11.49
CA THR A 93 8.05 6.26 12.35
C THR A 93 7.15 5.13 11.85
N ASP A 94 6.48 5.41 10.73
CA ASP A 94 5.59 4.44 10.13
C ASP A 94 6.21 3.91 8.84
N MET A 95 7.13 4.69 8.29
CA MET A 95 7.81 4.32 7.07
C MET A 95 8.65 3.06 7.26
N PHE A 96 8.67 2.22 6.24
CA PHE A 96 9.43 0.99 6.29
C PHE A 96 10.55 0.99 5.25
N GLN A 97 11.37 -0.05 5.30
CA GLN A 97 12.47 -0.19 4.36
C GLN A 97 12.05 -1.02 3.16
N THR A 98 12.53 -0.61 1.99
CA THR A 98 12.21 -1.32 0.76
C THR A 98 12.40 -2.82 0.94
N VAL A 99 13.41 -3.18 1.73
CA VAL A 99 13.70 -4.57 2.00
C VAL A 99 12.59 -5.17 2.86
N ASP A 100 12.21 -4.42 3.88
CA ASP A 100 11.17 -4.86 4.79
C ASP A 100 10.00 -5.44 3.98
N LEU A 101 9.87 -4.93 2.75
CA LEU A 101 8.81 -5.38 1.87
C LEU A 101 9.40 -6.30 0.80
N TYR A 102 10.30 -5.75 0.01
CA TYR A 102 10.94 -6.50 -1.05
C TYR A 102 11.43 -7.87 -0.53
N GLU A 103 12.20 -7.81 0.54
CA GLU A 103 12.73 -9.02 1.15
C GLU A 103 11.88 -9.44 2.35
N GLY A 104 10.68 -8.89 2.40
CA GLY A 104 9.76 -9.19 3.49
C GLY A 104 10.51 -9.32 4.82
N LYS A 105 11.45 -8.40 5.02
CA LYS A 105 12.24 -8.40 6.24
C LYS A 105 11.36 -7.97 7.41
N ASP A 106 10.41 -7.11 7.11
CA ASP A 106 9.50 -6.60 8.13
C ASP A 106 8.17 -6.22 7.47
N MET A 107 7.27 -7.19 7.43
CA MET A 107 5.96 -6.97 6.83
C MET A 107 5.08 -6.11 7.75
N ALA A 108 5.09 -6.47 9.03
CA ALA A 108 4.30 -5.75 10.01
C ALA A 108 4.52 -4.24 9.82
N ALA A 109 5.75 -3.89 9.51
CA ALA A 109 6.11 -2.49 9.30
C ALA A 109 5.41 -1.97 8.04
N VAL A 110 5.62 -2.70 6.95
CA VAL A 110 5.02 -2.33 5.68
C VAL A 110 3.60 -1.82 5.92
N GLN A 111 2.92 -2.46 6.87
CA GLN A 111 1.56 -2.08 7.20
C GLN A 111 1.54 -0.71 7.89
N ARG A 112 2.37 -0.59 8.92
CA ARG A 112 2.46 0.65 9.67
C ARG A 112 2.35 1.85 8.72
N THR A 113 2.91 1.66 7.53
CA THR A 113 2.89 2.72 6.53
C THR A 113 1.48 2.84 5.91
N LEU A 114 1.02 1.73 5.37
CA LEU A 114 -0.29 1.69 4.74
C LEU A 114 -1.33 2.24 5.72
N MET A 115 -1.30 1.70 6.93
CA MET A 115 -2.23 2.12 7.97
C MET A 115 -2.38 3.65 7.98
N ALA A 116 -1.24 4.32 7.82
CA ALA A 116 -1.22 5.77 7.82
C ALA A 116 -1.81 6.28 6.49
N LEU A 117 -1.26 5.75 5.40
CA LEU A 117 -1.71 6.14 4.08
C LEU A 117 -3.24 6.10 4.03
N GLY A 118 -3.79 5.03 4.57
CA GLY A 118 -5.23 4.85 4.60
C GLY A 118 -5.90 5.96 5.40
N SER A 119 -5.61 5.97 6.70
CA SER A 119 -6.18 6.99 7.58
C SER A 119 -6.10 8.36 6.91
N LEU A 120 -4.93 8.68 6.41
CA LEU A 120 -4.72 9.96 5.76
C LEU A 120 -5.77 10.14 4.66
N ALA A 121 -5.92 9.10 3.85
CA ALA A 121 -6.88 9.14 2.76
C ALA A 121 -8.30 9.15 3.33
N VAL A 122 -8.40 8.67 4.57
CA VAL A 122 -9.69 8.61 5.24
C VAL A 122 -10.04 10.01 5.77
N THR A 123 -9.15 10.53 6.62
CA THR A 123 -9.36 11.84 7.20
C THR A 123 -9.77 12.85 6.12
N LYS A 124 -9.24 12.64 4.93
CA LYS A 124 -9.54 13.51 3.80
C LYS A 124 -11.06 13.53 3.58
N ASN A 125 -11.63 12.34 3.51
CA ASN A 125 -13.06 12.21 3.29
C ASN A 125 -13.43 12.80 1.92
N ASP A 126 -13.63 11.92 0.96
CA ASP A 126 -13.98 12.33 -0.37
C ASP A 126 -12.87 13.21 -0.95
N GLY A 127 -11.65 12.68 -0.88
CA GLY A 127 -10.50 13.40 -1.38
C GLY A 127 -9.83 12.64 -2.52
N ASN A 128 -9.84 11.31 -2.39
CA ASN A 128 -9.23 10.46 -3.41
C ASN A 128 -9.75 9.03 -3.23
N TYR A 129 -9.79 8.60 -1.98
CA TYR A 129 -10.25 7.26 -1.66
C TYR A 129 -11.41 6.86 -2.56
N ARG A 130 -11.57 5.55 -2.72
CA ARG A 130 -12.65 5.02 -3.55
C ARG A 130 -13.58 4.14 -2.71
N GLY A 131 -12.97 3.25 -1.94
CA GLY A 131 -13.74 2.34 -1.10
C GLY A 131 -14.34 3.09 0.09
N ASP A 132 -14.46 2.37 1.20
CA ASP A 132 -15.03 2.95 2.41
C ASP A 132 -13.88 3.44 3.31
N PRO A 133 -14.09 4.65 3.90
CA PRO A 133 -13.10 5.23 4.77
C PRO A 133 -13.09 4.54 6.14
N ASN A 134 -14.27 4.12 6.56
CA ASN A 134 -14.40 3.43 7.84
C ASN A 134 -13.40 2.29 7.91
N TRP A 135 -12.96 1.85 6.74
CA TRP A 135 -12.00 0.76 6.65
C TRP A 135 -10.81 1.11 7.55
N PHE A 136 -10.49 2.39 7.57
CA PHE A 136 -9.38 2.88 8.38
C PHE A 136 -9.72 4.21 9.03
N MET A 137 -10.48 4.14 10.11
CA MET A 137 -10.89 5.33 10.83
C MET A 137 -9.75 5.84 11.72
N LYS A 138 -9.15 4.91 12.45
CA LYS A 138 -8.05 5.25 13.34
C LYS A 138 -6.73 4.85 12.69
N SER A 139 -5.66 5.45 13.18
CA SER A 139 -4.34 5.16 12.66
C SER A 139 -3.44 4.58 13.76
N GLY A 140 -3.23 5.40 14.79
CA GLY A 140 -2.42 4.98 15.92
C GLY A 140 -2.76 5.78 17.17
N PRO A 141 -1.74 5.95 18.05
CA PRO A 141 -1.93 6.68 19.28
C PRO A 141 -1.99 8.19 19.03
N SER A 142 -3.11 8.77 19.45
CA SER A 142 -3.31 10.20 19.27
C SER A 142 -3.26 10.92 20.62
N SER A 143 -2.18 11.65 20.83
CA SER A 143 -2.00 12.39 22.07
C SER A 143 -1.98 11.42 23.26
N GLY A 144 -1.24 11.80 24.28
CA GLY A 144 -1.12 10.98 25.47
C GLY A 144 -0.28 11.67 26.54
N GLY A 1 -16.45 -19.07 12.50
CA GLY A 1 -15.33 -19.64 11.77
C GLY A 1 -15.04 -21.07 12.23
N SER A 2 -13.94 -21.61 11.73
CA SER A 2 -13.54 -22.97 12.08
C SER A 2 -12.18 -23.28 11.48
N SER A 3 -12.11 -23.19 10.17
CA SER A 3 -10.87 -23.46 9.46
C SER A 3 -10.73 -22.51 8.25
N GLY A 4 -9.63 -21.79 8.24
CA GLY A 4 -9.37 -20.85 7.15
C GLY A 4 -8.08 -20.06 7.41
N SER A 5 -7.55 -19.51 6.33
CA SER A 5 -6.32 -18.73 6.43
C SER A 5 -6.12 -17.90 5.15
N SER A 6 -5.90 -16.62 5.34
CA SER A 6 -5.70 -15.72 4.22
C SER A 6 -4.76 -14.57 4.64
N GLY A 7 -5.20 -13.83 5.65
CA GLY A 7 -4.42 -12.71 6.15
C GLY A 7 -4.98 -12.20 7.47
N GLU A 8 -4.31 -11.19 8.02
CA GLU A 8 -4.73 -10.60 9.27
C GLU A 8 -5.92 -9.66 9.05
N GLU A 9 -6.62 -9.40 10.13
CA GLU A 9 -7.78 -8.51 10.08
C GLU A 9 -7.37 -7.13 9.58
N LEU A 10 -6.09 -6.85 9.70
CA LEU A 10 -5.55 -5.57 9.28
C LEU A 10 -5.23 -5.62 7.79
N GLU A 11 -4.52 -6.68 7.40
CA GLU A 11 -4.14 -6.86 6.01
C GLU A 11 -5.38 -6.87 5.12
N GLU A 12 -6.38 -7.62 5.57
CA GLU A 12 -7.62 -7.73 4.82
C GLU A 12 -8.00 -6.38 4.21
N ARG A 13 -7.97 -5.36 5.06
CA ARG A 13 -8.31 -4.02 4.62
C ARG A 13 -7.33 -3.55 3.54
N LEU A 14 -6.05 -3.58 3.90
CA LEU A 14 -5.01 -3.17 2.98
C LEU A 14 -5.34 -3.70 1.57
N VAL A 15 -5.54 -5.00 1.50
CA VAL A 15 -5.86 -5.64 0.24
C VAL A 15 -7.23 -5.16 -0.24
N GLU A 16 -8.24 -5.47 0.55
CA GLU A 16 -9.60 -5.07 0.22
C GLU A 16 -9.62 -3.65 -0.34
N TRP A 17 -8.73 -2.83 0.19
CA TRP A 17 -8.63 -1.45 -0.24
C TRP A 17 -7.96 -1.42 -1.62
N ILE A 18 -6.73 -1.92 -1.65
CA ILE A 18 -5.98 -1.97 -2.90
C ILE A 18 -6.88 -2.50 -4.01
N VAL A 19 -7.85 -3.31 -3.61
CA VAL A 19 -8.77 -3.91 -4.56
C VAL A 19 -9.66 -2.81 -5.14
N VAL A 20 -10.30 -2.06 -4.24
CA VAL A 20 -11.18 -0.99 -4.65
C VAL A 20 -10.35 0.15 -5.24
N GLN A 21 -9.18 0.35 -4.66
CA GLN A 21 -8.28 1.40 -5.12
C GLN A 21 -7.80 1.10 -6.53
N CYS A 22 -6.99 0.05 -6.64
CA CYS A 22 -6.45 -0.36 -7.93
C CYS A 22 -7.60 -0.85 -8.80
N GLY A 23 -8.38 -1.77 -8.24
CA GLY A 23 -9.52 -2.34 -8.95
C GLY A 23 -9.35 -3.85 -9.14
N PRO A 24 -10.41 -4.46 -9.70
CA PRO A 24 -10.39 -5.90 -9.95
C PRO A 24 -9.50 -6.25 -11.14
N ASP A 25 -8.26 -5.80 -11.06
CA ASP A 25 -7.31 -6.05 -12.13
C ASP A 25 -6.06 -6.71 -11.53
N VAL A 26 -5.53 -6.07 -10.50
CA VAL A 26 -4.34 -6.57 -9.83
C VAL A 26 -4.65 -7.94 -9.21
N GLY A 27 -5.90 -8.10 -8.80
CA GLY A 27 -6.33 -9.33 -8.18
C GLY A 27 -6.10 -9.31 -6.67
N ARG A 28 -5.85 -10.49 -6.12
CA ARG A 28 -5.60 -10.61 -4.70
C ARG A 28 -4.33 -11.45 -4.45
N PRO A 29 -3.90 -11.46 -3.16
CA PRO A 29 -2.70 -12.20 -2.79
C PRO A 29 -3.00 -13.70 -2.74
N ASP A 30 -1.92 -14.48 -2.87
CA ASP A 30 -2.04 -15.92 -2.85
C ASP A 30 -2.07 -16.40 -1.40
N ARG A 31 -2.02 -17.72 -1.25
CA ARG A 31 -2.05 -18.32 0.08
C ARG A 31 -1.16 -17.52 1.04
N GLY A 32 -1.44 -17.69 2.32
CA GLY A 32 -0.68 -16.99 3.35
C GLY A 32 0.79 -17.42 3.34
N ARG A 33 1.42 -17.29 4.49
CA ARG A 33 2.83 -17.66 4.62
C ARG A 33 3.70 -16.69 3.82
N LEU A 34 3.52 -16.72 2.51
CA LEU A 34 4.29 -15.85 1.64
C LEU A 34 3.46 -15.54 0.39
N GLY A 35 2.72 -14.44 0.48
CA GLY A 35 1.88 -14.02 -0.63
C GLY A 35 1.80 -12.48 -0.71
N PHE A 36 1.15 -11.91 0.29
CA PHE A 36 1.00 -10.47 0.36
C PHE A 36 2.33 -9.76 0.07
N GLN A 37 3.36 -10.20 0.78
CA GLN A 37 4.69 -9.62 0.62
C GLN A 37 5.05 -9.54 -0.87
N VAL A 38 4.77 -10.64 -1.56
CA VAL A 38 5.06 -10.70 -2.99
C VAL A 38 4.05 -9.83 -3.76
N TRP A 39 2.82 -9.83 -3.25
CA TRP A 39 1.76 -9.06 -3.87
C TRP A 39 2.23 -7.61 -3.98
N LEU A 40 2.82 -7.13 -2.89
CA LEU A 40 3.31 -5.77 -2.85
C LEU A 40 4.85 -5.79 -2.89
N LYS A 41 5.38 -6.62 -3.77
CA LYS A 41 6.81 -6.74 -3.92
C LYS A 41 7.25 -6.00 -5.19
N ASN A 42 6.61 -6.35 -6.30
CA ASN A 42 6.93 -5.73 -7.57
C ASN A 42 7.00 -4.22 -7.39
N GLY A 43 5.92 -3.66 -6.87
CA GLY A 43 5.84 -2.23 -6.63
C GLY A 43 4.85 -1.58 -7.60
N VAL A 44 4.74 -2.17 -8.78
CA VAL A 44 3.84 -1.65 -9.80
C VAL A 44 2.47 -1.37 -9.16
N ILE A 45 2.02 -2.34 -8.37
CA ILE A 45 0.73 -2.22 -7.71
C ILE A 45 0.78 -1.05 -6.72
N LEU A 46 1.78 -1.10 -5.84
CA LEU A 46 1.95 -0.07 -4.84
C LEU A 46 1.92 1.31 -5.52
N SER A 47 2.72 1.42 -6.57
CA SER A 47 2.80 2.67 -7.31
C SER A 47 1.43 3.00 -7.92
N LYS A 48 0.72 1.95 -8.30
CA LYS A 48 -0.59 2.12 -8.90
C LYS A 48 -1.56 2.65 -7.83
N LEU A 49 -1.36 2.19 -6.61
CA LEU A 49 -2.20 2.60 -5.50
C LEU A 49 -2.15 4.12 -5.37
N VAL A 50 -1.02 4.60 -4.86
CA VAL A 50 -0.84 6.04 -4.69
C VAL A 50 -1.38 6.77 -5.91
N ASN A 51 -0.97 6.31 -7.07
CA ASN A 51 -1.40 6.90 -8.32
C ASN A 51 -2.91 7.13 -8.27
N SER A 52 -3.64 6.04 -8.11
CA SER A 52 -5.09 6.11 -8.04
C SER A 52 -5.52 7.31 -7.20
N LEU A 53 -4.96 7.38 -6.00
CA LEU A 53 -5.29 8.47 -5.09
C LEU A 53 -5.10 9.80 -5.82
N TYR A 54 -3.85 10.22 -5.92
CA TYR A 54 -3.54 11.47 -6.58
C TYR A 54 -4.29 11.60 -7.91
N PRO A 55 -4.85 12.81 -8.15
CA PRO A 55 -5.59 13.07 -9.37
C PRO A 55 -4.66 13.23 -10.56
N GLU A 56 -5.25 13.55 -11.71
CA GLU A 56 -4.47 13.73 -12.93
C GLU A 56 -3.50 14.91 -12.76
N GLY A 57 -2.28 14.70 -13.22
CA GLY A 57 -1.26 15.72 -13.14
C GLY A 57 -0.57 15.70 -11.77
N SER A 58 -1.17 14.96 -10.86
CA SER A 58 -0.62 14.84 -9.52
C SER A 58 0.18 13.55 -9.39
N LYS A 59 -0.22 12.57 -10.18
CA LYS A 59 0.44 11.27 -10.17
C LYS A 59 1.95 11.48 -9.97
N PRO A 60 2.42 11.11 -8.75
CA PRO A 60 3.83 11.25 -8.42
C PRO A 60 4.67 10.17 -9.11
N VAL A 61 4.24 8.93 -8.90
CA VAL A 61 4.94 7.80 -9.49
C VAL A 61 4.51 7.64 -10.95
N LYS A 62 5.31 6.90 -11.70
CA LYS A 62 5.02 6.66 -13.10
C LYS A 62 5.16 5.17 -13.40
N VAL A 63 4.03 4.49 -13.39
CA VAL A 63 4.00 3.06 -13.65
C VAL A 63 4.45 2.81 -15.09
N PRO A 64 5.65 2.18 -15.22
CA PRO A 64 6.21 1.87 -16.52
C PRO A 64 5.48 0.68 -17.17
N GLU A 65 5.68 0.56 -18.47
CA GLU A 65 5.05 -0.52 -19.22
C GLU A 65 5.56 -1.88 -18.73
N ASN A 66 6.87 -2.06 -18.88
CA ASN A 66 7.49 -3.30 -18.47
C ASN A 66 7.90 -3.20 -16.99
N PRO A 67 7.47 -4.23 -16.20
CA PRO A 67 7.78 -4.26 -14.78
C PRO A 67 9.24 -4.64 -14.54
N PRO A 68 9.80 -4.10 -13.43
CA PRO A 68 11.18 -4.37 -13.07
C PRO A 68 11.34 -5.78 -12.52
N SER A 69 12.54 -6.06 -12.04
CA SER A 69 12.85 -7.37 -11.49
C SER A 69 14.06 -7.28 -10.56
N MET A 70 15.07 -6.58 -11.03
CA MET A 70 16.29 -6.41 -10.25
C MET A 70 16.01 -5.67 -8.94
N VAL A 71 16.64 -6.14 -7.88
CA VAL A 71 16.46 -5.54 -6.57
C VAL A 71 16.49 -4.02 -6.71
N PHE A 72 17.67 -3.50 -6.99
CA PHE A 72 17.84 -2.06 -7.14
C PHE A 72 16.82 -1.50 -8.12
N LYS A 73 16.27 -2.38 -8.94
CA LYS A 73 15.29 -1.98 -9.93
C LYS A 73 13.91 -1.92 -9.26
N GLN A 74 13.39 -3.08 -8.94
CA GLN A 74 12.08 -3.18 -8.30
C GLN A 74 12.03 -2.24 -7.08
N MET A 75 13.11 -2.25 -6.32
CA MET A 75 13.19 -1.42 -5.13
C MET A 75 12.77 0.03 -5.45
N GLU A 76 13.28 0.52 -6.57
CA GLU A 76 12.96 1.87 -6.99
C GLU A 76 11.45 2.05 -7.17
N GLN A 77 10.84 1.03 -7.76
CA GLN A 77 9.41 1.06 -8.00
C GLN A 77 8.66 1.36 -6.69
N VAL A 78 9.05 0.66 -5.64
CA VAL A 78 8.44 0.85 -4.35
C VAL A 78 8.91 2.17 -3.75
N ALA A 79 10.19 2.45 -3.95
CA ALA A 79 10.78 3.68 -3.43
C ALA A 79 9.96 4.87 -3.90
N GLN A 80 9.68 4.88 -5.20
CA GLN A 80 8.91 5.96 -5.79
C GLN A 80 7.61 6.17 -5.02
N PHE A 81 6.94 5.06 -4.73
CA PHE A 81 5.69 5.11 -3.99
C PHE A 81 5.93 5.51 -2.53
N LEU A 82 6.96 4.93 -1.95
CA LEU A 82 7.30 5.21 -0.57
C LEU A 82 7.40 6.72 -0.38
N LYS A 83 8.22 7.35 -1.21
CA LYS A 83 8.40 8.79 -1.14
C LYS A 83 7.06 9.48 -1.37
N ALA A 84 6.29 8.93 -2.30
CA ALA A 84 4.99 9.48 -2.63
C ALA A 84 4.08 9.37 -1.40
N ALA A 85 4.16 8.23 -0.74
CA ALA A 85 3.35 7.99 0.44
C ALA A 85 3.64 9.08 1.48
N GLU A 86 4.93 9.34 1.67
CA GLU A 86 5.34 10.35 2.63
C GLU A 86 4.70 11.69 2.30
N ASP A 87 4.89 12.11 1.06
CA ASP A 87 4.34 13.38 0.60
C ASP A 87 2.89 13.50 1.09
N TYR A 88 2.18 12.38 1.02
CA TYR A 88 0.80 12.34 1.46
C TYR A 88 0.64 12.91 2.87
N GLY A 89 1.46 12.40 3.77
CA GLY A 89 1.43 12.83 5.16
C GLY A 89 1.65 11.66 6.11
N VAL A 90 2.63 10.83 5.76
CA VAL A 90 2.96 9.67 6.58
C VAL A 90 4.24 9.94 7.36
N ILE A 91 4.19 9.65 8.64
CA ILE A 91 5.35 9.86 9.51
C ILE A 91 6.55 9.10 8.94
N LYS A 92 7.65 9.15 9.68
CA LYS A 92 8.86 8.47 9.26
C LYS A 92 9.05 7.20 10.10
N THR A 93 8.13 7.01 11.03
CA THR A 93 8.19 5.86 11.91
C THR A 93 7.15 4.80 11.48
N ASP A 94 6.41 5.15 10.43
CA ASP A 94 5.39 4.25 9.91
C ASP A 94 5.86 3.67 8.58
N MET A 95 6.84 4.34 7.99
CA MET A 95 7.39 3.91 6.72
C MET A 95 8.39 2.77 6.91
N PHE A 96 8.32 1.80 6.01
CA PHE A 96 9.21 0.66 6.07
C PHE A 96 10.32 0.77 5.03
N GLN A 97 11.21 -0.21 5.06
CA GLN A 97 12.33 -0.22 4.12
C GLN A 97 12.01 -1.13 2.93
N THR A 98 12.33 -0.64 1.75
CA THR A 98 12.07 -1.38 0.53
C THR A 98 12.33 -2.87 0.76
N VAL A 99 13.44 -3.16 1.42
CA VAL A 99 13.81 -4.53 1.72
C VAL A 99 12.73 -5.18 2.58
N ASP A 100 12.40 -4.50 3.67
CA ASP A 100 11.38 -5.00 4.58
C ASP A 100 10.21 -5.57 3.77
N LEU A 101 10.02 -5.01 2.59
CA LEU A 101 8.95 -5.44 1.71
C LEU A 101 9.50 -6.44 0.69
N TYR A 102 10.41 -5.94 -0.14
CA TYR A 102 11.03 -6.77 -1.16
C TYR A 102 11.49 -8.10 -0.58
N GLU A 103 12.29 -8.00 0.48
CA GLU A 103 12.81 -9.19 1.14
C GLU A 103 11.79 -9.74 2.13
N GLY A 104 10.83 -8.89 2.47
CA GLY A 104 9.78 -9.27 3.41
C GLY A 104 10.35 -9.45 4.82
N LYS A 105 11.43 -8.73 5.09
CA LYS A 105 12.07 -8.80 6.38
C LYS A 105 11.07 -8.40 7.47
N ASP A 106 10.70 -7.12 7.45
CA ASP A 106 9.76 -6.60 8.43
C ASP A 106 8.44 -6.28 7.73
N MET A 107 7.49 -7.19 7.87
CA MET A 107 6.19 -7.02 7.25
C MET A 107 5.33 -6.05 8.06
N ALA A 108 5.33 -6.26 9.37
CA ALA A 108 4.56 -5.41 10.27
C ALA A 108 4.66 -3.95 9.81
N ALA A 109 5.85 -3.61 9.34
CA ALA A 109 6.11 -2.25 8.86
C ALA A 109 5.30 -2.00 7.59
N VAL A 110 5.52 -2.87 6.61
CA VAL A 110 4.83 -2.76 5.34
C VAL A 110 3.36 -2.37 5.59
N GLN A 111 2.87 -2.80 6.74
CA GLN A 111 1.50 -2.51 7.12
C GLN A 111 1.40 -1.13 7.77
N ARG A 112 2.24 -0.92 8.77
CA ARG A 112 2.25 0.35 9.48
C ARG A 112 2.12 1.50 8.49
N THR A 113 2.70 1.32 7.32
CA THR A 113 2.65 2.34 6.28
C THR A 113 1.22 2.49 5.76
N LEU A 114 0.72 1.43 5.16
CA LEU A 114 -0.63 1.44 4.61
C LEU A 114 -1.60 1.90 5.69
N MET A 115 -1.43 1.34 6.88
CA MET A 115 -2.28 1.69 8.00
C MET A 115 -2.45 3.21 8.13
N ALA A 116 -1.35 3.91 7.84
CA ALA A 116 -1.36 5.36 7.91
C ALA A 116 -1.89 5.93 6.60
N LEU A 117 -1.34 5.43 5.50
CA LEU A 117 -1.74 5.88 4.18
C LEU A 117 -3.27 5.93 4.11
N GLY A 118 -3.87 4.76 4.29
CA GLY A 118 -5.32 4.65 4.24
C GLY A 118 -5.97 5.67 5.18
N SER A 119 -5.65 5.54 6.47
CA SER A 119 -6.20 6.43 7.48
C SER A 119 -6.08 7.89 7.00
N LEU A 120 -4.92 8.20 6.45
CA LEU A 120 -4.67 9.54 5.96
C LEU A 120 -5.79 9.95 5.01
N ALA A 121 -6.08 9.07 4.06
CA ALA A 121 -7.13 9.32 3.10
C ALA A 121 -8.47 9.45 3.82
N VAL A 122 -8.59 8.71 4.91
CA VAL A 122 -9.80 8.72 5.71
C VAL A 122 -9.91 10.07 6.44
N THR A 123 -8.81 10.45 7.05
CA THR A 123 -8.76 11.71 7.79
C THR A 123 -9.21 12.87 6.90
N LYS A 124 -8.73 12.84 5.67
CA LYS A 124 -9.07 13.88 4.71
C LYS A 124 -10.59 14.09 4.71
N ASN A 125 -11.24 13.42 3.77
CA ASN A 125 -12.68 13.51 3.65
C ASN A 125 -13.18 12.45 2.66
N ASP A 126 -12.62 11.27 2.79
CA ASP A 126 -12.99 10.16 1.93
C ASP A 126 -13.10 10.68 0.48
N GLY A 127 -12.29 11.68 0.18
CA GLY A 127 -12.27 12.26 -1.15
C GLY A 127 -11.62 11.30 -2.16
N ASN A 128 -10.31 11.16 -2.03
CA ASN A 128 -9.57 10.29 -2.93
C ASN A 128 -9.93 8.83 -2.62
N TYR A 129 -9.98 8.53 -1.33
CA TYR A 129 -10.31 7.18 -0.90
C TYR A 129 -11.50 6.62 -1.68
N ARG A 130 -11.32 5.42 -2.20
CA ARG A 130 -12.37 4.77 -2.97
C ARG A 130 -13.31 4.00 -2.04
N GLY A 131 -12.73 3.09 -1.27
CA GLY A 131 -13.50 2.29 -0.35
C GLY A 131 -14.25 3.18 0.65
N ASP A 132 -14.60 2.59 1.78
CA ASP A 132 -15.32 3.31 2.81
C ASP A 132 -14.32 3.88 3.83
N PRO A 133 -14.77 4.95 4.53
CA PRO A 133 -13.93 5.60 5.53
C PRO A 133 -13.84 4.75 6.80
N ASN A 134 -14.95 4.09 7.11
CA ASN A 134 -15.01 3.25 8.30
C ASN A 134 -14.39 1.89 7.98
N TRP A 135 -13.16 1.94 7.47
CA TRP A 135 -12.44 0.73 7.12
C TRP A 135 -11.23 0.61 8.05
N PHE A 136 -10.40 1.64 8.01
CA PHE A 136 -9.20 1.67 8.83
C PHE A 136 -9.52 2.15 10.24
N MET A 137 -10.49 3.05 10.33
CA MET A 137 -10.90 3.59 11.60
C MET A 137 -12.21 2.95 12.08
N LYS A 138 -12.07 1.90 12.86
CA LYS A 138 -13.23 1.20 13.38
C LYS A 138 -14.20 2.21 13.99
N SER A 139 -15.48 2.01 13.69
CA SER A 139 -16.51 2.89 14.21
C SER A 139 -16.85 2.52 15.65
N GLY A 140 -16.67 3.50 16.53
CA GLY A 140 -16.96 3.29 17.94
C GLY A 140 -17.49 4.57 18.59
N PRO A 141 -17.93 4.43 19.86
CA PRO A 141 -18.48 5.56 20.61
C PRO A 141 -17.35 6.50 21.06
N SER A 142 -17.76 7.66 21.55
CA SER A 142 -16.81 8.65 22.03
C SER A 142 -15.98 9.18 20.85
N SER A 143 -15.65 10.45 20.93
CA SER A 143 -14.86 11.09 19.88
C SER A 143 -14.12 12.31 20.44
N GLY A 144 -12.81 12.30 20.29
CA GLY A 144 -11.99 13.38 20.77
C GLY A 144 -10.50 13.01 20.75
N GLY A 1 -4.63 -15.06 17.11
CA GLY A 1 -3.52 -14.22 17.50
C GLY A 1 -4.01 -12.96 18.22
N SER A 2 -3.58 -12.83 19.47
CA SER A 2 -3.98 -11.69 20.28
C SER A 2 -2.93 -10.57 20.13
N SER A 3 -3.00 -9.90 19.00
CA SER A 3 -2.07 -8.81 18.72
C SER A 3 -2.42 -8.15 17.38
N GLY A 4 -2.33 -8.95 16.32
CA GLY A 4 -2.63 -8.46 14.98
C GLY A 4 -1.72 -9.12 13.95
N SER A 5 -0.86 -8.29 13.36
CA SER A 5 0.06 -8.77 12.35
C SER A 5 -0.70 -9.15 11.07
N SER A 6 0.06 -9.30 10.00
CA SER A 6 -0.54 -9.65 8.71
C SER A 6 -1.55 -10.79 8.91
N GLY A 7 -2.42 -10.93 7.92
CA GLY A 7 -3.44 -11.96 7.96
C GLY A 7 -4.73 -11.42 8.59
N GLU A 8 -4.59 -10.92 9.80
CA GLU A 8 -5.74 -10.37 10.51
C GLU A 8 -6.56 -9.46 9.59
N GLU A 9 -7.74 -9.09 10.07
CA GLU A 9 -8.61 -8.23 9.31
C GLU A 9 -7.85 -7.00 8.80
N LEU A 10 -6.92 -6.53 9.64
CA LEU A 10 -6.12 -5.37 9.29
C LEU A 10 -5.58 -5.55 7.87
N GLU A 11 -4.92 -6.67 7.66
CA GLU A 11 -4.34 -6.98 6.35
C GLU A 11 -5.45 -7.16 5.32
N GLU A 12 -6.30 -8.14 5.57
CA GLU A 12 -7.40 -8.42 4.66
C GLU A 12 -8.00 -7.12 4.13
N ARG A 13 -8.26 -6.20 5.04
CA ARG A 13 -8.82 -4.91 4.68
C ARG A 13 -7.89 -4.18 3.72
N LEU A 14 -6.64 -4.04 4.13
CA LEU A 14 -5.65 -3.37 3.32
C LEU A 14 -5.82 -3.79 1.86
N VAL A 15 -5.78 -5.09 1.64
CA VAL A 15 -5.93 -5.63 0.30
C VAL A 15 -7.29 -5.21 -0.27
N GLU A 16 -8.33 -5.52 0.50
CA GLU A 16 -9.68 -5.19 0.09
C GLU A 16 -9.75 -3.75 -0.42
N TRP A 17 -8.86 -2.93 0.14
CA TRP A 17 -8.82 -1.53 -0.24
C TRP A 17 -8.07 -1.42 -1.58
N ILE A 18 -6.80 -1.78 -1.54
CA ILE A 18 -5.97 -1.75 -2.73
C ILE A 18 -6.74 -2.35 -3.90
N VAL A 19 -7.68 -3.22 -3.56
CA VAL A 19 -8.49 -3.88 -4.57
C VAL A 19 -9.42 -2.87 -5.22
N VAL A 20 -10.11 -2.11 -4.37
CA VAL A 20 -11.03 -1.10 -4.84
C VAL A 20 -10.24 0.02 -5.54
N GLN A 21 -9.11 0.36 -4.95
CA GLN A 21 -8.26 1.40 -5.49
C GLN A 21 -7.80 1.03 -6.91
N CYS A 22 -6.92 0.04 -6.97
CA CYS A 22 -6.40 -0.41 -8.24
C CYS A 22 -7.56 -0.97 -9.07
N GLY A 23 -8.34 -1.82 -8.42
CA GLY A 23 -9.50 -2.43 -9.08
C GLY A 23 -9.27 -3.93 -9.29
N PRO A 24 -10.31 -4.57 -9.89
CA PRO A 24 -10.23 -6.00 -10.15
C PRO A 24 -9.32 -6.29 -11.35
N ASP A 25 -8.10 -5.80 -11.25
CA ASP A 25 -7.12 -6.00 -12.30
C ASP A 25 -5.85 -6.59 -11.71
N VAL A 26 -5.43 -6.02 -10.60
CA VAL A 26 -4.22 -6.49 -9.92
C VAL A 26 -4.50 -7.85 -9.28
N GLY A 27 -5.77 -8.10 -9.01
CA GLY A 27 -6.18 -9.36 -8.41
C GLY A 27 -6.07 -9.30 -6.89
N ARG A 28 -5.61 -10.39 -6.31
CA ARG A 28 -5.46 -10.48 -4.87
C ARG A 28 -4.29 -11.38 -4.51
N PRO A 29 -3.86 -11.29 -3.22
CA PRO A 29 -2.75 -12.09 -2.73
C PRO A 29 -3.18 -13.55 -2.53
N ASP A 30 -2.19 -14.40 -2.33
CA ASP A 30 -2.44 -15.81 -2.12
C ASP A 30 -2.53 -16.09 -0.61
N ARG A 31 -2.91 -17.32 -0.29
CA ARG A 31 -3.05 -17.72 1.10
C ARG A 31 -1.68 -17.78 1.76
N GLY A 32 -1.70 -17.96 3.08
CA GLY A 32 -0.47 -18.02 3.85
C GLY A 32 0.36 -16.75 3.68
N ARG A 33 1.26 -16.54 4.62
CA ARG A 33 2.12 -15.37 4.59
C ARG A 33 2.91 -15.32 3.28
N LEU A 34 3.72 -14.28 3.14
CA LEU A 34 4.52 -14.11 1.94
C LEU A 34 3.64 -13.58 0.81
N GLY A 35 2.58 -14.31 0.54
CA GLY A 35 1.66 -13.94 -0.51
C GLY A 35 1.47 -12.42 -0.56
N PHE A 36 0.92 -11.89 0.53
CA PHE A 36 0.69 -10.45 0.62
C PHE A 36 1.97 -9.67 0.33
N GLN A 37 3.04 -10.06 1.00
CA GLN A 37 4.32 -9.39 0.82
C GLN A 37 4.63 -9.25 -0.67
N VAL A 38 4.67 -10.39 -1.34
CA VAL A 38 4.95 -10.40 -2.77
C VAL A 38 3.97 -9.47 -3.49
N TRP A 39 2.72 -9.57 -3.09
CA TRP A 39 1.68 -8.75 -3.68
C TRP A 39 2.17 -7.30 -3.68
N LEU A 40 2.76 -6.91 -2.56
CA LEU A 40 3.27 -5.55 -2.42
C LEU A 40 4.80 -5.59 -2.43
N LYS A 41 5.34 -6.37 -3.36
CA LYS A 41 6.79 -6.49 -3.48
C LYS A 41 7.25 -5.77 -4.75
N ASN A 42 6.70 -6.19 -5.87
CA ASN A 42 7.05 -5.60 -7.15
C ASN A 42 7.18 -4.07 -6.98
N GLY A 43 6.08 -3.47 -6.53
CA GLY A 43 6.04 -2.03 -6.32
C GLY A 43 5.03 -1.37 -7.24
N VAL A 44 4.97 -1.87 -8.47
CA VAL A 44 4.05 -1.33 -9.45
C VAL A 44 2.70 -1.07 -8.79
N ILE A 45 2.16 -2.11 -8.19
CA ILE A 45 0.88 -2.01 -7.51
C ILE A 45 0.90 -0.81 -6.56
N LEU A 46 1.80 -0.89 -5.59
CA LEU A 46 1.93 0.17 -4.61
C LEU A 46 1.90 1.53 -5.33
N SER A 47 2.75 1.64 -6.33
CA SER A 47 2.83 2.88 -7.11
C SER A 47 1.46 3.21 -7.71
N LYS A 48 0.79 2.16 -8.18
CA LYS A 48 -0.53 2.33 -8.77
C LYS A 48 -1.51 2.82 -7.70
N LEU A 49 -1.29 2.34 -6.48
CA LEU A 49 -2.15 2.71 -5.37
C LEU A 49 -2.14 4.23 -5.21
N VAL A 50 -1.04 4.73 -4.68
CA VAL A 50 -0.88 6.16 -4.48
C VAL A 50 -1.37 6.90 -5.73
N ASN A 51 -0.88 6.45 -6.87
CA ASN A 51 -1.25 7.06 -8.14
C ASN A 51 -2.77 7.08 -8.26
N SER A 52 -3.36 5.89 -8.14
CA SER A 52 -4.80 5.76 -8.24
C SER A 52 -5.49 6.83 -7.38
N LEU A 53 -5.07 6.90 -6.13
CA LEU A 53 -5.64 7.87 -5.21
C LEU A 53 -5.53 9.26 -5.82
N TYR A 54 -4.33 9.81 -5.76
CA TYR A 54 -4.07 11.14 -6.30
C TYR A 54 -4.92 11.39 -7.55
N PRO A 55 -5.27 12.68 -7.76
CA PRO A 55 -6.08 13.06 -8.91
C PRO A 55 -5.24 13.06 -10.18
N GLU A 56 -5.91 13.32 -11.30
CA GLU A 56 -5.24 13.35 -12.59
C GLU A 56 -4.27 14.54 -12.66
N GLY A 57 -3.13 14.31 -13.28
CA GLY A 57 -2.12 15.35 -13.42
C GLY A 57 -1.20 15.39 -12.19
N SER A 58 -1.82 15.24 -11.03
CA SER A 58 -1.07 15.27 -9.78
C SER A 58 -0.51 13.88 -9.49
N LYS A 59 0.10 13.29 -10.49
CA LYS A 59 0.67 11.96 -10.35
C LYS A 59 2.09 12.09 -9.79
N PRO A 60 2.26 11.58 -8.54
CA PRO A 60 3.56 11.63 -7.90
C PRO A 60 4.51 10.58 -8.48
N VAL A 61 4.12 9.32 -8.35
CA VAL A 61 4.92 8.23 -8.87
C VAL A 61 4.49 7.92 -10.30
N LYS A 62 5.44 7.46 -11.09
CA LYS A 62 5.18 7.12 -12.48
C LYS A 62 5.28 5.60 -12.65
N VAL A 63 4.13 4.96 -12.68
CA VAL A 63 4.07 3.52 -12.84
C VAL A 63 3.88 3.19 -14.32
N PRO A 64 4.91 2.50 -14.89
CA PRO A 64 4.87 2.12 -16.30
C PRO A 64 3.93 0.93 -16.51
N GLU A 65 3.42 0.83 -17.74
CA GLU A 65 2.51 -0.25 -18.08
C GLU A 65 3.13 -1.60 -17.75
N ASN A 66 4.29 -1.85 -18.35
CA ASN A 66 4.99 -3.10 -18.12
C ASN A 66 5.71 -3.04 -16.77
N PRO A 67 5.55 -4.15 -16.00
CA PRO A 67 6.17 -4.23 -14.68
C PRO A 67 7.67 -4.49 -14.80
N PRO A 68 8.42 -3.97 -13.79
CA PRO A 68 9.86 -4.14 -13.76
C PRO A 68 10.25 -5.56 -13.36
N SER A 69 11.54 -5.85 -13.47
CA SER A 69 12.05 -7.16 -13.12
C SER A 69 13.30 -7.03 -12.26
N MET A 70 14.29 -6.36 -12.81
CA MET A 70 15.54 -6.15 -12.11
C MET A 70 15.30 -5.70 -10.67
N VAL A 71 16.21 -6.10 -9.79
CA VAL A 71 16.10 -5.73 -8.39
C VAL A 71 16.07 -4.21 -8.25
N PHE A 72 17.17 -3.60 -8.63
CA PHE A 72 17.30 -2.15 -8.56
C PHE A 72 16.02 -1.47 -9.07
N LYS A 73 15.50 -2.01 -10.17
CA LYS A 73 14.29 -1.47 -10.76
C LYS A 73 13.12 -1.63 -9.78
N GLN A 74 12.80 -2.88 -9.50
CA GLN A 74 11.71 -3.19 -8.58
C GLN A 74 11.87 -2.38 -7.29
N MET A 75 13.05 -2.48 -6.70
CA MET A 75 13.34 -1.77 -5.46
C MET A 75 12.98 -0.28 -5.60
N GLU A 76 13.50 0.31 -6.67
CA GLU A 76 13.24 1.73 -6.92
C GLU A 76 11.74 2.00 -6.98
N GLN A 77 11.08 1.22 -7.84
CA GLN A 77 9.64 1.38 -8.02
C GLN A 77 8.97 1.64 -6.66
N VAL A 78 9.32 0.82 -5.69
CA VAL A 78 8.76 0.95 -4.36
C VAL A 78 9.18 2.30 -3.77
N ALA A 79 10.48 2.52 -3.74
CA ALA A 79 11.03 3.75 -3.21
C ALA A 79 10.18 4.93 -3.70
N GLN A 80 9.94 4.94 -5.00
CA GLN A 80 9.14 6.00 -5.61
C GLN A 80 7.83 6.18 -4.84
N PHE A 81 7.20 5.05 -4.54
CA PHE A 81 5.94 5.07 -3.82
C PHE A 81 6.15 5.47 -2.36
N LEU A 82 7.18 4.89 -1.76
CA LEU A 82 7.50 5.17 -0.37
C LEU A 82 7.58 6.69 -0.17
N LYS A 83 8.51 7.30 -0.89
CA LYS A 83 8.70 8.73 -0.80
C LYS A 83 7.37 9.44 -1.08
N ALA A 84 6.65 8.92 -2.08
CA ALA A 84 5.37 9.48 -2.45
C ALA A 84 4.41 9.40 -1.26
N ALA A 85 4.40 8.24 -0.63
CA ALA A 85 3.55 8.01 0.52
C ALA A 85 3.76 9.13 1.54
N GLU A 86 5.03 9.37 1.84
CA GLU A 86 5.38 10.41 2.80
C GLU A 86 4.62 11.71 2.48
N ASP A 87 4.88 12.22 1.28
CA ASP A 87 4.24 13.45 0.84
C ASP A 87 2.78 13.44 1.29
N TYR A 88 2.10 12.35 0.99
CA TYR A 88 0.71 12.21 1.35
C TYR A 88 0.46 12.72 2.77
N GLY A 89 1.39 12.41 3.65
CA GLY A 89 1.28 12.83 5.04
C GLY A 89 1.95 11.82 5.97
N VAL A 90 2.14 10.62 5.46
CA VAL A 90 2.76 9.56 6.23
C VAL A 90 3.97 10.12 6.96
N ILE A 91 4.15 9.65 8.20
CA ILE A 91 5.26 10.10 9.01
C ILE A 91 6.53 9.36 8.59
N LYS A 92 7.56 9.50 9.42
CA LYS A 92 8.83 8.85 9.14
C LYS A 92 9.02 7.68 10.10
N THR A 93 8.16 7.62 11.10
CA THR A 93 8.22 6.56 12.08
C THR A 93 7.31 5.40 11.69
N ASP A 94 6.64 5.58 10.56
CA ASP A 94 5.73 4.56 10.06
C ASP A 94 6.29 3.98 8.76
N MET A 95 7.21 4.73 8.17
CA MET A 95 7.82 4.30 6.92
C MET A 95 8.80 3.13 7.17
N PHE A 96 8.83 2.22 6.20
CA PHE A 96 9.70 1.06 6.31
C PHE A 96 10.77 1.09 5.22
N GLN A 97 11.62 0.06 5.24
CA GLN A 97 12.69 -0.04 4.26
C GLN A 97 12.26 -0.94 3.11
N THR A 98 12.61 -0.52 1.91
CA THR A 98 12.27 -1.28 0.72
C THR A 98 12.42 -2.78 0.98
N VAL A 99 13.45 -3.12 1.75
CA VAL A 99 13.71 -4.51 2.09
C VAL A 99 12.58 -5.03 2.97
N ASP A 100 12.30 -4.28 4.04
CA ASP A 100 11.25 -4.66 4.96
C ASP A 100 10.06 -5.22 4.17
N LEU A 101 9.91 -4.73 2.95
CA LEU A 101 8.82 -5.16 2.10
C LEU A 101 9.37 -6.13 1.05
N TYR A 102 10.21 -5.60 0.18
CA TYR A 102 10.81 -6.41 -0.87
C TYR A 102 11.21 -7.80 -0.34
N GLU A 103 11.98 -7.79 0.74
CA GLU A 103 12.43 -9.02 1.36
C GLU A 103 11.69 -9.26 2.67
N GLY A 104 10.47 -8.74 2.73
CA GLY A 104 9.66 -8.90 3.92
C GLY A 104 10.51 -8.86 5.19
N LYS A 105 11.57 -8.05 5.12
CA LYS A 105 12.48 -7.92 6.26
C LYS A 105 11.66 -7.63 7.52
N ASP A 106 10.49 -7.05 7.31
CA ASP A 106 9.62 -6.72 8.43
C ASP A 106 8.25 -6.29 7.89
N MET A 107 7.31 -7.21 7.95
CA MET A 107 5.96 -6.94 7.48
C MET A 107 5.21 -6.03 8.44
N ALA A 108 5.53 -6.17 9.72
CA ALA A 108 4.90 -5.37 10.75
C ALA A 108 4.92 -3.90 10.33
N ALA A 109 6.09 -3.46 9.90
CA ALA A 109 6.26 -2.08 9.46
C ALA A 109 5.50 -1.87 8.15
N VAL A 110 5.76 -2.75 7.19
CA VAL A 110 5.11 -2.66 5.90
C VAL A 110 3.64 -2.27 6.09
N GLN A 111 3.10 -2.70 7.22
CA GLN A 111 1.71 -2.40 7.54
C GLN A 111 1.59 -0.98 8.11
N ARG A 112 2.37 -0.72 9.15
CA ARG A 112 2.37 0.59 9.79
C ARG A 112 2.30 1.68 8.73
N THR A 113 2.99 1.44 7.62
CA THR A 113 3.02 2.41 6.53
C THR A 113 1.64 2.52 5.89
N LEU A 114 1.20 1.41 5.30
CA LEU A 114 -0.10 1.37 4.65
C LEU A 114 -1.18 1.83 5.64
N MET A 115 -1.17 1.20 6.80
CA MET A 115 -2.15 1.52 7.83
C MET A 115 -2.29 3.04 7.99
N ALA A 116 -1.19 3.74 7.71
CA ALA A 116 -1.18 5.18 7.82
C ALA A 116 -1.74 5.79 6.54
N LEU A 117 -1.32 5.22 5.42
CA LEU A 117 -1.77 5.69 4.12
C LEU A 117 -3.30 5.74 4.10
N GLY A 118 -3.90 4.56 4.30
CA GLY A 118 -5.34 4.45 4.31
C GLY A 118 -5.97 5.55 5.16
N SER A 119 -5.70 5.46 6.46
CA SER A 119 -6.22 6.43 7.41
C SER A 119 -6.05 7.85 6.86
N LEU A 120 -4.87 8.08 6.30
CA LEU A 120 -4.56 9.38 5.74
C LEU A 120 -5.54 9.70 4.61
N ALA A 121 -5.74 8.72 3.74
CA ALA A 121 -6.65 8.88 2.63
C ALA A 121 -8.08 9.02 3.16
N VAL A 122 -8.33 8.36 4.28
CA VAL A 122 -9.65 8.40 4.89
C VAL A 122 -9.85 9.77 5.54
N THR A 123 -8.85 10.21 6.27
CA THR A 123 -8.91 11.49 6.95
C THR A 123 -9.36 12.58 5.97
N LYS A 124 -8.63 12.71 4.88
CA LYS A 124 -8.94 13.70 3.87
C LYS A 124 -10.39 13.53 3.43
N ASN A 125 -10.64 12.44 2.71
CA ASN A 125 -11.97 12.14 2.23
C ASN A 125 -12.47 13.32 1.38
N ASP A 126 -12.24 13.19 0.08
CA ASP A 126 -12.66 14.23 -0.85
C ASP A 126 -13.24 13.59 -2.11
N GLY A 127 -12.48 12.67 -2.68
CA GLY A 127 -12.89 11.97 -3.87
C GLY A 127 -11.75 11.14 -4.46
N ASN A 128 -11.11 10.37 -3.59
CA ASN A 128 -10.00 9.53 -4.00
C ASN A 128 -10.26 8.10 -3.53
N TYR A 129 -10.54 7.97 -2.25
CA TYR A 129 -10.80 6.67 -1.66
C TYR A 129 -12.10 6.08 -2.21
N ARG A 130 -11.95 5.23 -3.22
CA ARG A 130 -13.10 4.58 -3.83
C ARG A 130 -13.81 3.68 -2.82
N GLY A 131 -13.02 3.19 -1.88
CA GLY A 131 -13.56 2.31 -0.85
C GLY A 131 -14.24 3.11 0.26
N ASP A 132 -14.40 2.46 1.41
CA ASP A 132 -15.04 3.10 2.54
C ASP A 132 -13.97 3.42 3.59
N PRO A 133 -14.11 4.62 4.20
CA PRO A 133 -13.17 5.07 5.22
C PRO A 133 -13.41 4.33 6.54
N ASN A 134 -14.67 4.02 6.79
CA ASN A 134 -15.06 3.32 8.01
C ASN A 134 -14.19 2.06 8.16
N TRP A 135 -13.64 1.63 7.03
CA TRP A 135 -12.80 0.44 7.03
C TRP A 135 -11.72 0.63 8.09
N PHE A 136 -10.87 1.62 7.86
CA PHE A 136 -9.79 1.91 8.79
C PHE A 136 -10.26 2.89 9.88
N MET A 137 -11.12 3.81 9.48
CA MET A 137 -11.64 4.80 10.41
C MET A 137 -12.34 4.13 11.59
N LYS A 138 -11.66 4.13 12.72
CA LYS A 138 -12.21 3.52 13.93
C LYS A 138 -12.98 4.59 14.72
N SER A 139 -14.21 4.26 15.04
CA SER A 139 -15.06 5.17 15.79
C SER A 139 -14.84 4.97 17.29
N GLY A 140 -15.25 5.97 18.06
CA GLY A 140 -15.11 5.92 19.50
C GLY A 140 -15.07 7.33 20.11
N PRO A 141 -15.39 7.40 21.43
CA PRO A 141 -15.40 8.67 22.13
C PRO A 141 -13.98 9.15 22.41
N SER A 142 -13.22 9.31 21.34
CA SER A 142 -11.84 9.77 21.46
C SER A 142 -11.43 10.53 20.19
N SER A 143 -10.82 11.69 20.41
CA SER A 143 -10.38 12.51 19.30
C SER A 143 -8.87 12.35 19.11
N GLY A 144 -8.50 11.87 17.93
CA GLY A 144 -7.10 11.67 17.60
C GLY A 144 -6.53 10.48 18.38
N GLY A 1 -8.20 -23.82 -9.09
CA GLY A 1 -8.76 -22.77 -8.25
C GLY A 1 -7.93 -22.59 -6.97
N SER A 2 -8.38 -21.67 -6.13
CA SER A 2 -7.69 -21.38 -4.89
C SER A 2 -8.69 -21.31 -3.74
N SER A 3 -8.50 -22.19 -2.77
CA SER A 3 -9.38 -22.23 -1.61
C SER A 3 -8.59 -21.90 -0.34
N GLY A 4 -9.32 -21.53 0.69
CA GLY A 4 -8.71 -21.18 1.96
C GLY A 4 -8.59 -19.67 2.11
N SER A 5 -8.46 -19.24 3.36
CA SER A 5 -8.34 -17.82 3.66
C SER A 5 -6.97 -17.31 3.20
N SER A 6 -6.86 -15.99 3.16
CA SER A 6 -5.62 -15.35 2.74
C SER A 6 -5.40 -14.07 3.54
N GLY A 7 -4.13 -13.80 3.83
CA GLY A 7 -3.76 -12.62 4.59
C GLY A 7 -4.32 -12.69 6.01
N GLU A 8 -3.79 -11.82 6.85
CA GLU A 8 -4.22 -11.75 8.24
C GLU A 8 -5.53 -10.98 8.36
N GLU A 9 -6.11 -11.02 9.56
CA GLU A 9 -7.36 -10.34 9.82
C GLU A 9 -7.29 -8.91 9.27
N LEU A 10 -6.34 -8.14 9.79
CA LEU A 10 -6.16 -6.76 9.37
C LEU A 10 -5.77 -6.74 7.88
N GLU A 11 -4.75 -7.51 7.56
CA GLU A 11 -4.27 -7.59 6.20
C GLU A 11 -5.45 -7.68 5.22
N GLU A 12 -6.34 -8.62 5.50
CA GLU A 12 -7.51 -8.82 4.67
C GLU A 12 -8.10 -7.47 4.25
N ARG A 13 -8.27 -6.60 5.24
CA ARG A 13 -8.83 -5.28 5.00
C ARG A 13 -7.91 -4.49 4.07
N LEU A 14 -6.65 -4.40 4.47
CA LEU A 14 -5.67 -3.67 3.68
C LEU A 14 -5.88 -3.97 2.20
N VAL A 15 -5.90 -5.25 1.88
CA VAL A 15 -6.10 -5.69 0.50
C VAL A 15 -7.46 -5.21 0.02
N GLU A 16 -8.49 -5.55 0.79
CA GLU A 16 -9.85 -5.15 0.45
C GLU A 16 -9.88 -3.69 -0.02
N TRP A 17 -8.93 -2.92 0.49
CA TRP A 17 -8.84 -1.52 0.14
C TRP A 17 -8.13 -1.42 -1.22
N ILE A 18 -6.88 -1.83 -1.23
CA ILE A 18 -6.09 -1.80 -2.45
C ILE A 18 -6.94 -2.30 -3.62
N VAL A 19 -7.91 -3.13 -3.29
CA VAL A 19 -8.80 -3.69 -4.29
C VAL A 19 -9.70 -2.57 -4.84
N VAL A 20 -10.33 -1.87 -3.91
CA VAL A 20 -11.22 -0.78 -4.26
C VAL A 20 -10.42 0.34 -4.92
N GLN A 21 -9.22 0.56 -4.38
CA GLN A 21 -8.35 1.60 -4.91
C GLN A 21 -7.88 1.23 -6.32
N CYS A 22 -7.01 0.23 -6.39
CA CYS A 22 -6.49 -0.22 -7.66
C CYS A 22 -7.66 -0.69 -8.53
N GLY A 23 -8.45 -1.58 -7.95
CA GLY A 23 -9.60 -2.13 -8.65
C GLY A 23 -9.45 -3.63 -8.86
N PRO A 24 -10.50 -4.24 -9.48
CA PRO A 24 -10.50 -5.66 -9.75
C PRO A 24 -9.57 -6.00 -10.92
N ASP A 25 -8.32 -5.57 -10.78
CA ASP A 25 -7.33 -5.82 -11.82
C ASP A 25 -6.09 -6.48 -11.18
N VAL A 26 -5.61 -5.85 -10.12
CA VAL A 26 -4.43 -6.36 -9.42
C VAL A 26 -4.76 -7.73 -8.83
N GLY A 27 -6.02 -7.90 -8.45
CA GLY A 27 -6.47 -9.15 -7.87
C GLY A 27 -6.15 -9.21 -6.38
N ARG A 28 -5.89 -10.42 -5.91
CA ARG A 28 -5.58 -10.62 -4.50
C ARG A 28 -4.14 -11.14 -4.36
N PRO A 29 -3.69 -11.22 -3.08
CA PRO A 29 -2.35 -11.71 -2.80
C PRO A 29 -2.26 -13.22 -2.96
N ASP A 30 -1.10 -13.67 -3.43
CA ASP A 30 -0.88 -15.09 -3.64
C ASP A 30 -1.16 -15.85 -2.34
N ARG A 31 -1.56 -17.10 -2.51
CA ARG A 31 -1.87 -17.93 -1.36
C ARG A 31 -0.61 -18.24 -0.56
N GLY A 32 -0.80 -18.87 0.58
CA GLY A 32 0.31 -19.21 1.46
C GLY A 32 0.91 -17.96 2.11
N ARG A 33 1.72 -18.20 3.13
CA ARG A 33 2.36 -17.11 3.83
C ARG A 33 3.20 -16.26 2.88
N LEU A 34 3.72 -15.17 3.40
CA LEU A 34 4.53 -14.26 2.61
C LEU A 34 3.77 -13.88 1.33
N GLY A 35 2.46 -14.04 1.40
CA GLY A 35 1.60 -13.72 0.26
C GLY A 35 1.51 -12.22 0.07
N PHE A 36 0.91 -11.56 1.05
CA PHE A 36 0.75 -10.11 0.99
C PHE A 36 2.06 -9.43 0.59
N GLN A 37 3.08 -9.63 1.41
CA GLN A 37 4.38 -9.04 1.16
C GLN A 37 4.69 -9.07 -0.35
N VAL A 38 4.69 -10.27 -0.89
CA VAL A 38 4.97 -10.44 -2.31
C VAL A 38 3.98 -9.59 -3.13
N TRP A 39 2.71 -9.74 -2.80
CA TRP A 39 1.67 -9.01 -3.49
C TRP A 39 2.11 -7.55 -3.58
N LEU A 40 2.75 -7.08 -2.52
CA LEU A 40 3.23 -5.71 -2.47
C LEU A 40 4.76 -5.71 -2.46
N LYS A 41 5.33 -6.42 -3.42
CA LYS A 41 6.78 -6.51 -3.53
C LYS A 41 7.24 -5.75 -4.79
N ASN A 42 6.72 -6.19 -5.92
CA ASN A 42 7.07 -5.58 -7.19
C ASN A 42 7.14 -4.06 -7.01
N GLY A 43 6.06 -3.51 -6.46
CA GLY A 43 5.98 -2.08 -6.24
C GLY A 43 5.01 -1.42 -7.21
N VAL A 44 4.87 -2.03 -8.38
CA VAL A 44 3.98 -1.51 -9.39
C VAL A 44 2.62 -1.21 -8.76
N ILE A 45 2.03 -2.26 -8.18
CA ILE A 45 0.73 -2.13 -7.53
C ILE A 45 0.78 -0.97 -6.54
N LEU A 46 1.78 -1.01 -5.68
CA LEU A 46 1.95 0.04 -4.68
C LEU A 46 2.00 1.40 -5.36
N SER A 47 2.77 1.45 -6.43
CA SER A 47 2.92 2.69 -7.18
C SER A 47 1.57 3.12 -7.76
N LYS A 48 0.78 2.12 -8.14
CA LYS A 48 -0.53 2.38 -8.69
C LYS A 48 -1.43 3.00 -7.63
N LEU A 49 -1.43 2.37 -6.46
CA LEU A 49 -2.24 2.84 -5.35
C LEU A 49 -1.94 4.33 -5.12
N VAL A 50 -0.75 4.58 -4.60
CA VAL A 50 -0.32 5.95 -4.31
C VAL A 50 -0.77 6.86 -5.46
N ASN A 51 -0.44 6.44 -6.67
CA ASN A 51 -0.80 7.20 -7.86
C ASN A 51 -2.30 7.52 -7.82
N SER A 52 -3.09 6.47 -7.67
CA SER A 52 -4.53 6.63 -7.62
C SER A 52 -4.90 7.82 -6.74
N LEU A 53 -4.31 7.84 -5.54
CA LEU A 53 -4.57 8.91 -4.60
C LEU A 53 -4.23 10.26 -5.26
N TYR A 54 -2.95 10.44 -5.52
CA TYR A 54 -2.47 11.66 -6.15
C TYR A 54 -3.34 12.03 -7.35
N PRO A 55 -3.42 13.37 -7.61
CA PRO A 55 -4.21 13.87 -8.73
C PRO A 55 -3.51 13.61 -10.06
N GLU A 56 -4.04 14.22 -11.10
CA GLU A 56 -3.48 14.06 -12.43
C GLU A 56 -2.28 15.00 -12.61
N GLY A 57 -2.38 16.16 -11.99
CA GLY A 57 -1.32 17.15 -12.07
C GLY A 57 -0.27 16.92 -10.99
N SER A 58 0.05 15.65 -10.77
CA SER A 58 1.04 15.28 -9.77
C SER A 58 1.87 14.10 -10.28
N LYS A 59 1.22 12.94 -10.33
CA LYS A 59 1.89 11.73 -10.78
C LYS A 59 3.32 11.71 -10.23
N PRO A 60 3.44 11.22 -8.97
CA PRO A 60 4.74 11.14 -8.32
C PRO A 60 5.56 9.98 -8.89
N VAL A 61 4.97 8.79 -8.85
CA VAL A 61 5.63 7.60 -9.36
C VAL A 61 5.23 7.38 -10.83
N LYS A 62 6.01 6.55 -11.51
CA LYS A 62 5.74 6.25 -12.89
C LYS A 62 5.35 4.78 -13.03
N VAL A 63 4.27 4.55 -13.76
CA VAL A 63 3.79 3.20 -13.97
C VAL A 63 3.96 2.81 -15.44
N PRO A 64 4.92 1.90 -15.69
CA PRO A 64 5.20 1.44 -17.04
C PRO A 64 4.11 0.48 -17.52
N GLU A 65 4.28 0.02 -18.76
CA GLU A 65 3.32 -0.90 -19.35
C GLU A 65 3.40 -2.26 -18.66
N ASN A 66 4.59 -2.83 -18.66
CA ASN A 66 4.81 -4.12 -18.04
C ASN A 66 5.69 -3.95 -16.80
N PRO A 67 5.51 -4.89 -15.83
CA PRO A 67 6.28 -4.85 -14.60
C PRO A 67 7.71 -5.31 -14.84
N PRO A 68 8.67 -4.62 -14.16
CA PRO A 68 10.07 -4.96 -14.29
C PRO A 68 10.40 -6.24 -13.51
N SER A 69 11.67 -6.61 -13.56
CA SER A 69 12.13 -7.80 -12.88
C SER A 69 13.38 -7.49 -12.04
N MET A 70 14.30 -6.78 -12.68
CA MET A 70 15.54 -6.40 -12.01
C MET A 70 15.28 -5.93 -10.58
N VAL A 71 16.33 -5.95 -9.78
CA VAL A 71 16.22 -5.54 -8.39
C VAL A 71 16.08 -4.01 -8.33
N PHE A 72 17.12 -3.32 -8.77
CA PHE A 72 17.12 -1.87 -8.77
C PHE A 72 15.75 -1.33 -9.16
N LYS A 73 15.24 -1.83 -10.28
CA LYS A 73 13.94 -1.40 -10.76
C LYS A 73 12.88 -1.66 -9.68
N GLN A 74 12.63 -2.93 -9.44
CA GLN A 74 11.65 -3.33 -8.44
C GLN A 74 11.78 -2.45 -7.19
N MET A 75 12.98 -2.44 -6.63
CA MET A 75 13.24 -1.65 -5.45
C MET A 75 12.85 -0.18 -5.66
N GLU A 76 13.37 0.38 -6.75
CA GLU A 76 13.07 1.76 -7.07
C GLU A 76 11.57 2.02 -7.06
N GLN A 77 10.85 1.18 -7.81
CA GLN A 77 9.41 1.30 -7.87
C GLN A 77 8.83 1.62 -6.49
N VAL A 78 9.11 0.73 -5.55
CA VAL A 78 8.63 0.90 -4.20
C VAL A 78 9.15 2.23 -3.64
N ALA A 79 10.46 2.36 -3.63
CA ALA A 79 11.09 3.57 -3.13
C ALA A 79 10.31 4.79 -3.63
N GLN A 80 10.10 4.82 -4.94
CA GLN A 80 9.37 5.92 -5.56
C GLN A 80 8.07 6.18 -4.80
N PHE A 81 7.33 5.10 -4.57
CA PHE A 81 6.07 5.19 -3.86
C PHE A 81 6.27 5.62 -2.42
N LEU A 82 7.25 4.99 -1.78
CA LEU A 82 7.57 5.30 -0.40
C LEU A 82 7.69 6.81 -0.23
N LYS A 83 8.65 7.38 -0.93
CA LYS A 83 8.88 8.81 -0.85
C LYS A 83 7.56 9.55 -1.04
N ALA A 84 6.80 9.10 -2.03
CA ALA A 84 5.50 9.70 -2.32
C ALA A 84 4.59 9.54 -1.10
N ALA A 85 4.58 8.34 -0.55
CA ALA A 85 3.77 8.05 0.61
C ALA A 85 3.94 9.17 1.64
N GLU A 86 5.19 9.46 1.95
CA GLU A 86 5.50 10.51 2.91
C GLU A 86 4.84 11.81 2.51
N ASP A 87 5.14 12.24 1.30
CA ASP A 87 4.58 13.48 0.78
C ASP A 87 3.11 13.57 1.15
N TYR A 88 2.42 12.44 0.98
CA TYR A 88 1.00 12.38 1.30
C TYR A 88 0.73 12.90 2.71
N GLY A 89 1.46 12.36 3.67
CA GLY A 89 1.31 12.76 5.06
C GLY A 89 1.51 11.57 6.00
N VAL A 90 2.52 10.78 5.69
CA VAL A 90 2.83 9.61 6.50
C VAL A 90 4.05 9.91 7.39
N ILE A 91 3.96 9.48 8.64
CA ILE A 91 5.04 9.70 9.58
C ILE A 91 6.23 8.84 9.20
N LYS A 92 7.36 9.13 9.82
CA LYS A 92 8.58 8.38 9.55
C LYS A 92 8.62 7.13 10.43
N THR A 93 7.59 6.99 11.24
CA THR A 93 7.49 5.84 12.14
C THR A 93 6.54 4.79 11.56
N ASP A 94 5.84 5.19 10.50
CA ASP A 94 4.90 4.30 9.84
C ASP A 94 5.53 3.74 8.57
N MET A 95 6.54 4.45 8.09
CA MET A 95 7.24 4.04 6.88
C MET A 95 8.15 2.84 7.16
N PHE A 96 8.41 2.09 6.10
CA PHE A 96 9.26 0.92 6.22
C PHE A 96 10.40 0.97 5.19
N GLN A 97 11.28 -0.02 5.28
CA GLN A 97 12.41 -0.10 4.38
C GLN A 97 12.05 -0.95 3.16
N THR A 98 12.38 -0.41 1.99
CA THR A 98 12.09 -1.10 0.74
C THR A 98 12.34 -2.59 0.89
N VAL A 99 13.38 -2.92 1.65
CA VAL A 99 13.74 -4.30 1.88
C VAL A 99 12.67 -4.96 2.76
N ASP A 100 12.40 -4.31 3.87
CA ASP A 100 11.41 -4.82 4.81
C ASP A 100 10.22 -5.38 4.03
N LEU A 101 9.97 -4.79 2.88
CA LEU A 101 8.88 -5.23 2.03
C LEU A 101 9.43 -6.13 0.93
N TYR A 102 10.24 -5.54 0.07
CA TYR A 102 10.83 -6.28 -1.04
C TYR A 102 11.32 -7.66 -0.58
N GLU A 103 12.06 -7.64 0.53
CA GLU A 103 12.59 -8.87 1.09
C GLU A 103 11.57 -9.52 2.03
N GLY A 104 10.83 -8.66 2.71
CA GLY A 104 9.83 -9.12 3.66
C GLY A 104 10.41 -9.27 5.06
N LYS A 105 11.55 -8.61 5.26
CA LYS A 105 12.22 -8.65 6.55
C LYS A 105 11.22 -8.27 7.65
N ASP A 106 10.68 -7.07 7.52
CA ASP A 106 9.72 -6.58 8.49
C ASP A 106 8.40 -6.28 7.79
N MET A 107 7.47 -7.23 7.87
CA MET A 107 6.18 -7.07 7.25
C MET A 107 5.26 -6.19 8.10
N ALA A 108 5.32 -6.42 9.41
CA ALA A 108 4.50 -5.66 10.34
C ALA A 108 4.60 -4.17 10.00
N ALA A 109 5.80 -3.77 9.60
CA ALA A 109 6.04 -2.38 9.24
C ALA A 109 5.29 -2.05 7.96
N VAL A 110 5.52 -2.88 6.94
CA VAL A 110 4.87 -2.68 5.66
C VAL A 110 3.42 -2.24 5.88
N GLN A 111 2.84 -2.76 6.95
CA GLN A 111 1.47 -2.43 7.29
C GLN A 111 1.39 -1.01 7.87
N ARG A 112 2.22 -0.78 8.87
CA ARG A 112 2.25 0.53 9.53
C ARG A 112 2.14 1.64 8.49
N THR A 113 2.72 1.38 7.33
CA THR A 113 2.70 2.35 6.24
C THR A 113 1.27 2.52 5.71
N LEU A 114 0.79 1.47 5.06
CA LEU A 114 -0.55 1.48 4.49
C LEU A 114 -1.53 2.02 5.55
N MET A 115 -1.42 1.48 6.74
CA MET A 115 -2.28 1.89 7.84
C MET A 115 -2.44 3.41 7.88
N ALA A 116 -1.33 4.09 7.62
CA ALA A 116 -1.32 5.54 7.62
C ALA A 116 -1.88 6.05 6.29
N LEU A 117 -1.37 5.46 5.22
CA LEU A 117 -1.81 5.85 3.89
C LEU A 117 -3.34 5.81 3.82
N GLY A 118 -3.88 4.64 4.16
CA GLY A 118 -5.32 4.46 4.14
C GLY A 118 -6.03 5.65 4.80
N SER A 119 -5.86 5.73 6.12
CA SER A 119 -6.49 6.80 6.89
C SER A 119 -6.26 8.14 6.18
N LEU A 120 -5.05 8.33 5.70
CA LEU A 120 -4.70 9.55 5.00
C LEU A 120 -5.66 9.76 3.83
N ALA A 121 -5.90 8.68 3.10
CA ALA A 121 -6.78 8.73 1.96
C ALA A 121 -8.23 8.91 2.44
N VAL A 122 -8.50 8.34 3.61
CA VAL A 122 -9.82 8.43 4.20
C VAL A 122 -10.15 9.90 4.50
N THR A 123 -9.12 10.61 4.95
CA THR A 123 -9.28 12.02 5.28
C THR A 123 -9.49 12.84 4.01
N LYS A 124 -8.47 12.86 3.17
CA LYS A 124 -8.54 13.60 1.92
C LYS A 124 -9.91 13.40 1.29
N ASN A 125 -10.08 12.23 0.68
CA ASN A 125 -11.34 11.90 0.03
C ASN A 125 -11.73 13.04 -0.92
N ASP A 126 -11.26 12.92 -2.16
CA ASP A 126 -11.55 13.93 -3.16
C ASP A 126 -12.06 13.23 -4.44
N GLY A 127 -11.24 12.32 -4.95
CA GLY A 127 -11.60 11.59 -6.14
C GLY A 127 -10.58 10.49 -6.44
N ASN A 128 -10.28 9.72 -5.41
CA ASN A 128 -9.32 8.63 -5.55
C ASN A 128 -9.69 7.50 -4.59
N TYR A 129 -9.93 7.87 -3.34
CA TYR A 129 -10.31 6.91 -2.33
C TYR A 129 -11.69 6.33 -2.61
N ARG A 130 -11.72 5.00 -2.73
CA ARG A 130 -12.97 4.31 -2.99
C ARG A 130 -13.18 3.18 -1.97
N GLY A 131 -12.94 3.52 -0.71
CA GLY A 131 -13.10 2.55 0.36
C GLY A 131 -13.96 3.12 1.48
N ASP A 132 -13.73 2.60 2.68
CA ASP A 132 -14.48 3.05 3.85
C ASP A 132 -13.52 3.69 4.85
N PRO A 133 -14.09 4.60 5.68
CA PRO A 133 -13.30 5.29 6.68
C PRO A 133 -12.96 4.37 7.86
N ASN A 134 -13.97 3.64 8.31
CA ASN A 134 -13.80 2.72 9.41
C ASN A 134 -12.56 1.86 9.16
N TRP A 135 -12.34 1.54 7.89
CA TRP A 135 -11.21 0.73 7.50
C TRP A 135 -9.98 1.23 8.25
N PHE A 136 -9.78 2.54 8.17
CA PHE A 136 -8.64 3.17 8.83
C PHE A 136 -8.98 4.59 9.26
N MET A 137 -9.66 4.70 10.39
CA MET A 137 -10.05 6.00 10.90
C MET A 137 -9.18 6.40 12.11
N LYS A 138 -8.29 7.34 11.87
CA LYS A 138 -7.39 7.81 12.92
C LYS A 138 -7.75 9.25 13.29
N SER A 139 -7.11 9.74 14.32
CA SER A 139 -7.35 11.10 14.78
C SER A 139 -6.03 11.86 14.91
N GLY A 140 -6.11 13.16 14.69
CA GLY A 140 -4.93 14.01 14.77
C GLY A 140 -5.27 15.37 15.38
N PRO A 141 -4.22 16.24 15.47
CA PRO A 141 -4.40 17.56 16.03
C PRO A 141 -5.13 18.48 15.04
N SER A 142 -6.08 19.24 15.59
CA SER A 142 -6.85 20.16 14.77
C SER A 142 -7.35 19.45 13.51
N SER A 143 -8.44 18.72 13.66
CA SER A 143 -9.03 17.99 12.55
C SER A 143 -10.49 18.39 12.38
N GLY A 144 -10.92 18.41 11.12
CA GLY A 144 -12.29 18.77 10.80
C GLY A 144 -12.65 20.14 11.40
N GLY A 1 -5.09 -26.76 -6.67
CA GLY A 1 -6.07 -26.35 -5.68
C GLY A 1 -5.38 -25.89 -4.40
N SER A 2 -5.79 -26.52 -3.29
CA SER A 2 -5.22 -26.18 -1.99
C SER A 2 -5.51 -24.72 -1.66
N SER A 3 -5.54 -24.43 -0.36
CA SER A 3 -5.81 -23.08 0.10
C SER A 3 -5.64 -23.01 1.62
N GLY A 4 -4.87 -22.02 2.05
CA GLY A 4 -4.62 -21.83 3.47
C GLY A 4 -5.89 -21.35 4.19
N SER A 5 -5.75 -20.23 4.88
CA SER A 5 -6.87 -19.67 5.61
C SER A 5 -6.87 -18.14 5.48
N SER A 6 -7.96 -17.54 5.94
CA SER A 6 -8.09 -16.09 5.88
C SER A 6 -6.92 -15.43 6.61
N GLY A 7 -6.74 -14.14 6.36
CA GLY A 7 -5.68 -13.39 6.98
C GLY A 7 -6.22 -12.50 8.10
N GLU A 8 -5.38 -11.58 8.56
CA GLU A 8 -5.76 -10.67 9.62
C GLU A 8 -6.58 -9.52 9.06
N GLU A 9 -7.38 -8.93 9.93
CA GLU A 9 -8.22 -7.81 9.54
C GLU A 9 -7.41 -6.77 8.77
N LEU A 10 -6.37 -6.28 9.42
CA LEU A 10 -5.51 -5.28 8.81
C LEU A 10 -5.26 -5.65 7.35
N GLU A 11 -4.49 -6.73 7.17
CA GLU A 11 -4.16 -7.19 5.83
C GLU A 11 -5.41 -7.16 4.95
N GLU A 12 -6.46 -7.81 5.43
CA GLU A 12 -7.70 -7.86 4.68
C GLU A 12 -8.07 -6.47 4.16
N ARG A 13 -8.06 -5.50 5.07
CA ARG A 13 -8.37 -4.13 4.71
C ARG A 13 -7.38 -3.61 3.66
N LEU A 14 -6.12 -3.64 4.03
CA LEU A 14 -5.06 -3.17 3.15
C LEU A 14 -5.36 -3.63 1.72
N VAL A 15 -5.55 -4.94 1.58
CA VAL A 15 -5.85 -5.52 0.28
C VAL A 15 -7.23 -5.05 -0.17
N GLU A 16 -8.23 -5.44 0.58
CA GLU A 16 -9.61 -5.07 0.26
C GLU A 16 -9.66 -3.63 -0.26
N TRP A 17 -8.77 -2.81 0.28
CA TRP A 17 -8.70 -1.41 -0.12
C TRP A 17 -8.00 -1.34 -1.47
N ILE A 18 -6.71 -1.67 -1.47
CA ILE A 18 -5.93 -1.64 -2.68
C ILE A 18 -6.75 -2.23 -3.83
N VAL A 19 -7.66 -3.12 -3.47
CA VAL A 19 -8.52 -3.76 -4.46
C VAL A 19 -9.45 -2.71 -5.07
N VAL A 20 -10.15 -2.01 -4.19
CA VAL A 20 -11.07 -0.97 -4.63
C VAL A 20 -10.29 0.17 -5.27
N GLN A 21 -9.11 0.43 -4.71
CA GLN A 21 -8.26 1.49 -5.21
C GLN A 21 -7.71 1.12 -6.59
N CYS A 22 -6.89 0.08 -6.61
CA CYS A 22 -6.30 -0.38 -7.85
C CYS A 22 -7.42 -0.82 -8.78
N GLY A 23 -8.27 -1.70 -8.28
CA GLY A 23 -9.38 -2.21 -9.05
C GLY A 23 -9.22 -3.71 -9.35
N PRO A 24 -10.29 -4.29 -9.96
CA PRO A 24 -10.26 -5.71 -10.29
C PRO A 24 -9.37 -5.97 -11.50
N ASP A 25 -8.14 -5.52 -11.40
CA ASP A 25 -7.18 -5.70 -12.47
C ASP A 25 -5.90 -6.34 -11.91
N VAL A 26 -5.46 -5.81 -10.79
CA VAL A 26 -4.26 -6.31 -10.13
C VAL A 26 -4.54 -7.69 -9.55
N GLY A 27 -5.81 -7.91 -9.21
CA GLY A 27 -6.23 -9.18 -8.64
C GLY A 27 -6.12 -9.15 -7.11
N ARG A 28 -5.87 -10.32 -6.55
CA ARG A 28 -5.75 -10.44 -5.11
C ARG A 28 -4.58 -11.37 -4.74
N PRO A 29 -4.08 -11.20 -3.50
CA PRO A 29 -2.96 -12.00 -3.02
C PRO A 29 -3.41 -13.42 -2.68
N ASP A 30 -2.43 -14.26 -2.37
CA ASP A 30 -2.72 -15.63 -2.03
C ASP A 30 -3.05 -15.73 -0.53
N ARG A 31 -2.96 -16.94 -0.01
CA ARG A 31 -3.25 -17.19 1.39
C ARG A 31 -2.45 -16.21 2.26
N GLY A 32 -2.89 -16.09 3.50
CA GLY A 32 -2.24 -15.20 4.45
C GLY A 32 -0.99 -15.86 5.04
N ARG A 33 0.17 -15.33 4.64
CA ARG A 33 1.43 -15.85 5.13
C ARG A 33 2.59 -15.03 4.57
N LEU A 34 2.79 -15.15 3.27
CA LEU A 34 3.86 -14.43 2.60
C LEU A 34 3.33 -13.81 1.30
N GLY A 35 2.57 -14.61 0.58
CA GLY A 35 1.99 -14.16 -0.68
C GLY A 35 1.74 -12.66 -0.66
N PHE A 36 0.95 -12.23 0.31
CA PHE A 36 0.63 -10.82 0.45
C PHE A 36 1.85 -9.95 0.18
N GLN A 37 2.90 -10.20 0.95
CA GLN A 37 4.14 -9.45 0.80
C GLN A 37 4.48 -9.28 -0.68
N VAL A 38 4.63 -10.41 -1.36
CA VAL A 38 4.95 -10.40 -2.77
C VAL A 38 3.98 -9.47 -3.51
N TRP A 39 2.71 -9.65 -3.21
CA TRP A 39 1.67 -8.84 -3.82
C TRP A 39 2.15 -7.39 -3.82
N LEU A 40 2.76 -7.00 -2.71
CA LEU A 40 3.27 -5.65 -2.57
C LEU A 40 4.79 -5.67 -2.53
N LYS A 41 5.37 -6.34 -3.51
CA LYS A 41 6.81 -6.46 -3.61
C LYS A 41 7.32 -5.59 -4.77
N ASN A 42 6.94 -6.00 -5.97
CA ASN A 42 7.35 -5.28 -7.16
C ASN A 42 7.28 -3.78 -6.89
N GLY A 43 6.10 -3.33 -6.48
CA GLY A 43 5.88 -1.92 -6.19
C GLY A 43 4.94 -1.29 -7.21
N VAL A 44 4.81 -1.95 -8.34
CA VAL A 44 3.94 -1.46 -9.40
C VAL A 44 2.55 -1.17 -8.83
N ILE A 45 2.02 -2.18 -8.14
CA ILE A 45 0.70 -2.04 -7.53
C ILE A 45 0.70 -0.85 -6.57
N LEU A 46 1.62 -0.91 -5.62
CA LEU A 46 1.74 0.15 -4.63
C LEU A 46 1.72 1.51 -5.34
N SER A 47 2.54 1.62 -6.37
CA SER A 47 2.62 2.85 -7.14
C SER A 47 1.26 3.20 -7.73
N LYS A 48 0.54 2.15 -8.13
CA LYS A 48 -0.77 2.32 -8.71
C LYS A 48 -1.73 2.87 -7.65
N LEU A 49 -1.45 2.50 -6.40
CA LEU A 49 -2.27 2.94 -5.29
C LEU A 49 -2.19 4.46 -5.17
N VAL A 50 -1.04 4.92 -4.71
CA VAL A 50 -0.81 6.35 -4.55
C VAL A 50 -1.29 7.08 -5.81
N ASN A 51 -0.98 6.48 -6.95
CA ASN A 51 -1.37 7.05 -8.23
C ASN A 51 -2.88 7.26 -8.26
N SER A 52 -3.59 6.17 -8.09
CA SER A 52 -5.05 6.22 -8.09
C SER A 52 -5.54 7.27 -7.10
N LEU A 53 -4.88 7.32 -5.95
CA LEU A 53 -5.23 8.28 -4.93
C LEU A 53 -5.21 9.69 -5.52
N TYR A 54 -4.00 10.24 -5.62
CA TYR A 54 -3.83 11.57 -6.17
C TYR A 54 -4.84 11.84 -7.29
N PRO A 55 -5.19 13.14 -7.46
CA PRO A 55 -6.14 13.55 -8.48
C PRO A 55 -5.48 13.52 -9.87
N GLU A 56 -6.31 13.28 -10.87
CA GLU A 56 -5.83 13.23 -12.24
C GLU A 56 -4.93 14.43 -12.54
N GLY A 57 -4.06 14.26 -13.52
CA GLY A 57 -3.16 15.32 -13.91
C GLY A 57 -1.89 15.30 -13.05
N SER A 58 -2.11 15.17 -11.75
CA SER A 58 -1.00 15.14 -10.80
C SER A 58 -0.04 14.00 -11.15
N LYS A 59 -0.53 12.78 -10.97
CA LYS A 59 0.27 11.60 -11.25
C LYS A 59 1.71 11.85 -10.80
N PRO A 60 1.96 11.58 -9.50
CA PRO A 60 3.28 11.76 -8.93
C PRO A 60 4.23 10.64 -9.37
N VAL A 61 3.79 9.41 -9.14
CA VAL A 61 4.59 8.26 -9.51
C VAL A 61 4.21 7.82 -10.92
N LYS A 62 5.15 7.15 -11.56
CA LYS A 62 4.94 6.66 -12.93
C LYS A 62 5.08 5.14 -12.95
N VAL A 63 3.93 4.48 -12.91
CA VAL A 63 3.91 3.02 -12.93
C VAL A 63 3.60 2.54 -14.35
N PRO A 64 4.61 1.87 -14.96
CA PRO A 64 4.46 1.36 -16.31
C PRO A 64 3.58 0.11 -16.32
N GLU A 65 2.72 0.04 -17.32
CA GLU A 65 1.82 -1.09 -17.46
C GLU A 65 2.53 -2.39 -17.10
N ASN A 66 3.60 -2.66 -17.83
CA ASN A 66 4.38 -3.87 -17.60
C ASN A 66 5.27 -3.66 -16.37
N PRO A 67 5.23 -4.68 -15.47
CA PRO A 67 6.02 -4.62 -14.26
C PRO A 67 7.50 -4.88 -14.54
N PRO A 68 8.37 -4.08 -13.87
CA PRO A 68 9.81 -4.20 -14.04
C PRO A 68 10.34 -5.45 -13.33
N SER A 69 11.66 -5.59 -13.35
CA SER A 69 12.30 -6.72 -12.71
C SER A 69 13.55 -6.25 -11.96
N MET A 70 14.49 -7.17 -11.82
CA MET A 70 15.74 -6.87 -11.13
C MET A 70 15.47 -6.33 -9.72
N VAL A 71 16.54 -6.21 -8.96
CA VAL A 71 16.43 -5.71 -7.60
C VAL A 71 16.40 -4.18 -7.62
N PHE A 72 17.51 -3.60 -8.05
CA PHE A 72 17.62 -2.16 -8.12
C PHE A 72 16.34 -1.54 -8.69
N LYS A 73 15.84 -2.14 -9.76
CA LYS A 73 14.64 -1.67 -10.40
C LYS A 73 13.47 -1.78 -9.43
N GLN A 74 13.10 -3.03 -9.13
CA GLN A 74 12.01 -3.28 -8.22
C GLN A 74 12.08 -2.34 -7.01
N MET A 75 13.23 -2.36 -6.36
CA MET A 75 13.45 -1.52 -5.19
C MET A 75 12.98 -0.09 -5.46
N GLU A 76 13.42 0.44 -6.60
CA GLU A 76 13.07 1.80 -6.99
C GLU A 76 11.55 1.94 -7.08
N GLN A 77 10.95 1.01 -7.81
CA GLN A 77 9.51 1.01 -8.00
C GLN A 77 8.80 1.37 -6.68
N VAL A 78 9.04 0.53 -5.68
CA VAL A 78 8.43 0.74 -4.38
C VAL A 78 8.92 2.08 -3.81
N ALA A 79 10.23 2.26 -3.85
CA ALA A 79 10.83 3.49 -3.35
C ALA A 79 10.04 4.69 -3.86
N GLN A 80 9.74 4.65 -5.15
CA GLN A 80 8.98 5.73 -5.77
C GLN A 80 7.69 5.98 -5.00
N PHE A 81 7.01 4.89 -4.68
CA PHE A 81 5.75 4.98 -3.95
C PHE A 81 5.99 5.41 -2.51
N LEU A 82 7.00 4.80 -1.90
CA LEU A 82 7.34 5.11 -0.52
C LEU A 82 7.43 6.63 -0.35
N LYS A 83 8.45 7.20 -0.96
CA LYS A 83 8.67 8.63 -0.89
C LYS A 83 7.35 9.35 -1.11
N ALA A 84 6.57 8.83 -2.06
CA ALA A 84 5.28 9.42 -2.37
C ALA A 84 4.36 9.32 -1.14
N ALA A 85 4.42 8.16 -0.50
CA ALA A 85 3.61 7.92 0.68
C ALA A 85 3.78 9.09 1.65
N GLU A 86 5.04 9.38 1.97
CA GLU A 86 5.35 10.46 2.87
C GLU A 86 4.63 11.74 2.45
N ASP A 87 4.75 12.06 1.17
CA ASP A 87 4.12 13.25 0.62
C ASP A 87 2.66 13.30 1.08
N TYR A 88 2.02 12.14 1.03
CA TYR A 88 0.63 12.04 1.43
C TYR A 88 0.42 12.60 2.85
N GLY A 89 1.28 12.14 3.75
CA GLY A 89 1.21 12.59 5.14
C GLY A 89 1.48 11.43 6.10
N VAL A 90 2.51 10.66 5.77
CA VAL A 90 2.88 9.52 6.59
C VAL A 90 4.12 9.87 7.40
N ILE A 91 4.04 9.63 8.70
CA ILE A 91 5.15 9.91 9.59
C ILE A 91 6.42 9.23 9.06
N LYS A 92 7.47 9.29 9.86
CA LYS A 92 8.74 8.68 9.49
C LYS A 92 8.92 7.38 10.26
N THR A 93 8.12 7.23 11.31
CA THR A 93 8.18 6.03 12.14
C THR A 93 7.23 4.96 11.60
N ASP A 94 6.51 5.33 10.54
CA ASP A 94 5.56 4.42 9.93
C ASP A 94 6.15 3.88 8.63
N MET A 95 7.08 4.63 8.08
CA MET A 95 7.73 4.24 6.84
C MET A 95 8.73 3.12 7.07
N PHE A 96 8.72 2.15 6.16
CA PHE A 96 9.62 1.02 6.26
C PHE A 96 10.68 1.06 5.16
N GLN A 97 11.53 0.05 5.16
CA GLN A 97 12.59 -0.05 4.17
C GLN A 97 12.15 -0.95 3.01
N THR A 98 12.42 -0.49 1.80
CA THR A 98 12.07 -1.25 0.61
C THR A 98 12.27 -2.74 0.85
N VAL A 99 13.44 -3.07 1.38
CA VAL A 99 13.77 -4.46 1.66
C VAL A 99 12.71 -5.06 2.59
N ASP A 100 12.49 -4.36 3.70
CA ASP A 100 11.51 -4.81 4.68
C ASP A 100 10.29 -5.37 3.95
N LEU A 101 10.04 -4.82 2.78
CA LEU A 101 8.91 -5.26 1.97
C LEU A 101 9.40 -6.21 0.88
N TYR A 102 10.25 -5.69 0.03
CA TYR A 102 10.81 -6.49 -1.06
C TYR A 102 11.26 -7.86 -0.56
N GLU A 103 12.17 -7.83 0.42
CA GLU A 103 12.70 -9.06 0.99
C GLU A 103 11.90 -9.45 2.24
N GLY A 104 10.71 -8.86 2.35
CA GLY A 104 9.85 -9.12 3.49
C GLY A 104 10.66 -9.32 4.76
N LYS A 105 11.68 -8.47 4.91
CA LYS A 105 12.54 -8.53 6.08
C LYS A 105 11.74 -8.13 7.32
N ASP A 106 10.81 -7.21 7.11
CA ASP A 106 9.98 -6.74 8.19
C ASP A 106 8.64 -6.22 7.63
N MET A 107 7.63 -7.07 7.74
CA MET A 107 6.30 -6.72 7.25
C MET A 107 5.54 -5.88 8.27
N ALA A 108 5.70 -6.25 9.53
CA ALA A 108 5.04 -5.55 10.62
C ALA A 108 5.08 -4.04 10.34
N ALA A 109 6.16 -3.62 9.70
CA ALA A 109 6.34 -2.22 9.37
C ALA A 109 5.57 -1.89 8.08
N VAL A 110 5.79 -2.72 7.08
CA VAL A 110 5.13 -2.54 5.80
C VAL A 110 3.67 -2.16 6.04
N GLN A 111 3.14 -2.65 7.14
CA GLN A 111 1.76 -2.38 7.51
C GLN A 111 1.63 -0.97 8.09
N ARG A 112 2.47 -0.71 9.08
CA ARG A 112 2.45 0.60 9.73
C ARG A 112 2.34 1.71 8.70
N THR A 113 2.91 1.46 7.52
CA THR A 113 2.87 2.43 6.45
C THR A 113 1.45 2.54 5.88
N LEU A 114 0.91 1.40 5.47
CA LEU A 114 -0.42 1.36 4.91
C LEU A 114 -1.42 1.88 5.95
N MET A 115 -1.35 1.31 7.14
CA MET A 115 -2.22 1.72 8.23
C MET A 115 -2.35 3.23 8.29
N ALA A 116 -1.30 3.91 7.84
CA ALA A 116 -1.28 5.36 7.84
C ALA A 116 -1.77 5.87 6.49
N LEU A 117 -1.29 5.23 5.44
CA LEU A 117 -1.67 5.61 4.09
C LEU A 117 -3.20 5.60 3.97
N GLY A 118 -3.76 4.43 4.23
CA GLY A 118 -5.20 4.26 4.16
C GLY A 118 -5.93 5.34 4.97
N SER A 119 -5.69 5.30 6.27
CA SER A 119 -6.31 6.26 7.18
C SER A 119 -6.15 7.67 6.62
N LEU A 120 -4.98 7.92 6.04
CA LEU A 120 -4.69 9.23 5.46
C LEU A 120 -5.74 9.54 4.38
N ALA A 121 -6.03 8.54 3.57
CA ALA A 121 -7.00 8.69 2.50
C ALA A 121 -8.40 8.81 3.10
N VAL A 122 -8.62 8.05 4.16
CA VAL A 122 -9.92 8.07 4.82
C VAL A 122 -10.13 9.43 5.47
N THR A 123 -9.10 9.89 6.16
CA THR A 123 -9.16 11.19 6.82
C THR A 123 -9.50 12.29 5.82
N LYS A 124 -8.66 12.40 4.81
CA LYS A 124 -8.86 13.41 3.77
C LYS A 124 -10.35 13.50 3.45
N ASN A 125 -10.92 12.37 3.07
CA ASN A 125 -12.33 12.32 2.73
C ASN A 125 -12.71 13.58 1.94
N ASP A 126 -12.18 13.65 0.72
CA ASP A 126 -12.45 14.79 -0.14
C ASP A 126 -12.82 14.29 -1.54
N GLY A 127 -12.01 13.35 -2.03
CA GLY A 127 -12.23 12.79 -3.34
C GLY A 127 -10.91 12.37 -3.99
N ASN A 128 -10.30 11.36 -3.40
CA ASN A 128 -9.03 10.86 -3.91
C ASN A 128 -9.13 9.33 -4.10
N TYR A 129 -9.28 8.64 -2.98
CA TYR A 129 -9.39 7.19 -3.01
C TYR A 129 -10.83 6.75 -3.27
N ARG A 130 -11.05 5.45 -3.14
CA ARG A 130 -12.38 4.89 -3.35
C ARG A 130 -12.87 4.19 -2.09
N GLY A 131 -12.04 3.30 -1.59
CA GLY A 131 -12.38 2.55 -0.39
C GLY A 131 -13.14 3.43 0.61
N ASP A 132 -14.20 2.86 1.16
CA ASP A 132 -15.02 3.57 2.12
C ASP A 132 -14.13 4.17 3.21
N PRO A 133 -14.59 5.32 3.78
CA PRO A 133 -13.84 6.00 4.82
C PRO A 133 -13.96 5.25 6.15
N ASN A 134 -15.15 4.76 6.43
CA ASN A 134 -15.40 4.02 7.65
C ASN A 134 -14.86 2.60 7.50
N TRP A 135 -13.59 2.52 7.15
CA TRP A 135 -12.95 1.22 6.98
C TRP A 135 -11.83 1.11 8.01
N PHE A 136 -10.80 1.93 7.81
CA PHE A 136 -9.66 1.93 8.71
C PHE A 136 -10.05 2.48 10.09
N MET A 137 -10.92 3.47 10.07
CA MET A 137 -11.38 4.09 11.30
C MET A 137 -12.19 3.09 12.14
N LYS A 138 -12.33 3.43 13.42
CA LYS A 138 -13.06 2.58 14.34
C LYS A 138 -12.30 1.26 14.53
N SER A 139 -11.48 1.24 15.56
CA SER A 139 -10.69 0.06 15.87
C SER A 139 -10.68 -0.19 17.37
N GLY A 140 -10.17 0.79 18.11
CA GLY A 140 -10.11 0.69 19.55
C GLY A 140 -9.19 1.77 20.14
N PRO A 141 -9.02 1.71 21.49
CA PRO A 141 -8.18 2.68 22.18
C PRO A 141 -6.70 2.39 21.93
N SER A 142 -6.05 3.29 21.21
CA SER A 142 -4.65 3.14 20.91
C SER A 142 -3.93 4.48 21.07
N SER A 143 -2.67 4.40 21.48
CA SER A 143 -1.87 5.60 21.68
C SER A 143 -0.90 5.78 20.51
N GLY A 144 -0.57 7.04 20.26
CA GLY A 144 0.36 7.35 19.17
C GLY A 144 -0.20 8.49 18.30
N GLY A 1 -5.20 -6.03 13.02
CA GLY A 1 -5.63 -6.60 14.29
C GLY A 1 -5.66 -8.13 14.22
N SER A 2 -6.08 -8.74 15.32
CA SER A 2 -6.16 -10.19 15.40
C SER A 2 -4.78 -10.80 15.14
N SER A 3 -4.61 -12.00 15.67
CA SER A 3 -3.35 -12.71 15.50
C SER A 3 -3.57 -14.22 15.64
N GLY A 4 -3.14 -14.94 14.62
CA GLY A 4 -3.29 -16.39 14.62
C GLY A 4 -4.50 -16.82 13.80
N SER A 5 -4.44 -16.53 12.51
CA SER A 5 -5.52 -16.87 11.61
C SER A 5 -5.11 -16.61 10.16
N SER A 6 -5.59 -17.47 9.28
CA SER A 6 -5.28 -17.33 7.86
C SER A 6 -5.69 -15.95 7.36
N GLY A 7 -4.70 -15.07 7.29
CA GLY A 7 -4.95 -13.70 6.84
C GLY A 7 -5.28 -12.78 8.01
N GLU A 8 -4.38 -11.82 8.25
CA GLU A 8 -4.56 -10.88 9.33
C GLU A 8 -5.65 -9.87 8.98
N GLU A 9 -6.39 -9.46 10.00
CA GLU A 9 -7.46 -8.51 9.81
C GLU A 9 -6.99 -7.34 8.94
N LEU A 10 -5.94 -6.68 9.41
CA LEU A 10 -5.39 -5.55 8.69
C LEU A 10 -5.24 -5.92 7.21
N GLU A 11 -4.35 -6.85 6.94
CA GLU A 11 -4.10 -7.31 5.58
C GLU A 11 -5.44 -7.47 4.84
N GLU A 12 -6.30 -8.30 5.41
CA GLU A 12 -7.60 -8.55 4.81
C GLU A 12 -8.18 -7.26 4.24
N ARG A 13 -8.25 -6.25 5.08
CA ARG A 13 -8.78 -4.95 4.66
C ARG A 13 -7.84 -4.30 3.65
N LEU A 14 -6.58 -4.17 4.05
CA LEU A 14 -5.58 -3.57 3.19
C LEU A 14 -5.77 -4.07 1.76
N VAL A 15 -5.72 -5.39 1.62
CA VAL A 15 -5.89 -6.00 0.32
C VAL A 15 -7.26 -5.61 -0.26
N GLU A 16 -8.29 -5.82 0.55
CA GLU A 16 -9.63 -5.49 0.14
C GLU A 16 -9.70 -4.06 -0.38
N TRP A 17 -8.78 -3.24 0.09
CA TRP A 17 -8.72 -1.86 -0.32
C TRP A 17 -7.99 -1.78 -1.66
N ILE A 18 -6.76 -2.28 -1.65
CA ILE A 18 -5.94 -2.28 -2.85
C ILE A 18 -6.76 -2.86 -4.01
N VAL A 19 -7.76 -3.65 -3.66
CA VAL A 19 -8.63 -4.26 -4.67
C VAL A 19 -9.53 -3.18 -5.27
N VAL A 20 -10.24 -2.48 -4.39
CA VAL A 20 -11.14 -1.43 -4.84
C VAL A 20 -10.33 -0.30 -5.46
N GLN A 21 -9.19 -0.01 -4.83
CA GLN A 21 -8.32 1.05 -5.32
C GLN A 21 -7.86 0.75 -6.74
N CYS A 22 -7.00 -0.25 -6.85
CA CYS A 22 -6.48 -0.64 -8.15
C CYS A 22 -7.64 -1.14 -9.01
N GLY A 23 -8.36 -2.10 -8.45
CA GLY A 23 -9.50 -2.68 -9.15
C GLY A 23 -9.29 -4.18 -9.43
N PRO A 24 -10.35 -4.81 -9.97
CA PRO A 24 -10.29 -6.23 -10.29
C PRO A 24 -9.45 -6.49 -11.53
N ASP A 25 -8.21 -5.98 -11.49
CA ASP A 25 -7.30 -6.15 -12.61
C ASP A 25 -5.98 -6.73 -12.11
N VAL A 26 -5.52 -6.17 -10.99
CA VAL A 26 -4.27 -6.63 -10.39
C VAL A 26 -4.48 -8.02 -9.78
N GLY A 27 -5.71 -8.25 -9.33
CA GLY A 27 -6.05 -9.52 -8.72
C GLY A 27 -5.91 -9.46 -7.21
N ARG A 28 -5.61 -10.60 -6.61
CA ARG A 28 -5.45 -10.69 -5.17
C ARG A 28 -4.16 -11.45 -4.83
N PRO A 29 -3.69 -11.24 -3.58
CA PRO A 29 -2.47 -11.90 -3.11
C PRO A 29 -2.73 -13.38 -2.81
N ASP A 30 -1.65 -14.11 -2.67
CA ASP A 30 -1.74 -15.53 -2.37
C ASP A 30 -2.07 -15.72 -0.89
N ARG A 31 -1.80 -16.93 -0.40
CA ARG A 31 -2.06 -17.26 0.98
C ARG A 31 -1.48 -16.18 1.89
N GLY A 32 -1.69 -16.36 3.19
CA GLY A 32 -1.19 -15.41 4.17
C GLY A 32 0.15 -15.87 4.74
N ARG A 33 1.21 -15.27 4.22
CA ARG A 33 2.56 -15.61 4.67
C ARG A 33 3.59 -14.81 3.87
N LEU A 34 3.70 -15.14 2.59
CA LEU A 34 4.64 -14.48 1.72
C LEU A 34 3.88 -13.81 0.57
N GLY A 35 2.88 -14.53 0.07
CA GLY A 35 2.08 -14.03 -1.03
C GLY A 35 1.91 -12.51 -0.93
N PHE A 36 1.13 -12.10 0.05
CA PHE A 36 0.87 -10.67 0.26
C PHE A 36 2.14 -9.85 0.01
N GLN A 37 3.21 -10.24 0.70
CA GLN A 37 4.47 -9.54 0.56
C GLN A 37 4.85 -9.41 -0.91
N VAL A 38 4.77 -10.54 -1.61
CA VAL A 38 5.10 -10.57 -3.03
C VAL A 38 4.12 -9.68 -3.79
N TRP A 39 2.84 -9.88 -3.51
CA TRP A 39 1.79 -9.12 -4.16
C TRP A 39 2.16 -7.63 -4.05
N LEU A 40 2.87 -7.31 -2.98
CA LEU A 40 3.29 -5.94 -2.75
C LEU A 40 4.81 -5.86 -2.81
N LYS A 41 5.37 -6.64 -3.72
CA LYS A 41 6.82 -6.67 -3.90
C LYS A 41 7.18 -5.89 -5.16
N ASN A 42 6.54 -6.26 -6.26
CA ASN A 42 6.80 -5.61 -7.54
C ASN A 42 6.81 -4.09 -7.34
N GLY A 43 5.74 -3.60 -6.75
CA GLY A 43 5.62 -2.17 -6.49
C GLY A 43 4.68 -1.51 -7.49
N VAL A 44 4.56 -2.14 -8.65
CA VAL A 44 3.69 -1.63 -9.69
C VAL A 44 2.31 -1.33 -9.10
N ILE A 45 1.77 -2.31 -8.40
CA ILE A 45 0.47 -2.16 -7.78
C ILE A 45 0.52 -1.03 -6.75
N LEU A 46 1.56 -1.08 -5.91
CA LEU A 46 1.73 -0.07 -4.88
C LEU A 46 1.69 1.31 -5.53
N SER A 47 2.42 1.46 -6.62
CA SER A 47 2.46 2.72 -7.34
C SER A 47 1.07 3.10 -7.82
N LYS A 48 0.35 2.10 -8.30
CA LYS A 48 -1.00 2.30 -8.80
C LYS A 48 -1.90 2.78 -7.65
N LEU A 49 -1.66 2.20 -6.49
CA LEU A 49 -2.45 2.55 -5.31
C LEU A 49 -2.30 4.05 -5.04
N VAL A 50 -1.13 4.43 -4.54
CA VAL A 50 -0.86 5.82 -4.24
C VAL A 50 -1.38 6.70 -5.38
N ASN A 51 -1.05 6.29 -6.60
CA ASN A 51 -1.49 7.03 -7.78
C ASN A 51 -3.02 7.12 -7.79
N SER A 52 -3.64 5.98 -7.51
CA SER A 52 -5.10 5.92 -7.49
C SER A 52 -5.66 7.13 -6.74
N LEU A 53 -5.06 7.41 -5.59
CA LEU A 53 -5.49 8.54 -4.78
C LEU A 53 -5.36 9.83 -5.60
N TYR A 54 -4.16 10.39 -5.58
CA TYR A 54 -3.91 11.62 -6.31
C TYR A 54 -4.68 11.65 -7.63
N PRO A 55 -4.96 12.89 -8.10
CA PRO A 55 -5.69 13.07 -9.34
C PRO A 55 -4.79 12.79 -10.55
N GLU A 56 -5.24 13.26 -11.71
CA GLU A 56 -4.49 13.06 -12.94
C GLU A 56 -3.29 14.01 -12.99
N GLY A 57 -3.60 15.29 -12.93
CA GLY A 57 -2.56 16.31 -12.97
C GLY A 57 -1.87 16.45 -11.61
N SER A 58 -1.42 15.32 -11.10
CA SER A 58 -0.74 15.29 -9.82
C SER A 58 -0.22 13.89 -9.52
N LYS A 59 0.25 13.23 -10.56
CA LYS A 59 0.77 11.88 -10.44
C LYS A 59 2.19 11.95 -9.87
N PRO A 60 2.35 11.41 -8.64
CA PRO A 60 3.65 11.40 -7.98
C PRO A 60 4.56 10.34 -8.59
N VAL A 61 4.13 9.09 -8.48
CA VAL A 61 4.90 7.98 -9.01
C VAL A 61 4.49 7.74 -10.47
N LYS A 62 5.36 7.04 -11.18
CA LYS A 62 5.11 6.73 -12.58
C LYS A 62 5.21 5.22 -12.80
N VAL A 63 4.05 4.59 -12.88
CA VAL A 63 3.99 3.15 -13.09
C VAL A 63 3.98 2.86 -14.58
N PRO A 64 5.08 2.19 -15.05
CA PRO A 64 5.20 1.84 -16.45
C PRO A 64 4.30 0.66 -16.80
N GLU A 65 4.24 0.37 -18.10
CA GLU A 65 3.41 -0.73 -18.58
C GLU A 65 4.07 -2.06 -18.25
N ASN A 66 5.35 -2.17 -18.59
CA ASN A 66 6.10 -3.38 -18.34
C ASN A 66 6.58 -3.39 -16.88
N PRO A 67 6.24 -4.49 -16.17
CA PRO A 67 6.63 -4.63 -14.78
C PRO A 67 8.12 -4.97 -14.65
N PRO A 68 8.77 -4.33 -13.64
CA PRO A 68 10.18 -4.55 -13.41
C PRO A 68 10.42 -5.91 -12.75
N SER A 69 11.63 -6.08 -12.23
CA SER A 69 12.00 -7.32 -11.57
C SER A 69 13.22 -7.10 -10.69
N MET A 70 14.34 -6.81 -11.34
CA MET A 70 15.58 -6.58 -10.63
C MET A 70 15.34 -5.81 -9.34
N VAL A 71 15.76 -6.41 -8.24
CA VAL A 71 15.59 -5.78 -6.93
C VAL A 71 15.94 -4.30 -7.03
N PHE A 72 17.22 -4.03 -7.24
CA PHE A 72 17.68 -2.66 -7.36
C PHE A 72 16.79 -1.85 -8.31
N LYS A 73 16.11 -2.58 -9.20
CA LYS A 73 15.23 -1.95 -10.15
C LYS A 73 13.85 -1.75 -9.52
N GLN A 74 13.27 -2.84 -9.07
CA GLN A 74 11.96 -2.80 -8.43
C GLN A 74 11.98 -1.84 -7.25
N MET A 75 13.03 -1.96 -6.45
CA MET A 75 13.17 -1.10 -5.28
C MET A 75 12.83 0.35 -5.62
N GLU A 76 13.34 0.80 -6.77
CA GLU A 76 13.09 2.15 -7.21
C GLU A 76 11.59 2.43 -7.29
N GLN A 77 10.88 1.48 -7.89
CA GLN A 77 9.43 1.61 -8.03
C GLN A 77 8.79 1.89 -6.68
N VAL A 78 9.03 0.98 -5.74
CA VAL A 78 8.47 1.13 -4.40
C VAL A 78 8.94 2.45 -3.80
N ALA A 79 10.25 2.67 -3.89
CA ALA A 79 10.84 3.89 -3.36
C ALA A 79 9.99 5.09 -3.80
N GLN A 80 9.75 5.15 -5.09
CA GLN A 80 8.96 6.25 -5.64
C GLN A 80 7.65 6.41 -4.86
N PHE A 81 7.04 5.28 -4.56
CA PHE A 81 5.78 5.28 -3.82
C PHE A 81 6.02 5.64 -2.36
N LEU A 82 7.06 5.04 -1.79
CA LEU A 82 7.40 5.29 -0.40
C LEU A 82 7.51 6.80 -0.17
N LYS A 83 8.47 7.40 -0.85
CA LYS A 83 8.68 8.84 -0.72
C LYS A 83 7.37 9.57 -1.03
N ALA A 84 6.67 9.07 -2.04
CA ALA A 84 5.41 9.67 -2.44
C ALA A 84 4.42 9.59 -1.28
N ALA A 85 4.45 8.45 -0.59
CA ALA A 85 3.57 8.25 0.54
C ALA A 85 3.86 9.28 1.62
N GLU A 86 5.14 9.63 1.72
CA GLU A 86 5.57 10.60 2.70
C GLU A 86 4.87 11.95 2.47
N ASP A 87 5.08 12.49 1.28
CA ASP A 87 4.48 13.76 0.92
C ASP A 87 3.03 13.79 1.40
N TYR A 88 2.34 12.69 1.14
CA TYR A 88 0.94 12.57 1.55
C TYR A 88 0.75 13.06 2.99
N GLY A 89 1.71 12.73 3.83
CA GLY A 89 1.65 13.13 5.22
C GLY A 89 2.30 12.07 6.12
N VAL A 90 2.45 10.87 5.57
CA VAL A 90 3.06 9.78 6.30
C VAL A 90 4.30 10.28 7.03
N ILE A 91 4.52 9.72 8.21
CA ILE A 91 5.68 10.10 9.01
C ILE A 91 6.88 9.26 8.61
N LYS A 92 7.93 9.35 9.41
CA LYS A 92 9.14 8.61 9.14
C LYS A 92 9.25 7.45 10.14
N THR A 93 8.25 7.35 10.99
CA THR A 93 8.22 6.30 11.99
C THR A 93 7.21 5.22 11.60
N ASP A 94 6.52 5.46 10.49
CA ASP A 94 5.54 4.51 9.99
C ASP A 94 6.04 3.90 8.69
N MET A 95 7.02 4.55 8.10
CA MET A 95 7.59 4.08 6.85
C MET A 95 8.41 2.82 7.06
N PHE A 96 8.52 2.03 6.00
CA PHE A 96 9.27 0.78 6.07
C PHE A 96 10.41 0.79 5.05
N GLN A 97 11.18 -0.29 5.06
CA GLN A 97 12.30 -0.43 4.15
C GLN A 97 11.92 -1.32 2.98
N THR A 98 12.34 -0.89 1.79
CA THR A 98 12.05 -1.64 0.58
C THR A 98 12.28 -3.13 0.81
N VAL A 99 13.27 -3.43 1.64
CA VAL A 99 13.60 -4.81 1.95
C VAL A 99 12.51 -5.40 2.85
N ASP A 100 12.10 -4.61 3.83
CA ASP A 100 11.08 -5.04 4.76
C ASP A 100 9.88 -5.58 3.98
N LEU A 101 9.78 -5.12 2.74
CA LEU A 101 8.68 -5.56 1.88
C LEU A 101 9.21 -6.54 0.84
N TYR A 102 10.16 -6.06 0.05
CA TYR A 102 10.77 -6.89 -0.99
C TYR A 102 11.33 -8.18 -0.40
N GLU A 103 12.24 -8.02 0.55
CA GLU A 103 12.86 -9.16 1.20
C GLU A 103 11.96 -9.69 2.31
N GLY A 104 10.83 -9.02 2.49
CA GLY A 104 9.87 -9.41 3.50
C GLY A 104 10.55 -9.57 4.86
N LYS A 105 11.45 -8.64 5.15
CA LYS A 105 12.17 -8.67 6.42
C LYS A 105 11.23 -8.32 7.56
N ASP A 106 10.36 -7.37 7.29
CA ASP A 106 9.38 -6.93 8.27
C ASP A 106 8.05 -6.64 7.59
N MET A 107 7.03 -7.38 8.00
CA MET A 107 5.70 -7.21 7.44
C MET A 107 4.87 -6.24 8.29
N ALA A 108 5.03 -6.36 9.59
CA ALA A 108 4.30 -5.50 10.52
C ALA A 108 4.53 -4.03 10.14
N ALA A 109 5.79 -3.70 9.95
CA ALA A 109 6.15 -2.34 9.58
C ALA A 109 5.48 -1.97 8.25
N VAL A 110 5.76 -2.78 7.25
CA VAL A 110 5.19 -2.56 5.93
C VAL A 110 3.73 -2.12 6.08
N GLN A 111 3.06 -2.72 7.05
CA GLN A 111 1.66 -2.40 7.31
C GLN A 111 1.55 -1.00 7.93
N ARG A 112 2.34 -0.79 8.98
CA ARG A 112 2.33 0.48 9.67
C ARG A 112 2.26 1.63 8.68
N THR A 113 2.83 1.39 7.50
CA THR A 113 2.83 2.40 6.45
C THR A 113 1.43 2.59 5.90
N LEU A 114 0.95 1.58 5.20
CA LEU A 114 -0.38 1.62 4.60
C LEU A 114 -1.36 2.22 5.61
N MET A 115 -1.29 1.71 6.84
CA MET A 115 -2.16 2.19 7.90
C MET A 115 -2.21 3.72 7.92
N ALA A 116 -1.08 4.32 7.61
CA ALA A 116 -0.98 5.77 7.59
C ALA A 116 -1.63 6.31 6.31
N LEU A 117 -1.16 5.78 5.18
CA LEU A 117 -1.69 6.21 3.90
C LEU A 117 -3.21 6.22 3.96
N GLY A 118 -3.78 5.04 4.15
CA GLY A 118 -5.23 4.91 4.24
C GLY A 118 -5.83 5.99 5.15
N SER A 119 -5.39 5.95 6.40
CA SER A 119 -5.88 6.92 7.38
C SER A 119 -5.71 8.33 6.84
N LEU A 120 -4.57 8.57 6.23
CA LEU A 120 -4.27 9.88 5.67
C LEU A 120 -5.29 10.21 4.58
N ALA A 121 -5.60 9.18 3.78
CA ALA A 121 -6.55 9.35 2.70
C ALA A 121 -7.96 9.46 3.28
N VAL A 122 -8.16 8.81 4.42
CA VAL A 122 -9.45 8.82 5.08
C VAL A 122 -9.72 10.22 5.62
N THR A 123 -8.72 10.77 6.30
CA THR A 123 -8.83 12.10 6.86
C THR A 123 -9.35 13.09 5.82
N LYS A 124 -8.71 13.08 4.66
CA LYS A 124 -9.10 13.96 3.59
C LYS A 124 -10.51 13.61 3.12
N ASN A 125 -10.63 12.44 2.50
CA ASN A 125 -11.91 11.98 2.00
C ASN A 125 -12.60 13.12 1.23
N ASP A 126 -12.41 13.10 -0.07
CA ASP A 126 -13.00 14.11 -0.93
C ASP A 126 -13.55 13.45 -2.20
N GLY A 127 -12.69 12.67 -2.84
CA GLY A 127 -13.07 11.97 -4.06
C GLY A 127 -11.90 11.20 -4.65
N ASN A 128 -11.32 10.34 -3.82
CA ASN A 128 -10.19 9.53 -4.25
C ASN A 128 -10.38 8.10 -3.77
N TYR A 129 -10.51 7.95 -2.46
CA TYR A 129 -10.70 6.64 -1.86
C TYR A 129 -11.85 5.89 -2.53
N ARG A 130 -11.50 4.82 -3.22
CA ARG A 130 -12.49 4.01 -3.91
C ARG A 130 -13.37 3.28 -2.90
N GLY A 131 -12.72 2.74 -1.87
CA GLY A 131 -13.43 2.01 -0.84
C GLY A 131 -14.17 2.97 0.09
N ASP A 132 -14.35 2.53 1.33
CA ASP A 132 -15.03 3.33 2.33
C ASP A 132 -14.01 3.95 3.28
N PRO A 133 -14.36 5.15 3.80
CA PRO A 133 -13.47 5.85 4.72
C PRO A 133 -13.50 5.20 6.11
N ASN A 134 -14.60 4.53 6.38
CA ASN A 134 -14.76 3.87 7.67
C ASN A 134 -14.19 2.45 7.57
N TRP A 135 -13.01 2.36 6.98
CA TRP A 135 -12.34 1.09 6.83
C TRP A 135 -11.15 1.05 7.79
N PHE A 136 -10.23 1.96 7.57
CA PHE A 136 -9.04 2.06 8.40
C PHE A 136 -9.37 2.68 9.76
N MET A 137 -9.87 3.90 9.71
CA MET A 137 -10.23 4.63 10.92
C MET A 137 -10.85 3.69 11.94
N LYS A 138 -10.30 3.73 13.15
CA LYS A 138 -10.78 2.90 14.23
C LYS A 138 -10.30 3.46 15.57
N SER A 139 -10.46 4.77 15.71
CA SER A 139 -10.05 5.44 16.92
C SER A 139 -11.05 6.55 17.27
N GLY A 140 -11.39 6.61 18.55
CA GLY A 140 -12.35 7.61 19.03
C GLY A 140 -11.74 9.01 18.96
N PRO A 141 -12.64 10.02 18.83
CA PRO A 141 -12.21 11.41 18.76
C PRO A 141 -11.77 11.92 20.13
N SER A 142 -10.71 11.32 20.64
CA SER A 142 -10.18 11.72 21.94
C SER A 142 -8.79 12.33 21.78
N SER A 143 -8.53 13.34 22.59
CA SER A 143 -7.23 14.01 22.55
C SER A 143 -6.49 13.81 23.87
N GLY A 144 -7.23 13.98 24.95
CA GLY A 144 -6.66 13.82 26.28
C GLY A 144 -5.99 15.11 26.75
N GLY A 1 -9.68 -10.32 17.51
CA GLY A 1 -9.23 -8.95 17.37
C GLY A 1 -8.89 -8.61 15.92
N SER A 2 -8.08 -7.58 15.75
CA SER A 2 -7.68 -7.15 14.43
C SER A 2 -6.28 -6.54 14.48
N SER A 3 -6.13 -5.54 15.34
CA SER A 3 -4.86 -4.87 15.49
C SER A 3 -3.87 -5.78 16.21
N GLY A 4 -2.62 -5.33 16.26
CA GLY A 4 -1.57 -6.09 16.92
C GLY A 4 -1.11 -7.25 16.03
N SER A 5 0.21 -7.42 15.96
CA SER A 5 0.80 -8.48 15.16
C SER A 5 0.54 -8.20 13.67
N SER A 6 1.60 -8.36 12.89
CA SER A 6 1.51 -8.13 11.45
C SER A 6 0.40 -9.00 10.85
N GLY A 7 0.26 -8.88 9.54
CA GLY A 7 -0.76 -9.65 8.83
C GLY A 7 -2.12 -9.51 9.52
N GLU A 8 -2.51 -10.60 10.19
CA GLU A 8 -3.79 -10.62 10.89
C GLU A 8 -4.93 -10.40 9.90
N GLU A 9 -6.14 -10.30 10.46
CA GLU A 9 -7.32 -10.10 9.64
C GLU A 9 -7.32 -8.69 9.04
N LEU A 10 -6.54 -7.82 9.66
CA LEU A 10 -6.44 -6.45 9.21
C LEU A 10 -6.02 -6.44 7.73
N GLU A 11 -5.00 -7.22 7.44
CA GLU A 11 -4.49 -7.32 6.08
C GLU A 11 -5.65 -7.44 5.08
N GLU A 12 -6.53 -8.40 5.37
CA GLU A 12 -7.68 -8.63 4.51
C GLU A 12 -8.27 -7.31 4.04
N ARG A 13 -8.40 -6.39 4.99
CA ARG A 13 -8.95 -5.07 4.68
C ARG A 13 -8.04 -4.33 3.70
N LEU A 14 -6.77 -4.27 4.07
CA LEU A 14 -5.78 -3.59 3.23
C LEU A 14 -6.03 -3.97 1.76
N VAL A 15 -6.01 -5.27 1.51
CA VAL A 15 -6.22 -5.76 0.15
C VAL A 15 -7.59 -5.29 -0.35
N GLU A 16 -8.60 -5.49 0.49
CA GLU A 16 -9.94 -5.09 0.15
C GLU A 16 -9.96 -3.66 -0.39
N TRP A 17 -8.97 -2.91 0.04
CA TRP A 17 -8.85 -1.52 -0.39
C TRP A 17 -8.12 -1.50 -1.74
N ILE A 18 -6.89 -1.98 -1.71
CA ILE A 18 -6.08 -2.02 -2.92
C ILE A 18 -6.90 -2.63 -4.06
N VAL A 19 -7.89 -3.42 -3.67
CA VAL A 19 -8.75 -4.07 -4.65
C VAL A 19 -9.62 -3.01 -5.34
N VAL A 20 -10.31 -2.24 -4.53
CA VAL A 20 -11.18 -1.18 -5.05
C VAL A 20 -10.32 -0.10 -5.71
N GLN A 21 -9.17 0.16 -5.09
CA GLN A 21 -8.26 1.16 -5.61
C GLN A 21 -7.75 0.76 -7.00
N CYS A 22 -6.91 -0.27 -6.99
CA CYS A 22 -6.34 -0.76 -8.24
C CYS A 22 -7.47 -1.33 -9.09
N GLY A 23 -8.24 -2.24 -8.49
CA GLY A 23 -9.35 -2.85 -9.18
C GLY A 23 -9.16 -4.36 -9.30
N PRO A 24 -10.16 -5.03 -9.93
CA PRO A 24 -10.10 -6.47 -10.11
C PRO A 24 -9.12 -6.83 -11.23
N ASP A 25 -7.89 -6.36 -11.07
CA ASP A 25 -6.86 -6.64 -12.05
C ASP A 25 -5.65 -7.26 -11.36
N VAL A 26 -5.30 -6.67 -10.22
CA VAL A 26 -4.17 -7.15 -9.45
C VAL A 26 -4.52 -8.50 -8.82
N GLY A 27 -5.80 -8.64 -8.49
CA GLY A 27 -6.28 -9.87 -7.88
C GLY A 27 -6.22 -9.79 -6.35
N ARG A 28 -5.90 -10.92 -5.74
CA ARG A 28 -5.80 -10.98 -4.30
C ARG A 28 -4.61 -11.84 -3.87
N PRO A 29 -3.93 -11.37 -2.80
CA PRO A 29 -2.75 -12.07 -2.28
C PRO A 29 -3.17 -13.33 -1.52
N ASP A 30 -2.23 -14.27 -1.43
CA ASP A 30 -2.48 -15.52 -0.75
C ASP A 30 -2.53 -15.27 0.76
N ARG A 31 -2.88 -16.32 1.49
CA ARG A 31 -2.98 -16.22 2.94
C ARG A 31 -1.83 -15.37 3.48
N GLY A 32 -2.07 -14.80 4.66
CA GLY A 32 -1.06 -13.96 5.30
C GLY A 32 0.12 -14.79 5.78
N ARG A 33 1.26 -14.57 5.13
CA ARG A 33 2.47 -15.29 5.48
C ARG A 33 3.66 -14.76 4.67
N LEU A 34 3.49 -14.76 3.36
CA LEU A 34 4.53 -14.28 2.47
C LEU A 34 3.89 -13.67 1.22
N GLY A 35 2.92 -14.39 0.68
CA GLY A 35 2.21 -13.93 -0.51
C GLY A 35 2.09 -12.41 -0.52
N PHE A 36 1.30 -11.91 0.43
CA PHE A 36 1.08 -10.47 0.55
C PHE A 36 2.37 -9.70 0.25
N GLN A 37 3.42 -10.05 0.98
CA GLN A 37 4.70 -9.39 0.80
C GLN A 37 5.01 -9.21 -0.69
N VAL A 38 5.05 -10.33 -1.39
CA VAL A 38 5.32 -10.31 -2.82
C VAL A 38 4.28 -9.45 -3.52
N TRP A 39 3.03 -9.67 -3.16
CA TRP A 39 1.93 -8.92 -3.74
C TRP A 39 2.30 -7.44 -3.72
N LEU A 40 2.98 -7.05 -2.66
CA LEU A 40 3.40 -5.66 -2.51
C LEU A 40 4.93 -5.60 -2.54
N LYS A 41 5.50 -6.32 -3.49
CA LYS A 41 6.94 -6.35 -3.64
C LYS A 41 7.33 -5.60 -4.92
N ASN A 42 6.72 -6.02 -6.02
CA ASN A 42 7.00 -5.38 -7.30
C ASN A 42 7.02 -3.87 -7.13
N GLY A 43 5.99 -3.37 -6.48
CA GLY A 43 5.87 -1.94 -6.24
C GLY A 43 4.81 -1.32 -7.15
N VAL A 44 4.68 -1.90 -8.33
CA VAL A 44 3.72 -1.41 -9.30
C VAL A 44 2.35 -1.25 -8.63
N ILE A 45 1.95 -2.29 -7.92
CA ILE A 45 0.68 -2.28 -7.22
C ILE A 45 0.65 -1.09 -6.26
N LEU A 46 1.68 -1.01 -5.43
CA LEU A 46 1.79 0.07 -4.46
C LEU A 46 1.74 1.41 -5.18
N SER A 47 2.61 1.55 -6.18
CA SER A 47 2.67 2.77 -6.96
C SER A 47 1.29 3.10 -7.54
N LYS A 48 0.60 2.04 -7.98
CA LYS A 48 -0.72 2.20 -8.55
C LYS A 48 -1.66 2.80 -7.50
N LEU A 49 -1.50 2.34 -6.28
CA LEU A 49 -2.32 2.82 -5.18
C LEU A 49 -2.14 4.34 -5.04
N VAL A 50 -0.99 4.72 -4.51
CA VAL A 50 -0.69 6.13 -4.33
C VAL A 50 -1.19 6.92 -5.54
N ASN A 51 -0.86 6.42 -6.72
CA ASN A 51 -1.27 7.07 -7.95
C ASN A 51 -2.79 7.17 -7.98
N SER A 52 -3.44 6.06 -7.67
CA SER A 52 -4.90 6.02 -7.66
C SER A 52 -5.44 7.21 -6.88
N LEU A 53 -4.86 7.43 -5.70
CA LEU A 53 -5.29 8.53 -4.85
C LEU A 53 -5.16 9.85 -5.63
N TYR A 54 -3.95 10.38 -5.65
CA TYR A 54 -3.70 11.63 -6.34
C TYR A 54 -4.52 11.72 -7.63
N PRO A 55 -4.76 12.98 -8.07
CA PRO A 55 -5.53 13.22 -9.27
C PRO A 55 -4.71 12.92 -10.53
N GLU A 56 -5.18 13.43 -11.65
CA GLU A 56 -4.49 13.22 -12.91
C GLU A 56 -3.27 14.13 -13.01
N GLY A 57 -3.53 15.42 -12.91
CA GLY A 57 -2.46 16.40 -12.98
C GLY A 57 -1.70 16.50 -11.66
N SER A 58 -1.25 15.34 -11.19
CA SER A 58 -0.51 15.27 -9.94
C SER A 58 -0.04 13.84 -9.69
N LYS A 59 0.43 13.22 -10.76
CA LYS A 59 0.92 11.85 -10.66
C LYS A 59 2.34 11.86 -10.11
N PRO A 60 2.50 11.29 -8.88
CA PRO A 60 3.79 11.22 -8.24
C PRO A 60 4.67 10.15 -8.89
N VAL A 61 4.26 8.91 -8.71
CA VAL A 61 5.00 7.78 -9.27
C VAL A 61 4.53 7.53 -10.71
N LYS A 62 5.37 6.83 -11.45
CA LYS A 62 5.05 6.51 -12.83
C LYS A 62 4.86 5.01 -12.97
N VAL A 63 3.76 4.64 -13.60
CA VAL A 63 3.44 3.23 -13.82
C VAL A 63 3.58 2.90 -15.30
N PRO A 64 4.64 2.09 -15.62
CA PRO A 64 4.88 1.70 -17.00
C PRO A 64 3.88 0.62 -17.44
N GLU A 65 2.99 0.27 -16.53
CA GLU A 65 1.99 -0.73 -16.82
C GLU A 65 2.56 -2.13 -16.60
N ASN A 66 3.65 -2.41 -17.31
CA ASN A 66 4.29 -3.71 -17.19
C ASN A 66 5.34 -3.65 -16.08
N PRO A 67 5.30 -4.70 -15.20
CA PRO A 67 6.23 -4.78 -14.09
C PRO A 67 7.62 -5.19 -14.57
N PRO A 68 8.66 -4.62 -13.89
CA PRO A 68 10.04 -4.92 -14.24
C PRO A 68 10.43 -6.32 -13.75
N SER A 69 11.72 -6.62 -13.87
CA SER A 69 12.23 -7.90 -13.44
C SER A 69 13.44 -7.70 -12.53
N MET A 70 14.33 -6.83 -12.97
CA MET A 70 15.53 -6.53 -12.20
C MET A 70 15.18 -6.18 -10.75
N VAL A 71 16.22 -6.11 -9.92
CA VAL A 71 16.04 -5.79 -8.52
C VAL A 71 16.03 -4.27 -8.35
N PHE A 72 17.12 -3.65 -8.77
CA PHE A 72 17.25 -2.21 -8.68
C PHE A 72 15.94 -1.52 -9.06
N LYS A 73 15.36 -1.99 -10.15
CA LYS A 73 14.10 -1.43 -10.63
C LYS A 73 13.01 -1.63 -9.58
N GLN A 74 12.68 -2.90 -9.36
CA GLN A 74 11.65 -3.23 -8.39
C GLN A 74 11.79 -2.37 -7.14
N MET A 75 12.97 -2.45 -6.53
CA MET A 75 13.24 -1.67 -5.33
C MET A 75 12.89 -0.19 -5.53
N GLU A 76 13.35 0.34 -6.65
CA GLU A 76 13.08 1.73 -6.98
C GLU A 76 11.58 2.01 -6.97
N GLN A 77 10.85 1.15 -7.65
CA GLN A 77 9.40 1.28 -7.72
C GLN A 77 8.83 1.62 -6.34
N VAL A 78 9.01 0.69 -5.42
CA VAL A 78 8.53 0.88 -4.06
C VAL A 78 9.05 2.21 -3.51
N ALA A 79 10.35 2.41 -3.68
CA ALA A 79 10.99 3.62 -3.20
C ALA A 79 10.20 4.83 -3.72
N GLN A 80 9.91 4.81 -5.01
CA GLN A 80 9.17 5.89 -5.64
C GLN A 80 7.87 6.15 -4.87
N PHE A 81 7.20 5.07 -4.52
CA PHE A 81 5.94 5.16 -3.80
C PHE A 81 6.18 5.56 -2.35
N LEU A 82 7.19 4.93 -1.75
CA LEU A 82 7.53 5.21 -0.37
C LEU A 82 7.69 6.72 -0.18
N LYS A 83 8.62 7.28 -0.93
CA LYS A 83 8.88 8.71 -0.85
C LYS A 83 7.57 9.48 -1.10
N ALA A 84 6.79 8.96 -2.03
CA ALA A 84 5.52 9.58 -2.37
C ALA A 84 4.59 9.51 -1.17
N ALA A 85 4.59 8.36 -0.52
CA ALA A 85 3.75 8.15 0.64
C ALA A 85 4.01 9.27 1.66
N GLU A 86 5.27 9.67 1.74
CA GLU A 86 5.66 10.72 2.66
C GLU A 86 5.01 12.05 2.26
N ASP A 87 5.08 12.34 0.97
CA ASP A 87 4.49 13.56 0.45
C ASP A 87 3.04 13.69 0.94
N TYR A 88 2.35 12.55 0.92
CA TYR A 88 0.97 12.51 1.35
C TYR A 88 0.82 13.12 2.76
N GLY A 89 1.59 12.59 3.69
CA GLY A 89 1.55 13.07 5.06
C GLY A 89 1.82 11.93 6.05
N VAL A 90 2.82 11.13 5.71
CA VAL A 90 3.20 10.00 6.55
C VAL A 90 4.50 10.33 7.28
N ILE A 91 4.53 9.98 8.56
CA ILE A 91 5.71 10.22 9.37
C ILE A 91 6.82 9.24 8.98
N LYS A 92 8.01 9.52 9.46
CA LYS A 92 9.16 8.67 9.16
C LYS A 92 9.21 7.52 10.17
N THR A 93 8.20 7.49 11.03
CA THR A 93 8.12 6.45 12.04
C THR A 93 7.14 5.36 11.60
N ASP A 94 6.35 5.68 10.59
CA ASP A 94 5.38 4.75 10.08
C ASP A 94 5.91 4.12 8.79
N MET A 95 6.91 4.78 8.22
CA MET A 95 7.52 4.30 6.99
C MET A 95 8.50 3.15 7.28
N PHE A 96 8.63 2.27 6.31
CA PHE A 96 9.53 1.14 6.44
C PHE A 96 10.64 1.19 5.38
N GLN A 97 11.41 0.11 5.33
CA GLN A 97 12.50 0.03 4.37
C GLN A 97 12.11 -0.88 3.21
N THR A 98 12.42 -0.41 2.01
CA THR A 98 12.11 -1.17 0.80
C THR A 98 12.34 -2.66 1.04
N VAL A 99 13.40 -2.95 1.79
CA VAL A 99 13.75 -4.32 2.09
C VAL A 99 12.65 -4.94 2.97
N ASP A 100 12.35 -4.24 4.05
CA ASP A 100 11.32 -4.71 4.98
C ASP A 100 10.15 -5.29 4.19
N LEU A 101 9.96 -4.76 2.99
CA LEU A 101 8.88 -5.21 2.12
C LEU A 101 9.45 -6.17 1.08
N TYR A 102 10.32 -5.63 0.23
CA TYR A 102 10.93 -6.43 -0.81
C TYR A 102 11.38 -7.79 -0.27
N GLU A 103 12.11 -7.75 0.83
CA GLU A 103 12.60 -8.97 1.46
C GLU A 103 11.58 -9.49 2.48
N GLY A 104 10.69 -8.59 2.87
CA GLY A 104 9.66 -8.95 3.84
C GLY A 104 10.26 -9.14 5.23
N LYS A 105 11.39 -8.48 5.45
CA LYS A 105 12.07 -8.55 6.73
C LYS A 105 11.09 -8.18 7.85
N ASP A 106 10.52 -7.00 7.73
CA ASP A 106 9.57 -6.51 8.72
C ASP A 106 8.24 -6.22 8.03
N MET A 107 7.28 -7.11 8.29
CA MET A 107 5.95 -6.95 7.72
C MET A 107 5.11 -5.95 8.51
N ALA A 108 5.14 -6.12 9.83
CA ALA A 108 4.39 -5.25 10.71
C ALA A 108 4.61 -3.79 10.29
N ALA A 109 5.80 -3.54 9.76
CA ALA A 109 6.16 -2.20 9.32
C ALA A 109 5.45 -1.91 8.00
N VAL A 110 5.64 -2.80 7.03
CA VAL A 110 5.03 -2.64 5.73
C VAL A 110 3.58 -2.19 5.91
N GLN A 111 2.95 -2.72 6.94
CA GLN A 111 1.56 -2.38 7.23
C GLN A 111 1.48 -1.03 7.93
N ARG A 112 2.34 -0.86 8.93
CA ARG A 112 2.37 0.37 9.69
C ARG A 112 2.33 1.58 8.74
N THR A 113 2.83 1.36 7.54
CA THR A 113 2.85 2.41 6.53
C THR A 113 1.46 2.63 5.95
N LEU A 114 0.95 1.58 5.31
CA LEU A 114 -0.37 1.64 4.70
C LEU A 114 -1.38 2.15 5.74
N MET A 115 -1.33 1.53 6.91
CA MET A 115 -2.23 1.91 7.99
C MET A 115 -2.35 3.43 8.09
N ALA A 116 -1.25 4.10 7.79
CA ALA A 116 -1.21 5.56 7.85
C ALA A 116 -1.71 6.13 6.51
N LEU A 117 -1.12 5.62 5.43
CA LEU A 117 -1.49 6.07 4.11
C LEU A 117 -3.01 6.13 3.99
N GLY A 118 -3.63 4.97 4.18
CA GLY A 118 -5.07 4.87 4.09
C GLY A 118 -5.74 5.95 4.96
N SER A 119 -5.57 5.80 6.26
CA SER A 119 -6.16 6.75 7.19
C SER A 119 -5.96 8.18 6.69
N LEU A 120 -4.78 8.42 6.14
CA LEU A 120 -4.46 9.74 5.61
C LEU A 120 -5.45 10.09 4.49
N ALA A 121 -5.67 9.13 3.62
CA ALA A 121 -6.59 9.33 2.50
C ALA A 121 -8.01 9.44 3.04
N VAL A 122 -8.24 8.77 4.16
CA VAL A 122 -9.56 8.77 4.79
C VAL A 122 -9.84 10.17 5.35
N THR A 123 -8.81 10.74 5.97
CA THR A 123 -8.93 12.06 6.56
C THR A 123 -9.28 13.09 5.48
N LYS A 124 -8.72 12.87 4.29
CA LYS A 124 -8.96 13.76 3.18
C LYS A 124 -10.34 13.47 2.58
N ASN A 125 -10.39 12.42 1.77
CA ASN A 125 -11.64 12.03 1.14
C ASN A 125 -12.16 13.19 0.29
N ASP A 126 -11.93 13.09 -1.01
CA ASP A 126 -12.37 14.12 -1.94
C ASP A 126 -12.26 13.59 -3.37
N GLY A 127 -12.69 12.36 -3.55
CA GLY A 127 -12.65 11.72 -4.85
C GLY A 127 -11.30 11.06 -5.09
N ASN A 128 -10.98 10.10 -4.24
CA ASN A 128 -9.73 9.38 -4.34
C ASN A 128 -9.92 7.95 -3.83
N TYR A 129 -10.40 7.86 -2.61
CA TYR A 129 -10.64 6.56 -1.99
C TYR A 129 -11.82 5.84 -2.66
N ARG A 130 -11.50 4.96 -3.59
CA ARG A 130 -12.52 4.22 -4.31
C ARG A 130 -13.39 3.43 -3.31
N GLY A 131 -12.82 3.19 -2.14
CA GLY A 131 -13.52 2.45 -1.11
C GLY A 131 -14.23 3.41 -0.14
N ASP A 132 -14.43 2.92 1.07
CA ASP A 132 -15.09 3.71 2.10
C ASP A 132 -14.04 4.19 3.12
N PRO A 133 -14.33 5.39 3.70
CA PRO A 133 -13.43 5.96 4.69
C PRO A 133 -13.54 5.23 6.03
N ASN A 134 -14.68 4.58 6.22
CA ASN A 134 -14.93 3.85 7.44
C ASN A 134 -14.35 2.43 7.32
N TRP A 135 -13.11 2.38 6.87
CA TRP A 135 -12.43 1.10 6.69
C TRP A 135 -11.25 1.05 7.67
N PHE A 136 -10.36 2.01 7.51
CA PHE A 136 -9.18 2.09 8.37
C PHE A 136 -9.52 2.76 9.70
N MET A 137 -10.76 3.23 9.78
CA MET A 137 -11.22 3.91 10.99
C MET A 137 -10.74 3.17 12.24
N LYS A 138 -10.38 3.94 13.25
CA LYS A 138 -9.91 3.38 14.51
C LYS A 138 -9.71 4.51 15.53
N SER A 139 -9.03 4.17 16.61
CA SER A 139 -8.77 5.13 17.67
C SER A 139 -7.44 4.81 18.34
N GLY A 140 -6.44 5.61 18.02
CA GLY A 140 -5.11 5.44 18.59
C GLY A 140 -4.51 6.77 19.02
N PRO A 141 -3.29 6.69 19.61
CA PRO A 141 -2.59 7.89 20.06
C PRO A 141 -2.01 8.66 18.88
N SER A 142 -2.11 9.98 18.98
CA SER A 142 -1.60 10.85 17.93
C SER A 142 -0.89 12.06 18.55
N SER A 143 0.39 12.17 18.25
CA SER A 143 1.19 13.28 18.77
C SER A 143 1.15 14.46 17.79
N GLY A 144 0.57 15.55 18.27
CA GLY A 144 0.47 16.75 17.46
C GLY A 144 -0.57 17.71 18.04
N GLY A 1 -0.94 -27.40 -3.51
CA GLY A 1 -1.27 -26.83 -2.21
C GLY A 1 -0.32 -27.34 -1.13
N SER A 2 -0.03 -26.46 -0.18
CA SER A 2 0.86 -26.81 0.91
C SER A 2 0.61 -25.88 2.11
N SER A 3 0.47 -26.50 3.28
CA SER A 3 0.22 -25.75 4.49
C SER A 3 -1.09 -24.98 4.37
N GLY A 4 -1.60 -24.56 5.52
CA GLY A 4 -2.85 -23.80 5.55
C GLY A 4 -2.64 -22.45 6.23
N SER A 5 -2.90 -22.43 7.53
CA SER A 5 -2.75 -21.21 8.31
C SER A 5 -3.72 -20.15 7.79
N SER A 6 -3.69 -19.00 8.46
CA SER A 6 -4.55 -17.89 8.08
C SER A 6 -3.77 -16.58 8.09
N GLY A 7 -4.39 -15.55 7.54
CA GLY A 7 -3.76 -14.24 7.49
C GLY A 7 -4.25 -13.35 8.64
N GLU A 8 -3.82 -12.10 8.60
CA GLU A 8 -4.19 -11.15 9.63
C GLU A 8 -5.37 -10.29 9.16
N GLU A 9 -6.14 -9.82 10.13
CA GLU A 9 -7.31 -9.01 9.83
C GLU A 9 -6.90 -7.82 8.95
N LEU A 10 -5.97 -7.03 9.47
CA LEU A 10 -5.49 -5.87 8.74
C LEU A 10 -5.26 -6.24 7.28
N GLU A 11 -4.32 -7.15 7.07
CA GLU A 11 -4.00 -7.60 5.73
C GLU A 11 -5.28 -7.74 4.89
N GLU A 12 -6.22 -8.50 5.44
CA GLU A 12 -7.48 -8.73 4.76
C GLU A 12 -8.04 -7.42 4.23
N ARG A 13 -8.27 -6.49 5.15
CA ARG A 13 -8.80 -5.19 4.79
C ARG A 13 -7.87 -4.49 3.80
N LEU A 14 -6.60 -4.42 4.19
CA LEU A 14 -5.61 -3.77 3.36
C LEU A 14 -5.84 -4.17 1.89
N VAL A 15 -5.85 -5.47 1.66
CA VAL A 15 -6.06 -5.99 0.32
C VAL A 15 -7.42 -5.51 -0.20
N GLU A 16 -8.45 -5.76 0.59
CA GLU A 16 -9.80 -5.36 0.24
C GLU A 16 -9.79 -3.93 -0.29
N TRP A 17 -8.83 -3.16 0.18
CA TRP A 17 -8.71 -1.77 -0.23
C TRP A 17 -7.97 -1.73 -1.58
N ILE A 18 -6.78 -2.30 -1.57
CA ILE A 18 -5.97 -2.34 -2.78
C ILE A 18 -6.82 -2.85 -3.94
N VAL A 19 -7.85 -3.60 -3.60
CA VAL A 19 -8.74 -4.15 -4.60
C VAL A 19 -9.59 -3.03 -5.20
N VAL A 20 -10.27 -2.31 -4.32
CA VAL A 20 -11.11 -1.20 -4.75
C VAL A 20 -10.23 -0.08 -5.31
N GLN A 21 -9.09 0.11 -4.66
CA GLN A 21 -8.16 1.15 -5.08
C GLN A 21 -7.64 0.85 -6.49
N CYS A 22 -6.84 -0.20 -6.58
CA CYS A 22 -6.27 -0.60 -7.85
C CYS A 22 -7.41 -1.05 -8.77
N GLY A 23 -8.19 -1.99 -8.27
CA GLY A 23 -9.33 -2.50 -9.03
C GLY A 23 -9.14 -3.99 -9.35
N PRO A 24 -10.18 -4.58 -9.99
CA PRO A 24 -10.14 -5.98 -10.35
C PRO A 24 -9.23 -6.21 -11.56
N ASP A 25 -7.99 -5.76 -11.42
CA ASP A 25 -7.02 -5.90 -12.49
C ASP A 25 -5.74 -6.54 -11.93
N VAL A 26 -5.31 -6.01 -10.79
CA VAL A 26 -4.11 -6.51 -10.15
C VAL A 26 -4.39 -7.91 -9.59
N GLY A 27 -5.64 -8.14 -9.23
CA GLY A 27 -6.04 -9.42 -8.68
C GLY A 27 -5.88 -9.45 -7.17
N ARG A 28 -5.45 -10.60 -6.67
CA ARG A 28 -5.26 -10.78 -5.24
C ARG A 28 -3.93 -11.51 -4.97
N PRO A 29 -3.55 -11.54 -3.67
CA PRO A 29 -2.31 -12.19 -3.26
C PRO A 29 -2.47 -13.71 -3.29
N ASP A 30 -1.35 -14.38 -3.51
CA ASP A 30 -1.35 -15.83 -3.57
C ASP A 30 -1.96 -16.39 -2.28
N ARG A 31 -1.95 -17.71 -2.18
CA ARG A 31 -2.50 -18.37 -1.01
C ARG A 31 -2.05 -17.66 0.27
N GLY A 32 -2.72 -18.01 1.36
CA GLY A 32 -2.40 -17.41 2.65
C GLY A 32 -0.90 -17.43 2.90
N ARG A 33 -0.40 -16.32 3.43
CA ARG A 33 1.02 -16.19 3.73
C ARG A 33 1.84 -16.31 2.45
N LEU A 34 3.06 -15.81 2.52
CA LEU A 34 3.96 -15.85 1.38
C LEU A 34 3.17 -15.54 0.10
N GLY A 35 2.43 -14.44 0.15
CA GLY A 35 1.63 -14.02 -0.98
C GLY A 35 1.44 -12.50 -0.99
N PHE A 36 1.13 -11.96 0.18
CA PHE A 36 0.92 -10.53 0.32
C PHE A 36 2.24 -9.77 0.15
N GLN A 37 3.28 -10.32 0.77
CA GLN A 37 4.60 -9.71 0.69
C GLN A 37 5.06 -9.58 -0.76
N VAL A 38 4.71 -10.60 -1.53
CA VAL A 38 5.07 -10.63 -2.94
C VAL A 38 4.06 -9.80 -3.74
N TRP A 39 2.84 -9.76 -3.23
CA TRP A 39 1.78 -9.00 -3.88
C TRP A 39 2.19 -7.53 -3.88
N LEU A 40 2.80 -7.11 -2.79
CA LEU A 40 3.25 -5.74 -2.63
C LEU A 40 4.77 -5.68 -2.73
N LYS A 41 5.32 -6.57 -3.55
CA LYS A 41 6.76 -6.63 -3.73
C LYS A 41 7.14 -5.83 -4.98
N ASN A 42 6.55 -6.21 -6.10
CA ASN A 42 6.83 -5.54 -7.36
C ASN A 42 6.85 -4.02 -7.11
N GLY A 43 5.82 -3.55 -6.45
CA GLY A 43 5.70 -2.13 -6.15
C GLY A 43 4.74 -1.43 -7.13
N VAL A 44 4.64 -2.01 -8.32
CA VAL A 44 3.77 -1.47 -9.34
C VAL A 44 2.39 -1.18 -8.73
N ILE A 45 1.90 -2.15 -7.98
CA ILE A 45 0.60 -2.02 -7.34
C ILE A 45 0.65 -0.88 -6.33
N LEU A 46 1.75 -0.84 -5.58
CA LEU A 46 1.93 0.20 -4.58
C LEU A 46 1.93 1.57 -5.26
N SER A 47 2.65 1.65 -6.36
CA SER A 47 2.73 2.90 -7.11
C SER A 47 1.35 3.25 -7.69
N LYS A 48 0.66 2.22 -8.15
CA LYS A 48 -0.66 2.41 -8.71
C LYS A 48 -1.61 2.93 -7.64
N LEU A 49 -1.45 2.40 -6.43
CA LEU A 49 -2.28 2.80 -5.31
C LEU A 49 -2.22 4.32 -5.16
N VAL A 50 -1.08 4.78 -4.66
CA VAL A 50 -0.87 6.20 -4.46
C VAL A 50 -1.35 6.97 -5.70
N ASN A 51 -1.11 6.37 -6.85
CA ASN A 51 -1.51 6.98 -8.10
C ASN A 51 -3.03 7.20 -8.11
N SER A 52 -3.75 6.11 -7.89
CA SER A 52 -5.21 6.18 -7.86
C SER A 52 -5.65 7.36 -7.01
N LEU A 53 -5.03 7.48 -5.84
CA LEU A 53 -5.37 8.56 -4.92
C LEU A 53 -5.26 9.90 -5.66
N TYR A 54 -4.02 10.36 -5.79
CA TYR A 54 -3.76 11.62 -6.46
C TYR A 54 -4.72 11.83 -7.63
N PRO A 55 -5.02 13.13 -7.92
CA PRO A 55 -5.91 13.46 -9.01
C PRO A 55 -5.23 13.28 -10.36
N GLU A 56 -6.05 13.13 -11.40
CA GLU A 56 -5.54 12.94 -12.74
C GLU A 56 -4.58 14.08 -13.11
N GLY A 57 -3.66 13.76 -14.00
CA GLY A 57 -2.67 14.75 -14.43
C GLY A 57 -1.47 14.77 -13.49
N SER A 58 -1.77 14.77 -12.20
CA SER A 58 -0.73 14.79 -11.19
C SER A 58 0.24 13.63 -11.41
N LYS A 59 -0.22 12.44 -11.03
CA LYS A 59 0.60 11.25 -11.19
C LYS A 59 2.03 11.55 -10.74
N PRO A 60 2.29 11.32 -9.43
CA PRO A 60 3.61 11.56 -8.87
C PRO A 60 4.59 10.47 -9.30
N VAL A 61 4.14 9.23 -9.17
CA VAL A 61 4.97 8.09 -9.53
C VAL A 61 4.78 7.79 -11.02
N LYS A 62 5.70 6.99 -11.55
CA LYS A 62 5.65 6.62 -12.95
C LYS A 62 5.50 5.10 -13.07
N VAL A 63 4.36 4.70 -13.61
CA VAL A 63 4.09 3.28 -13.78
C VAL A 63 4.40 2.87 -15.22
N PRO A 64 5.49 2.08 -15.37
CA PRO A 64 5.90 1.62 -16.69
C PRO A 64 4.98 0.49 -17.19
N GLU A 65 4.92 0.38 -18.51
CA GLU A 65 4.08 -0.64 -19.12
C GLU A 65 4.32 -1.99 -18.46
N ASN A 66 5.56 -2.46 -18.56
CA ASN A 66 5.93 -3.74 -17.97
C ASN A 66 6.67 -3.50 -16.65
N PRO A 67 6.34 -4.34 -15.64
CA PRO A 67 6.96 -4.22 -14.34
C PRO A 67 8.40 -4.76 -14.36
N PRO A 68 9.26 -4.13 -13.51
CA PRO A 68 10.65 -4.54 -13.43
C PRO A 68 10.80 -5.85 -12.67
N SER A 69 12.02 -6.11 -12.24
CA SER A 69 12.31 -7.34 -11.50
C SER A 69 13.55 -7.14 -10.63
N MET A 70 14.62 -6.66 -11.26
CA MET A 70 15.86 -6.42 -10.55
C MET A 70 15.61 -5.70 -9.23
N VAL A 71 16.31 -6.16 -8.20
CA VAL A 71 16.18 -5.57 -6.88
C VAL A 71 16.20 -4.04 -7.00
N PHE A 72 17.38 -3.53 -7.34
CA PHE A 72 17.56 -2.09 -7.48
C PHE A 72 16.50 -1.51 -8.42
N LYS A 73 15.92 -2.39 -9.23
CA LYS A 73 14.90 -1.97 -10.18
C LYS A 73 13.55 -1.90 -9.47
N GLN A 74 13.05 -3.07 -9.09
CA GLN A 74 11.78 -3.16 -8.40
C GLN A 74 11.77 -2.25 -7.17
N MET A 75 12.87 -2.29 -6.43
CA MET A 75 13.01 -1.48 -5.24
C MET A 75 12.63 -0.03 -5.52
N GLU A 76 13.12 0.47 -6.65
CA GLU A 76 12.84 1.84 -7.04
C GLU A 76 11.34 2.06 -7.17
N GLN A 77 10.68 1.12 -7.83
CA GLN A 77 9.24 1.21 -8.02
C GLN A 77 8.55 1.57 -6.69
N VAL A 78 8.95 0.87 -5.64
CA VAL A 78 8.38 1.10 -4.33
C VAL A 78 8.91 2.44 -3.78
N ALA A 79 10.20 2.63 -3.96
CA ALA A 79 10.85 3.86 -3.48
C ALA A 79 10.03 5.07 -3.95
N GLN A 80 9.69 5.05 -5.23
CA GLN A 80 8.91 6.14 -5.81
C GLN A 80 7.63 6.35 -5.01
N PHE A 81 6.98 5.25 -4.68
CA PHE A 81 5.75 5.30 -3.92
C PHE A 81 6.01 5.67 -2.46
N LEU A 82 7.06 5.06 -1.92
CA LEU A 82 7.43 5.32 -0.54
C LEU A 82 7.57 6.82 -0.31
N LYS A 83 8.43 7.43 -1.13
CA LYS A 83 8.66 8.87 -1.03
C LYS A 83 7.35 9.61 -1.27
N ALA A 84 6.58 9.11 -2.23
CA ALA A 84 5.30 9.71 -2.56
C ALA A 84 4.37 9.63 -1.34
N ALA A 85 4.40 8.48 -0.70
CA ALA A 85 3.57 8.26 0.48
C ALA A 85 3.90 9.31 1.54
N GLU A 86 5.19 9.58 1.66
CA GLU A 86 5.67 10.56 2.62
C GLU A 86 5.03 11.93 2.35
N ASP A 87 5.27 12.43 1.15
CA ASP A 87 4.73 13.72 0.76
C ASP A 87 3.28 13.81 1.20
N TYR A 88 2.54 12.73 0.96
CA TYR A 88 1.14 12.67 1.33
C TYR A 88 0.92 13.22 2.75
N GLY A 89 1.86 12.90 3.62
CA GLY A 89 1.79 13.35 5.00
C GLY A 89 2.39 12.31 5.95
N VAL A 90 2.52 11.10 5.43
CA VAL A 90 3.07 10.00 6.22
C VAL A 90 4.34 10.49 6.93
N ILE A 91 4.62 9.85 8.06
CA ILE A 91 5.80 10.20 8.83
C ILE A 91 6.92 9.21 8.52
N LYS A 92 8.00 9.31 9.30
CA LYS A 92 9.13 8.43 9.13
C LYS A 92 9.11 7.35 10.21
N THR A 93 8.02 7.33 10.96
CA THR A 93 7.87 6.37 12.03
C THR A 93 6.83 5.32 11.65
N ASP A 94 6.14 5.58 10.55
CA ASP A 94 5.11 4.67 10.07
C ASP A 94 5.57 4.04 8.76
N MET A 95 6.66 4.59 8.23
CA MET A 95 7.21 4.08 6.97
C MET A 95 8.09 2.85 7.22
N PHE A 96 8.35 2.12 6.14
CA PHE A 96 9.16 0.93 6.23
C PHE A 96 10.30 0.97 5.21
N GLN A 97 11.07 -0.11 5.18
CA GLN A 97 12.19 -0.20 4.25
C GLN A 97 11.84 -1.11 3.08
N THR A 98 12.16 -0.64 1.89
CA THR A 98 11.89 -1.39 0.67
C THR A 98 12.20 -2.88 0.89
N VAL A 99 13.24 -3.12 1.67
CA VAL A 99 13.66 -4.48 1.96
C VAL A 99 12.60 -5.16 2.82
N ASP A 100 12.17 -4.45 3.86
CA ASP A 100 11.17 -4.97 4.76
C ASP A 100 9.99 -5.52 3.95
N LEU A 101 9.84 -4.98 2.75
CA LEU A 101 8.77 -5.41 1.87
C LEU A 101 9.32 -6.38 0.82
N TYR A 102 10.23 -5.85 0.00
CA TYR A 102 10.84 -6.66 -1.04
C TYR A 102 11.41 -7.96 -0.47
N GLU A 103 12.28 -7.81 0.51
CA GLU A 103 12.90 -8.96 1.15
C GLU A 103 11.94 -9.59 2.16
N GLY A 104 10.81 -8.91 2.36
CA GLY A 104 9.81 -9.39 3.29
C GLY A 104 10.41 -9.59 4.69
N LYS A 105 11.19 -8.61 5.10
CA LYS A 105 11.83 -8.66 6.40
C LYS A 105 10.77 -8.52 7.50
N ASP A 106 10.26 -7.31 7.62
CA ASP A 106 9.24 -7.03 8.62
C ASP A 106 7.93 -6.63 7.91
N MET A 107 6.95 -7.51 8.03
CA MET A 107 5.65 -7.27 7.42
C MET A 107 4.78 -6.37 8.29
N ALA A 108 5.03 -6.45 9.59
CA ALA A 108 4.28 -5.66 10.54
C ALA A 108 4.42 -4.17 10.19
N ALA A 109 5.64 -3.80 9.85
CA ALA A 109 5.92 -2.41 9.49
C ALA A 109 5.29 -2.11 8.12
N VAL A 110 5.61 -2.96 7.16
CA VAL A 110 5.08 -2.80 5.82
C VAL A 110 3.60 -2.41 5.90
N GLN A 111 2.95 -2.88 6.95
CA GLN A 111 1.54 -2.60 7.16
C GLN A 111 1.37 -1.22 7.80
N ARG A 112 2.10 -1.00 8.88
CA ARG A 112 2.03 0.27 9.59
C ARG A 112 2.01 1.43 8.59
N THR A 113 2.68 1.21 7.47
CA THR A 113 2.73 2.23 6.43
C THR A 113 1.35 2.43 5.79
N LEU A 114 0.94 1.42 5.04
CA LEU A 114 -0.36 1.47 4.38
C LEU A 114 -1.40 2.05 5.34
N MET A 115 -1.43 1.47 6.53
CA MET A 115 -2.37 1.92 7.56
C MET A 115 -2.42 3.45 7.61
N ALA A 116 -1.24 4.06 7.52
CA ALA A 116 -1.15 5.51 7.57
C ALA A 116 -1.73 6.10 6.27
N LEU A 117 -1.14 5.71 5.17
CA LEU A 117 -1.58 6.19 3.87
C LEU A 117 -3.11 6.23 3.84
N GLY A 118 -3.71 5.07 4.13
CA GLY A 118 -5.16 4.97 4.15
C GLY A 118 -5.77 6.09 5.00
N SER A 119 -5.53 6.00 6.30
CA SER A 119 -6.04 6.98 7.23
C SER A 119 -5.78 8.40 6.70
N LEU A 120 -4.59 8.57 6.17
CA LEU A 120 -4.21 9.87 5.63
C LEU A 120 -5.19 10.27 4.53
N ALA A 121 -5.69 9.26 3.83
CA ALA A 121 -6.64 9.50 2.76
C ALA A 121 -8.04 9.67 3.34
N VAL A 122 -8.27 8.99 4.47
CA VAL A 122 -9.55 9.07 5.14
C VAL A 122 -9.76 10.48 5.71
N THR A 123 -8.73 10.93 6.43
CA THR A 123 -8.78 12.26 7.03
C THR A 123 -9.23 13.29 6.01
N LYS A 124 -8.62 13.22 4.83
CA LYS A 124 -8.94 14.15 3.75
C LYS A 124 -10.42 13.98 3.38
N ASN A 125 -10.73 12.82 2.82
CA ASN A 125 -12.09 12.52 2.41
C ASN A 125 -12.59 13.64 1.50
N ASP A 126 -12.44 13.43 0.20
CA ASP A 126 -12.89 14.42 -0.78
C ASP A 126 -13.31 13.70 -2.05
N GLY A 127 -12.44 12.84 -2.53
CA GLY A 127 -12.71 12.08 -3.74
C GLY A 127 -11.45 11.37 -4.24
N ASN A 128 -10.84 10.61 -3.34
CA ASN A 128 -9.63 9.88 -3.67
C ASN A 128 -9.83 8.40 -3.30
N TYR A 129 -10.26 8.19 -2.06
CA TYR A 129 -10.49 6.84 -1.56
C TYR A 129 -11.73 6.23 -2.21
N ARG A 130 -11.49 5.27 -3.09
CA ARG A 130 -12.58 4.59 -3.77
C ARG A 130 -13.42 3.80 -2.77
N GLY A 131 -12.73 3.11 -1.88
CA GLY A 131 -13.40 2.31 -0.87
C GLY A 131 -14.16 3.19 0.11
N ASP A 132 -14.52 2.60 1.25
CA ASP A 132 -15.25 3.31 2.28
C ASP A 132 -14.26 4.09 3.15
N PRO A 133 -14.76 5.21 3.74
CA PRO A 133 -13.94 6.04 4.59
C PRO A 133 -13.73 5.38 5.96
N ASN A 134 -14.74 4.65 6.38
CA ASN A 134 -14.68 3.97 7.66
C ASN A 134 -13.93 2.64 7.50
N TRP A 135 -12.75 2.73 6.90
CA TRP A 135 -11.93 1.55 6.68
C TRP A 135 -10.67 1.69 7.52
N PHE A 136 -10.14 2.91 7.55
CA PHE A 136 -8.94 3.17 8.32
C PHE A 136 -9.04 4.52 9.05
N MET A 137 -9.79 4.50 10.14
CA MET A 137 -9.98 5.70 10.94
C MET A 137 -8.98 5.76 12.09
N LYS A 138 -8.16 6.80 12.07
CA LYS A 138 -7.15 6.99 13.11
C LYS A 138 -6.48 8.34 12.91
N SER A 139 -5.68 8.72 13.90
CA SER A 139 -4.98 9.99 13.87
C SER A 139 -5.97 11.14 14.02
N GLY A 140 -5.77 11.92 15.08
CA GLY A 140 -6.62 13.05 15.36
C GLY A 140 -5.84 14.36 15.33
N PRO A 141 -6.25 15.30 16.22
CA PRO A 141 -5.59 16.59 16.30
C PRO A 141 -4.24 16.47 17.01
N SER A 142 -4.20 15.61 18.01
CA SER A 142 -2.98 15.39 18.76
C SER A 142 -2.36 16.73 19.15
N SER A 143 -2.71 17.18 20.36
CA SER A 143 -2.20 18.44 20.86
C SER A 143 -2.50 19.56 19.86
N GLY A 144 -3.68 20.14 20.00
CA GLY A 144 -4.10 21.22 19.12
C GLY A 144 -5.45 20.90 18.48
N GLY A 1 7.86 -17.76 -1.49
CA GLY A 1 7.23 -17.80 -2.81
C GLY A 1 5.74 -18.13 -2.70
N SER A 2 5.47 -19.38 -2.35
CA SER A 2 4.10 -19.82 -2.22
C SER A 2 3.95 -20.71 -0.98
N SER A 3 3.44 -20.11 0.08
CA SER A 3 3.24 -20.83 1.33
C SER A 3 2.46 -19.97 2.32
N GLY A 4 1.20 -20.31 2.49
CA GLY A 4 0.33 -19.58 3.40
C GLY A 4 -0.25 -20.51 4.47
N SER A 5 -0.80 -19.90 5.50
CA SER A 5 -1.39 -20.66 6.59
C SER A 5 -2.29 -19.75 7.43
N SER A 6 -1.70 -18.67 7.93
CA SER A 6 -2.44 -17.72 8.74
C SER A 6 -2.85 -16.52 7.89
N GLY A 7 -3.71 -15.69 8.48
CA GLY A 7 -4.19 -14.51 7.78
C GLY A 7 -4.54 -13.39 8.78
N GLU A 8 -3.83 -12.28 8.65
CA GLU A 8 -4.05 -11.15 9.52
C GLU A 8 -5.27 -10.35 9.06
N GLU A 9 -6.00 -9.82 10.03
CA GLU A 9 -7.18 -9.04 9.74
C GLU A 9 -6.82 -7.82 8.91
N LEU A 10 -5.91 -7.01 9.45
CA LEU A 10 -5.47 -5.81 8.77
C LEU A 10 -5.28 -6.12 7.28
N GLU A 11 -4.30 -6.96 7.00
CA GLU A 11 -4.01 -7.34 5.63
C GLU A 11 -5.31 -7.50 4.84
N GLU A 12 -6.18 -8.37 5.34
CA GLU A 12 -7.45 -8.62 4.70
C GLU A 12 -8.09 -7.30 4.24
N ARG A 13 -8.11 -6.34 5.16
CA ARG A 13 -8.69 -5.04 4.86
C ARG A 13 -7.83 -4.31 3.84
N LEU A 14 -6.56 -4.13 4.18
CA LEU A 14 -5.64 -3.45 3.30
C LEU A 14 -5.90 -3.89 1.85
N VAL A 15 -5.83 -5.19 1.63
CA VAL A 15 -6.05 -5.74 0.31
C VAL A 15 -7.45 -5.35 -0.17
N GLU A 16 -8.43 -5.58 0.69
CA GLU A 16 -9.80 -5.25 0.37
C GLU A 16 -9.90 -3.81 -0.15
N TRP A 17 -8.93 -3.00 0.26
CA TRP A 17 -8.90 -1.61 -0.16
C TRP A 17 -8.16 -1.53 -1.49
N ILE A 18 -6.90 -1.96 -1.46
CA ILE A 18 -6.07 -1.94 -2.66
C ILE A 18 -6.85 -2.54 -3.82
N VAL A 19 -7.82 -3.39 -3.47
CA VAL A 19 -8.65 -4.03 -4.48
C VAL A 19 -9.56 -2.99 -5.13
N VAL A 20 -10.29 -2.28 -4.28
CA VAL A 20 -11.21 -1.26 -4.77
C VAL A 20 -10.40 -0.11 -5.36
N GLN A 21 -9.28 0.19 -4.73
CA GLN A 21 -8.41 1.26 -5.18
C GLN A 21 -7.94 0.99 -6.61
N CYS A 22 -7.09 -0.01 -6.74
CA CYS A 22 -6.55 -0.38 -8.04
C CYS A 22 -7.70 -0.94 -8.88
N GLY A 23 -8.39 -1.91 -8.32
CA GLY A 23 -9.51 -2.54 -9.01
C GLY A 23 -9.28 -4.03 -9.19
N PRO A 24 -10.28 -4.70 -9.83
CA PRO A 24 -10.20 -6.13 -10.07
C PRO A 24 -9.23 -6.44 -11.21
N ASP A 25 -8.01 -5.93 -11.07
CA ASP A 25 -6.99 -6.14 -12.08
C ASP A 25 -5.76 -6.77 -11.43
N VAL A 26 -5.39 -6.24 -10.28
CA VAL A 26 -4.24 -6.74 -9.55
C VAL A 26 -4.57 -8.13 -8.99
N GLY A 27 -5.83 -8.30 -8.64
CA GLY A 27 -6.28 -9.57 -8.09
C GLY A 27 -6.24 -9.55 -6.55
N ARG A 28 -5.92 -10.70 -5.99
CA ARG A 28 -5.84 -10.83 -4.55
C ARG A 28 -4.65 -11.72 -4.15
N PRO A 29 -3.98 -11.31 -3.05
CA PRO A 29 -2.82 -12.05 -2.56
C PRO A 29 -3.26 -13.34 -1.87
N ASP A 30 -2.31 -14.24 -1.71
CA ASP A 30 -2.58 -15.52 -1.06
C ASP A 30 -2.61 -15.33 0.46
N ARG A 31 -2.92 -16.41 1.15
CA ARG A 31 -3.01 -16.36 2.61
C ARG A 31 -1.89 -15.48 3.18
N GLY A 32 -2.14 -14.98 4.37
CA GLY A 32 -1.17 -14.11 5.03
C GLY A 32 0.06 -14.91 5.48
N ARG A 33 1.19 -14.60 4.86
CA ARG A 33 2.43 -15.26 5.18
C ARG A 33 3.58 -14.68 4.36
N LEU A 34 3.48 -14.85 3.05
CA LEU A 34 4.49 -14.34 2.15
C LEU A 34 3.82 -13.72 0.92
N GLY A 35 2.85 -14.44 0.38
CA GLY A 35 2.12 -13.97 -0.79
C GLY A 35 1.95 -12.45 -0.75
N PHE A 36 1.16 -12.00 0.22
CA PHE A 36 0.89 -10.58 0.37
C PHE A 36 2.17 -9.77 0.13
N GLN A 37 3.22 -10.15 0.83
CA GLN A 37 4.50 -9.46 0.70
C GLN A 37 4.84 -9.24 -0.77
N VAL A 38 4.95 -10.35 -1.49
CA VAL A 38 5.27 -10.28 -2.90
C VAL A 38 4.23 -9.41 -3.61
N TRP A 39 2.98 -9.64 -3.28
CA TRP A 39 1.88 -8.89 -3.87
C TRP A 39 2.29 -7.41 -3.89
N LEU A 40 2.88 -6.98 -2.79
CA LEU A 40 3.32 -5.60 -2.66
C LEU A 40 4.85 -5.55 -2.66
N LYS A 41 5.44 -6.27 -3.60
CA LYS A 41 6.88 -6.31 -3.72
C LYS A 41 7.32 -5.56 -4.97
N ASN A 42 6.78 -5.99 -6.10
CA ASN A 42 7.10 -5.37 -7.37
C ASN A 42 7.10 -3.85 -7.21
N GLY A 43 6.01 -3.35 -6.64
CA GLY A 43 5.88 -1.92 -6.42
C GLY A 43 4.91 -1.30 -7.41
N VAL A 44 4.80 -1.94 -8.57
CA VAL A 44 3.92 -1.46 -9.63
C VAL A 44 2.52 -1.24 -9.04
N ILE A 45 2.12 -2.15 -8.16
CA ILE A 45 0.82 -2.05 -7.52
C ILE A 45 0.82 -0.87 -6.56
N LEU A 46 1.76 -0.90 -5.63
CA LEU A 46 1.87 0.16 -4.64
C LEU A 46 1.89 1.52 -5.36
N SER A 47 2.67 1.58 -6.42
CA SER A 47 2.78 2.80 -7.20
C SER A 47 1.43 3.15 -7.82
N LYS A 48 0.70 2.11 -8.20
CA LYS A 48 -0.61 2.30 -8.81
C LYS A 48 -1.58 2.87 -7.75
N LEU A 49 -1.47 2.33 -6.55
CA LEU A 49 -2.32 2.77 -5.46
C LEU A 49 -2.18 4.29 -5.28
N VAL A 50 -1.03 4.67 -4.74
CA VAL A 50 -0.76 6.09 -4.51
C VAL A 50 -1.24 6.90 -5.72
N ASN A 51 -0.86 6.43 -6.90
CA ASN A 51 -1.24 7.09 -8.13
C ASN A 51 -2.75 7.38 -8.10
N SER A 52 -3.52 6.30 -8.00
CA SER A 52 -4.97 6.43 -7.96
C SER A 52 -5.38 7.63 -7.11
N LEU A 53 -4.84 7.66 -5.90
CA LEU A 53 -5.13 8.75 -4.98
C LEU A 53 -4.84 10.09 -5.67
N TYR A 54 -3.57 10.43 -5.70
CA TYR A 54 -3.14 11.67 -6.33
C TYR A 54 -3.98 11.98 -7.56
N PRO A 55 -4.11 13.30 -7.87
CA PRO A 55 -4.88 13.74 -9.03
C PRO A 55 -4.11 13.46 -10.33
N GLU A 56 -4.69 13.92 -11.43
CA GLU A 56 -4.08 13.74 -12.73
C GLU A 56 -2.95 14.75 -12.93
N GLY A 57 -3.14 15.93 -12.36
CA GLY A 57 -2.14 16.97 -12.47
C GLY A 57 -1.11 16.87 -11.35
N SER A 58 -0.71 15.63 -11.07
CA SER A 58 0.27 15.39 -10.02
C SER A 58 1.15 14.20 -10.41
N LYS A 59 0.56 13.01 -10.35
CA LYS A 59 1.27 11.80 -10.69
C LYS A 59 2.69 11.87 -10.11
N PRO A 60 2.81 11.38 -8.84
CA PRO A 60 4.10 11.38 -8.16
C PRO A 60 5.00 10.28 -8.71
N VAL A 61 4.53 9.05 -8.60
CA VAL A 61 5.29 7.91 -9.07
C VAL A 61 4.98 7.68 -10.56
N LYS A 62 5.81 6.87 -11.19
CA LYS A 62 5.65 6.57 -12.59
C LYS A 62 5.63 5.04 -12.78
N VAL A 63 4.43 4.52 -12.97
CA VAL A 63 4.26 3.09 -13.16
C VAL A 63 4.08 2.81 -14.65
N PRO A 64 5.06 2.05 -15.22
CA PRO A 64 5.03 1.70 -16.63
C PRO A 64 3.99 0.60 -16.89
N GLU A 65 3.78 0.32 -18.16
CA GLU A 65 2.83 -0.70 -18.56
C GLU A 65 3.28 -2.07 -18.05
N ASN A 66 4.56 -2.36 -18.26
CA ASN A 66 5.12 -3.62 -17.83
C ASN A 66 5.91 -3.41 -16.54
N PRO A 67 6.08 -4.53 -15.78
CA PRO A 67 6.80 -4.47 -14.52
C PRO A 67 8.31 -4.38 -14.77
N PRO A 68 9.04 -3.97 -13.70
CA PRO A 68 10.49 -3.83 -13.79
C PRO A 68 11.17 -5.21 -13.77
N SER A 69 10.90 -5.95 -12.70
CA SER A 69 11.47 -7.27 -12.54
C SER A 69 12.86 -7.16 -11.93
N MET A 70 13.67 -6.28 -12.50
CA MET A 70 15.03 -6.08 -12.02
C MET A 70 15.02 -5.63 -10.55
N VAL A 71 15.77 -6.36 -9.74
CA VAL A 71 15.87 -6.05 -8.33
C VAL A 71 15.98 -4.54 -8.15
N PHE A 72 17.11 -4.01 -8.59
CA PHE A 72 17.35 -2.58 -8.48
C PHE A 72 16.11 -1.78 -8.87
N LYS A 73 15.53 -2.16 -10.00
CA LYS A 73 14.33 -1.48 -10.49
C LYS A 73 13.21 -1.66 -9.48
N GLN A 74 12.83 -2.91 -9.28
CA GLN A 74 11.75 -3.22 -8.34
C GLN A 74 11.92 -2.41 -7.06
N MET A 75 13.09 -2.54 -6.45
CA MET A 75 13.38 -1.82 -5.23
C MET A 75 13.02 -0.34 -5.36
N GLU A 76 13.39 0.23 -6.49
CA GLU A 76 13.11 1.63 -6.76
C GLU A 76 11.61 1.87 -6.81
N GLN A 77 10.94 1.08 -7.64
CA GLN A 77 9.49 1.19 -7.79
C GLN A 77 8.84 1.47 -6.44
N VAL A 78 9.22 0.68 -5.45
CA VAL A 78 8.69 0.83 -4.11
C VAL A 78 9.12 2.17 -3.54
N ALA A 79 10.43 2.40 -3.59
CA ALA A 79 10.98 3.64 -3.08
C ALA A 79 10.18 4.83 -3.62
N GLN A 80 9.83 4.73 -4.89
CA GLN A 80 9.06 5.77 -5.54
C GLN A 80 7.76 6.03 -4.78
N PHE A 81 7.07 4.94 -4.48
CA PHE A 81 5.81 5.03 -3.75
C PHE A 81 6.04 5.47 -2.30
N LEU A 82 7.06 4.89 -1.70
CA LEU A 82 7.40 5.22 -0.32
C LEU A 82 7.51 6.74 -0.17
N LYS A 83 8.57 7.29 -0.76
CA LYS A 83 8.79 8.72 -0.70
C LYS A 83 7.49 9.46 -0.99
N ALA A 84 6.74 8.93 -1.95
CA ALA A 84 5.47 9.52 -2.34
C ALA A 84 4.51 9.46 -1.14
N ALA A 85 4.52 8.32 -0.48
CA ALA A 85 3.65 8.12 0.68
C ALA A 85 3.88 9.25 1.68
N GLU A 86 5.14 9.63 1.82
CA GLU A 86 5.51 10.70 2.74
C GLU A 86 4.87 12.01 2.30
N ASP A 87 5.01 12.30 1.01
CA ASP A 87 4.45 13.52 0.45
C ASP A 87 3.00 13.67 0.91
N TYR A 88 2.27 12.56 0.82
CA TYR A 88 0.88 12.55 1.22
C TYR A 88 0.69 13.16 2.61
N GLY A 89 1.43 12.61 3.56
CA GLY A 89 1.35 13.08 4.94
C GLY A 89 1.65 11.95 5.93
N VAL A 90 2.66 11.16 5.59
CA VAL A 90 3.05 10.05 6.44
C VAL A 90 4.35 10.40 7.17
N ILE A 91 4.38 10.06 8.45
CA ILE A 91 5.55 10.34 9.26
C ILE A 91 6.70 9.41 8.83
N LYS A 92 7.88 9.71 9.35
CA LYS A 92 9.05 8.92 9.02
C LYS A 92 9.15 7.73 9.99
N THR A 93 8.14 7.64 10.86
CA THR A 93 8.11 6.56 11.83
C THR A 93 7.13 5.48 11.38
N ASP A 94 6.35 5.80 10.36
CA ASP A 94 5.37 4.87 9.83
C ASP A 94 5.93 4.23 8.57
N MET A 95 6.89 4.90 7.97
CA MET A 95 7.51 4.41 6.75
C MET A 95 8.51 3.29 7.06
N PHE A 96 8.47 2.26 6.22
CA PHE A 96 9.36 1.12 6.39
C PHE A 96 10.47 1.14 5.34
N GLN A 97 11.34 0.15 5.44
CA GLN A 97 12.45 0.04 4.50
C GLN A 97 12.07 -0.88 3.34
N THR A 98 12.42 -0.44 2.14
CA THR A 98 12.13 -1.21 0.95
C THR A 98 12.29 -2.71 1.22
N VAL A 99 13.41 -3.04 1.84
CA VAL A 99 13.69 -4.43 2.16
C VAL A 99 12.54 -5.00 3.00
N ASP A 100 12.22 -4.29 4.07
CA ASP A 100 11.16 -4.71 4.96
C ASP A 100 10.00 -5.27 4.13
N LEU A 101 9.86 -4.73 2.93
CA LEU A 101 8.81 -5.16 2.03
C LEU A 101 9.39 -6.12 0.99
N TYR A 102 10.28 -5.57 0.17
CA TYR A 102 10.92 -6.37 -0.87
C TYR A 102 11.32 -7.75 -0.34
N GLU A 103 12.04 -7.72 0.77
CA GLU A 103 12.50 -8.95 1.39
C GLU A 103 11.66 -9.27 2.63
N GLY A 104 10.46 -8.73 2.64
CA GLY A 104 9.55 -8.94 3.76
C GLY A 104 10.30 -8.97 5.08
N LYS A 105 11.38 -8.21 5.12
CA LYS A 105 12.21 -8.13 6.33
C LYS A 105 11.31 -7.83 7.53
N ASP A 106 10.32 -7.00 7.29
CA ASP A 106 9.38 -6.61 8.34
C ASP A 106 8.00 -6.39 7.74
N MET A 107 7.10 -7.30 8.05
CA MET A 107 5.74 -7.21 7.54
C MET A 107 4.89 -6.27 8.40
N ALA A 108 5.22 -6.25 9.69
CA ALA A 108 4.49 -5.40 10.62
C ALA A 108 4.56 -3.94 10.15
N ALA A 109 5.77 -3.52 9.81
CA ALA A 109 5.98 -2.16 9.34
C ALA A 109 5.23 -1.97 8.02
N VAL A 110 5.47 -2.88 7.10
CA VAL A 110 4.83 -2.82 5.81
C VAL A 110 3.38 -2.37 5.97
N GLN A 111 2.81 -2.72 7.12
CA GLN A 111 1.44 -2.36 7.42
C GLN A 111 1.38 -0.94 8.00
N ARG A 112 2.16 -0.73 9.04
CA ARG A 112 2.21 0.57 9.70
C ARG A 112 2.17 1.69 8.65
N THR A 113 2.78 1.41 7.51
CA THR A 113 2.82 2.39 6.43
C THR A 113 1.42 2.58 5.84
N LEU A 114 0.95 1.53 5.17
CA LEU A 114 -0.35 1.58 4.55
C LEU A 114 -1.38 2.09 5.57
N MET A 115 -1.32 1.52 6.76
CA MET A 115 -2.23 1.90 7.82
C MET A 115 -2.39 3.42 7.87
N ALA A 116 -1.28 4.11 7.66
CA ALA A 116 -1.28 5.57 7.69
C ALA A 116 -1.86 6.09 6.37
N LEU A 117 -1.23 5.67 5.28
CA LEU A 117 -1.66 6.09 3.96
C LEU A 117 -3.20 6.05 3.89
N GLY A 118 -3.74 4.88 4.17
CA GLY A 118 -5.17 4.69 4.14
C GLY A 118 -5.88 5.77 4.98
N SER A 119 -5.64 5.70 6.28
CA SER A 119 -6.24 6.65 7.21
C SER A 119 -6.06 8.08 6.68
N LEU A 120 -4.88 8.32 6.10
CA LEU A 120 -4.58 9.63 5.56
C LEU A 120 -5.59 9.97 4.47
N ALA A 121 -5.88 8.98 3.64
CA ALA A 121 -6.82 9.17 2.55
C ALA A 121 -8.25 9.24 3.12
N VAL A 122 -8.43 8.57 4.25
CA VAL A 122 -9.72 8.56 4.91
C VAL A 122 -9.97 9.92 5.58
N THR A 123 -8.96 10.36 6.32
CA THR A 123 -9.05 11.63 7.02
C THR A 123 -9.75 12.67 6.14
N LYS A 124 -9.23 12.82 4.93
CA LYS A 124 -9.78 13.77 3.98
C LYS A 124 -11.30 13.72 4.06
N ASN A 125 -11.88 12.85 3.25
CA ASN A 125 -13.32 12.70 3.21
C ASN A 125 -13.70 11.68 2.13
N ASP A 126 -13.19 10.47 2.30
CA ASP A 126 -13.45 9.41 1.34
C ASP A 126 -13.44 9.98 -0.07
N GLY A 127 -12.62 11.00 -0.26
CA GLY A 127 -12.50 11.64 -1.55
C GLY A 127 -11.71 10.78 -2.52
N ASN A 128 -10.41 10.66 -2.23
CA ASN A 128 -9.53 9.86 -3.07
C ASN A 128 -9.72 8.38 -2.75
N TYR A 129 -9.96 8.11 -1.47
CA TYR A 129 -10.17 6.75 -1.02
C TYR A 129 -11.47 6.17 -1.60
N ARG A 130 -11.31 5.31 -2.58
CA ARG A 130 -12.45 4.68 -3.23
C ARG A 130 -13.21 3.80 -2.22
N GLY A 131 -12.44 3.07 -1.42
CA GLY A 131 -13.02 2.20 -0.42
C GLY A 131 -13.83 2.99 0.60
N ASP A 132 -14.26 2.30 1.64
CA ASP A 132 -15.05 2.92 2.69
C ASP A 132 -14.09 3.55 3.71
N PRO A 133 -14.59 4.64 4.37
CA PRO A 133 -13.81 5.34 5.36
C PRO A 133 -13.75 4.54 6.67
N ASN A 134 -14.84 3.84 6.95
CA ASN A 134 -14.91 3.03 8.16
C ASN A 134 -13.80 1.99 8.15
N TRP A 135 -13.44 1.57 6.94
CA TRP A 135 -12.39 0.57 6.78
C TRP A 135 -11.20 1.00 7.65
N PHE A 136 -10.89 2.28 7.60
CA PHE A 136 -9.79 2.82 8.37
C PHE A 136 -10.15 4.17 8.99
N MET A 137 -10.94 4.12 10.05
CA MET A 137 -11.37 5.33 10.73
C MET A 137 -10.23 5.94 11.53
N LYS A 138 -10.25 7.26 11.63
CA LYS A 138 -9.23 7.98 12.37
C LYS A 138 -9.03 7.31 13.73
N SER A 139 -7.77 7.18 14.11
CA SER A 139 -7.43 6.58 15.39
C SER A 139 -6.01 6.95 15.79
N GLY A 140 -5.88 8.11 16.41
CA GLY A 140 -4.58 8.59 16.84
C GLY A 140 -4.67 10.04 17.34
N PRO A 141 -3.50 10.71 17.37
CA PRO A 141 -3.43 12.09 17.83
C PRO A 141 -3.98 13.04 16.76
N SER A 142 -3.95 14.33 17.09
CA SER A 142 -4.45 15.34 16.18
C SER A 142 -3.79 16.69 16.48
N SER A 143 -3.19 17.27 15.45
CA SER A 143 -2.52 18.55 15.59
C SER A 143 -2.73 19.39 14.33
N GLY A 144 -3.20 20.61 14.55
CA GLY A 144 -3.45 21.53 13.45
C GLY A 144 -4.30 20.86 12.37
N GLY A 1 3.87 -19.55 10.04
CA GLY A 1 4.87 -20.52 9.62
C GLY A 1 5.37 -20.21 8.21
N SER A 2 4.85 -20.96 7.25
CA SER A 2 5.24 -20.79 5.86
C SER A 2 4.03 -21.04 4.95
N SER A 3 3.50 -22.24 5.06
CA SER A 3 2.34 -22.62 4.25
C SER A 3 1.10 -22.73 5.14
N GLY A 4 0.60 -21.59 5.56
CA GLY A 4 -0.59 -21.54 6.40
C GLY A 4 -1.58 -20.51 5.89
N SER A 5 -2.52 -20.15 6.76
CA SER A 5 -3.54 -19.18 6.41
C SER A 5 -3.78 -18.23 7.58
N SER A 6 -3.08 -17.10 7.53
CA SER A 6 -3.21 -16.10 8.58
C SER A 6 -4.34 -15.12 8.23
N GLY A 7 -4.19 -14.49 7.07
CA GLY A 7 -5.19 -13.53 6.62
C GLY A 7 -5.03 -12.20 7.35
N GLU A 8 -5.35 -12.22 8.63
CA GLU A 8 -5.26 -11.02 9.44
C GLU A 8 -6.18 -9.92 8.89
N GLU A 9 -6.71 -9.13 9.81
CA GLU A 9 -7.60 -8.05 9.43
C GLU A 9 -6.83 -6.96 8.68
N LEU A 10 -5.70 -6.58 9.24
CA LEU A 10 -4.86 -5.55 8.63
C LEU A 10 -4.77 -5.81 7.14
N GLU A 11 -4.39 -7.04 6.79
CA GLU A 11 -4.26 -7.41 5.40
C GLU A 11 -5.60 -7.27 4.67
N GLU A 12 -6.63 -7.83 5.29
CA GLU A 12 -7.95 -7.78 4.72
C GLU A 12 -8.23 -6.39 4.15
N ARG A 13 -8.32 -5.42 5.06
CA ARG A 13 -8.57 -4.04 4.67
C ARG A 13 -7.54 -3.59 3.64
N LEU A 14 -6.29 -3.89 3.93
CA LEU A 14 -5.20 -3.51 3.05
C LEU A 14 -5.52 -3.98 1.62
N VAL A 15 -5.65 -5.28 1.47
CA VAL A 15 -5.96 -5.86 0.17
C VAL A 15 -7.33 -5.37 -0.28
N GLU A 16 -8.35 -5.72 0.49
CA GLU A 16 -9.71 -5.32 0.18
C GLU A 16 -9.73 -3.88 -0.34
N TRP A 17 -8.82 -3.07 0.20
CA TRP A 17 -8.74 -1.67 -0.20
C TRP A 17 -8.01 -1.62 -1.55
N ILE A 18 -6.78 -2.12 -1.55
CA ILE A 18 -5.98 -2.13 -2.76
C ILE A 18 -6.80 -2.74 -3.90
N VAL A 19 -7.79 -3.54 -3.51
CA VAL A 19 -8.64 -4.19 -4.49
C VAL A 19 -9.52 -3.15 -5.17
N VAL A 20 -10.20 -2.37 -4.34
CA VAL A 20 -11.08 -1.33 -4.85
C VAL A 20 -10.24 -0.22 -5.49
N GLN A 21 -9.11 0.07 -4.86
CA GLN A 21 -8.22 1.10 -5.35
C GLN A 21 -7.71 0.73 -6.75
N CYS A 22 -6.87 -0.30 -6.78
CA CYS A 22 -6.30 -0.77 -8.04
C CYS A 22 -7.43 -1.33 -8.89
N GLY A 23 -8.24 -2.19 -8.28
CA GLY A 23 -9.36 -2.79 -8.98
C GLY A 23 -9.14 -4.30 -9.17
N PRO A 24 -10.12 -4.94 -9.85
CA PRO A 24 -10.04 -6.37 -10.10
C PRO A 24 -9.03 -6.68 -11.20
N ASP A 25 -7.81 -6.21 -11.00
CA ASP A 25 -6.75 -6.42 -11.96
C ASP A 25 -5.55 -7.06 -11.26
N VAL A 26 -5.19 -6.49 -10.13
CA VAL A 26 -4.06 -6.99 -9.35
C VAL A 26 -4.42 -8.37 -8.79
N GLY A 27 -5.70 -8.54 -8.48
CA GLY A 27 -6.17 -9.79 -7.93
C GLY A 27 -6.15 -9.77 -6.41
N ARG A 28 -5.72 -10.89 -5.83
CA ARG A 28 -5.64 -11.01 -4.39
C ARG A 28 -4.43 -11.86 -4.00
N PRO A 29 -3.78 -11.45 -2.87
CA PRO A 29 -2.62 -12.17 -2.38
C PRO A 29 -3.02 -13.47 -1.70
N ASP A 30 -2.37 -14.55 -2.12
CA ASP A 30 -2.66 -15.86 -1.55
C ASP A 30 -2.67 -15.76 -0.03
N ARG A 31 -3.29 -16.76 0.59
CA ARG A 31 -3.38 -16.80 2.05
C ARG A 31 -1.99 -16.82 2.67
N GLY A 32 -1.95 -16.61 3.97
CA GLY A 32 -0.69 -16.60 4.69
C GLY A 32 -0.20 -15.17 4.93
N ARG A 33 1.08 -14.95 4.65
CA ARG A 33 1.69 -13.65 4.83
C ARG A 33 2.67 -13.36 3.69
N LEU A 34 3.52 -14.35 3.43
CA LEU A 34 4.51 -14.22 2.37
C LEU A 34 3.86 -13.65 1.11
N GLY A 35 2.81 -14.34 0.67
CA GLY A 35 2.09 -13.92 -0.51
C GLY A 35 1.99 -12.39 -0.58
N PHE A 36 1.28 -11.84 0.39
CA PHE A 36 1.10 -10.40 0.46
C PHE A 36 2.39 -9.66 0.12
N GLN A 37 3.44 -10.04 0.83
CA GLN A 37 4.75 -9.44 0.61
C GLN A 37 5.03 -9.29 -0.89
N VAL A 38 5.08 -10.44 -1.55
CA VAL A 38 5.34 -10.47 -2.99
C VAL A 38 4.29 -9.62 -3.71
N TRP A 39 3.04 -9.86 -3.33
CA TRP A 39 1.94 -9.13 -3.94
C TRP A 39 2.27 -7.63 -3.89
N LEU A 40 2.91 -7.24 -2.81
CA LEU A 40 3.30 -5.84 -2.63
C LEU A 40 4.83 -5.73 -2.68
N LYS A 41 5.41 -6.49 -3.60
CA LYS A 41 6.86 -6.48 -3.75
C LYS A 41 7.23 -5.68 -5.00
N ASN A 42 6.66 -6.09 -6.12
CA ASN A 42 6.93 -5.43 -7.38
C ASN A 42 6.96 -3.92 -7.16
N GLY A 43 5.97 -3.43 -6.44
CA GLY A 43 5.88 -2.01 -6.14
C GLY A 43 4.84 -1.33 -7.04
N VAL A 44 4.70 -1.87 -8.24
CA VAL A 44 3.74 -1.33 -9.18
C VAL A 44 2.38 -1.16 -8.50
N ILE A 45 1.91 -2.26 -7.92
CA ILE A 45 0.63 -2.24 -7.23
C ILE A 45 0.58 -1.05 -6.27
N LEU A 46 1.63 -0.95 -5.45
CA LEU A 46 1.73 0.12 -4.48
C LEU A 46 1.65 1.47 -5.21
N SER A 47 2.46 1.58 -6.26
CA SER A 47 2.50 2.80 -7.04
C SER A 47 1.11 3.12 -7.59
N LYS A 48 0.41 2.06 -7.96
CA LYS A 48 -0.94 2.20 -8.50
C LYS A 48 -1.88 2.69 -7.39
N LEU A 49 -1.64 2.19 -6.20
CA LEU A 49 -2.45 2.55 -5.05
C LEU A 49 -2.43 4.08 -4.89
N VAL A 50 -1.30 4.58 -4.40
CA VAL A 50 -1.15 6.01 -4.19
C VAL A 50 -1.70 6.76 -5.40
N ASN A 51 -1.35 6.26 -6.58
CA ASN A 51 -1.81 6.87 -7.82
C ASN A 51 -3.33 7.06 -7.76
N SER A 52 -4.02 5.93 -7.61
CA SER A 52 -5.47 5.96 -7.53
C SER A 52 -5.94 7.17 -6.73
N LEU A 53 -5.37 7.31 -5.54
CA LEU A 53 -5.71 8.41 -4.66
C LEU A 53 -5.53 9.73 -5.42
N TYR A 54 -4.28 10.15 -5.51
CA TYR A 54 -3.95 11.40 -6.19
C TYR A 54 -4.85 11.60 -7.42
N PRO A 55 -5.10 12.89 -7.74
CA PRO A 55 -5.93 13.23 -8.88
C PRO A 55 -5.18 13.01 -10.20
N GLU A 56 -5.81 13.45 -11.28
CA GLU A 56 -5.21 13.31 -12.60
C GLU A 56 -4.15 14.39 -12.81
N GLY A 57 -4.41 15.56 -12.23
CA GLY A 57 -3.49 16.68 -12.36
C GLY A 57 -2.42 16.62 -11.27
N SER A 58 -1.93 15.42 -11.02
CA SER A 58 -0.90 15.21 -10.01
C SER A 58 0.02 14.07 -10.43
N LYS A 59 -0.51 12.85 -10.32
CA LYS A 59 0.25 11.67 -10.67
C LYS A 59 1.68 11.82 -10.16
N PRO A 60 1.90 11.37 -8.90
CA PRO A 60 3.21 11.45 -8.29
C PRO A 60 4.14 10.38 -8.85
N VAL A 61 3.70 9.13 -8.75
CA VAL A 61 4.48 8.01 -9.24
C VAL A 61 4.19 7.81 -10.73
N LYS A 62 5.03 7.02 -11.37
CA LYS A 62 4.87 6.73 -12.79
C LYS A 62 4.88 5.22 -13.01
N VAL A 63 3.70 4.66 -13.19
CA VAL A 63 3.56 3.24 -13.41
C VAL A 63 3.80 2.92 -14.89
N PRO A 64 4.87 2.13 -15.15
CA PRO A 64 5.21 1.76 -16.50
C PRO A 64 4.26 0.69 -17.04
N GLU A 65 4.37 0.43 -18.33
CA GLU A 65 3.52 -0.55 -18.98
C GLU A 65 3.45 -1.83 -18.13
N ASN A 66 4.60 -2.48 -18.01
CA ASN A 66 4.68 -3.70 -17.23
C ASN A 66 5.64 -3.50 -16.06
N PRO A 67 5.57 -4.44 -15.08
CA PRO A 67 6.42 -4.37 -13.91
C PRO A 67 7.85 -4.79 -14.25
N PRO A 68 8.82 -4.21 -13.50
CA PRO A 68 10.22 -4.51 -13.72
C PRO A 68 10.57 -5.89 -13.15
N SER A 69 11.86 -6.22 -13.24
CA SER A 69 12.33 -7.50 -12.75
C SER A 69 13.59 -7.30 -11.91
N MET A 70 14.53 -6.53 -12.47
CA MET A 70 15.77 -6.25 -11.78
C MET A 70 15.53 -5.78 -10.34
N VAL A 71 16.50 -6.02 -9.49
CA VAL A 71 16.40 -5.63 -8.10
C VAL A 71 16.37 -4.10 -8.01
N PHE A 72 17.44 -3.49 -8.50
CA PHE A 72 17.54 -2.04 -8.47
C PHE A 72 16.27 -1.39 -9.01
N LYS A 73 15.69 -2.02 -10.01
CA LYS A 73 14.47 -1.52 -10.61
C LYS A 73 13.31 -1.68 -9.62
N GLN A 74 12.94 -2.93 -9.39
CA GLN A 74 11.86 -3.23 -8.47
C GLN A 74 12.00 -2.41 -7.18
N MET A 75 13.21 -2.46 -6.63
CA MET A 75 13.50 -1.73 -5.40
C MET A 75 13.06 -0.26 -5.53
N GLU A 76 13.55 0.37 -6.59
CA GLU A 76 13.23 1.77 -6.84
C GLU A 76 11.71 1.95 -6.95
N GLN A 77 11.09 1.05 -7.69
CA GLN A 77 9.65 1.10 -7.88
C GLN A 77 8.94 1.38 -6.55
N VAL A 78 9.43 0.72 -5.51
CA VAL A 78 8.86 0.90 -4.18
C VAL A 78 9.24 2.28 -3.65
N ALA A 79 10.53 2.54 -3.66
CA ALA A 79 11.04 3.82 -3.18
C ALA A 79 10.17 4.95 -3.72
N GLN A 80 9.81 4.83 -4.99
CA GLN A 80 8.98 5.82 -5.64
C GLN A 80 7.68 6.02 -4.85
N PHE A 81 7.08 4.91 -4.48
CA PHE A 81 5.84 4.93 -3.73
C PHE A 81 6.08 5.40 -2.30
N LEU A 82 7.14 4.87 -1.71
CA LEU A 82 7.48 5.22 -0.34
C LEU A 82 7.58 6.74 -0.22
N LYS A 83 8.46 7.31 -1.03
CA LYS A 83 8.66 8.76 -1.01
C LYS A 83 7.30 9.45 -1.18
N ALA A 84 6.52 8.93 -2.11
CA ALA A 84 5.20 9.49 -2.39
C ALA A 84 4.34 9.36 -1.13
N ALA A 85 4.38 8.18 -0.54
CA ALA A 85 3.60 7.91 0.66
C ALA A 85 3.89 8.98 1.70
N GLU A 86 5.18 9.25 1.88
CA GLU A 86 5.61 10.25 2.85
C GLU A 86 5.05 11.63 2.47
N ASP A 87 5.25 11.99 1.21
CA ASP A 87 4.77 13.26 0.71
C ASP A 87 3.31 13.46 1.13
N TYR A 88 2.55 12.37 1.05
CA TYR A 88 1.15 12.42 1.43
C TYR A 88 0.97 13.01 2.82
N GLY A 89 1.66 12.41 3.78
CA GLY A 89 1.59 12.86 5.16
C GLY A 89 1.80 11.71 6.14
N VAL A 90 2.79 10.89 5.81
CA VAL A 90 3.11 9.74 6.65
C VAL A 90 4.44 9.99 7.37
N ILE A 91 4.40 9.80 8.68
CA ILE A 91 5.59 10.01 9.51
C ILE A 91 6.69 9.04 9.05
N LYS A 92 7.86 9.22 9.64
CA LYS A 92 8.99 8.37 9.31
C LYS A 92 8.96 7.11 10.19
N THR A 93 8.12 7.16 11.19
CA THR A 93 7.99 6.04 12.11
C THR A 93 6.91 5.07 11.61
N ASP A 94 6.14 5.53 10.64
CA ASP A 94 5.08 4.72 10.07
C ASP A 94 5.59 4.09 8.77
N MET A 95 6.61 4.69 8.21
CA MET A 95 7.20 4.19 6.97
C MET A 95 8.15 3.03 7.24
N PHE A 96 8.20 2.11 6.29
CA PHE A 96 9.07 0.95 6.41
C PHE A 96 10.25 1.04 5.45
N GLN A 97 11.05 -0.01 5.45
CA GLN A 97 12.22 -0.06 4.58
C GLN A 97 11.89 -0.83 3.29
N THR A 98 12.41 -0.29 2.19
CA THR A 98 12.17 -0.92 0.90
C THR A 98 12.43 -2.43 0.97
N VAL A 99 13.23 -2.80 1.95
CA VAL A 99 13.56 -4.22 2.14
C VAL A 99 12.50 -4.85 3.04
N ASP A 100 12.05 -4.09 4.02
CA ASP A 100 11.04 -4.57 4.94
C ASP A 100 9.88 -5.18 4.16
N LEU A 101 9.76 -4.75 2.91
CA LEU A 101 8.70 -5.24 2.05
C LEU A 101 9.30 -6.19 1.01
N TYR A 102 10.16 -5.63 0.17
CA TYR A 102 10.80 -6.41 -0.87
C TYR A 102 11.42 -7.69 -0.30
N GLU A 103 12.22 -7.51 0.73
CA GLU A 103 12.87 -8.65 1.39
C GLU A 103 12.00 -9.17 2.52
N GLY A 104 10.75 -8.71 2.54
CA GLY A 104 9.82 -9.13 3.57
C GLY A 104 10.50 -9.26 4.92
N LYS A 105 11.53 -8.44 5.11
CA LYS A 105 12.28 -8.45 6.35
C LYS A 105 11.32 -8.20 7.53
N ASP A 106 10.46 -7.21 7.34
CA ASP A 106 9.49 -6.87 8.36
C ASP A 106 8.16 -6.50 7.70
N MET A 107 7.20 -7.40 7.86
CA MET A 107 5.87 -7.19 7.28
C MET A 107 5.02 -6.30 8.19
N ALA A 108 5.19 -6.49 9.49
CA ALA A 108 4.44 -5.72 10.46
C ALA A 108 4.56 -4.22 10.11
N ALA A 109 5.69 -3.87 9.54
CA ALA A 109 5.92 -2.48 9.15
C ALA A 109 5.15 -2.17 7.87
N VAL A 110 5.37 -3.02 6.87
CA VAL A 110 4.70 -2.83 5.59
C VAL A 110 3.25 -2.46 5.83
N GLN A 111 2.70 -2.94 6.94
CA GLN A 111 1.33 -2.66 7.30
C GLN A 111 1.23 -1.29 7.97
N ARG A 112 2.06 -1.09 8.98
CA ARG A 112 2.08 0.16 9.71
C ARG A 112 2.02 1.34 8.73
N THR A 113 2.64 1.14 7.57
CA THR A 113 2.68 2.17 6.56
C THR A 113 1.28 2.39 5.96
N LEU A 114 0.78 1.34 5.32
CA LEU A 114 -0.53 1.39 4.70
C LEU A 114 -1.52 1.99 5.69
N MET A 115 -1.53 1.43 6.89
CA MET A 115 -2.42 1.89 7.94
C MET A 115 -2.48 3.43 7.98
N ALA A 116 -1.33 4.04 7.72
CA ALA A 116 -1.24 5.49 7.71
C ALA A 116 -1.80 6.02 6.39
N LEU A 117 -1.21 5.55 5.30
CA LEU A 117 -1.65 5.98 3.99
C LEU A 117 -3.17 5.99 3.93
N GLY A 118 -3.75 4.88 4.37
CA GLY A 118 -5.20 4.75 4.37
C GLY A 118 -5.86 5.87 5.19
N SER A 119 -5.65 5.80 6.50
CA SER A 119 -6.21 6.79 7.40
C SER A 119 -6.00 8.19 6.83
N LEU A 120 -4.86 8.37 6.17
CA LEU A 120 -4.53 9.65 5.57
C LEU A 120 -5.51 9.94 4.43
N ALA A 121 -5.63 8.97 3.54
CA ALA A 121 -6.52 9.11 2.40
C ALA A 121 -7.96 9.28 2.91
N VAL A 122 -8.16 8.92 4.17
CA VAL A 122 -9.47 9.03 4.77
C VAL A 122 -9.69 10.45 5.26
N THR A 123 -8.67 10.97 5.93
CA THR A 123 -8.73 12.33 6.47
C THR A 123 -8.52 13.35 5.34
N LYS A 124 -7.58 13.03 4.46
CA LYS A 124 -7.28 13.91 3.35
C LYS A 124 -8.56 14.19 2.56
N ASN A 125 -8.71 13.47 1.46
CA ASN A 125 -9.88 13.65 0.62
C ASN A 125 -10.49 12.27 0.31
N ASP A 126 -11.07 11.68 1.33
CA ASP A 126 -11.70 10.37 1.19
C ASP A 126 -12.41 10.29 -0.17
N GLY A 127 -12.88 11.45 -0.62
CA GLY A 127 -13.58 11.53 -1.89
C GLY A 127 -12.82 10.79 -2.98
N ASN A 128 -11.49 10.83 -2.88
CA ASN A 128 -10.65 10.16 -3.85
C ASN A 128 -10.61 8.66 -3.54
N TYR A 129 -10.72 8.36 -2.26
CA TYR A 129 -10.69 6.97 -1.82
C TYR A 129 -11.86 6.19 -2.42
N ARG A 130 -11.50 5.20 -3.23
CA ARG A 130 -12.50 4.37 -3.88
C ARG A 130 -13.38 3.69 -2.83
N GLY A 131 -12.73 2.93 -1.95
CA GLY A 131 -13.45 2.23 -0.90
C GLY A 131 -14.15 3.21 0.04
N ASP A 132 -14.57 2.69 1.18
CA ASP A 132 -15.26 3.51 2.17
C ASP A 132 -14.23 4.09 3.14
N PRO A 133 -14.58 5.28 3.70
CA PRO A 133 -13.70 5.96 4.64
C PRO A 133 -13.72 5.27 6.01
N ASN A 134 -14.86 4.66 6.31
CA ASN A 134 -15.03 3.96 7.57
C ASN A 134 -14.46 2.55 7.44
N TRP A 135 -13.23 2.48 6.95
CA TRP A 135 -12.56 1.20 6.78
C TRP A 135 -11.39 1.14 7.75
N PHE A 136 -10.49 2.11 7.61
CA PHE A 136 -9.32 2.18 8.47
C PHE A 136 -9.62 3.01 9.72
N MET A 137 -10.39 4.07 9.53
CA MET A 137 -10.75 4.95 10.62
C MET A 137 -11.42 4.16 11.76
N LYS A 138 -11.29 4.70 12.96
CA LYS A 138 -11.88 4.06 14.12
C LYS A 138 -12.47 5.14 15.05
N SER A 139 -13.44 4.73 15.84
CA SER A 139 -14.08 5.64 16.76
C SER A 139 -13.78 5.24 18.21
N GLY A 140 -13.18 6.17 18.94
CA GLY A 140 -12.83 5.92 20.33
C GLY A 140 -12.31 7.19 20.99
N PRO A 141 -11.92 7.05 22.29
CA PRO A 141 -11.41 8.17 23.05
C PRO A 141 -9.98 8.50 22.63
N SER A 142 -9.87 9.16 21.48
CA SER A 142 -8.57 9.54 20.95
C SER A 142 -8.61 11.00 20.50
N SER A 143 -7.42 11.59 20.43
CA SER A 143 -7.30 12.98 20.01
C SER A 143 -6.00 13.18 19.22
N GLY A 144 -6.14 13.83 18.07
CA GLY A 144 -4.99 14.09 17.22
C GLY A 144 -5.00 13.15 16.01
#